data_7N87
#
_entry.id   7N87
#
_entity_poly.entity_id   1
_entity_poly.type   'polypeptide(L)'
_entity_poly.pdbx_seq_one_letter_code
;SNAMLRRLFKKKYVCVRQYDLTDAGAACLSSIAQYYGLKMSLAKIREMTGTDTQGTNAYGLIHAAKQLGFSAKGVKASKE
DLLKDFRLPAIANVIVDNRLAHFVVIYSIKNRIITVADPGKGIVRYSMDDFCSIWTGGLVLLEPGEAFQKG
;
_entity_poly.pdbx_strand_id   A
#
# COMPACT_ATOMS: atom_id res chain seq x y z
N SER A 1 13.32 12.63 34.13
CA SER A 1 13.01 11.26 33.65
C SER A 1 12.84 11.26 32.14
N ASN A 2 13.65 10.48 31.45
CA ASN A 2 13.52 10.31 30.01
C ASN A 2 13.40 8.82 29.70
N ALA A 3 12.38 8.21 30.28
CA ALA A 3 12.17 6.78 30.17
C ALA A 3 11.45 6.43 28.87
N MET A 4 10.69 7.36 28.36
CA MET A 4 9.96 7.14 27.11
C MET A 4 10.91 7.28 25.93
N LEU A 5 10.97 6.25 25.11
CA LEU A 5 11.87 6.23 23.97
C LEU A 5 11.15 6.66 22.70
N ARG A 6 10.25 7.64 22.84
CA ARG A 6 9.46 8.09 21.72
C ARG A 6 10.13 9.23 20.98
N ARG A 7 11.44 9.39 21.20
CA ARG A 7 12.22 10.39 20.48
C ARG A 7 13.14 9.69 19.49
N LEU A 8 13.00 8.38 19.39
CA LEU A 8 13.81 7.59 18.47
C LEU A 8 13.20 7.58 17.09
N PHE A 9 13.78 8.37 16.20
CA PHE A 9 13.31 8.43 14.82
C PHE A 9 13.91 7.31 14.00
N LYS A 10 13.74 6.09 14.49
CA LYS A 10 14.27 4.91 13.82
C LYS A 10 13.39 4.54 12.62
N LYS A 11 13.59 5.28 11.54
CA LYS A 11 12.83 5.12 10.31
C LYS A 11 11.34 5.38 10.53
N LYS A 12 11.01 6.66 10.69
CA LYS A 12 9.62 7.06 10.76
C LYS A 12 9.04 7.15 9.36
N TYR A 13 9.92 7.39 8.38
CA TYR A 13 9.54 7.36 6.98
C TYR A 13 9.33 5.91 6.55
N VAL A 14 8.12 5.42 6.78
CA VAL A 14 7.75 4.04 6.50
C VAL A 14 7.42 3.84 5.02
N CYS A 15 7.54 4.90 4.24
CA CYS A 15 7.31 4.83 2.80
C CYS A 15 8.51 4.19 2.12
N VAL A 16 8.44 2.89 1.94
CA VAL A 16 9.57 2.15 1.37
C VAL A 16 9.47 2.06 -0.15
N ARG A 17 10.63 2.04 -0.79
CA ARG A 17 10.71 1.90 -2.23
C ARG A 17 11.98 1.12 -2.59
N GLN A 18 11.82 -0.16 -2.85
CA GLN A 18 12.95 -1.04 -3.11
C GLN A 18 12.50 -2.26 -3.90
N TYR A 19 13.17 -2.53 -5.02
CA TYR A 19 12.85 -3.66 -5.89
C TYR A 19 11.41 -3.60 -6.37
N ASP A 20 11.13 -2.64 -7.24
CA ASP A 20 9.80 -2.48 -7.80
C ASP A 20 9.73 -3.06 -9.21
N LEU A 21 8.60 -3.69 -9.52
CA LEU A 21 8.35 -4.23 -10.84
C LEU A 21 6.89 -4.58 -10.98
N THR A 22 6.54 -5.82 -10.63
CA THR A 22 5.16 -6.27 -10.65
C THR A 22 4.81 -6.97 -9.35
N ASP A 23 5.86 -7.43 -8.66
CA ASP A 23 5.72 -8.03 -7.33
C ASP A 23 5.74 -6.95 -6.27
N ALA A 24 5.39 -5.74 -6.70
CA ALA A 24 5.41 -4.55 -5.85
C ALA A 24 4.51 -4.68 -4.64
N GLY A 25 3.54 -5.59 -4.73
CA GLY A 25 2.63 -5.84 -3.63
C GLY A 25 3.35 -6.05 -2.31
N ALA A 26 4.45 -6.78 -2.35
CA ALA A 26 5.24 -7.05 -1.15
C ALA A 26 5.85 -5.76 -0.61
N ALA A 27 6.35 -4.94 -1.51
CA ALA A 27 7.00 -3.69 -1.14
C ALA A 27 6.01 -2.71 -0.52
N CYS A 28 4.86 -2.55 -1.16
CA CYS A 28 3.86 -1.62 -0.67
C CYS A 28 3.25 -2.11 0.64
N LEU A 29 3.13 -3.43 0.78
CA LEU A 29 2.59 -4.00 2.01
C LEU A 29 3.55 -3.72 3.17
N SER A 30 4.85 -3.79 2.88
CA SER A 30 5.87 -3.51 3.88
C SER A 30 5.74 -2.09 4.42
N SER A 31 5.37 -1.16 3.55
CA SER A 31 5.16 0.23 3.94
C SER A 31 4.04 0.32 4.98
N ILE A 32 2.96 -0.39 4.73
CA ILE A 32 1.82 -0.43 5.63
C ILE A 32 2.20 -1.15 6.93
N ALA A 33 2.86 -2.28 6.79
CA ALA A 33 3.31 -3.05 7.94
C ALA A 33 4.13 -2.19 8.90
N GLN A 34 5.00 -1.36 8.33
CA GLN A 34 5.82 -0.45 9.11
C GLN A 34 4.97 0.68 9.69
N TYR A 35 4.07 1.22 8.87
CA TYR A 35 3.17 2.31 9.29
C TYR A 35 2.33 1.88 10.50
N TYR A 36 1.80 0.67 10.44
CA TYR A 36 0.94 0.15 11.50
C TYR A 36 1.74 -0.26 12.74
N GLY A 37 3.06 -0.12 12.66
CA GLY A 37 3.91 -0.36 13.82
C GLY A 37 4.38 -1.80 13.92
N LEU A 38 4.13 -2.59 12.89
CA LEU A 38 4.58 -3.98 12.87
C LEU A 38 6.03 -4.04 12.43
N LYS A 39 6.39 -3.19 11.46
CA LYS A 39 7.75 -3.12 10.94
C LYS A 39 8.19 -4.47 10.36
N MET A 40 8.06 -4.59 9.05
CA MET A 40 8.41 -5.83 8.35
C MET A 40 9.31 -5.51 7.17
N SER A 41 10.26 -6.39 6.90
CA SER A 41 11.16 -6.23 5.77
C SER A 41 10.53 -6.81 4.50
N LEU A 42 10.82 -6.13 3.38
CA LEU A 42 10.15 -6.37 2.11
C LEU A 42 10.38 -7.78 1.60
N ALA A 43 11.58 -8.30 1.84
CA ALA A 43 11.95 -9.63 1.40
C ALA A 43 11.09 -10.69 2.08
N LYS A 44 10.88 -10.51 3.38
CA LYS A 44 10.10 -11.47 4.16
C LYS A 44 8.64 -11.45 3.72
N ILE A 45 8.14 -10.26 3.42
CA ILE A 45 6.76 -10.08 2.98
C ILE A 45 6.49 -10.90 1.73
N ARG A 46 7.38 -10.80 0.75
CA ARG A 46 7.23 -11.49 -0.52
C ARG A 46 7.13 -13.01 -0.32
N GLU A 47 7.82 -13.51 0.69
CA GLU A 47 7.83 -14.94 0.97
C GLU A 47 6.57 -15.36 1.74
N MET A 48 5.93 -14.40 2.38
CA MET A 48 4.71 -14.67 3.13
C MET A 48 3.50 -14.51 2.23
N THR A 49 3.50 -13.46 1.43
CA THR A 49 2.38 -13.16 0.54
C THR A 49 2.29 -14.19 -0.58
N GLY A 50 3.45 -14.62 -1.06
CA GLY A 50 3.48 -15.52 -2.20
C GLY A 50 3.23 -14.74 -3.48
N THR A 51 3.62 -13.47 -3.46
CA THR A 51 3.42 -12.58 -4.57
C THR A 51 4.05 -13.14 -5.84
N ASP A 52 3.20 -13.43 -6.79
CA ASP A 52 3.61 -13.91 -8.10
C ASP A 52 4.19 -12.78 -8.92
N THR A 53 5.30 -13.06 -9.59
CA THR A 53 5.92 -12.08 -10.46
C THR A 53 5.27 -12.09 -11.83
N GLN A 54 4.14 -12.76 -11.91
CA GLN A 54 3.38 -12.88 -13.14
C GLN A 54 2.07 -12.09 -13.06
N GLY A 55 1.98 -11.16 -12.12
CA GLY A 55 0.76 -10.36 -12.00
C GLY A 55 -0.17 -10.89 -10.92
N THR A 56 0.41 -11.25 -9.77
CA THR A 56 -0.33 -11.84 -8.66
C THR A 56 -1.59 -11.04 -8.29
N ASN A 57 -2.53 -11.73 -7.64
CA ASN A 57 -3.76 -11.12 -7.16
C ASN A 57 -3.62 -10.77 -5.70
N ALA A 58 -4.40 -9.79 -5.26
CA ALA A 58 -4.32 -9.26 -3.91
C ALA A 58 -4.79 -10.27 -2.86
N TYR A 59 -5.47 -11.31 -3.30
CA TYR A 59 -6.00 -12.33 -2.39
C TYR A 59 -4.88 -13.05 -1.63
N GLY A 60 -3.76 -13.25 -2.30
CA GLY A 60 -2.60 -13.81 -1.63
C GLY A 60 -1.83 -12.75 -0.88
N LEU A 61 -1.94 -11.52 -1.36
CA LEU A 61 -1.30 -10.37 -0.71
C LEU A 61 -1.91 -10.15 0.67
N ILE A 62 -3.23 -10.13 0.73
CA ILE A 62 -3.96 -9.93 1.97
C ILE A 62 -3.78 -11.13 2.90
N HIS A 63 -3.48 -12.27 2.31
CA HIS A 63 -3.33 -13.52 3.05
C HIS A 63 -2.18 -13.39 4.06
N ALA A 64 -1.16 -12.62 3.72
CA ALA A 64 -0.05 -12.38 4.62
C ALA A 64 -0.35 -11.23 5.56
N ALA A 65 -1.06 -10.23 5.05
CA ALA A 65 -1.43 -9.05 5.84
C ALA A 65 -2.23 -9.44 7.07
N LYS A 66 -3.16 -10.38 6.90
CA LYS A 66 -3.99 -10.87 8.00
C LYS A 66 -3.12 -11.48 9.10
N GLN A 67 -1.98 -12.03 8.69
CA GLN A 67 -1.07 -12.70 9.62
C GLN A 67 -0.10 -11.69 10.23
N LEU A 68 -0.07 -10.48 9.68
CA LEU A 68 0.84 -9.46 10.16
C LEU A 68 0.20 -8.61 11.24
N GLY A 69 -1.11 -8.75 11.41
CA GLY A 69 -1.78 -8.06 12.50
C GLY A 69 -2.87 -7.10 12.02
N PHE A 70 -3.01 -6.97 10.72
CA PHE A 70 -4.02 -6.08 10.16
C PHE A 70 -4.90 -6.81 9.16
N SER A 71 -6.21 -6.75 9.40
CA SER A 71 -7.17 -7.43 8.56
C SER A 71 -7.27 -6.76 7.19
N ALA A 72 -6.87 -7.47 6.15
CA ALA A 72 -6.92 -6.94 4.80
C ALA A 72 -7.90 -7.74 3.95
N LYS A 73 -8.63 -7.04 3.10
CA LYS A 73 -9.65 -7.67 2.26
C LYS A 73 -9.71 -7.01 0.89
N GLY A 74 -9.73 -7.82 -0.16
CA GLY A 74 -9.81 -7.29 -1.50
C GLY A 74 -11.26 -7.18 -1.97
N VAL A 75 -11.65 -5.98 -2.36
CA VAL A 75 -13.00 -5.71 -2.80
C VAL A 75 -13.00 -4.78 -4.00
N LYS A 76 -14.14 -4.66 -4.66
CA LYS A 76 -14.29 -3.73 -5.76
C LYS A 76 -15.08 -2.51 -5.31
N ALA A 77 -14.69 -1.35 -5.80
CA ALA A 77 -15.33 -0.10 -5.42
C ALA A 77 -15.46 0.81 -6.63
N SER A 78 -16.07 1.96 -6.43
CA SER A 78 -16.23 2.93 -7.49
C SER A 78 -15.31 4.12 -7.25
N LYS A 79 -15.06 4.93 -8.25
CA LYS A 79 -14.11 6.03 -8.13
C LYS A 79 -14.47 6.96 -6.97
N GLU A 80 -15.75 7.26 -6.81
CA GLU A 80 -16.19 8.19 -5.77
C GLU A 80 -16.10 7.55 -4.39
N ASP A 81 -16.04 6.22 -4.36
CA ASP A 81 -15.98 5.48 -3.11
C ASP A 81 -14.61 5.67 -2.46
N LEU A 82 -13.63 6.05 -3.27
CA LEU A 82 -12.26 6.27 -2.78
C LEU A 82 -12.23 7.42 -1.78
N LEU A 83 -13.23 8.28 -1.86
CA LEU A 83 -13.26 9.50 -1.07
C LEU A 83 -14.00 9.30 0.25
N LYS A 84 -14.80 8.25 0.32
CA LYS A 84 -15.69 8.07 1.46
C LYS A 84 -15.38 6.79 2.24
N ASP A 85 -15.02 5.73 1.56
CA ASP A 85 -14.87 4.43 2.23
C ASP A 85 -13.63 4.40 3.11
N PHE A 86 -12.47 4.34 2.50
CA PHE A 86 -11.23 4.21 3.25
C PHE A 86 -10.48 5.54 3.29
N ARG A 87 -10.02 5.90 4.47
CA ARG A 87 -9.20 7.09 4.64
C ARG A 87 -7.78 6.69 5.00
N LEU A 88 -7.68 5.69 5.87
CA LEU A 88 -6.38 5.18 6.31
C LEU A 88 -5.66 4.48 5.16
N PRO A 89 -4.32 4.37 5.25
CA PRO A 89 -3.50 3.73 4.21
C PRO A 89 -4.00 2.34 3.82
N ALA A 90 -4.16 2.14 2.52
CA ALA A 90 -4.69 0.89 2.00
C ALA A 90 -4.01 0.53 0.67
N ILE A 91 -4.10 -0.73 0.29
CA ILE A 91 -3.49 -1.23 -0.93
C ILE A 91 -4.47 -1.14 -2.09
N ALA A 92 -4.03 -0.58 -3.21
CA ALA A 92 -4.86 -0.50 -4.39
C ALA A 92 -4.24 -1.29 -5.54
N ASN A 93 -5.06 -2.08 -6.22
CA ASN A 93 -4.63 -2.79 -7.41
C ASN A 93 -4.59 -1.81 -8.56
N VAL A 94 -3.40 -1.49 -9.01
CA VAL A 94 -3.24 -0.49 -10.03
C VAL A 94 -2.46 -1.05 -11.21
N ILE A 95 -2.85 -0.68 -12.40
CA ILE A 95 -2.24 -1.23 -13.60
C ILE A 95 -1.27 -0.23 -14.22
N VAL A 96 -0.04 -0.65 -14.44
CA VAL A 96 0.95 0.21 -15.06
C VAL A 96 1.30 -0.31 -16.46
N ASP A 97 1.53 0.64 -17.38
CA ASP A 97 1.78 0.31 -18.80
C ASP A 97 0.61 -0.43 -19.40
N ASN A 98 -0.55 -0.34 -18.72
CA ASN A 98 -1.78 -1.00 -19.17
C ASN A 98 -1.57 -2.50 -19.33
N ARG A 99 -0.67 -3.06 -18.55
CA ARG A 99 -0.30 -4.47 -18.72
C ARG A 99 0.18 -5.08 -17.40
N LEU A 100 1.15 -4.44 -16.76
CA LEU A 100 1.74 -4.98 -15.55
C LEU A 100 0.87 -4.67 -14.34
N ALA A 101 0.55 -5.71 -13.57
CA ALA A 101 -0.18 -5.54 -12.33
C ALA A 101 0.73 -4.94 -11.27
N HIS A 102 0.28 -3.84 -10.67
CA HIS A 102 1.07 -3.12 -9.71
C HIS A 102 0.21 -2.81 -8.48
N PHE A 103 0.85 -2.45 -7.37
CA PHE A 103 0.12 -2.12 -6.16
C PHE A 103 0.74 -0.89 -5.50
N VAL A 104 -0.12 -0.03 -4.95
CA VAL A 104 0.34 1.18 -4.27
C VAL A 104 -0.45 1.39 -2.98
N VAL A 105 0.10 2.20 -2.08
CA VAL A 105 -0.57 2.49 -0.81
C VAL A 105 -1.13 3.90 -0.81
N ILE A 106 -2.43 4.03 -0.62
CA ILE A 106 -3.04 5.35 -0.51
C ILE A 106 -2.72 5.97 0.84
N TYR A 107 -2.12 7.15 0.82
CA TYR A 107 -1.77 7.83 2.05
C TYR A 107 -2.77 8.93 2.38
N SER A 108 -3.18 9.70 1.37
CA SER A 108 -4.11 10.80 1.57
C SER A 108 -4.81 11.17 0.26
N ILE A 109 -6.09 11.50 0.35
CA ILE A 109 -6.87 11.92 -0.80
C ILE A 109 -7.62 13.20 -0.49
N LYS A 110 -7.21 14.29 -1.12
CA LYS A 110 -7.81 15.59 -0.87
C LYS A 110 -7.70 16.47 -2.11
N ASN A 111 -8.71 17.30 -2.35
CA ASN A 111 -8.69 18.26 -3.45
C ASN A 111 -8.57 17.55 -4.80
N ARG A 112 -9.11 16.32 -4.86
CA ARG A 112 -9.02 15.47 -6.05
C ARG A 112 -7.58 15.03 -6.31
N ILE A 113 -6.72 15.21 -5.31
CA ILE A 113 -5.35 14.76 -5.40
C ILE A 113 -5.17 13.50 -4.56
N ILE A 114 -4.86 12.40 -5.25
CA ILE A 114 -4.70 11.12 -4.60
C ILE A 114 -3.22 10.81 -4.40
N THR A 115 -2.78 10.86 -3.16
CA THR A 115 -1.39 10.63 -2.82
C THR A 115 -1.16 9.17 -2.46
N VAL A 116 -0.35 8.50 -3.25
CA VAL A 116 -0.05 7.10 -3.02
C VAL A 116 1.45 6.89 -2.84
N ALA A 117 1.79 5.88 -2.06
CA ALA A 117 3.16 5.48 -1.87
C ALA A 117 3.54 4.43 -2.89
N ASP A 118 4.33 4.84 -3.86
CA ASP A 118 4.77 3.95 -4.93
C ASP A 118 6.16 3.41 -4.61
N PRO A 119 6.33 2.08 -4.64
CA PRO A 119 7.60 1.43 -4.28
C PRO A 119 8.71 1.67 -5.30
N GLY A 120 8.47 2.52 -6.28
CA GLY A 120 9.50 2.86 -7.24
C GLY A 120 9.89 4.32 -7.15
N LYS A 121 8.91 5.20 -7.16
CA LYS A 121 9.17 6.65 -7.16
C LYS A 121 8.99 7.25 -5.77
N GLY A 122 8.27 6.54 -4.90
CA GLY A 122 8.01 7.05 -3.56
C GLY A 122 6.65 7.71 -3.46
N ILE A 123 6.59 8.82 -2.74
CA ILE A 123 5.34 9.56 -2.60
C ILE A 123 5.02 10.29 -3.90
N VAL A 124 4.01 9.80 -4.60
CA VAL A 124 3.61 10.38 -5.86
C VAL A 124 2.18 10.89 -5.80
N ARG A 125 1.90 11.96 -6.54
CA ARG A 125 0.58 12.57 -6.53
C ARG A 125 -0.15 12.24 -7.83
N TYR A 126 -1.25 11.49 -7.72
CA TYR A 126 -2.06 11.19 -8.88
C TYR A 126 -3.38 11.94 -8.80
N SER A 127 -3.79 12.50 -9.93
CA SER A 127 -5.04 13.20 -10.00
C SER A 127 -6.20 12.21 -9.93
N MET A 128 -7.32 12.63 -9.34
CA MET A 128 -8.48 11.79 -9.14
C MET A 128 -8.80 10.93 -10.36
N ASP A 129 -9.00 11.59 -11.50
CA ASP A 129 -9.38 10.90 -12.72
C ASP A 129 -8.25 10.02 -13.25
N ASP A 130 -7.02 10.51 -13.11
CA ASP A 130 -5.84 9.76 -13.55
C ASP A 130 -5.70 8.46 -12.77
N PHE A 131 -5.89 8.54 -11.47
CA PHE A 131 -5.81 7.37 -10.62
C PHE A 131 -6.91 6.37 -11.00
N CYS A 132 -8.09 6.88 -11.33
CA CYS A 132 -9.21 6.03 -11.71
C CYS A 132 -8.96 5.38 -13.07
N SER A 133 -8.00 5.90 -13.81
CA SER A 133 -7.65 5.34 -15.10
C SER A 133 -6.74 4.12 -14.92
N ILE A 134 -5.88 4.18 -13.91
CA ILE A 134 -4.92 3.10 -13.65
C ILE A 134 -5.47 2.10 -12.63
N TRP A 135 -6.24 2.59 -11.67
CA TRP A 135 -6.90 1.73 -10.71
C TRP A 135 -8.15 1.12 -11.33
N THR A 136 -8.20 -0.20 -11.39
CA THR A 136 -9.22 -0.89 -12.15
C THR A 136 -10.27 -1.59 -11.27
N GLY A 137 -10.58 -0.99 -10.13
CA GLY A 137 -11.61 -1.53 -9.27
C GLY A 137 -11.10 -2.59 -8.32
N GLY A 138 -9.85 -2.45 -7.92
CA GLY A 138 -9.25 -3.41 -7.00
C GLY A 138 -8.76 -2.72 -5.75
N LEU A 139 -9.53 -2.82 -4.69
CA LEU A 139 -9.17 -2.17 -3.45
C LEU A 139 -8.99 -3.18 -2.33
N VAL A 140 -7.97 -2.97 -1.53
CA VAL A 140 -7.76 -3.75 -0.34
C VAL A 140 -7.97 -2.89 0.89
N LEU A 141 -8.98 -3.22 1.68
CA LEU A 141 -9.22 -2.49 2.91
C LEU A 141 -8.46 -3.13 4.05
N LEU A 142 -7.78 -2.31 4.84
CA LEU A 142 -7.02 -2.79 5.96
C LEU A 142 -7.50 -2.14 7.25
N GLU A 143 -7.35 -2.85 8.35
CA GLU A 143 -7.67 -2.32 9.66
C GLU A 143 -6.78 -2.97 10.71
N PRO A 144 -6.23 -2.17 11.64
CA PRO A 144 -5.32 -2.65 12.67
C PRO A 144 -6.04 -3.46 13.75
N GLY A 145 -6.33 -4.71 13.43
CA GLY A 145 -7.00 -5.58 14.38
C GLY A 145 -6.16 -5.85 15.61
N GLU A 146 -5.33 -6.88 15.54
CA GLU A 146 -4.46 -7.23 16.66
C GLU A 146 -3.20 -6.37 16.66
N ALA A 147 -3.12 -5.46 15.70
CA ALA A 147 -2.02 -4.51 15.62
C ALA A 147 -2.24 -3.34 16.58
N PHE A 148 -3.48 -3.21 17.04
CA PHE A 148 -3.83 -2.14 17.97
C PHE A 148 -4.27 -2.72 19.31
N GLN A 149 -3.47 -2.49 20.33
CA GLN A 149 -3.76 -2.97 21.68
C GLN A 149 -5.06 -2.36 22.20
N LYS A 150 -5.94 -3.21 22.70
CA LYS A 150 -7.24 -2.78 23.19
C LYS A 150 -7.19 -2.45 24.68
N GLY A 151 -8.36 -2.19 25.24
CA GLY A 151 -8.46 -1.87 26.64
C GLY A 151 -8.71 -0.40 26.87
N SER A 1 3.92 24.33 29.53
CA SER A 1 3.59 23.83 28.18
C SER A 1 2.49 24.68 27.55
N ASN A 2 2.89 25.57 26.63
CA ASN A 2 1.93 26.45 25.98
C ASN A 2 2.44 26.84 24.60
N ALA A 3 1.50 27.13 23.70
CA ALA A 3 1.81 27.56 22.34
C ALA A 3 2.69 26.56 21.62
N MET A 4 2.32 25.30 21.68
CA MET A 4 3.06 24.26 20.99
C MET A 4 2.57 24.16 19.56
N LEU A 5 3.10 25.01 18.69
CA LEU A 5 2.67 25.08 17.31
C LEU A 5 3.83 24.77 16.37
N ARG A 6 4.99 25.35 16.66
CA ARG A 6 6.19 25.14 15.87
C ARG A 6 6.76 23.76 16.12
N ARG A 7 6.56 22.87 15.16
CA ARG A 7 7.09 21.52 15.25
C ARG A 7 7.41 20.99 13.86
N LEU A 8 8.65 20.62 13.65
CA LEU A 8 9.10 20.16 12.34
C LEU A 8 9.11 18.63 12.28
N PHE A 9 9.45 18.11 11.11
CA PHE A 9 9.56 16.68 10.88
C PHE A 9 8.24 15.96 11.12
N LYS A 10 7.17 16.50 10.55
CA LYS A 10 5.87 15.84 10.59
C LYS A 10 5.75 14.87 9.42
N LYS A 11 6.71 14.98 8.51
CA LYS A 11 6.80 14.12 7.35
C LYS A 11 7.18 12.70 7.78
N LYS A 12 6.19 11.83 7.84
CA LYS A 12 6.39 10.45 8.29
C LYS A 12 7.35 9.71 7.38
N TYR A 13 8.51 9.35 7.91
CA TYR A 13 9.52 8.62 7.16
C TYR A 13 9.23 7.11 7.21
N VAL A 14 7.98 6.77 7.06
CA VAL A 14 7.55 5.38 7.19
C VAL A 14 7.21 4.78 5.81
N CYS A 15 7.37 5.60 4.78
CA CYS A 15 7.08 5.18 3.42
C CYS A 15 8.34 4.69 2.74
N VAL A 16 8.28 3.49 2.16
CA VAL A 16 9.44 2.92 1.49
C VAL A 16 9.53 3.40 0.05
N ARG A 17 10.75 3.62 -0.40
CA ARG A 17 11.01 4.04 -1.78
C ARG A 17 11.71 2.92 -2.54
N GLN A 18 11.53 1.70 -2.04
CA GLN A 18 12.19 0.53 -2.62
C GLN A 18 11.65 0.23 -4.02
N TYR A 19 12.50 0.41 -5.02
CA TYR A 19 12.15 0.10 -6.39
C TYR A 19 12.20 -1.41 -6.62
N ASP A 20 11.06 -2.06 -6.48
CA ASP A 20 10.96 -3.49 -6.70
C ASP A 20 9.79 -3.81 -7.62
N LEU A 21 10.09 -3.88 -8.92
CA LEU A 21 9.09 -4.16 -9.92
C LEU A 21 8.63 -5.62 -9.82
N THR A 22 7.34 -5.84 -10.05
CA THR A 22 6.73 -7.17 -9.95
C THR A 22 6.53 -7.57 -8.48
N ASP A 23 7.52 -7.31 -7.64
CA ASP A 23 7.39 -7.55 -6.20
C ASP A 23 6.69 -6.37 -5.55
N ALA A 24 6.07 -5.56 -6.39
CA ALA A 24 5.41 -4.32 -5.96
C ALA A 24 4.37 -4.59 -4.88
N GLY A 25 3.63 -5.69 -5.01
CA GLY A 25 2.62 -6.02 -4.02
C GLY A 25 3.23 -6.18 -2.64
N ALA A 26 4.34 -6.90 -2.57
CA ALA A 26 5.02 -7.15 -1.32
C ALA A 26 5.65 -5.87 -0.77
N ALA A 27 6.21 -5.07 -1.67
CA ALA A 27 6.83 -3.80 -1.30
C ALA A 27 5.80 -2.85 -0.72
N CYS A 28 4.63 -2.81 -1.34
CA CYS A 28 3.53 -1.98 -0.87
C CYS A 28 3.06 -2.43 0.52
N LEU A 29 2.84 -3.73 0.67
CA LEU A 29 2.38 -4.28 1.93
C LEU A 29 3.43 -4.08 3.03
N SER A 30 4.70 -4.07 2.63
CA SER A 30 5.80 -3.83 3.57
C SER A 30 5.67 -2.44 4.18
N SER A 31 5.40 -1.44 3.35
CA SER A 31 5.28 -0.07 3.82
C SER A 31 4.09 0.06 4.76
N ILE A 32 3.01 -0.65 4.45
CA ILE A 32 1.82 -0.66 5.28
C ILE A 32 2.13 -1.29 6.64
N ALA A 33 2.86 -2.40 6.61
CA ALA A 33 3.27 -3.09 7.83
C ALA A 33 4.09 -2.17 8.73
N GLN A 34 4.86 -1.27 8.13
CA GLN A 34 5.62 -0.29 8.88
C GLN A 34 4.69 0.77 9.47
N TYR A 35 3.73 1.20 8.67
CA TYR A 35 2.79 2.25 9.06
C TYR A 35 1.93 1.80 10.25
N TYR A 36 1.48 0.55 10.22
CA TYR A 36 0.62 0.03 11.27
C TYR A 36 1.42 -0.39 12.51
N GLY A 37 2.75 -0.37 12.40
CA GLY A 37 3.60 -0.62 13.55
C GLY A 37 3.95 -2.08 13.74
N LEU A 38 4.08 -2.81 12.64
CA LEU A 38 4.48 -4.20 12.69
C LEU A 38 5.93 -4.37 12.29
N LYS A 39 6.38 -3.52 11.36
CA LYS A 39 7.76 -3.56 10.86
C LYS A 39 8.07 -4.90 10.20
N MET A 40 7.63 -5.04 8.96
CA MET A 40 7.89 -6.24 8.18
C MET A 40 8.50 -5.83 6.84
N SER A 41 9.69 -6.33 6.55
CA SER A 41 10.40 -5.87 5.36
C SER A 41 10.00 -6.69 4.13
N LEU A 42 10.42 -6.22 2.97
CA LEU A 42 10.07 -6.86 1.69
C LEU A 42 10.39 -8.35 1.71
N ALA A 43 11.60 -8.70 2.14
CA ALA A 43 12.05 -10.08 2.17
C ALA A 43 11.14 -10.95 3.03
N LYS A 44 10.61 -10.37 4.10
CA LYS A 44 9.74 -11.09 5.00
C LYS A 44 8.31 -11.12 4.45
N ILE A 45 7.89 -10.01 3.85
CA ILE A 45 6.55 -9.90 3.28
C ILE A 45 6.37 -10.87 2.11
N ARG A 46 7.39 -10.98 1.26
CA ARG A 46 7.30 -11.84 0.09
C ARG A 46 7.13 -13.31 0.49
N GLU A 47 7.57 -13.65 1.70
CA GLU A 47 7.35 -14.98 2.23
C GLU A 47 5.93 -15.14 2.74
N MET A 48 5.51 -14.19 3.58
CA MET A 48 4.15 -14.19 4.14
C MET A 48 3.10 -14.19 3.03
N THR A 49 3.38 -13.41 1.99
CA THR A 49 2.44 -13.26 0.89
C THR A 49 2.60 -14.36 -0.15
N GLY A 50 3.81 -14.93 -0.21
CA GLY A 50 4.10 -15.93 -1.22
C GLY A 50 4.18 -15.31 -2.58
N THR A 51 4.60 -14.05 -2.62
CA THR A 51 4.61 -13.24 -3.83
C THR A 51 5.35 -13.93 -4.96
N ASP A 52 4.58 -14.26 -5.97
CA ASP A 52 5.09 -14.84 -7.20
C ASP A 52 5.43 -13.73 -8.18
N THR A 53 6.45 -13.97 -8.99
CA THR A 53 6.82 -13.04 -10.04
C THR A 53 5.87 -13.17 -11.23
N GLN A 54 4.87 -14.02 -11.06
CA GLN A 54 3.91 -14.32 -12.11
C GLN A 54 2.71 -13.38 -12.06
N GLY A 55 2.80 -12.33 -11.24
CA GLY A 55 1.71 -11.37 -11.20
C GLY A 55 0.76 -11.61 -10.05
N THR A 56 1.29 -11.92 -8.88
CA THR A 56 0.49 -12.11 -7.67
C THR A 56 -0.53 -10.97 -7.48
N ASN A 57 -1.79 -11.34 -7.30
CA ASN A 57 -2.86 -10.37 -7.15
C ASN A 57 -3.04 -9.95 -5.69
N ALA A 58 -4.04 -9.11 -5.43
CA ALA A 58 -4.27 -8.61 -4.08
C ALA A 58 -4.74 -9.71 -3.15
N TYR A 59 -5.23 -10.81 -3.72
CA TYR A 59 -5.79 -11.90 -2.94
C TYR A 59 -4.71 -12.62 -2.12
N GLY A 60 -3.47 -12.51 -2.55
CA GLY A 60 -2.37 -13.02 -1.77
C GLY A 60 -2.05 -12.09 -0.61
N LEU A 61 -2.15 -10.79 -0.88
CA LEU A 61 -1.84 -9.77 0.11
C LEU A 61 -2.89 -9.75 1.21
N ILE A 62 -4.16 -9.92 0.85
CA ILE A 62 -5.24 -9.89 1.83
C ILE A 62 -5.07 -11.03 2.84
N HIS A 63 -4.48 -12.13 2.38
CA HIS A 63 -4.22 -13.26 3.24
C HIS A 63 -3.05 -12.97 4.17
N ALA A 64 -1.99 -12.39 3.62
CA ALA A 64 -0.80 -12.07 4.38
C ALA A 64 -1.06 -10.97 5.40
N ALA A 65 -1.78 -9.94 4.97
CA ALA A 65 -2.07 -8.78 5.80
C ALA A 65 -2.76 -9.18 7.10
N LYS A 66 -3.75 -10.07 7.00
CA LYS A 66 -4.47 -10.56 8.17
C LYS A 66 -3.50 -11.17 9.18
N GLN A 67 -2.53 -11.91 8.66
CA GLN A 67 -1.54 -12.57 9.49
C GLN A 67 -0.54 -11.56 10.05
N LEU A 68 -0.38 -10.44 9.36
CA LEU A 68 0.57 -9.42 9.75
C LEU A 68 0.04 -8.59 10.92
N GLY A 69 -1.25 -8.71 11.19
CA GLY A 69 -1.80 -8.04 12.34
C GLY A 69 -2.90 -7.04 11.99
N PHE A 70 -3.14 -6.82 10.71
CA PHE A 70 -4.18 -5.92 10.28
C PHE A 70 -5.16 -6.64 9.37
N SER A 71 -6.43 -6.64 9.77
CA SER A 71 -7.47 -7.36 9.06
C SER A 71 -7.60 -6.85 7.63
N ALA A 72 -7.73 -7.78 6.71
CA ALA A 72 -7.74 -7.46 5.29
C ALA A 72 -8.94 -8.06 4.60
N LYS A 73 -9.38 -7.40 3.54
CA LYS A 73 -10.51 -7.89 2.76
C LYS A 73 -10.45 -7.30 1.35
N GLY A 74 -10.42 -8.17 0.35
CA GLY A 74 -10.38 -7.71 -1.02
C GLY A 74 -11.75 -7.31 -1.51
N VAL A 75 -11.87 -6.07 -1.97
CA VAL A 75 -13.15 -5.55 -2.40
C VAL A 75 -13.04 -4.87 -3.77
N LYS A 76 -14.15 -4.82 -4.48
CA LYS A 76 -14.21 -4.11 -5.75
C LYS A 76 -14.89 -2.77 -5.52
N ALA A 77 -14.07 -1.72 -5.41
CA ALA A 77 -14.57 -0.40 -5.05
C ALA A 77 -14.52 0.53 -6.25
N SER A 78 -15.12 1.70 -6.11
CA SER A 78 -15.14 2.68 -7.18
C SER A 78 -14.57 4.02 -6.70
N LYS A 79 -14.46 4.98 -7.61
CA LYS A 79 -13.88 6.28 -7.29
C LYS A 79 -14.54 6.93 -6.07
N GLU A 80 -15.85 6.77 -5.96
CA GLU A 80 -16.62 7.41 -4.90
C GLU A 80 -16.27 6.83 -3.52
N ASP A 81 -15.77 5.61 -3.51
CA ASP A 81 -15.47 4.93 -2.25
C ASP A 81 -14.18 5.44 -1.66
N LEU A 82 -13.33 6.03 -2.50
CA LEU A 82 -12.04 6.53 -2.07
C LEU A 82 -12.19 7.69 -1.09
N LEU A 83 -13.35 8.33 -1.11
CA LEU A 83 -13.60 9.49 -0.28
C LEU A 83 -14.46 9.16 0.94
N LYS A 84 -14.87 7.91 1.07
CA LYS A 84 -15.80 7.55 2.15
C LYS A 84 -15.46 6.25 2.87
N ASP A 85 -14.71 5.36 2.22
CA ASP A 85 -14.41 4.07 2.83
C ASP A 85 -13.15 4.15 3.68
N PHE A 86 -12.00 4.08 3.03
CA PHE A 86 -10.73 4.03 3.73
C PHE A 86 -10.03 5.39 3.68
N ARG A 87 -8.92 5.49 4.38
CA ARG A 87 -8.13 6.71 4.40
C ARG A 87 -6.66 6.38 4.60
N LEU A 88 -6.42 5.45 5.51
CA LEU A 88 -5.06 4.96 5.78
C LEU A 88 -4.54 4.13 4.61
N PRO A 89 -3.21 3.96 4.50
CA PRO A 89 -2.59 3.19 3.43
C PRO A 89 -3.26 1.84 3.16
N ALA A 90 -3.57 1.61 1.89
CA ALA A 90 -4.19 0.38 1.45
C ALA A 90 -3.66 0.00 0.08
N ILE A 91 -3.88 -1.25 -0.33
CA ILE A 91 -3.35 -1.75 -1.59
C ILE A 91 -4.35 -1.53 -2.71
N ALA A 92 -3.92 -0.82 -3.74
CA ALA A 92 -4.76 -0.57 -4.90
C ALA A 92 -4.18 -1.27 -6.13
N ASN A 93 -5.02 -2.03 -6.82
CA ASN A 93 -4.61 -2.69 -8.06
C ASN A 93 -4.58 -1.68 -9.19
N VAL A 94 -3.40 -1.40 -9.69
CA VAL A 94 -3.24 -0.41 -10.71
C VAL A 94 -2.49 -0.98 -11.91
N ILE A 95 -2.89 -0.58 -13.10
CA ILE A 95 -2.24 -1.04 -14.31
C ILE A 95 -1.17 -0.06 -14.71
N VAL A 96 0.05 -0.53 -14.92
CA VAL A 96 1.14 0.35 -15.27
C VAL A 96 1.52 0.21 -16.75
N ASP A 97 1.51 1.35 -17.45
CA ASP A 97 1.91 1.43 -18.85
C ASP A 97 0.99 0.58 -19.74
N ASN A 98 -0.21 0.30 -19.23
CA ASN A 98 -1.18 -0.54 -19.92
C ASN A 98 -0.60 -1.92 -20.24
N ARG A 99 0.40 -2.33 -19.47
CA ARG A 99 1.07 -3.60 -19.72
C ARG A 99 1.11 -4.47 -18.46
N LEU A 100 1.87 -4.04 -17.47
CA LEU A 100 2.13 -4.86 -16.30
C LEU A 100 1.11 -4.60 -15.20
N ALA A 101 0.82 -5.64 -14.43
CA ALA A 101 -0.03 -5.52 -13.25
C ALA A 101 0.80 -4.96 -12.10
N HIS A 102 0.33 -3.89 -11.50
CA HIS A 102 1.10 -3.18 -10.49
C HIS A 102 0.22 -2.86 -9.29
N PHE A 103 0.83 -2.53 -8.17
CA PHE A 103 0.10 -2.15 -6.98
C PHE A 103 0.71 -0.91 -6.36
N VAL A 104 -0.13 -0.08 -5.75
CA VAL A 104 0.29 1.13 -5.09
C VAL A 104 -0.49 1.33 -3.80
N VAL A 105 0.00 2.19 -2.91
CA VAL A 105 -0.69 2.46 -1.67
C VAL A 105 -1.08 3.94 -1.56
N ILE A 106 -2.29 4.18 -1.12
CA ILE A 106 -2.79 5.53 -0.96
C ILE A 106 -2.58 6.01 0.48
N TYR A 107 -1.95 7.16 0.63
CA TYR A 107 -1.68 7.71 1.96
C TYR A 107 -2.71 8.76 2.34
N SER A 108 -3.21 9.50 1.36
CA SER A 108 -4.20 10.54 1.61
C SER A 108 -4.97 10.89 0.34
N ILE A 109 -6.21 11.32 0.53
CA ILE A 109 -7.04 11.81 -0.57
C ILE A 109 -7.76 13.08 -0.12
N LYS A 110 -7.43 14.19 -0.75
CA LYS A 110 -8.02 15.47 -0.39
C LYS A 110 -7.79 16.52 -1.47
N ASN A 111 -8.74 17.43 -1.62
CA ASN A 111 -8.67 18.51 -2.61
C ASN A 111 -8.54 17.95 -4.02
N ARG A 112 -9.18 16.81 -4.25
CA ARG A 112 -9.18 16.14 -5.55
C ARG A 112 -7.81 15.52 -5.86
N ILE A 113 -6.91 15.56 -4.88
CA ILE A 113 -5.57 15.04 -5.06
C ILE A 113 -5.40 13.75 -4.28
N ILE A 114 -4.99 12.71 -4.98
CA ILE A 114 -4.78 11.41 -4.38
C ILE A 114 -3.29 11.18 -4.17
N THR A 115 -2.91 11.02 -2.91
CA THR A 115 -1.52 10.84 -2.53
C THR A 115 -1.15 9.36 -2.58
N VAL A 116 -0.41 8.98 -3.61
CA VAL A 116 -0.08 7.58 -3.85
C VAL A 116 1.40 7.31 -3.69
N ALA A 117 1.74 6.29 -2.93
CA ALA A 117 3.14 5.87 -2.80
C ALA A 117 3.41 4.68 -3.69
N ASP A 118 4.34 4.84 -4.61
CA ASP A 118 4.72 3.79 -5.53
C ASP A 118 6.09 3.23 -5.19
N PRO A 119 6.26 1.89 -5.24
CA PRO A 119 7.55 1.23 -5.01
C PRO A 119 8.54 1.48 -6.16
N GLY A 120 8.93 2.73 -6.33
CA GLY A 120 9.86 3.09 -7.36
C GLY A 120 9.83 4.56 -7.68
N LYS A 121 8.64 5.06 -8.00
CA LYS A 121 8.46 6.48 -8.30
C LYS A 121 8.54 7.30 -7.02
N GLY A 122 8.08 6.72 -5.94
CA GLY A 122 7.95 7.45 -4.69
C GLY A 122 6.52 7.84 -4.45
N ILE A 123 6.29 8.87 -3.66
CA ILE A 123 4.95 9.37 -3.44
C ILE A 123 4.60 10.36 -4.55
N VAL A 124 3.71 9.94 -5.44
CA VAL A 124 3.29 10.77 -6.54
C VAL A 124 1.87 11.29 -6.29
N ARG A 125 1.67 12.55 -6.57
CA ARG A 125 0.37 13.17 -6.38
C ARG A 125 -0.45 13.02 -7.65
N TYR A 126 -1.47 12.18 -7.58
CA TYR A 126 -2.31 11.90 -8.74
C TYR A 126 -3.64 12.63 -8.62
N SER A 127 -4.17 13.06 -9.74
CA SER A 127 -5.47 13.70 -9.77
C SER A 127 -6.56 12.63 -9.75
N MET A 128 -7.68 12.95 -9.12
CA MET A 128 -8.79 12.02 -8.93
C MET A 128 -9.10 11.21 -10.19
N ASP A 129 -9.32 11.91 -11.30
CA ASP A 129 -9.74 11.25 -12.54
C ASP A 129 -8.59 10.47 -13.18
N ASP A 130 -7.37 10.93 -12.94
CA ASP A 130 -6.20 10.28 -13.54
C ASP A 130 -5.92 8.95 -12.85
N PHE A 131 -6.04 8.93 -11.53
CA PHE A 131 -5.85 7.71 -10.77
C PHE A 131 -6.91 6.67 -11.12
N CYS A 132 -8.14 7.14 -11.31
CA CYS A 132 -9.24 6.26 -11.67
C CYS A 132 -9.06 5.69 -13.08
N SER A 133 -8.16 6.29 -13.84
CA SER A 133 -7.90 5.85 -15.21
C SER A 133 -6.88 4.71 -15.24
N ILE A 134 -6.19 4.50 -14.12
CA ILE A 134 -5.22 3.41 -14.03
C ILE A 134 -5.65 2.37 -13.00
N TRP A 135 -6.30 2.82 -11.95
CA TRP A 135 -6.85 1.94 -10.93
C TRP A 135 -8.16 1.33 -11.41
N THR A 136 -8.28 0.02 -11.26
CA THR A 136 -9.41 -0.69 -11.84
C THR A 136 -10.35 -1.30 -10.78
N GLY A 137 -10.44 -0.65 -9.62
CA GLY A 137 -11.42 -1.05 -8.62
C GLY A 137 -10.90 -2.06 -7.62
N GLY A 138 -9.68 -2.51 -7.83
CA GLY A 138 -9.08 -3.48 -6.94
C GLY A 138 -8.55 -2.82 -5.70
N LEU A 139 -9.26 -2.98 -4.60
CA LEU A 139 -8.86 -2.39 -3.33
C LEU A 139 -8.97 -3.41 -2.21
N VAL A 140 -8.16 -3.21 -1.17
CA VAL A 140 -8.24 -4.04 0.01
C VAL A 140 -8.55 -3.18 1.23
N LEU A 141 -9.51 -3.63 2.02
CA LEU A 141 -9.84 -2.97 3.27
C LEU A 141 -8.91 -3.44 4.37
N LEU A 142 -8.12 -2.53 4.90
CA LEU A 142 -7.21 -2.84 5.98
C LEU A 142 -7.63 -2.11 7.25
N GLU A 143 -7.60 -2.82 8.36
CA GLU A 143 -7.94 -2.23 9.64
C GLU A 143 -7.13 -2.88 10.76
N PRO A 144 -6.81 -2.11 11.81
CA PRO A 144 -6.07 -2.62 12.97
C PRO A 144 -6.84 -3.73 13.68
N GLY A 145 -6.38 -4.96 13.50
CA GLY A 145 -7.07 -6.09 14.08
C GLY A 145 -6.27 -6.76 15.17
N GLU A 146 -5.49 -7.77 14.79
CA GLU A 146 -4.70 -8.53 15.75
C GLU A 146 -3.64 -7.64 16.40
N ALA A 147 -3.12 -6.70 15.62
CA ALA A 147 -2.10 -5.77 16.10
C ALA A 147 -2.70 -4.67 16.96
N PHE A 148 -4.02 -4.59 16.97
CA PHE A 148 -4.72 -3.61 17.78
C PHE A 148 -4.94 -4.16 19.18
N GLN A 149 -5.32 -5.43 19.24
CA GLN A 149 -5.54 -6.12 20.50
C GLN A 149 -4.20 -6.53 21.11
N LYS A 150 -3.56 -5.56 21.75
CA LYS A 150 -2.25 -5.76 22.33
C LYS A 150 -2.33 -6.19 23.78
N GLY A 151 -3.50 -6.00 24.37
CA GLY A 151 -3.70 -6.36 25.75
C GLY A 151 -4.22 -5.20 26.56
N SER A 1 -3.63 21.17 8.93
CA SER A 1 -3.02 21.70 10.17
C SER A 1 -3.88 21.33 11.37
N ASN A 2 -3.35 20.46 12.23
CA ASN A 2 -4.09 20.00 13.40
C ASN A 2 -3.43 20.49 14.68
N ALA A 3 -3.82 19.93 15.82
CA ALA A 3 -3.25 20.37 17.09
C ALA A 3 -2.20 19.39 17.60
N MET A 4 -2.66 18.23 18.08
CA MET A 4 -1.76 17.26 18.71
C MET A 4 -1.78 15.91 17.99
N LEU A 5 -2.36 15.88 16.80
CA LEU A 5 -2.39 14.65 16.01
C LEU A 5 -1.27 14.65 15.00
N ARG A 6 -0.26 15.47 15.24
CA ARG A 6 0.88 15.58 14.35
C ARG A 6 1.78 14.37 14.49
N ARG A 7 1.84 13.57 13.44
CA ARG A 7 2.68 12.38 13.43
C ARG A 7 4.16 12.80 13.39
N LEU A 8 4.95 12.19 14.26
CA LEU A 8 6.38 12.44 14.28
C LEU A 8 7.03 11.83 13.05
N PHE A 9 7.25 12.64 12.04
CA PHE A 9 7.80 12.18 10.77
C PHE A 9 9.30 11.96 10.88
N LYS A 10 9.69 10.73 11.12
CA LYS A 10 11.09 10.34 11.15
C LYS A 10 11.60 10.17 9.72
N LYS A 11 12.47 9.19 9.52
CA LYS A 11 12.92 8.86 8.18
C LYS A 11 11.78 8.21 7.40
N LYS A 12 11.84 8.28 6.08
CA LYS A 12 10.81 7.70 5.23
C LYS A 12 11.07 6.23 4.99
N TYR A 13 11.28 5.48 6.07
CA TYR A 13 11.49 4.04 5.98
C TYR A 13 10.16 3.34 5.66
N VAL A 14 9.06 4.01 5.97
CA VAL A 14 7.74 3.50 5.67
C VAL A 14 7.45 3.59 4.17
N CYS A 15 7.93 4.66 3.56
CA CYS A 15 7.76 4.86 2.14
C CYS A 15 8.77 4.02 1.36
N VAL A 16 8.28 2.97 0.73
CA VAL A 16 9.14 2.07 -0.01
C VAL A 16 9.54 2.69 -1.34
N ARG A 17 10.70 3.32 -1.37
CA ARG A 17 11.19 3.87 -2.62
C ARG A 17 12.20 2.92 -3.24
N GLN A 18 12.25 1.73 -2.67
CA GLN A 18 13.04 0.64 -3.23
C GLN A 18 12.39 0.18 -4.53
N TYR A 19 13.14 0.31 -5.61
CA TYR A 19 12.62 0.08 -6.95
C TYR A 19 12.10 -1.36 -7.12
N ASP A 20 10.84 -1.46 -7.53
CA ASP A 20 10.23 -2.75 -7.84
C ASP A 20 9.51 -2.63 -9.19
N LEU A 21 8.81 -3.68 -9.60
CA LEU A 21 8.17 -3.68 -10.90
C LEU A 21 6.97 -4.64 -10.96
N THR A 22 7.24 -5.91 -11.19
CA THR A 22 6.19 -6.89 -11.45
C THR A 22 5.66 -7.49 -10.16
N ASP A 23 6.57 -7.89 -9.29
CA ASP A 23 6.20 -8.50 -8.02
C ASP A 23 6.15 -7.45 -6.90
N ALA A 24 5.64 -6.28 -7.27
CA ALA A 24 5.55 -5.13 -6.37
C ALA A 24 4.65 -5.42 -5.16
N GLY A 25 3.79 -6.43 -5.31
CA GLY A 25 2.85 -6.79 -4.26
C GLY A 25 3.48 -6.93 -2.88
N ALA A 26 4.68 -7.46 -2.82
CA ALA A 26 5.37 -7.62 -1.54
C ALA A 26 5.79 -6.28 -0.98
N ALA A 27 6.35 -5.44 -1.85
CA ALA A 27 6.87 -4.14 -1.45
C ALA A 27 5.76 -3.23 -0.93
N CYS A 28 4.62 -3.23 -1.61
CA CYS A 28 3.51 -2.37 -1.22
C CYS A 28 2.91 -2.82 0.11
N LEU A 29 2.90 -4.13 0.35
CA LEU A 29 2.36 -4.64 1.61
C LEU A 29 3.31 -4.33 2.76
N SER A 30 4.60 -4.36 2.47
CA SER A 30 5.62 -4.06 3.46
C SER A 30 5.48 -2.61 3.94
N SER A 31 5.05 -1.72 3.05
CA SER A 31 4.86 -0.32 3.37
C SER A 31 3.78 -0.16 4.43
N ILE A 32 2.66 -0.84 4.23
CA ILE A 32 1.53 -0.76 5.16
C ILE A 32 1.89 -1.40 6.49
N ALA A 33 2.65 -2.49 6.43
CA ALA A 33 3.15 -3.16 7.62
C ALA A 33 3.93 -2.17 8.50
N GLN A 34 4.72 -1.33 7.85
CA GLN A 34 5.48 -0.31 8.56
C GLN A 34 4.57 0.82 9.02
N TYR A 35 3.62 1.19 8.18
CA TYR A 35 2.68 2.27 8.48
C TYR A 35 1.82 1.94 9.71
N TYR A 36 1.53 0.65 9.89
CA TYR A 36 0.69 0.21 11.00
C TYR A 36 1.52 -0.10 12.25
N GLY A 37 2.80 0.22 12.21
CA GLY A 37 3.63 0.09 13.39
C GLY A 37 4.28 -1.27 13.52
N LEU A 38 3.89 -2.22 12.69
CA LEU A 38 4.48 -3.55 12.70
C LEU A 38 5.93 -3.48 12.27
N LYS A 39 6.17 -2.69 11.21
CA LYS A 39 7.53 -2.41 10.74
C LYS A 39 8.29 -3.71 10.46
N MET A 40 7.90 -4.37 9.38
CA MET A 40 8.50 -5.65 9.01
C MET A 40 9.52 -5.46 7.90
N SER A 41 10.31 -6.49 7.65
CA SER A 41 11.27 -6.48 6.57
C SER A 41 10.62 -7.04 5.30
N LEU A 42 11.03 -6.49 4.16
CA LEU A 42 10.50 -6.88 2.86
C LEU A 42 10.65 -8.37 2.61
N ALA A 43 11.75 -8.94 3.08
CA ALA A 43 12.01 -10.35 2.93
C ALA A 43 10.92 -11.18 3.58
N LYS A 44 10.61 -10.84 4.82
CA LYS A 44 9.57 -11.53 5.58
C LYS A 44 8.23 -11.43 4.85
N ILE A 45 7.93 -10.23 4.36
CA ILE A 45 6.68 -9.98 3.64
C ILE A 45 6.58 -10.86 2.41
N ARG A 46 7.66 -10.94 1.65
CA ARG A 46 7.68 -11.74 0.43
C ARG A 46 7.49 -13.22 0.74
N GLU A 47 8.10 -13.69 1.82
CA GLU A 47 8.03 -15.10 2.20
C GLU A 47 6.63 -15.48 2.68
N MET A 48 5.96 -14.56 3.40
CA MET A 48 4.64 -14.85 3.93
C MET A 48 3.55 -14.62 2.89
N THR A 49 3.73 -13.62 2.04
CA THR A 49 2.76 -13.30 1.02
C THR A 49 2.79 -14.34 -0.10
N GLY A 50 3.99 -14.85 -0.37
CA GLY A 50 4.15 -15.80 -1.46
C GLY A 50 4.08 -15.09 -2.79
N THR A 51 4.52 -13.83 -2.79
CA THR A 51 4.40 -12.95 -3.92
C THR A 51 4.86 -13.62 -5.20
N ASP A 52 3.90 -13.81 -6.08
CA ASP A 52 4.14 -14.43 -7.37
C ASP A 52 4.67 -13.40 -8.35
N THR A 53 5.77 -13.74 -8.99
CA THR A 53 6.40 -12.84 -9.94
C THR A 53 5.68 -12.86 -11.27
N GLN A 54 4.75 -13.80 -11.39
CA GLN A 54 3.95 -13.95 -12.60
C GLN A 54 2.70 -13.07 -12.56
N GLY A 55 2.71 -12.05 -11.72
CA GLY A 55 1.56 -11.16 -11.66
C GLY A 55 0.63 -11.47 -10.51
N THR A 56 1.20 -11.75 -9.34
CA THR A 56 0.42 -12.05 -8.14
C THR A 56 -0.69 -11.01 -7.91
N ASN A 57 -1.79 -11.45 -7.34
CA ASN A 57 -2.93 -10.58 -7.11
C ASN A 57 -2.99 -10.14 -5.65
N ALA A 58 -3.95 -9.27 -5.34
CA ALA A 58 -4.12 -8.73 -3.99
C ALA A 58 -4.54 -9.81 -3.00
N TYR A 59 -5.01 -10.94 -3.52
CA TYR A 59 -5.49 -12.03 -2.68
C TYR A 59 -4.34 -12.64 -1.87
N GLY A 60 -3.13 -12.52 -2.38
CA GLY A 60 -1.97 -12.95 -1.63
C GLY A 60 -1.64 -11.96 -0.52
N LEU A 61 -1.77 -10.67 -0.84
CA LEU A 61 -1.48 -9.60 0.12
C LEU A 61 -2.43 -9.64 1.29
N ILE A 62 -3.73 -9.74 0.99
CA ILE A 62 -4.74 -9.73 2.04
C ILE A 62 -4.58 -10.92 2.99
N HIS A 63 -4.00 -11.99 2.47
CA HIS A 63 -3.77 -13.19 3.26
C HIS A 63 -2.66 -12.96 4.28
N ALA A 64 -1.57 -12.34 3.84
CA ALA A 64 -0.43 -12.11 4.71
C ALA A 64 -0.67 -10.92 5.64
N ALA A 65 -1.41 -9.94 5.16
CA ALA A 65 -1.72 -8.76 5.96
C ALA A 65 -2.45 -9.13 7.25
N LYS A 66 -3.37 -10.08 7.14
CA LYS A 66 -4.13 -10.56 8.29
C LYS A 66 -3.21 -11.22 9.31
N GLN A 67 -2.09 -11.76 8.83
CA GLN A 67 -1.13 -12.43 9.70
C GLN A 67 -0.22 -11.41 10.38
N LEU A 68 -0.15 -10.23 9.78
CA LEU A 68 0.66 -9.15 10.32
C LEU A 68 -0.11 -8.39 11.40
N GLY A 69 -1.43 -8.48 11.33
CA GLY A 69 -2.26 -7.92 12.38
C GLY A 69 -3.23 -6.86 11.88
N PHE A 70 -3.31 -6.65 10.59
CA PHE A 70 -4.28 -5.73 10.05
C PHE A 70 -5.18 -6.42 9.04
N SER A 71 -6.47 -6.42 9.35
CA SER A 71 -7.46 -7.11 8.54
C SER A 71 -7.54 -6.48 7.16
N ALA A 72 -7.20 -7.25 6.14
CA ALA A 72 -7.19 -6.75 4.79
C ALA A 72 -8.24 -7.48 3.97
N LYS A 73 -8.97 -6.72 3.18
CA LYS A 73 -10.08 -7.26 2.41
C LYS A 73 -10.02 -6.77 0.97
N GLY A 74 -10.22 -7.68 0.03
CA GLY A 74 -10.15 -7.30 -1.37
C GLY A 74 -11.51 -7.07 -1.97
N VAL A 75 -11.73 -5.87 -2.49
CA VAL A 75 -13.02 -5.49 -3.06
C VAL A 75 -12.80 -4.61 -4.28
N LYS A 76 -13.88 -4.38 -5.03
CA LYS A 76 -13.82 -3.45 -6.14
C LYS A 76 -14.61 -2.20 -5.79
N ALA A 77 -13.98 -1.05 -5.93
CA ALA A 77 -14.61 0.22 -5.60
C ALA A 77 -14.50 1.18 -6.76
N SER A 78 -14.93 2.41 -6.55
CA SER A 78 -14.81 3.45 -7.57
C SER A 78 -14.48 4.80 -6.92
N LYS A 79 -14.39 5.85 -7.73
CA LYS A 79 -13.88 7.15 -7.26
C LYS A 79 -14.62 7.70 -6.04
N GLU A 80 -15.93 7.53 -5.98
CA GLU A 80 -16.71 8.12 -4.88
C GLU A 80 -16.52 7.32 -3.60
N ASP A 81 -16.06 6.08 -3.72
CA ASP A 81 -15.86 5.22 -2.57
C ASP A 81 -14.58 5.59 -1.84
N LEU A 82 -13.68 6.27 -2.55
CA LEU A 82 -12.36 6.61 -2.02
C LEU A 82 -12.47 7.53 -0.81
N LEU A 83 -13.59 8.24 -0.72
CA LEU A 83 -13.77 9.24 0.32
C LEU A 83 -14.48 8.67 1.55
N LYS A 84 -14.83 7.39 1.52
CA LYS A 84 -15.61 6.81 2.60
C LYS A 84 -15.19 5.39 2.97
N ASP A 85 -14.81 4.58 1.99
CA ASP A 85 -14.58 3.16 2.24
C ASP A 85 -13.39 2.93 3.16
N PHE A 86 -12.20 3.34 2.72
CA PHE A 86 -11.01 3.15 3.52
C PHE A 86 -10.60 4.45 4.19
N ARG A 87 -9.78 4.34 5.23
CA ARG A 87 -9.33 5.51 5.97
C ARG A 87 -8.27 6.27 5.18
N LEU A 88 -7.05 5.77 5.22
CA LEU A 88 -5.95 6.40 4.49
C LEU A 88 -5.10 5.35 3.75
N PRO A 89 -4.49 4.36 4.44
CA PRO A 89 -3.67 3.34 3.78
C PRO A 89 -4.51 2.25 3.11
N ALA A 90 -4.21 1.98 1.85
CA ALA A 90 -4.91 0.95 1.10
C ALA A 90 -4.10 0.52 -0.11
N ILE A 91 -4.29 -0.73 -0.52
CA ILE A 91 -3.62 -1.25 -1.71
C ILE A 91 -4.50 -1.04 -2.93
N ALA A 92 -3.97 -0.34 -3.92
CA ALA A 92 -4.71 -0.07 -5.14
C ALA A 92 -4.05 -0.75 -6.33
N ASN A 93 -4.83 -1.51 -7.07
CA ASN A 93 -4.35 -2.17 -8.28
C ASN A 93 -4.49 -1.23 -9.47
N VAL A 94 -3.35 -0.82 -10.02
CA VAL A 94 -3.33 0.07 -11.16
C VAL A 94 -2.70 -0.62 -12.37
N ILE A 95 -3.13 -0.25 -13.55
CA ILE A 95 -2.61 -0.84 -14.78
C ILE A 95 -1.54 0.05 -15.38
N VAL A 96 -0.35 -0.53 -15.56
CA VAL A 96 0.76 0.19 -16.16
C VAL A 96 1.06 -0.39 -17.55
N ASP A 97 1.21 0.50 -18.52
CA ASP A 97 1.53 0.14 -19.90
C ASP A 97 0.42 -0.73 -20.51
N ASN A 98 -0.78 -0.59 -19.95
CA ASN A 98 -1.96 -1.33 -20.43
C ASN A 98 -1.75 -2.84 -20.40
N ARG A 99 -0.95 -3.32 -19.45
CA ARG A 99 -0.66 -4.75 -19.38
C ARG A 99 -0.18 -5.14 -17.98
N LEU A 100 0.75 -4.36 -17.43
CA LEU A 100 1.35 -4.69 -16.15
C LEU A 100 0.43 -4.32 -15.01
N ALA A 101 0.06 -5.31 -14.21
CA ALA A 101 -0.76 -5.08 -13.03
C ALA A 101 0.13 -4.65 -11.87
N HIS A 102 0.09 -3.37 -11.54
CA HIS A 102 0.96 -2.83 -10.51
C HIS A 102 0.14 -2.49 -9.27
N PHE A 103 0.75 -2.63 -8.11
CA PHE A 103 0.07 -2.33 -6.86
C PHE A 103 0.74 -1.16 -6.16
N VAL A 104 -0.06 -0.24 -5.66
CA VAL A 104 0.45 0.94 -4.96
C VAL A 104 -0.29 1.14 -3.64
N VAL A 105 0.30 1.91 -2.74
CA VAL A 105 -0.31 2.18 -1.46
C VAL A 105 -0.78 3.62 -1.38
N ILE A 106 -2.05 3.81 -1.11
CA ILE A 106 -2.59 5.15 -0.93
C ILE A 106 -2.27 5.63 0.48
N TYR A 107 -1.77 6.85 0.59
CA TYR A 107 -1.42 7.43 1.88
C TYR A 107 -2.44 8.47 2.31
N SER A 108 -2.97 9.23 1.36
CA SER A 108 -3.93 10.28 1.66
C SER A 108 -4.74 10.66 0.43
N ILE A 109 -6.00 10.99 0.63
CA ILE A 109 -6.85 11.51 -0.43
C ILE A 109 -7.60 12.74 0.07
N LYS A 110 -7.28 13.89 -0.51
CA LYS A 110 -7.83 15.15 -0.03
C LYS A 110 -7.85 16.19 -1.14
N ASN A 111 -8.96 16.93 -1.21
CA ASN A 111 -9.15 17.98 -2.22
C ASN A 111 -9.06 17.39 -3.63
N ARG A 112 -9.59 16.17 -3.78
CA ARG A 112 -9.64 15.47 -5.06
C ARG A 112 -8.24 15.06 -5.51
N ILE A 113 -7.27 15.17 -4.61
CA ILE A 113 -5.90 14.77 -4.90
C ILE A 113 -5.57 13.50 -4.13
N ILE A 114 -4.91 12.57 -4.81
CA ILE A 114 -4.60 11.27 -4.22
C ILE A 114 -3.09 11.10 -4.07
N THR A 115 -2.66 10.95 -2.83
CA THR A 115 -1.26 10.73 -2.51
C THR A 115 -0.91 9.24 -2.62
N VAL A 116 -0.22 8.90 -3.69
CA VAL A 116 0.10 7.51 -3.98
C VAL A 116 1.54 7.18 -3.60
N ALA A 117 1.71 6.12 -2.84
CA ALA A 117 3.03 5.62 -2.50
C ALA A 117 3.39 4.45 -3.40
N ASP A 118 4.29 4.72 -4.33
CA ASP A 118 4.70 3.73 -5.32
C ASP A 118 6.05 3.13 -4.95
N PRO A 119 6.13 1.79 -4.88
CA PRO A 119 7.39 1.08 -4.59
C PRO A 119 8.43 1.30 -5.69
N GLY A 120 9.13 2.42 -5.60
CA GLY A 120 10.15 2.75 -6.57
C GLY A 120 10.16 4.22 -6.90
N LYS A 121 8.98 4.78 -7.21
CA LYS A 121 8.87 6.19 -7.53
C LYS A 121 8.64 7.02 -6.28
N GLY A 122 8.20 6.36 -5.21
CA GLY A 122 7.97 7.05 -3.96
C GLY A 122 6.60 7.68 -3.91
N ILE A 123 6.52 8.92 -3.48
CA ILE A 123 5.25 9.61 -3.36
C ILE A 123 4.93 10.36 -4.65
N VAL A 124 3.91 9.91 -5.36
CA VAL A 124 3.48 10.57 -6.58
C VAL A 124 2.10 11.19 -6.37
N ARG A 125 1.92 12.42 -6.84
CA ARG A 125 0.66 13.13 -6.67
C ARG A 125 -0.24 12.90 -7.88
N TYR A 126 -1.25 12.06 -7.71
CA TYR A 126 -2.22 11.81 -8.76
C TYR A 126 -3.54 12.48 -8.43
N SER A 127 -4.15 13.09 -9.42
CA SER A 127 -5.48 13.64 -9.24
C SER A 127 -6.50 12.50 -9.31
N MET A 128 -7.62 12.63 -8.61
CA MET A 128 -8.58 11.54 -8.50
C MET A 128 -8.97 10.98 -9.86
N ASP A 129 -9.18 11.86 -10.82
CA ASP A 129 -9.56 11.45 -12.18
C ASP A 129 -8.45 10.66 -12.84
N ASP A 130 -7.22 11.11 -12.63
CA ASP A 130 -6.06 10.45 -13.19
C ASP A 130 -5.87 9.08 -12.58
N PHE A 131 -5.98 9.02 -11.26
CA PHE A 131 -5.78 7.78 -10.52
C PHE A 131 -6.80 6.72 -10.92
N CYS A 132 -8.07 7.08 -10.97
CA CYS A 132 -9.12 6.11 -11.27
C CYS A 132 -9.06 5.66 -12.74
N SER A 133 -8.33 6.40 -13.56
CA SER A 133 -8.17 6.04 -14.97
C SER A 133 -7.20 4.86 -15.11
N ILE A 134 -6.27 4.73 -14.17
CA ILE A 134 -5.32 3.63 -14.20
C ILE A 134 -5.68 2.56 -13.16
N TRP A 135 -6.28 3.00 -12.07
CA TRP A 135 -6.72 2.10 -11.02
C TRP A 135 -7.90 1.27 -11.52
N THR A 136 -7.75 -0.05 -11.46
CA THR A 136 -8.68 -0.97 -12.08
C THR A 136 -9.88 -1.28 -11.18
N GLY A 137 -9.97 -0.61 -10.05
CA GLY A 137 -11.07 -0.85 -9.13
C GLY A 137 -10.67 -1.77 -8.00
N GLY A 138 -9.44 -2.26 -8.06
CA GLY A 138 -8.97 -3.20 -7.08
C GLY A 138 -8.45 -2.50 -5.86
N LEU A 139 -9.24 -2.50 -4.80
CA LEU A 139 -8.85 -1.85 -3.57
C LEU A 139 -8.88 -2.83 -2.41
N VAL A 140 -7.91 -2.69 -1.53
CA VAL A 140 -7.84 -3.50 -0.33
C VAL A 140 -8.04 -2.63 0.89
N LEU A 141 -9.01 -2.98 1.72
CA LEU A 141 -9.25 -2.25 2.95
C LEU A 141 -8.59 -2.96 4.12
N LEU A 142 -7.59 -2.30 4.70
CA LEU A 142 -6.83 -2.85 5.81
C LEU A 142 -7.12 -2.05 7.07
N GLU A 143 -7.54 -2.74 8.12
CA GLU A 143 -7.92 -2.09 9.38
C GLU A 143 -7.25 -2.75 10.57
N PRO A 144 -7.04 -1.99 11.67
CA PRO A 144 -6.37 -2.49 12.88
C PRO A 144 -7.17 -3.57 13.60
N GLY A 145 -6.94 -4.81 13.23
CA GLY A 145 -7.62 -5.91 13.89
C GLY A 145 -6.80 -6.47 15.03
N GLU A 146 -5.84 -7.33 14.72
CA GLU A 146 -5.06 -7.99 15.74
C GLU A 146 -3.89 -7.10 16.18
N ALA A 147 -3.57 -6.10 15.37
CA ALA A 147 -2.49 -5.18 15.70
C ALA A 147 -3.05 -3.87 16.26
N PHE A 148 -4.16 -3.97 16.96
CA PHE A 148 -4.74 -2.81 17.64
C PHE A 148 -4.01 -2.64 18.97
N GLN A 149 -2.73 -2.31 18.86
CA GLN A 149 -1.83 -2.26 20.00
C GLN A 149 -1.71 -0.83 20.53
N LYS A 150 -1.64 0.12 19.61
CA LYS A 150 -1.47 1.52 20.00
C LYS A 150 -2.75 2.30 19.73
N GLY A 151 -2.71 3.60 20.00
CA GLY A 151 -3.88 4.43 19.81
C GLY A 151 -3.81 5.67 20.69
N SER A 1 33.69 -10.21 17.87
CA SER A 1 34.15 -9.91 19.24
C SER A 1 34.70 -8.49 19.34
N ASN A 2 35.88 -8.27 18.77
CA ASN A 2 36.51 -6.95 18.79
C ASN A 2 36.01 -6.13 17.62
N ALA A 3 35.60 -4.90 17.92
CA ALA A 3 35.02 -3.98 16.92
C ALA A 3 33.65 -4.44 16.47
N MET A 4 32.80 -3.50 16.09
CA MET A 4 31.43 -3.81 15.67
C MET A 4 30.68 -4.51 16.80
N LEU A 5 30.94 -4.06 18.02
CA LEU A 5 30.33 -4.67 19.20
C LEU A 5 28.86 -4.28 19.29
N ARG A 6 28.56 -3.06 18.88
CA ARG A 6 27.18 -2.58 18.91
C ARG A 6 26.77 -2.05 17.53
N ARG A 7 25.58 -2.43 17.10
CA ARG A 7 25.07 -1.98 15.81
C ARG A 7 23.79 -1.17 15.99
N LEU A 8 23.83 0.07 15.55
CA LEU A 8 22.65 0.92 15.58
C LEU A 8 21.91 0.82 14.26
N PHE A 9 20.62 0.56 14.33
CA PHE A 9 19.81 0.43 13.13
C PHE A 9 19.15 1.75 12.75
N LYS A 10 19.31 2.14 11.51
CA LYS A 10 18.62 3.29 10.98
C LYS A 10 17.16 2.94 10.78
N LYS A 11 16.34 3.33 11.76
CA LYS A 11 14.92 2.99 11.74
C LYS A 11 14.17 3.85 10.74
N LYS A 12 13.87 3.25 9.59
CA LYS A 12 13.09 3.92 8.57
C LYS A 12 11.65 4.05 9.03
N TYR A 13 10.97 5.08 8.58
CA TYR A 13 9.60 5.32 8.98
C TYR A 13 8.63 4.64 8.03
N VAL A 14 8.28 5.33 6.95
CA VAL A 14 7.32 4.80 5.99
C VAL A 14 7.69 5.21 4.57
N CYS A 15 6.92 4.72 3.60
CA CYS A 15 7.13 5.04 2.19
C CYS A 15 8.49 4.57 1.71
N VAL A 16 8.66 3.27 1.63
CA VAL A 16 9.91 2.71 1.16
C VAL A 16 9.94 2.64 -0.36
N ARG A 17 10.97 3.22 -0.94
CA ARG A 17 11.16 3.18 -2.37
C ARG A 17 12.21 2.13 -2.70
N GLN A 18 11.76 0.98 -3.16
CA GLN A 18 12.63 -0.16 -3.37
C GLN A 18 13.00 -0.30 -4.85
N TYR A 19 14.11 -0.97 -5.10
CA TYR A 19 14.58 -1.20 -6.46
C TYR A 19 14.36 -2.65 -6.87
N ASP A 20 13.27 -3.24 -6.37
CA ASP A 20 12.95 -4.63 -6.62
C ASP A 20 12.51 -4.84 -8.07
N LEU A 21 11.65 -3.93 -8.54
CA LEU A 21 11.16 -3.93 -9.92
C LEU A 21 10.39 -5.21 -10.25
N THR A 22 9.70 -5.79 -9.27
CA THR A 22 8.88 -6.97 -9.50
C THR A 22 8.20 -7.47 -8.22
N ASP A 23 8.70 -7.05 -7.07
CA ASP A 23 8.13 -7.44 -5.79
C ASP A 23 7.24 -6.31 -5.28
N ALA A 24 6.59 -5.63 -6.24
CA ALA A 24 5.81 -4.44 -5.96
C ALA A 24 4.78 -4.66 -4.88
N GLY A 25 4.03 -5.75 -4.96
CA GLY A 25 3.02 -6.04 -3.98
C GLY A 25 3.60 -6.16 -2.58
N ALA A 26 4.75 -6.81 -2.50
CA ALA A 26 5.41 -7.02 -1.22
C ALA A 26 5.97 -5.72 -0.67
N ALA A 27 6.55 -4.91 -1.54
CA ALA A 27 7.13 -3.64 -1.13
C ALA A 27 6.05 -2.70 -0.60
N CYS A 28 4.90 -2.71 -1.25
CA CYS A 28 3.77 -1.90 -0.81
C CYS A 28 3.31 -2.36 0.58
N LEU A 29 3.14 -3.66 0.73
CA LEU A 29 2.68 -4.23 1.99
C LEU A 29 3.71 -4.01 3.09
N SER A 30 4.99 -3.98 2.71
CA SER A 30 6.07 -3.71 3.64
C SER A 30 5.96 -2.28 4.18
N SER A 31 5.68 -1.34 3.30
CA SER A 31 5.51 0.05 3.72
C SER A 31 4.32 0.18 4.66
N ILE A 32 3.25 -0.54 4.35
CA ILE A 32 2.05 -0.55 5.19
C ILE A 32 2.35 -1.17 6.54
N ALA A 33 3.08 -2.28 6.54
CA ALA A 33 3.48 -2.95 7.77
C ALA A 33 4.25 -1.99 8.68
N GLN A 34 5.03 -1.12 8.07
CA GLN A 34 5.80 -0.14 8.83
C GLN A 34 4.90 1.02 9.28
N TYR A 35 3.92 1.36 8.45
CA TYR A 35 2.98 2.44 8.78
C TYR A 35 2.09 2.06 9.96
N TYR A 36 1.63 0.81 9.96
CA TYR A 36 0.74 0.32 11.00
C TYR A 36 1.52 -0.08 12.26
N GLY A 37 2.85 -0.05 12.16
CA GLY A 37 3.67 -0.27 13.34
C GLY A 37 4.02 -1.72 13.58
N LEU A 38 4.05 -2.51 12.52
CA LEU A 38 4.45 -3.91 12.61
C LEU A 38 5.93 -4.04 12.31
N LYS A 39 6.41 -3.23 11.36
CA LYS A 39 7.82 -3.20 10.97
C LYS A 39 8.32 -4.58 10.57
N MET A 40 8.13 -4.92 9.29
CA MET A 40 8.55 -6.19 8.75
C MET A 40 9.38 -5.95 7.49
N SER A 41 10.45 -6.72 7.33
CA SER A 41 11.35 -6.55 6.19
C SER A 41 10.75 -7.09 4.90
N LEU A 42 11.21 -6.57 3.76
CA LEU A 42 10.65 -6.92 2.46
C LEU A 42 10.61 -8.44 2.24
N ALA A 43 11.73 -9.10 2.50
CA ALA A 43 11.85 -10.54 2.30
C ALA A 43 10.80 -11.31 3.11
N LYS A 44 10.54 -10.84 4.31
CA LYS A 44 9.55 -11.47 5.18
C LYS A 44 8.15 -11.26 4.64
N ILE A 45 7.91 -10.09 4.05
CA ILE A 45 6.61 -9.76 3.50
C ILE A 45 6.28 -10.66 2.32
N ARG A 46 7.23 -10.79 1.38
CA ARG A 46 6.95 -11.50 0.14
C ARG A 46 6.88 -13.00 0.34
N GLU A 47 7.56 -13.53 1.36
CA GLU A 47 7.52 -14.96 1.61
C GLU A 47 6.14 -15.36 2.15
N MET A 48 5.60 -14.52 3.03
CA MET A 48 4.29 -14.77 3.61
C MET A 48 3.20 -14.59 2.56
N THR A 49 3.39 -13.59 1.72
CA THR A 49 2.45 -13.29 0.65
C THR A 49 2.51 -14.36 -0.45
N GLY A 50 3.69 -14.92 -0.67
CA GLY A 50 3.87 -15.87 -1.74
C GLY A 50 4.01 -15.16 -3.06
N THR A 51 4.56 -13.95 -3.01
CA THR A 51 4.66 -13.08 -4.17
C THR A 51 5.42 -13.74 -5.30
N ASP A 52 4.71 -13.99 -6.36
CA ASP A 52 5.28 -14.51 -7.60
C ASP A 52 5.64 -13.37 -8.52
N THR A 53 6.68 -13.58 -9.31
CA THR A 53 7.09 -12.61 -10.32
C THR A 53 6.18 -12.71 -11.54
N GLN A 54 5.18 -13.56 -11.42
CA GLN A 54 4.23 -13.82 -12.50
C GLN A 54 3.03 -12.89 -12.43
N GLY A 55 3.08 -11.88 -11.56
CA GLY A 55 2.00 -10.92 -11.50
C GLY A 55 0.99 -11.21 -10.41
N THR A 56 1.47 -11.61 -9.24
CA THR A 56 0.61 -11.84 -8.07
C THR A 56 -0.39 -10.69 -7.88
N ASN A 57 -1.66 -11.05 -7.68
CA ASN A 57 -2.72 -10.07 -7.53
C ASN A 57 -2.91 -9.69 -6.06
N ALA A 58 -3.91 -8.86 -5.79
CA ALA A 58 -4.18 -8.38 -4.43
C ALA A 58 -4.64 -9.51 -3.51
N TYR A 59 -5.08 -10.61 -4.12
CA TYR A 59 -5.63 -11.73 -3.36
C TYR A 59 -4.56 -12.42 -2.51
N GLY A 60 -3.31 -12.30 -2.91
CA GLY A 60 -2.23 -12.81 -2.10
C GLY A 60 -1.89 -11.86 -0.96
N LEU A 61 -2.00 -10.58 -1.25
CA LEU A 61 -1.69 -9.55 -0.26
C LEU A 61 -2.66 -9.60 0.90
N ILE A 62 -3.95 -9.74 0.60
CA ILE A 62 -4.98 -9.79 1.63
C ILE A 62 -4.80 -11.02 2.51
N HIS A 63 -4.25 -12.08 1.93
CA HIS A 63 -4.02 -13.31 2.64
C HIS A 63 -2.88 -13.15 3.64
N ALA A 64 -1.87 -12.37 3.26
CA ALA A 64 -0.73 -12.13 4.13
C ALA A 64 -1.03 -11.03 5.14
N ALA A 65 -1.73 -10.00 4.69
CA ALA A 65 -2.03 -8.84 5.53
C ALA A 65 -2.71 -9.25 6.84
N LYS A 66 -3.65 -10.18 6.75
CA LYS A 66 -4.36 -10.68 7.92
C LYS A 66 -3.39 -11.32 8.91
N GLN A 67 -2.29 -11.84 8.39
CA GLN A 67 -1.26 -12.47 9.21
C GLN A 67 -0.27 -11.42 9.72
N LEU A 68 -0.12 -10.35 8.93
CA LEU A 68 0.79 -9.25 9.28
C LEU A 68 0.24 -8.42 10.44
N GLY A 69 -1.06 -8.54 10.70
CA GLY A 69 -1.65 -7.84 11.82
C GLY A 69 -2.75 -6.88 11.44
N PHE A 70 -2.90 -6.63 10.15
CA PHE A 70 -3.94 -5.73 9.66
C PHE A 70 -4.84 -6.44 8.67
N SER A 71 -6.10 -6.63 9.05
CA SER A 71 -7.03 -7.40 8.26
C SER A 71 -7.26 -6.72 6.91
N ALA A 72 -7.33 -7.53 5.87
CA ALA A 72 -7.50 -7.03 4.51
C ALA A 72 -8.59 -7.77 3.78
N LYS A 73 -9.51 -7.03 3.19
CA LYS A 73 -10.58 -7.63 2.40
C LYS A 73 -10.55 -7.05 0.99
N GLY A 74 -10.52 -7.92 0.00
CA GLY A 74 -10.51 -7.46 -1.37
C GLY A 74 -11.90 -7.08 -1.84
N VAL A 75 -12.05 -5.85 -2.29
CA VAL A 75 -13.33 -5.32 -2.74
C VAL A 75 -13.12 -4.43 -3.96
N LYS A 76 -14.04 -4.49 -4.91
CA LYS A 76 -13.99 -3.57 -6.03
C LYS A 76 -14.78 -2.32 -5.72
N ALA A 77 -14.08 -1.20 -5.63
CA ALA A 77 -14.69 0.06 -5.24
C ALA A 77 -14.71 1.02 -6.41
N SER A 78 -15.43 2.12 -6.25
CA SER A 78 -15.46 3.16 -7.26
C SER A 78 -14.81 4.43 -6.72
N LYS A 79 -14.61 5.43 -7.56
CA LYS A 79 -13.95 6.66 -7.15
C LYS A 79 -14.63 7.32 -5.94
N GLU A 80 -15.96 7.21 -5.88
CA GLU A 80 -16.73 7.81 -4.80
C GLU A 80 -16.46 7.13 -3.46
N ASP A 81 -15.99 5.89 -3.53
CA ASP A 81 -15.71 5.11 -2.33
C ASP A 81 -14.39 5.54 -1.70
N LEU A 82 -13.53 6.12 -2.51
CA LEU A 82 -12.18 6.48 -2.09
C LEU A 82 -12.21 7.47 -0.92
N LEU A 83 -13.27 8.25 -0.82
CA LEU A 83 -13.36 9.29 0.19
C LEU A 83 -14.14 8.84 1.43
N LYS A 84 -14.94 7.79 1.29
CA LYS A 84 -15.87 7.43 2.35
C LYS A 84 -15.60 6.03 2.92
N ASP A 85 -15.17 5.11 2.08
CA ASP A 85 -15.06 3.70 2.47
C ASP A 85 -13.83 3.46 3.34
N PHE A 86 -12.77 4.21 3.10
CA PHE A 86 -11.54 4.07 3.87
C PHE A 86 -10.89 5.42 4.11
N ARG A 87 -10.19 5.54 5.22
CA ARG A 87 -9.45 6.75 5.54
C ARG A 87 -8.00 6.41 5.87
N LEU A 88 -7.68 5.13 5.86
CA LEU A 88 -6.34 4.65 6.15
C LEU A 88 -5.68 4.12 4.89
N PRO A 89 -4.33 4.01 4.90
CA PRO A 89 -3.57 3.46 3.79
C PRO A 89 -4.08 2.10 3.34
N ALA A 90 -4.30 1.97 2.04
CA ALA A 90 -4.83 0.75 1.46
C ALA A 90 -4.10 0.42 0.16
N ILE A 91 -4.19 -0.82 -0.26
CA ILE A 91 -3.55 -1.27 -1.50
C ILE A 91 -4.51 -1.13 -2.67
N ALA A 92 -4.08 -0.40 -3.68
CA ALA A 92 -4.86 -0.26 -4.90
C ALA A 92 -4.13 -0.95 -6.04
N ASN A 93 -4.86 -1.78 -6.77
CA ASN A 93 -4.31 -2.48 -7.91
C ASN A 93 -4.49 -1.64 -9.17
N VAL A 94 -3.38 -1.13 -9.67
CA VAL A 94 -3.39 -0.31 -10.87
C VAL A 94 -2.77 -1.07 -12.03
N ILE A 95 -3.31 -0.89 -13.22
CA ILE A 95 -2.84 -1.61 -14.39
C ILE A 95 -1.96 -0.69 -15.23
N VAL A 96 -0.67 -0.95 -15.21
CA VAL A 96 0.28 -0.17 -15.98
C VAL A 96 0.86 -1.01 -17.12
N ASP A 97 1.06 -0.36 -18.26
CA ASP A 97 1.58 -1.02 -19.47
C ASP A 97 0.63 -2.09 -19.98
N ASN A 98 -0.59 -2.09 -19.42
CA ASN A 98 -1.67 -2.99 -19.84
C ASN A 98 -1.30 -4.46 -19.56
N ARG A 99 -0.32 -4.69 -18.69
CA ARG A 99 0.11 -6.05 -18.37
C ARG A 99 0.69 -6.16 -16.96
N LEU A 100 1.37 -5.11 -16.52
CA LEU A 100 1.97 -5.13 -15.19
C LEU A 100 0.94 -4.81 -14.12
N ALA A 101 0.55 -5.83 -13.37
CA ALA A 101 -0.31 -5.64 -12.22
C ALA A 101 0.48 -4.96 -11.11
N HIS A 102 0.29 -3.66 -10.97
CA HIS A 102 1.08 -2.88 -10.04
C HIS A 102 0.24 -2.49 -8.84
N PHE A 103 0.87 -2.40 -7.69
CA PHE A 103 0.17 -2.03 -6.48
C PHE A 103 0.70 -0.69 -5.98
N VAL A 104 -0.18 0.07 -5.35
CA VAL A 104 0.19 1.35 -4.76
C VAL A 104 -0.52 1.55 -3.44
N VAL A 105 0.09 2.31 -2.54
CA VAL A 105 -0.47 2.56 -1.23
C VAL A 105 -1.01 3.99 -1.13
N ILE A 106 -2.29 4.12 -0.82
CA ILE A 106 -2.89 5.43 -0.64
C ILE A 106 -2.59 5.96 0.76
N TYR A 107 -2.05 7.16 0.85
CA TYR A 107 -1.73 7.76 2.14
C TYR A 107 -2.75 8.82 2.53
N SER A 108 -3.24 9.57 1.54
CA SER A 108 -4.18 10.65 1.81
C SER A 108 -4.95 11.01 0.54
N ILE A 109 -6.24 11.30 0.70
CA ILE A 109 -7.06 11.74 -0.43
C ILE A 109 -7.80 13.01 -0.04
N LYS A 110 -7.38 14.13 -0.61
CA LYS A 110 -7.95 15.42 -0.30
C LYS A 110 -7.60 16.46 -1.36
N ASN A 111 -8.48 17.45 -1.53
CA ASN A 111 -8.28 18.54 -2.50
C ASN A 111 -8.24 18.00 -3.92
N ARG A 112 -8.97 16.89 -4.15
CA ARG A 112 -9.02 16.24 -5.46
C ARG A 112 -7.70 15.54 -5.77
N ILE A 113 -6.74 15.66 -4.85
CA ILE A 113 -5.42 15.08 -5.05
C ILE A 113 -5.27 13.83 -4.21
N ILE A 114 -4.87 12.75 -4.86
CA ILE A 114 -4.69 11.47 -4.22
C ILE A 114 -3.20 11.23 -3.95
N THR A 115 -2.84 11.21 -2.67
CA THR A 115 -1.46 10.98 -2.27
C THR A 115 -1.16 9.48 -2.29
N VAL A 116 -0.41 9.06 -3.29
CA VAL A 116 -0.11 7.66 -3.47
C VAL A 116 1.37 7.38 -3.30
N ALA A 117 1.68 6.33 -2.54
CA ALA A 117 3.05 5.90 -2.35
C ALA A 117 3.32 4.69 -3.25
N ASP A 118 4.10 4.92 -4.29
CA ASP A 118 4.48 3.86 -5.20
C ASP A 118 5.85 3.32 -4.78
N PRO A 119 5.97 1.99 -4.68
CA PRO A 119 7.21 1.34 -4.21
C PRO A 119 8.42 1.64 -5.10
N GLY A 120 8.16 2.08 -6.33
CA GLY A 120 9.24 2.36 -7.26
C GLY A 120 9.32 3.84 -7.63
N LYS A 121 8.17 4.50 -7.69
CA LYS A 121 8.13 5.90 -8.11
C LYS A 121 8.15 6.85 -6.92
N GLY A 122 7.86 6.32 -5.73
CA GLY A 122 7.82 7.15 -4.53
C GLY A 122 6.46 7.78 -4.33
N ILE A 123 6.40 8.85 -3.55
CA ILE A 123 5.16 9.59 -3.36
C ILE A 123 4.80 10.33 -4.64
N VAL A 124 3.76 9.88 -5.31
CA VAL A 124 3.31 10.51 -6.53
C VAL A 124 1.96 11.16 -6.29
N ARG A 125 1.79 12.38 -6.80
CA ARG A 125 0.54 13.08 -6.65
C ARG A 125 -0.36 12.77 -7.83
N TYR A 126 -1.40 11.99 -7.58
CA TYR A 126 -2.34 11.61 -8.63
C TYR A 126 -3.63 12.39 -8.49
N SER A 127 -4.11 12.94 -9.58
CA SER A 127 -5.39 13.61 -9.59
C SER A 127 -6.50 12.56 -9.57
N MET A 128 -7.66 12.95 -9.06
CA MET A 128 -8.80 12.05 -8.90
C MET A 128 -9.02 11.16 -10.13
N ASP A 129 -9.20 11.77 -11.29
CA ASP A 129 -9.44 11.04 -12.52
C ASP A 129 -8.18 10.29 -12.97
N ASP A 130 -7.03 10.92 -12.81
CA ASP A 130 -5.76 10.33 -13.21
C ASP A 130 -5.52 9.00 -12.51
N PHE A 131 -5.88 8.93 -11.24
CA PHE A 131 -5.75 7.69 -10.48
C PHE A 131 -6.79 6.68 -10.96
N CYS A 132 -8.00 7.15 -11.22
CA CYS A 132 -9.10 6.30 -11.63
C CYS A 132 -8.83 5.64 -12.98
N SER A 133 -7.98 6.26 -13.79
CA SER A 133 -7.63 5.72 -15.10
C SER A 133 -6.84 4.43 -14.98
N ILE A 134 -5.88 4.41 -14.07
CA ILE A 134 -5.02 3.24 -13.90
C ILE A 134 -5.59 2.26 -12.89
N TRP A 135 -6.30 2.78 -11.89
CA TRP A 135 -6.89 1.96 -10.86
C TRP A 135 -8.18 1.32 -11.37
N THR A 136 -8.15 -0.01 -11.48
CA THR A 136 -9.24 -0.75 -12.10
C THR A 136 -10.27 -1.25 -11.06
N GLY A 137 -10.42 -0.49 -9.98
CA GLY A 137 -11.41 -0.86 -8.97
C GLY A 137 -10.86 -1.81 -7.93
N GLY A 138 -9.61 -2.19 -8.08
CA GLY A 138 -9.01 -3.15 -7.19
C GLY A 138 -8.51 -2.52 -5.92
N LEU A 139 -9.28 -2.65 -4.86
CA LEU A 139 -8.91 -2.08 -3.57
C LEU A 139 -9.03 -3.13 -2.47
N VAL A 140 -8.24 -2.96 -1.42
CA VAL A 140 -8.33 -3.83 -0.27
C VAL A 140 -8.64 -3.00 0.98
N LEU A 141 -9.54 -3.50 1.80
CA LEU A 141 -9.91 -2.81 3.03
C LEU A 141 -8.98 -3.22 4.16
N LEU A 142 -8.08 -2.33 4.54
CA LEU A 142 -7.12 -2.60 5.61
C LEU A 142 -7.62 -2.01 6.93
N GLU A 143 -7.39 -2.73 8.01
CA GLU A 143 -7.78 -2.26 9.33
C GLU A 143 -6.96 -2.96 10.40
N PRO A 144 -6.70 -2.27 11.53
CA PRO A 144 -5.95 -2.84 12.66
C PRO A 144 -6.68 -4.03 13.28
N GLY A 145 -6.33 -5.23 12.82
CA GLY A 145 -6.99 -6.42 13.29
C GLY A 145 -6.26 -7.10 14.42
N GLU A 146 -5.33 -7.97 14.07
CA GLU A 146 -4.57 -8.73 15.05
C GLU A 146 -3.59 -7.81 15.78
N ALA A 147 -3.08 -6.82 15.07
CA ALA A 147 -2.11 -5.88 15.65
C ALA A 147 -2.76 -4.98 16.69
N PHE A 148 -4.09 -4.95 16.70
CA PHE A 148 -4.84 -4.12 17.63
C PHE A 148 -4.73 -4.68 19.05
N GLN A 149 -4.47 -5.97 19.15
CA GLN A 149 -4.39 -6.65 20.44
C GLN A 149 -3.06 -7.37 20.59
N LYS A 150 -2.64 -7.57 21.84
CA LYS A 150 -1.43 -8.33 22.15
C LYS A 150 -0.20 -7.71 21.49
N GLY A 151 0.83 -8.52 21.27
CA GLY A 151 2.01 -8.05 20.58
C GLY A 151 3.27 -8.66 21.14
N SER A 1 28.71 23.13 8.76
CA SER A 1 27.52 22.23 8.85
C SER A 1 26.37 22.90 9.59
N ASN A 2 26.65 24.01 10.26
CA ASN A 2 25.63 24.71 11.04
C ASN A 2 24.61 25.37 10.12
N ALA A 3 23.34 25.02 10.31
CA ALA A 3 22.24 25.53 9.49
C ALA A 3 22.39 25.12 8.03
N MET A 4 23.06 23.99 7.81
CA MET A 4 23.26 23.46 6.47
C MET A 4 23.20 21.94 6.48
N LEU A 5 22.13 21.40 5.91
CA LEU A 5 21.90 19.95 5.87
C LEU A 5 21.82 19.37 7.28
N ARG A 6 21.17 20.09 8.18
CA ARG A 6 21.03 19.64 9.56
C ARG A 6 19.76 18.81 9.72
N ARG A 7 19.53 17.93 8.76
CA ARG A 7 18.34 17.10 8.75
C ARG A 7 18.52 15.90 9.67
N LEU A 8 18.34 16.14 10.96
CA LEU A 8 18.45 15.07 11.94
C LEU A 8 17.30 14.08 11.78
N PHE A 9 16.19 14.59 11.28
CA PHE A 9 15.03 13.76 11.02
C PHE A 9 14.43 14.09 9.66
N LYS A 10 14.11 13.06 8.90
CA LYS A 10 13.46 13.22 7.62
C LYS A 10 12.06 12.62 7.70
N LYS A 11 11.05 13.45 7.55
CA LYS A 11 9.66 13.02 7.66
C LYS A 11 9.22 12.29 6.40
N LYS A 12 9.79 11.13 6.16
CA LYS A 12 9.40 10.30 5.04
C LYS A 12 8.24 9.40 5.45
N TYR A 13 8.12 9.22 6.77
CA TYR A 13 7.13 8.32 7.36
C TYR A 13 7.37 6.89 6.91
N VAL A 14 6.73 6.50 5.82
CA VAL A 14 6.90 5.17 5.25
C VAL A 14 6.92 5.25 3.73
N CYS A 15 8.07 4.95 3.13
CA CYS A 15 8.19 5.00 1.69
C CYS A 15 9.20 3.97 1.19
N VAL A 16 8.70 3.03 0.40
CA VAL A 16 9.55 2.03 -0.24
C VAL A 16 9.93 2.50 -1.63
N ARG A 17 11.15 2.16 -2.05
CA ARG A 17 11.65 2.58 -3.35
C ARG A 17 12.39 1.44 -4.03
N GLN A 18 11.66 0.38 -4.36
CA GLN A 18 12.28 -0.77 -5.00
C GLN A 18 12.43 -0.50 -6.50
N TYR A 19 13.62 -0.06 -6.89
CA TYR A 19 13.88 0.30 -8.27
C TYR A 19 14.00 -0.94 -9.15
N ASP A 20 13.95 -2.11 -8.53
CA ASP A 20 13.96 -3.38 -9.25
C ASP A 20 12.60 -3.64 -9.88
N LEU A 21 11.56 -3.10 -9.23
CA LEU A 21 10.18 -3.22 -9.71
C LEU A 21 9.70 -4.67 -9.71
N THR A 22 10.40 -5.52 -8.97
CA THR A 22 10.08 -6.94 -8.94
C THR A 22 8.90 -7.24 -8.01
N ASP A 23 9.01 -6.81 -6.76
CA ASP A 23 8.04 -7.17 -5.75
C ASP A 23 7.00 -6.07 -5.60
N ALA A 24 6.26 -5.82 -6.68
CA ALA A 24 5.22 -4.80 -6.67
C ALA A 24 4.17 -5.07 -5.60
N GLY A 25 3.94 -6.34 -5.31
CA GLY A 25 3.00 -6.71 -4.28
C GLY A 25 3.59 -6.64 -2.88
N ALA A 26 4.78 -7.21 -2.72
CA ALA A 26 5.40 -7.31 -1.40
C ALA A 26 5.84 -5.96 -0.87
N ALA A 27 6.48 -5.16 -1.72
CA ALA A 27 6.97 -3.85 -1.29
C ALA A 27 5.82 -2.91 -1.00
N CYS A 28 4.68 -3.20 -1.60
CA CYS A 28 3.47 -2.43 -1.37
C CYS A 28 2.93 -2.72 0.03
N LEU A 29 2.83 -4.01 0.34
CA LEU A 29 2.31 -4.45 1.62
C LEU A 29 3.27 -4.09 2.77
N SER A 30 4.57 -4.16 2.50
CA SER A 30 5.57 -3.89 3.52
C SER A 30 5.49 -2.46 4.01
N SER A 31 5.13 -1.54 3.12
CA SER A 31 5.03 -0.13 3.48
C SER A 31 3.90 0.07 4.50
N ILE A 32 2.79 -0.64 4.29
CA ILE A 32 1.67 -0.58 5.23
C ILE A 32 2.08 -1.20 6.56
N ALA A 33 2.75 -2.34 6.50
CA ALA A 33 3.25 -3.01 7.68
C ALA A 33 4.14 -2.08 8.51
N GLN A 34 4.93 -1.27 7.82
CA GLN A 34 5.81 -0.32 8.49
C GLN A 34 5.01 0.79 9.17
N TYR A 35 3.90 1.19 8.55
CA TYR A 35 3.08 2.28 9.07
C TYR A 35 2.28 1.84 10.28
N TYR A 36 1.82 0.59 10.27
CA TYR A 36 0.99 0.06 11.35
C TYR A 36 1.82 -0.39 12.55
N GLY A 37 3.14 -0.25 12.45
CA GLY A 37 4.01 -0.54 13.58
C GLY A 37 4.58 -1.93 13.56
N LEU A 38 4.37 -2.65 12.47
CA LEU A 38 4.90 -4.00 12.33
C LEU A 38 6.35 -3.95 11.85
N LYS A 39 6.66 -3.00 10.96
CA LYS A 39 8.01 -2.82 10.44
C LYS A 39 8.58 -4.14 9.91
N MET A 40 8.02 -4.61 8.80
CA MET A 40 8.45 -5.85 8.20
C MET A 40 9.28 -5.55 6.95
N SER A 41 10.33 -6.33 6.74
CA SER A 41 11.23 -6.10 5.62
C SER A 41 10.79 -6.91 4.40
N LEU A 42 11.29 -6.53 3.22
CA LEU A 42 10.92 -7.20 1.97
C LEU A 42 11.19 -8.69 2.04
N ALA A 43 12.38 -9.04 2.53
CA ALA A 43 12.80 -10.43 2.61
C ALA A 43 11.82 -11.29 3.40
N LYS A 44 11.15 -10.68 4.36
CA LYS A 44 10.17 -11.38 5.19
C LYS A 44 8.80 -11.38 4.50
N ILE A 45 8.40 -10.22 3.99
CA ILE A 45 7.10 -10.06 3.33
C ILE A 45 7.00 -10.97 2.11
N ARG A 46 8.11 -11.13 1.40
CA ARG A 46 8.17 -12.01 0.24
C ARG A 46 7.67 -13.41 0.60
N GLU A 47 8.22 -13.97 1.66
CA GLU A 47 7.88 -15.31 2.11
C GLU A 47 6.41 -15.38 2.52
N MET A 48 5.99 -14.42 3.33
CA MET A 48 4.65 -14.42 3.90
C MET A 48 3.58 -14.20 2.85
N THR A 49 3.87 -13.37 1.87
CA THR A 49 2.90 -13.04 0.83
C THR A 49 2.88 -14.11 -0.27
N GLY A 50 4.06 -14.63 -0.59
CA GLY A 50 4.17 -15.54 -1.72
C GLY A 50 4.22 -14.77 -3.03
N THR A 51 4.77 -13.57 -2.97
CA THR A 51 4.75 -12.63 -4.07
C THR A 51 5.38 -13.22 -5.33
N ASP A 52 4.55 -13.36 -6.33
CA ASP A 52 4.98 -13.67 -7.68
C ASP A 52 5.16 -12.38 -8.47
N THR A 53 6.34 -12.18 -9.05
CA THR A 53 6.60 -10.99 -9.84
C THR A 53 5.88 -11.10 -11.19
N GLN A 54 5.24 -12.24 -11.40
CA GLN A 54 4.49 -12.50 -12.63
C GLN A 54 3.10 -11.87 -12.59
N GLY A 55 2.90 -10.93 -11.68
CA GLY A 55 1.59 -10.32 -11.55
C GLY A 55 0.78 -10.94 -10.43
N THR A 56 1.43 -11.21 -9.30
CA THR A 56 0.77 -11.75 -8.13
C THR A 56 -0.51 -10.98 -7.81
N ASN A 57 -1.58 -11.69 -7.50
CA ASN A 57 -2.87 -11.06 -7.25
C ASN A 57 -2.99 -10.63 -5.79
N ALA A 58 -3.95 -9.75 -5.54
CA ALA A 58 -4.15 -9.17 -4.23
C ALA A 58 -4.57 -10.21 -3.19
N TYR A 59 -4.99 -11.38 -3.67
CA TYR A 59 -5.43 -12.46 -2.79
C TYR A 59 -4.27 -12.93 -1.91
N GLY A 60 -3.04 -12.77 -2.39
CA GLY A 60 -1.88 -13.12 -1.60
C GLY A 60 -1.54 -12.04 -0.59
N LEU A 61 -1.76 -10.79 -0.99
CA LEU A 61 -1.46 -9.65 -0.13
C LEU A 61 -2.41 -9.62 1.07
N ILE A 62 -3.69 -9.87 0.83
CA ILE A 62 -4.68 -9.90 1.90
C ILE A 62 -4.41 -11.05 2.85
N HIS A 63 -3.75 -12.09 2.33
CA HIS A 63 -3.41 -13.26 3.12
C HIS A 63 -2.33 -12.92 4.14
N ALA A 64 -1.27 -12.27 3.66
CA ALA A 64 -0.15 -11.92 4.52
C ALA A 64 -0.53 -10.81 5.49
N ALA A 65 -1.37 -9.89 5.03
CA ALA A 65 -1.81 -8.76 5.85
C ALA A 65 -2.51 -9.24 7.11
N LYS A 66 -3.37 -10.25 6.97
CA LYS A 66 -4.12 -10.79 8.10
C LYS A 66 -3.19 -11.36 9.16
N GLN A 67 -2.12 -12.02 8.73
CA GLN A 67 -1.17 -12.62 9.66
C GLN A 67 -0.15 -11.59 10.12
N LEU A 68 -0.19 -10.40 9.52
CA LEU A 68 0.66 -9.29 9.93
C LEU A 68 0.01 -8.49 11.05
N GLY A 69 -1.29 -8.59 11.18
CA GLY A 69 -1.97 -7.93 12.28
C GLY A 69 -3.03 -6.92 11.84
N PHE A 70 -3.21 -6.76 10.53
CA PHE A 70 -4.24 -5.86 10.01
C PHE A 70 -5.11 -6.59 9.00
N SER A 71 -6.40 -6.61 9.29
CA SER A 71 -7.35 -7.35 8.46
C SER A 71 -7.50 -6.68 7.10
N ALA A 72 -7.25 -7.44 6.04
CA ALA A 72 -7.31 -6.93 4.69
C ALA A 72 -8.43 -7.59 3.91
N LYS A 73 -9.19 -6.79 3.19
CA LYS A 73 -10.34 -7.29 2.43
C LYS A 73 -10.42 -6.59 1.08
N GLY A 74 -10.47 -7.37 0.01
CA GLY A 74 -10.61 -6.79 -1.31
C GLY A 74 -12.06 -6.48 -1.65
N VAL A 75 -12.32 -5.22 -1.96
CA VAL A 75 -13.67 -4.77 -2.31
C VAL A 75 -13.59 -3.85 -3.52
N LYS A 76 -14.53 -3.98 -4.44
CA LYS A 76 -14.58 -3.09 -5.59
C LYS A 76 -15.21 -1.77 -5.19
N ALA A 77 -14.50 -0.69 -5.43
CA ALA A 77 -14.98 0.63 -5.09
C ALA A 77 -15.04 1.52 -6.33
N SER A 78 -15.74 2.63 -6.23
CA SER A 78 -15.84 3.56 -7.34
C SER A 78 -15.22 4.90 -6.95
N LYS A 79 -15.14 5.83 -7.89
CA LYS A 79 -14.52 7.14 -7.65
C LYS A 79 -15.16 7.84 -6.45
N GLU A 80 -16.48 7.72 -6.32
CA GLU A 80 -17.22 8.39 -5.25
C GLU A 80 -16.92 7.77 -3.89
N ASP A 81 -16.43 6.55 -3.89
CA ASP A 81 -16.11 5.86 -2.65
C ASP A 81 -14.79 6.34 -2.08
N LEU A 82 -13.94 6.88 -2.96
CA LEU A 82 -12.60 7.30 -2.57
C LEU A 82 -12.63 8.44 -1.56
N LEU A 83 -13.77 9.13 -1.48
CA LEU A 83 -13.90 10.28 -0.60
C LEU A 83 -14.48 9.90 0.76
N LYS A 84 -15.05 8.70 0.85
CA LYS A 84 -15.81 8.33 2.04
C LYS A 84 -15.38 6.98 2.62
N ASP A 85 -14.96 6.07 1.77
CA ASP A 85 -14.70 4.69 2.18
C ASP A 85 -13.53 4.62 3.16
N PHE A 86 -12.34 4.89 2.67
CA PHE A 86 -11.15 4.76 3.48
C PHE A 86 -10.38 6.07 3.52
N ARG A 87 -9.60 6.25 4.57
CA ARG A 87 -8.72 7.40 4.68
C ARG A 87 -7.32 6.95 5.11
N LEU A 88 -7.18 5.65 5.34
CA LEU A 88 -5.92 5.08 5.79
C LEU A 88 -5.29 4.27 4.65
N PRO A 89 -3.99 3.90 4.79
CA PRO A 89 -3.28 3.12 3.76
C PRO A 89 -4.08 1.91 3.27
N ALA A 90 -4.20 1.81 1.95
CA ALA A 90 -4.96 0.73 1.33
C ALA A 90 -4.28 0.30 0.03
N ILE A 91 -4.50 -0.95 -0.35
CA ILE A 91 -3.88 -1.50 -1.56
C ILE A 91 -4.82 -1.32 -2.75
N ALA A 92 -4.34 -0.63 -3.78
CA ALA A 92 -5.12 -0.43 -4.99
C ALA A 92 -4.45 -1.10 -6.19
N ASN A 93 -5.23 -1.86 -6.93
CA ASN A 93 -4.74 -2.51 -8.15
C ASN A 93 -4.73 -1.53 -9.31
N VAL A 94 -3.54 -1.17 -9.77
CA VAL A 94 -3.39 -0.24 -10.88
C VAL A 94 -2.60 -0.88 -12.02
N ILE A 95 -2.95 -0.51 -13.24
CA ILE A 95 -2.28 -1.04 -14.42
C ILE A 95 -1.25 -0.03 -14.92
N VAL A 96 0.01 -0.44 -14.94
CA VAL A 96 1.09 0.42 -15.41
C VAL A 96 1.67 -0.12 -16.70
N ASP A 97 1.80 0.76 -17.71
CA ASP A 97 2.38 0.41 -19.01
C ASP A 97 1.52 -0.63 -19.74
N ASN A 98 0.29 -0.81 -19.25
CA ASN A 98 -0.65 -1.79 -19.80
C ASN A 98 -0.07 -3.20 -19.71
N ARG A 99 0.90 -3.38 -18.82
CA ARG A 99 1.57 -4.66 -18.65
C ARG A 99 1.82 -4.95 -17.18
N LEU A 100 2.43 -3.99 -16.51
CA LEU A 100 2.84 -4.15 -15.12
C LEU A 100 1.67 -3.98 -14.18
N ALA A 101 1.14 -5.10 -13.70
CA ALA A 101 0.10 -5.07 -12.69
C ALA A 101 0.69 -4.62 -11.36
N HIS A 102 0.42 -3.38 -10.99
CA HIS A 102 0.99 -2.81 -9.78
C HIS A 102 -0.05 -2.64 -8.70
N PHE A 103 0.42 -2.65 -7.47
CA PHE A 103 -0.42 -2.34 -6.34
C PHE A 103 0.15 -1.14 -5.62
N VAL A 104 -0.65 -0.14 -5.42
CA VAL A 104 -0.18 1.09 -4.79
C VAL A 104 -0.91 1.34 -3.48
N VAL A 105 -0.22 1.97 -2.55
CA VAL A 105 -0.81 2.29 -1.26
C VAL A 105 -1.24 3.74 -1.22
N ILE A 106 -2.50 3.97 -0.95
CA ILE A 106 -3.00 5.33 -0.81
C ILE A 106 -2.82 5.80 0.62
N TYR A 107 -2.15 6.94 0.79
CA TYR A 107 -1.88 7.48 2.12
C TYR A 107 -2.91 8.52 2.51
N SER A 108 -3.48 9.20 1.52
CA SER A 108 -4.40 10.29 1.79
C SER A 108 -5.15 10.69 0.51
N ILE A 109 -6.42 11.04 0.68
CA ILE A 109 -7.24 11.51 -0.43
C ILE A 109 -8.01 12.76 -0.02
N LYS A 110 -7.65 13.90 -0.61
CA LYS A 110 -8.32 15.15 -0.31
C LYS A 110 -8.23 16.09 -1.50
N ASN A 111 -9.31 16.85 -1.72
CA ASN A 111 -9.35 17.86 -2.77
C ASN A 111 -9.14 17.24 -4.16
N ARG A 112 -9.57 15.98 -4.29
CA ARG A 112 -9.42 15.22 -5.54
C ARG A 112 -7.95 14.92 -5.83
N ILE A 113 -7.10 15.15 -4.83
CA ILE A 113 -5.68 14.84 -4.95
C ILE A 113 -5.35 13.61 -4.11
N ILE A 114 -4.88 12.57 -4.77
CA ILE A 114 -4.64 11.30 -4.12
C ILE A 114 -3.15 11.07 -3.90
N THR A 115 -2.78 10.80 -2.66
CA THR A 115 -1.40 10.51 -2.31
C THR A 115 -1.14 9.02 -2.51
N VAL A 116 -0.42 8.70 -3.58
CA VAL A 116 -0.20 7.32 -3.97
C VAL A 116 1.24 6.89 -3.71
N ALA A 117 1.40 5.73 -3.10
CA ALA A 117 2.73 5.17 -2.90
C ALA A 117 2.91 3.91 -3.73
N ASP A 118 3.74 4.02 -4.75
CA ASP A 118 4.06 2.88 -5.60
C ASP A 118 5.37 2.24 -5.13
N PRO A 119 5.40 0.90 -5.08
CA PRO A 119 6.55 0.13 -4.55
C PRO A 119 7.88 0.46 -5.24
N GLY A 120 7.82 1.07 -6.41
CA GLY A 120 9.03 1.39 -7.14
C GLY A 120 9.26 2.88 -7.30
N LYS A 121 8.20 3.64 -7.46
CA LYS A 121 8.31 5.08 -7.65
C LYS A 121 8.38 5.81 -6.32
N GLY A 122 7.82 5.20 -5.29
CA GLY A 122 7.74 5.85 -4.00
C GLY A 122 6.46 6.66 -3.87
N ILE A 123 6.59 7.86 -3.34
CA ILE A 123 5.43 8.73 -3.17
C ILE A 123 5.17 9.56 -4.43
N VAL A 124 4.05 9.30 -5.06
CA VAL A 124 3.66 10.03 -6.26
C VAL A 124 2.28 10.65 -6.05
N ARG A 125 1.96 11.66 -6.85
CA ARG A 125 0.71 12.38 -6.70
C ARG A 125 -0.16 12.18 -7.93
N TYR A 126 -1.27 11.49 -7.76
CA TYR A 126 -2.22 11.28 -8.84
C TYR A 126 -3.54 11.95 -8.52
N SER A 127 -4.15 12.56 -9.51
CA SER A 127 -5.47 13.12 -9.35
C SER A 127 -6.49 11.99 -9.27
N MET A 128 -7.65 12.25 -8.70
CA MET A 128 -8.69 11.25 -8.60
C MET A 128 -9.08 10.73 -9.99
N ASP A 129 -9.05 11.63 -10.96
CA ASP A 129 -9.38 11.28 -12.33
C ASP A 129 -8.31 10.36 -12.92
N ASP A 130 -7.06 10.72 -12.67
CA ASP A 130 -5.93 9.94 -13.14
C ASP A 130 -5.90 8.57 -12.47
N PHE A 131 -6.01 8.59 -11.14
CA PHE A 131 -5.99 7.37 -10.35
C PHE A 131 -7.11 6.43 -10.78
N CYS A 132 -8.31 6.97 -10.97
CA CYS A 132 -9.47 6.16 -11.33
C CYS A 132 -9.30 5.52 -12.69
N SER A 133 -8.40 6.07 -13.51
CA SER A 133 -8.13 5.52 -14.83
C SER A 133 -7.21 4.30 -14.74
N ILE A 134 -6.14 4.43 -13.96
CA ILE A 134 -5.18 3.33 -13.82
C ILE A 134 -5.67 2.27 -12.84
N TRP A 135 -6.43 2.70 -11.84
CA TRP A 135 -6.96 1.81 -10.83
C TRP A 135 -8.18 1.04 -11.37
N THR A 136 -8.12 -0.27 -11.26
CA THR A 136 -9.12 -1.16 -11.86
C THR A 136 -10.45 -1.13 -11.11
N GLY A 137 -10.42 -0.76 -9.84
CA GLY A 137 -11.61 -0.84 -9.03
C GLY A 137 -11.41 -1.79 -7.87
N GLY A 138 -10.26 -2.45 -7.85
CA GLY A 138 -9.97 -3.41 -6.82
C GLY A 138 -9.22 -2.76 -5.68
N LEU A 139 -9.93 -2.47 -4.61
CA LEU A 139 -9.34 -1.81 -3.47
C LEU A 139 -9.36 -2.72 -2.24
N VAL A 140 -8.22 -2.87 -1.61
CA VAL A 140 -8.12 -3.67 -0.41
C VAL A 140 -8.16 -2.77 0.81
N LEU A 141 -9.14 -2.99 1.68
CA LEU A 141 -9.24 -2.27 2.92
C LEU A 141 -8.49 -3.01 4.00
N LEU A 142 -7.57 -2.32 4.65
CA LEU A 142 -6.80 -2.90 5.74
C LEU A 142 -7.08 -2.14 7.02
N GLU A 143 -7.69 -2.83 7.97
CA GLU A 143 -8.05 -2.22 9.24
C GLU A 143 -7.09 -2.65 10.34
N PRO A 144 -6.71 -1.70 11.20
CA PRO A 144 -5.79 -1.95 12.30
C PRO A 144 -6.40 -2.84 13.38
N GLY A 145 -6.32 -4.15 13.18
CA GLY A 145 -6.82 -5.09 14.16
C GLY A 145 -5.94 -5.15 15.39
N GLU A 146 -5.08 -6.16 15.45
CA GLU A 146 -4.18 -6.28 16.58
C GLU A 146 -2.92 -5.45 16.36
N ALA A 147 -2.76 -4.94 15.14
CA ALA A 147 -1.67 -4.04 14.82
C ALA A 147 -1.80 -2.74 15.64
N PHE A 148 -3.03 -2.44 16.04
CA PHE A 148 -3.30 -1.29 16.87
C PHE A 148 -3.91 -1.77 18.18
N GLN A 149 -3.19 -2.66 18.85
CA GLN A 149 -3.64 -3.22 20.12
C GLN A 149 -2.92 -2.51 21.28
N LYS A 150 -1.82 -1.87 20.97
CA LYS A 150 -1.04 -1.14 21.96
C LYS A 150 -0.68 0.24 21.41
N GLY A 151 -0.23 1.12 22.29
CA GLY A 151 0.13 2.46 21.89
C GLY A 151 -1.00 3.45 22.09
N SER A 1 9.37 24.52 2.75
CA SER A 1 9.23 25.62 3.72
C SER A 1 8.51 25.15 4.99
N ASN A 2 7.58 24.21 4.85
CA ASN A 2 6.84 23.71 5.99
C ASN A 2 7.57 22.55 6.65
N ALA A 3 7.82 21.50 5.86
CA ALA A 3 8.51 20.32 6.35
C ALA A 3 10.02 20.52 6.34
N MET A 4 10.47 21.47 7.15
CA MET A 4 11.90 21.79 7.23
C MET A 4 12.67 20.62 7.83
N LEU A 5 12.03 19.91 8.76
CA LEU A 5 12.62 18.73 9.40
C LEU A 5 13.95 19.09 10.05
N ARG A 6 13.89 19.86 11.12
CA ARG A 6 15.09 20.31 11.82
C ARG A 6 15.65 19.21 12.71
N ARG A 7 14.82 18.23 13.04
CA ARG A 7 15.27 17.08 13.82
C ARG A 7 16.17 16.20 12.96
N LEU A 8 17.16 15.58 13.59
CA LEU A 8 18.07 14.70 12.88
C LEU A 8 17.62 13.25 12.98
N PHE A 9 16.50 13.04 13.65
CA PHE A 9 15.88 11.74 13.72
C PHE A 9 14.47 11.83 13.15
N LYS A 10 14.37 11.69 11.84
CA LYS A 10 13.09 11.80 11.16
C LYS A 10 12.92 10.63 10.19
N LYS A 11 12.98 9.42 10.72
CA LYS A 11 12.85 8.22 9.90
C LYS A 11 11.39 7.74 9.89
N LYS A 12 10.46 8.69 9.90
CA LYS A 12 9.05 8.37 9.93
C LYS A 12 8.50 8.21 8.52
N TYR A 13 9.37 7.82 7.60
CA TYR A 13 8.97 7.54 6.23
C TYR A 13 8.86 6.04 6.03
N VAL A 14 7.70 5.50 6.35
CA VAL A 14 7.45 4.07 6.22
C VAL A 14 7.29 3.68 4.74
N CYS A 15 7.03 4.69 3.91
CA CYS A 15 6.92 4.49 2.47
C CYS A 15 8.29 4.12 1.89
N VAL A 16 8.41 2.92 1.37
CA VAL A 16 9.68 2.46 0.85
C VAL A 16 9.89 2.92 -0.59
N ARG A 17 11.13 3.27 -0.90
CA ARG A 17 11.52 3.59 -2.26
C ARG A 17 12.41 2.48 -2.77
N GLN A 18 11.82 1.31 -2.95
CA GLN A 18 12.56 0.11 -3.28
C GLN A 18 13.10 0.17 -4.70
N TYR A 19 14.41 0.21 -4.81
CA TYR A 19 15.08 0.10 -6.11
C TYR A 19 14.97 -1.33 -6.61
N ASP A 20 14.82 -1.46 -7.93
CA ASP A 20 14.61 -2.77 -8.57
C ASP A 20 13.30 -3.39 -8.08
N LEU A 21 12.21 -3.05 -8.74
CA LEU A 21 10.87 -3.45 -8.33
C LEU A 21 10.56 -4.89 -8.76
N THR A 22 11.41 -5.82 -8.35
CA THR A 22 11.17 -7.23 -8.57
C THR A 22 10.06 -7.71 -7.64
N ASP A 23 10.02 -7.14 -6.46
CA ASP A 23 9.04 -7.50 -5.45
C ASP A 23 8.11 -6.33 -5.19
N ALA A 24 7.51 -5.80 -6.24
CA ALA A 24 6.69 -4.59 -6.16
C ALA A 24 5.51 -4.79 -5.21
N GLY A 25 4.82 -5.93 -5.35
CA GLY A 25 3.65 -6.18 -4.53
C GLY A 25 3.97 -6.34 -3.06
N ALA A 26 5.20 -6.74 -2.77
CA ALA A 26 5.63 -6.92 -1.40
C ALA A 26 6.14 -5.60 -0.81
N ALA A 27 6.77 -4.79 -1.65
CA ALA A 27 7.34 -3.52 -1.23
C ALA A 27 6.25 -2.57 -0.74
N CYS A 28 5.17 -2.48 -1.49
CA CYS A 28 4.07 -1.59 -1.13
C CYS A 28 3.42 -2.02 0.18
N LEU A 29 3.35 -3.34 0.40
CA LEU A 29 2.77 -3.87 1.63
C LEU A 29 3.71 -3.58 2.80
N SER A 30 5.02 -3.69 2.54
CA SER A 30 6.03 -3.43 3.56
C SER A 30 5.86 -2.03 4.15
N SER A 31 5.52 -1.06 3.30
CA SER A 31 5.30 0.31 3.74
C SER A 31 4.16 0.37 4.76
N ILE A 32 3.11 -0.37 4.48
CA ILE A 32 1.94 -0.40 5.33
C ILE A 32 2.21 -1.18 6.62
N ALA A 33 2.94 -2.28 6.47
CA ALA A 33 3.31 -3.12 7.60
C ALA A 33 4.13 -2.33 8.62
N GLN A 34 4.97 -1.43 8.13
CA GLN A 34 5.75 -0.57 8.99
C GLN A 34 4.87 0.49 9.64
N TYR A 35 3.89 0.98 8.89
CA TYR A 35 2.97 2.00 9.39
C TYR A 35 2.15 1.46 10.56
N TYR A 36 1.68 0.22 10.42
CA TYR A 36 0.86 -0.40 11.45
C TYR A 36 1.70 -0.89 12.63
N GLY A 37 3.00 -0.67 12.55
CA GLY A 37 3.86 -0.96 13.68
C GLY A 37 4.38 -2.40 13.71
N LEU A 38 4.25 -3.10 12.59
CA LEU A 38 4.79 -4.45 12.48
C LEU A 38 6.24 -4.40 12.01
N LYS A 39 6.55 -3.31 11.31
CA LYS A 39 7.92 -3.00 10.88
C LYS A 39 8.49 -4.09 9.97
N MET A 40 7.60 -4.75 9.23
CA MET A 40 8.00 -5.84 8.34
C MET A 40 8.68 -5.28 7.09
N SER A 41 9.86 -5.81 6.78
CA SER A 41 10.63 -5.35 5.63
C SER A 41 10.23 -6.13 4.38
N LEU A 42 10.84 -5.78 3.25
CA LEU A 42 10.54 -6.42 1.98
C LEU A 42 10.74 -7.93 2.06
N ALA A 43 11.90 -8.35 2.55
CA ALA A 43 12.23 -9.77 2.67
C ALA A 43 11.19 -10.50 3.52
N LYS A 44 10.66 -9.83 4.53
CA LYS A 44 9.65 -10.44 5.38
C LYS A 44 8.33 -10.58 4.63
N ILE A 45 7.90 -9.50 3.99
CA ILE A 45 6.63 -9.49 3.26
C ILE A 45 6.65 -10.48 2.10
N ARG A 46 7.77 -10.53 1.38
CA ARG A 46 7.93 -11.42 0.25
C ARG A 46 7.74 -12.88 0.66
N GLU A 47 8.20 -13.23 1.85
CA GLU A 47 8.10 -14.60 2.34
C GLU A 47 6.72 -14.88 2.91
N MET A 48 6.09 -13.87 3.47
CA MET A 48 4.75 -14.03 4.04
C MET A 48 3.71 -14.10 2.93
N THR A 49 3.96 -13.38 1.86
CA THR A 49 3.02 -13.33 0.75
C THR A 49 3.33 -14.40 -0.29
N GLY A 50 4.61 -14.75 -0.42
CA GLY A 50 5.04 -15.62 -1.49
C GLY A 50 5.07 -14.87 -2.80
N THR A 51 5.35 -13.58 -2.69
CA THR A 51 5.27 -12.64 -3.80
C THR A 51 6.03 -13.13 -5.02
N ASP A 52 5.27 -13.40 -6.05
CA ASP A 52 5.80 -13.68 -7.37
C ASP A 52 5.88 -12.40 -8.19
N THR A 53 6.87 -12.33 -9.08
CA THR A 53 7.12 -11.14 -9.87
C THR A 53 6.19 -11.07 -11.10
N GLN A 54 5.46 -12.14 -11.35
CA GLN A 54 4.66 -12.25 -12.57
C GLN A 54 3.26 -11.62 -12.42
N GLY A 55 3.09 -10.75 -11.43
CA GLY A 55 1.80 -10.12 -11.24
C GLY A 55 0.97 -10.78 -10.18
N THR A 56 1.61 -11.12 -9.06
CA THR A 56 0.97 -11.82 -7.95
C THR A 56 -0.42 -11.25 -7.63
N ASN A 57 -1.37 -12.15 -7.44
CA ASN A 57 -2.76 -11.78 -7.22
C ASN A 57 -2.95 -11.16 -5.85
N ALA A 58 -3.87 -10.20 -5.79
CA ALA A 58 -4.17 -9.48 -4.55
C ALA A 58 -4.82 -10.40 -3.52
N TYR A 59 -5.33 -11.53 -3.99
CA TYR A 59 -5.97 -12.50 -3.12
C TYR A 59 -4.93 -13.19 -2.24
N GLY A 60 -3.71 -13.29 -2.74
CA GLY A 60 -2.62 -13.80 -1.93
C GLY A 60 -2.02 -12.72 -1.07
N LEU A 61 -2.14 -11.49 -1.55
CA LEU A 61 -1.65 -10.33 -0.83
C LEU A 61 -2.46 -10.11 0.45
N ILE A 62 -3.79 -10.18 0.32
CA ILE A 62 -4.67 -10.00 1.46
C ILE A 62 -4.52 -11.14 2.45
N HIS A 63 -4.16 -12.32 1.95
CA HIS A 63 -3.91 -13.48 2.81
C HIS A 63 -2.79 -13.17 3.80
N ALA A 64 -1.70 -12.61 3.28
CA ALA A 64 -0.55 -12.26 4.11
C ALA A 64 -0.88 -11.12 5.04
N ALA A 65 -1.57 -10.11 4.51
CA ALA A 65 -1.95 -8.94 5.28
C ALA A 65 -2.71 -9.30 6.55
N LYS A 66 -3.71 -10.16 6.40
CA LYS A 66 -4.56 -10.57 7.52
C LYS A 66 -3.74 -11.14 8.67
N GLN A 67 -2.74 -11.95 8.33
CA GLN A 67 -1.93 -12.62 9.33
C GLN A 67 -0.76 -11.76 9.79
N LEU A 68 -0.57 -10.62 9.13
CA LEU A 68 0.47 -9.68 9.54
C LEU A 68 -0.01 -8.78 10.67
N GLY A 69 -1.30 -8.83 10.94
CA GLY A 69 -1.85 -8.06 12.04
C GLY A 69 -2.90 -7.05 11.61
N PHE A 70 -3.20 -6.99 10.33
CA PHE A 70 -4.22 -6.08 9.84
C PHE A 70 -5.12 -6.78 8.84
N SER A 71 -6.42 -6.77 9.13
CA SER A 71 -7.39 -7.49 8.32
C SER A 71 -7.53 -6.84 6.95
N ALA A 72 -7.64 -7.67 5.93
CA ALA A 72 -7.73 -7.20 4.56
C ALA A 72 -8.96 -7.75 3.89
N LYS A 73 -9.53 -6.98 2.97
CA LYS A 73 -10.68 -7.41 2.21
C LYS A 73 -10.67 -6.78 0.83
N GLY A 74 -10.67 -7.60 -0.20
CA GLY A 74 -10.64 -7.08 -1.55
C GLY A 74 -12.03 -6.83 -2.09
N VAL A 75 -12.27 -5.61 -2.52
CA VAL A 75 -13.57 -5.21 -3.04
C VAL A 75 -13.43 -4.46 -4.35
N LYS A 76 -14.54 -4.27 -5.04
CA LYS A 76 -14.56 -3.53 -6.28
C LYS A 76 -15.29 -2.21 -6.08
N ALA A 77 -14.54 -1.16 -5.82
CA ALA A 77 -15.12 0.13 -5.48
C ALA A 77 -14.97 1.10 -6.64
N SER A 78 -15.48 2.31 -6.47
CA SER A 78 -15.40 3.34 -7.49
C SER A 78 -14.85 4.63 -6.90
N LYS A 79 -14.61 5.61 -7.77
CA LYS A 79 -13.99 6.89 -7.37
C LYS A 79 -14.60 7.45 -6.09
N GLU A 80 -15.93 7.41 -5.99
CA GLU A 80 -16.65 8.06 -4.89
C GLU A 80 -16.33 7.40 -3.55
N ASP A 81 -15.95 6.13 -3.59
CA ASP A 81 -15.68 5.38 -2.36
C ASP A 81 -14.38 5.85 -1.73
N LEU A 82 -13.52 6.44 -2.55
CA LEU A 82 -12.22 6.91 -2.09
C LEU A 82 -12.37 8.16 -1.21
N LEU A 83 -13.53 8.80 -1.26
CA LEU A 83 -13.75 10.03 -0.50
C LEU A 83 -14.45 9.76 0.82
N LYS A 84 -14.75 8.50 1.10
CA LYS A 84 -15.57 8.18 2.26
C LYS A 84 -15.15 6.88 2.97
N ASP A 85 -14.81 5.85 2.19
CA ASP A 85 -14.61 4.53 2.77
C ASP A 85 -13.33 4.46 3.60
N PHE A 86 -12.19 4.61 2.94
CA PHE A 86 -10.91 4.46 3.61
C PHE A 86 -10.16 5.77 3.64
N ARG A 87 -9.38 5.96 4.70
CA ARG A 87 -8.55 7.14 4.86
C ARG A 87 -7.17 6.77 5.38
N LEU A 88 -6.97 5.47 5.58
CA LEU A 88 -5.69 4.95 6.04
C LEU A 88 -5.01 4.20 4.90
N PRO A 89 -3.70 3.91 5.02
CA PRO A 89 -2.95 3.20 3.97
C PRO A 89 -3.64 1.92 3.52
N ALA A 90 -3.83 1.80 2.22
CA ALA A 90 -4.49 0.65 1.64
C ALA A 90 -3.89 0.34 0.28
N ILE A 91 -3.98 -0.91 -0.14
CA ILE A 91 -3.41 -1.35 -1.40
C ILE A 91 -4.43 -1.25 -2.53
N ALA A 92 -4.04 -0.59 -3.60
CA ALA A 92 -4.83 -0.51 -4.80
C ALA A 92 -4.17 -1.29 -5.92
N ASN A 93 -4.95 -2.13 -6.58
CA ASN A 93 -4.44 -2.89 -7.71
C ASN A 93 -4.62 -2.08 -8.99
N VAL A 94 -3.51 -1.61 -9.53
CA VAL A 94 -3.55 -0.79 -10.72
C VAL A 94 -3.02 -1.56 -11.92
N ILE A 95 -3.60 -1.29 -13.08
CA ILE A 95 -3.24 -2.01 -14.30
C ILE A 95 -2.24 -1.20 -15.10
N VAL A 96 -1.12 -1.83 -15.42
CA VAL A 96 -0.03 -1.19 -16.11
C VAL A 96 -0.09 -1.51 -17.61
N ASP A 97 -0.09 -0.45 -18.42
CA ASP A 97 -0.18 -0.58 -19.88
C ASP A 97 -1.46 -1.29 -20.29
N ASN A 98 -2.45 -1.27 -19.39
CA ASN A 98 -3.71 -1.98 -19.59
C ASN A 98 -3.47 -3.46 -19.86
N ARG A 99 -2.47 -4.02 -19.18
CA ARG A 99 -2.13 -5.42 -19.32
C ARG A 99 -1.61 -6.00 -18.01
N LEU A 100 -0.48 -5.48 -17.55
CA LEU A 100 0.20 -6.01 -16.37
C LEU A 100 -0.42 -5.45 -15.09
N ALA A 101 -0.18 -6.11 -13.97
CA ALA A 101 -0.73 -5.67 -12.70
C ALA A 101 0.36 -5.15 -11.77
N HIS A 102 0.04 -4.08 -11.05
CA HIS A 102 0.94 -3.54 -10.03
C HIS A 102 0.13 -3.08 -8.83
N PHE A 103 0.80 -2.72 -7.75
CA PHE A 103 0.13 -2.34 -6.52
C PHE A 103 0.69 -1.03 -5.99
N VAL A 104 -0.19 -0.16 -5.52
CA VAL A 104 0.20 1.11 -4.93
C VAL A 104 -0.56 1.34 -3.63
N VAL A 105 -0.03 2.20 -2.78
CA VAL A 105 -0.64 2.47 -1.48
C VAL A 105 -1.22 3.87 -1.42
N ILE A 106 -2.46 3.98 -0.96
CA ILE A 106 -3.07 5.29 -0.75
C ILE A 106 -2.84 5.75 0.68
N TYR A 107 -2.38 6.98 0.84
CA TYR A 107 -2.14 7.54 2.16
C TYR A 107 -3.14 8.63 2.50
N SER A 108 -3.45 9.48 1.53
CA SER A 108 -4.37 10.59 1.75
C SER A 108 -5.04 10.98 0.44
N ILE A 109 -6.28 11.45 0.53
CA ILE A 109 -7.03 11.87 -0.66
C ILE A 109 -7.83 13.13 -0.34
N LYS A 110 -7.45 14.24 -0.95
CA LYS A 110 -8.13 15.51 -0.71
C LYS A 110 -7.82 16.50 -1.82
N ASN A 111 -8.76 17.41 -2.07
CA ASN A 111 -8.54 18.54 -2.99
C ASN A 111 -8.23 18.06 -4.40
N ARG A 112 -8.83 16.93 -4.80
CA ARG A 112 -8.61 16.32 -6.11
C ARG A 112 -7.20 15.74 -6.21
N ILE A 113 -6.51 15.67 -5.08
CA ILE A 113 -5.16 15.13 -5.01
C ILE A 113 -5.16 13.79 -4.28
N ILE A 114 -4.67 12.77 -4.94
CA ILE A 114 -4.56 11.46 -4.34
C ILE A 114 -3.10 11.17 -4.00
N THR A 115 -2.81 11.10 -2.71
CA THR A 115 -1.46 10.85 -2.26
C THR A 115 -1.17 9.36 -2.22
N VAL A 116 -0.39 8.90 -3.20
CA VAL A 116 -0.10 7.49 -3.34
C VAL A 116 1.38 7.22 -3.07
N ALA A 117 1.65 6.09 -2.44
CA ALA A 117 3.02 5.67 -2.21
C ALA A 117 3.37 4.55 -3.17
N ASP A 118 4.18 4.88 -4.16
CA ASP A 118 4.68 3.90 -5.11
C ASP A 118 5.83 3.15 -4.47
N PRO A 119 5.81 1.81 -4.52
CA PRO A 119 6.80 0.96 -3.84
C PRO A 119 8.25 1.24 -4.24
N GLY A 120 8.44 1.97 -5.34
CA GLY A 120 9.77 2.28 -5.79
C GLY A 120 10.04 3.77 -5.87
N LYS A 121 9.03 4.53 -6.25
CA LYS A 121 9.19 5.98 -6.44
C LYS A 121 8.98 6.73 -5.13
N GLY A 122 8.19 6.16 -4.24
CA GLY A 122 7.87 6.83 -2.99
C GLY A 122 6.53 7.56 -3.08
N ILE A 123 6.39 8.63 -2.32
CA ILE A 123 5.15 9.39 -2.34
C ILE A 123 4.99 10.15 -3.65
N VAL A 124 3.97 9.78 -4.40
CA VAL A 124 3.65 10.44 -5.66
C VAL A 124 2.23 11.01 -5.61
N ARG A 125 2.09 12.26 -6.00
CA ARG A 125 0.80 12.92 -6.01
C ARG A 125 0.10 12.68 -7.33
N TYR A 126 -0.99 11.94 -7.29
CA TYR A 126 -1.78 11.67 -8.48
C TYR A 126 -3.06 12.48 -8.45
N SER A 127 -3.63 12.73 -9.62
CA SER A 127 -4.91 13.38 -9.71
C SER A 127 -6.02 12.33 -9.74
N MET A 128 -7.22 12.70 -9.35
CA MET A 128 -8.32 11.76 -9.19
C MET A 128 -8.54 10.91 -10.44
N ASP A 129 -8.77 11.56 -11.58
CA ASP A 129 -9.02 10.86 -12.83
C ASP A 129 -7.75 10.18 -13.35
N ASP A 130 -6.60 10.73 -12.96
CA ASP A 130 -5.31 10.19 -13.37
C ASP A 130 -5.06 8.85 -12.69
N PHE A 131 -5.56 8.72 -11.47
CA PHE A 131 -5.42 7.49 -10.71
C PHE A 131 -6.49 6.47 -11.11
N CYS A 132 -7.73 6.95 -11.27
CA CYS A 132 -8.86 6.09 -11.58
C CYS A 132 -8.74 5.43 -12.96
N SER A 133 -7.84 5.94 -13.78
CA SER A 133 -7.62 5.37 -15.11
C SER A 133 -6.94 4.01 -15.00
N ILE A 134 -5.88 3.95 -14.21
CA ILE A 134 -5.12 2.71 -14.04
C ILE A 134 -5.77 1.79 -13.01
N TRP A 135 -6.43 2.39 -12.03
CA TRP A 135 -7.13 1.63 -11.02
C TRP A 135 -8.54 1.28 -11.49
N THR A 136 -8.81 -0.01 -11.65
CA THR A 136 -10.08 -0.45 -12.18
C THR A 136 -10.83 -1.36 -11.19
N GLY A 137 -11.27 -0.77 -10.08
CA GLY A 137 -12.07 -1.50 -9.12
C GLY A 137 -11.29 -2.53 -8.33
N GLY A 138 -10.07 -2.18 -7.95
CA GLY A 138 -9.25 -3.10 -7.18
C GLY A 138 -8.73 -2.49 -5.91
N LEU A 139 -9.53 -2.55 -4.85
CA LEU A 139 -9.12 -2.01 -3.55
C LEU A 139 -9.20 -3.07 -2.48
N VAL A 140 -8.20 -3.13 -1.63
CA VAL A 140 -8.26 -3.99 -0.47
C VAL A 140 -8.25 -3.16 0.81
N LEU A 141 -9.30 -3.31 1.60
CA LEU A 141 -9.45 -2.54 2.81
C LEU A 141 -8.61 -3.13 3.92
N LEU A 142 -7.55 -2.42 4.28
CA LEU A 142 -6.68 -2.82 5.36
C LEU A 142 -7.07 -2.09 6.63
N GLU A 143 -7.33 -2.83 7.69
CA GLU A 143 -7.73 -2.24 8.95
C GLU A 143 -6.92 -2.81 10.10
N PRO A 144 -6.62 -1.97 11.10
CA PRO A 144 -5.83 -2.36 12.27
C PRO A 144 -6.57 -3.33 13.17
N GLY A 145 -6.54 -4.62 12.81
CA GLY A 145 -7.21 -5.62 13.59
C GLY A 145 -6.42 -6.03 14.81
N GLU A 146 -5.33 -6.73 14.58
CA GLU A 146 -4.49 -7.22 15.67
C GLU A 146 -3.41 -6.20 16.02
N ALA A 147 -2.92 -5.49 15.01
CA ALA A 147 -1.87 -4.48 15.18
C ALA A 147 -2.24 -3.47 16.25
N PHE A 148 -3.49 -3.00 16.21
CA PHE A 148 -4.00 -2.09 17.21
C PHE A 148 -5.31 -2.62 17.76
N GLN A 149 -5.31 -2.95 19.04
CA GLN A 149 -6.49 -3.55 19.67
C GLN A 149 -7.57 -2.51 19.95
N LYS A 150 -8.64 -2.95 20.59
CA LYS A 150 -9.77 -2.08 20.89
C LYS A 150 -9.36 -0.97 21.83
N GLY A 151 -8.85 -1.34 23.00
CA GLY A 151 -8.42 -0.34 23.95
C GLY A 151 -9.59 0.25 24.71
N SER A 1 23.83 3.63 6.35
CA SER A 1 24.52 4.94 6.34
C SER A 1 23.71 5.97 7.11
N ASN A 2 24.39 6.75 7.94
CA ASN A 2 23.72 7.75 8.75
C ASN A 2 24.68 8.88 9.13
N ALA A 3 25.61 9.17 8.21
CA ALA A 3 26.53 10.27 8.40
C ALA A 3 25.88 11.58 8.01
N MET A 4 25.00 11.51 7.03
CA MET A 4 24.23 12.66 6.60
C MET A 4 22.78 12.24 6.37
N LEU A 5 21.91 13.22 6.08
CA LEU A 5 20.47 12.97 6.00
C LEU A 5 19.97 12.35 7.29
N ARG A 6 20.45 12.88 8.41
CA ARG A 6 20.14 12.34 9.72
C ARG A 6 18.76 12.79 10.18
N ARG A 7 17.75 12.02 9.80
CA ARG A 7 16.39 12.28 10.26
C ARG A 7 16.05 11.34 11.40
N LEU A 8 15.95 10.05 11.09
CA LEU A 8 15.69 8.99 12.07
C LEU A 8 14.31 9.15 12.75
N PHE A 9 13.60 8.03 12.83
CA PHE A 9 12.32 7.97 13.53
C PHE A 9 11.29 8.90 12.92
N LYS A 10 11.29 8.97 11.59
CA LYS A 10 10.31 9.75 10.86
C LYS A 10 8.93 9.12 11.03
N LYS A 11 7.95 9.92 11.42
CA LYS A 11 6.61 9.43 11.69
C LYS A 11 5.60 10.07 10.75
N LYS A 12 4.40 9.49 10.69
CA LYS A 12 3.33 9.98 9.83
C LYS A 12 3.74 9.99 8.37
N TYR A 13 4.56 9.01 8.01
CA TYR A 13 5.05 8.87 6.64
C TYR A 13 5.14 7.39 6.30
N VAL A 14 6.21 6.76 6.76
CA VAL A 14 6.41 5.32 6.63
C VAL A 14 6.18 4.82 5.20
N CYS A 15 7.16 5.04 4.34
CA CYS A 15 7.07 4.59 2.96
C CYS A 15 8.41 4.02 2.52
N VAL A 16 8.42 2.75 2.12
CA VAL A 16 9.62 2.15 1.60
C VAL A 16 9.81 2.55 0.15
N ARG A 17 11.03 2.90 -0.22
CA ARG A 17 11.31 3.35 -1.56
C ARG A 17 12.81 3.23 -1.86
N GLN A 18 13.12 2.62 -2.99
CA GLN A 18 14.51 2.43 -3.39
C GLN A 18 14.76 3.06 -4.75
N TYR A 19 14.24 2.41 -5.78
CA TYR A 19 14.38 2.85 -7.16
C TYR A 19 13.39 2.09 -8.03
N ASP A 20 13.45 0.77 -7.92
CA ASP A 20 12.47 -0.14 -8.50
C ASP A 20 12.70 -1.51 -7.88
N LEU A 21 11.67 -2.34 -7.85
CA LEU A 21 11.77 -3.63 -7.20
C LEU A 21 10.84 -4.63 -7.84
N THR A 22 11.30 -5.86 -7.96
CA THR A 22 10.50 -6.94 -8.51
C THR A 22 9.34 -7.27 -7.57
N ASP A 23 8.14 -7.29 -8.15
CA ASP A 23 6.90 -7.41 -7.38
C ASP A 23 6.67 -6.20 -6.51
N ALA A 24 5.73 -5.38 -6.92
CA ALA A 24 5.38 -4.19 -6.16
C ALA A 24 4.40 -4.54 -5.05
N GLY A 25 3.71 -5.68 -5.19
CA GLY A 25 2.71 -6.08 -4.22
C GLY A 25 3.23 -6.17 -2.81
N ALA A 26 4.20 -7.06 -2.59
CA ALA A 26 4.77 -7.24 -1.26
C ALA A 26 5.61 -6.04 -0.87
N ALA A 27 6.18 -5.39 -1.88
CA ALA A 27 7.00 -4.20 -1.66
C ALA A 27 6.18 -3.10 -1.01
N CYS A 28 4.95 -2.91 -1.49
CA CYS A 28 4.08 -1.88 -0.95
C CYS A 28 3.55 -2.28 0.43
N LEU A 29 3.25 -3.57 0.60
CA LEU A 29 2.69 -4.06 1.84
C LEU A 29 3.66 -3.89 3.01
N SER A 30 4.95 -3.84 2.71
CA SER A 30 5.97 -3.67 3.75
C SER A 30 5.82 -2.31 4.44
N SER A 31 5.57 -1.26 3.65
CA SER A 31 5.35 0.06 4.19
C SER A 31 4.17 0.04 5.16
N ILE A 32 3.13 -0.67 4.76
CA ILE A 32 1.93 -0.80 5.58
C ILE A 32 2.23 -1.55 6.88
N ALA A 33 2.98 -2.63 6.75
CA ALA A 33 3.40 -3.42 7.90
C ALA A 33 4.16 -2.54 8.90
N GLN A 34 5.00 -1.65 8.37
CA GLN A 34 5.75 -0.74 9.22
C GLN A 34 4.82 0.33 9.81
N TYR A 35 3.89 0.81 8.99
CA TYR A 35 2.94 1.83 9.40
C TYR A 35 2.08 1.35 10.57
N TYR A 36 1.63 0.10 10.49
CA TYR A 36 0.79 -0.47 11.54
C TYR A 36 1.61 -0.94 12.73
N GLY A 37 2.90 -0.59 12.73
CA GLY A 37 3.73 -0.80 13.90
C GLY A 37 4.43 -2.14 13.93
N LEU A 38 4.18 -2.97 12.93
CA LEU A 38 4.80 -4.29 12.88
C LEU A 38 6.25 -4.18 12.47
N LYS A 39 6.56 -3.19 11.63
CA LYS A 39 7.94 -2.92 11.22
C LYS A 39 8.61 -4.19 10.69
N MET A 40 8.13 -4.65 9.54
CA MET A 40 8.61 -5.89 8.95
C MET A 40 9.57 -5.60 7.81
N SER A 41 10.43 -6.56 7.51
CA SER A 41 11.36 -6.46 6.39
C SER A 41 10.69 -7.01 5.12
N LEU A 42 11.02 -6.39 3.99
CA LEU A 42 10.37 -6.68 2.71
C LEU A 42 10.56 -8.14 2.31
N ALA A 43 11.69 -8.72 2.71
CA ALA A 43 11.97 -10.12 2.43
C ALA A 43 10.89 -11.02 3.03
N LYS A 44 10.64 -10.83 4.32
CA LYS A 44 9.66 -11.63 5.05
C LYS A 44 8.26 -11.47 4.43
N ILE A 45 7.95 -10.24 4.02
CA ILE A 45 6.65 -9.94 3.44
C ILE A 45 6.38 -10.79 2.19
N ARG A 46 7.29 -10.73 1.23
CA ARG A 46 7.09 -11.42 -0.05
C ARG A 46 7.15 -12.94 0.11
N GLU A 47 7.77 -13.41 1.19
CA GLU A 47 7.80 -14.83 1.49
C GLU A 47 6.43 -15.30 1.96
N MET A 48 5.70 -14.43 2.63
CA MET A 48 4.39 -14.76 3.17
C MET A 48 3.29 -14.48 2.15
N THR A 49 3.45 -13.41 1.39
CA THR A 49 2.45 -13.02 0.40
C THR A 49 2.40 -14.02 -0.75
N GLY A 50 3.56 -14.58 -1.08
CA GLY A 50 3.67 -15.47 -2.20
C GLY A 50 3.55 -14.72 -3.51
N THR A 51 3.96 -13.46 -3.48
CA THR A 51 3.79 -12.58 -4.60
C THR A 51 4.78 -12.89 -5.71
N ASP A 52 4.22 -13.31 -6.82
CA ASP A 52 4.97 -13.52 -8.04
C ASP A 52 4.96 -12.24 -8.87
N THR A 53 6.02 -12.00 -9.62
CA THR A 53 6.14 -10.79 -10.42
C THR A 53 5.34 -10.91 -11.72
N GLN A 54 4.50 -11.92 -11.79
CA GLN A 54 3.73 -12.22 -12.98
C GLN A 54 2.31 -11.66 -12.92
N GLY A 55 2.08 -10.70 -12.04
CA GLY A 55 0.76 -10.10 -11.95
C GLY A 55 -0.09 -10.68 -10.82
N THR A 56 0.55 -10.88 -9.68
CA THR A 56 -0.13 -11.36 -8.47
C THR A 56 -1.36 -10.52 -8.14
N ASN A 57 -2.40 -11.18 -7.63
CA ASN A 57 -3.63 -10.52 -7.24
C ASN A 57 -3.55 -10.08 -5.78
N ALA A 58 -4.39 -9.10 -5.43
CA ALA A 58 -4.38 -8.49 -4.10
C ALA A 58 -4.68 -9.49 -2.99
N TYR A 59 -5.22 -10.65 -3.35
CA TYR A 59 -5.59 -11.67 -2.38
C TYR A 59 -4.36 -12.26 -1.69
N GLY A 60 -3.21 -12.19 -2.33
CA GLY A 60 -1.99 -12.65 -1.70
C GLY A 60 -1.53 -11.69 -0.63
N LEU A 61 -1.85 -10.43 -0.81
CA LEU A 61 -1.45 -9.38 0.13
C LEU A 61 -2.33 -9.43 1.38
N ILE A 62 -3.63 -9.62 1.19
CA ILE A 62 -4.56 -9.70 2.32
C ILE A 62 -4.24 -10.92 3.19
N HIS A 63 -3.69 -11.94 2.54
CA HIS A 63 -3.30 -13.17 3.21
C HIS A 63 -2.19 -12.88 4.23
N ALA A 64 -1.19 -12.12 3.80
CA ALA A 64 -0.08 -11.77 4.67
C ALA A 64 -0.51 -10.72 5.69
N ALA A 65 -1.37 -9.80 5.26
CA ALA A 65 -1.85 -8.72 6.11
C ALA A 65 -2.50 -9.26 7.38
N LYS A 66 -3.40 -10.24 7.21
CA LYS A 66 -4.12 -10.83 8.34
C LYS A 66 -3.16 -11.43 9.36
N GLN A 67 -2.13 -12.12 8.89
CA GLN A 67 -1.18 -12.78 9.77
C GLN A 67 -0.15 -11.80 10.30
N LEU A 68 -0.11 -10.61 9.70
CA LEU A 68 0.77 -9.55 10.17
C LEU A 68 0.12 -8.76 11.30
N GLY A 69 -1.20 -8.77 11.34
CA GLY A 69 -1.92 -8.12 12.42
C GLY A 69 -2.85 -7.01 11.97
N PHE A 70 -3.08 -6.92 10.67
CA PHE A 70 -4.07 -5.98 10.14
C PHE A 70 -4.94 -6.68 9.10
N SER A 71 -6.20 -6.84 9.43
CA SER A 71 -7.12 -7.59 8.59
C SER A 71 -7.36 -6.86 7.28
N ALA A 72 -7.49 -7.63 6.21
CA ALA A 72 -7.68 -7.07 4.89
C ALA A 72 -8.78 -7.82 4.13
N LYS A 73 -9.64 -7.07 3.45
CA LYS A 73 -10.72 -7.64 2.68
C LYS A 73 -10.65 -7.19 1.24
N GLY A 74 -10.73 -8.13 0.32
CA GLY A 74 -10.70 -7.80 -1.09
C GLY A 74 -12.08 -7.44 -1.60
N VAL A 75 -12.20 -6.25 -2.16
CA VAL A 75 -13.46 -5.75 -2.68
C VAL A 75 -13.22 -5.00 -3.99
N LYS A 76 -14.30 -4.72 -4.70
CA LYS A 76 -14.23 -3.86 -5.87
C LYS A 76 -15.03 -2.60 -5.62
N ALA A 77 -14.36 -1.47 -5.66
CA ALA A 77 -14.98 -0.19 -5.33
C ALA A 77 -15.05 0.71 -6.54
N SER A 78 -15.75 1.83 -6.40
CA SER A 78 -15.83 2.84 -7.44
C SER A 78 -15.16 4.12 -6.98
N LYS A 79 -15.06 5.11 -7.86
CA LYS A 79 -14.35 6.35 -7.54
C LYS A 79 -14.91 7.04 -6.29
N GLU A 80 -16.24 7.10 -6.19
CA GLU A 80 -16.89 7.80 -5.10
C GLU A 80 -16.62 7.13 -3.76
N ASP A 81 -16.34 5.83 -3.80
CA ASP A 81 -16.06 5.07 -2.60
C ASP A 81 -14.73 5.50 -1.98
N LEU A 82 -13.82 6.00 -2.81
CA LEU A 82 -12.47 6.36 -2.37
C LEU A 82 -12.52 7.52 -1.39
N LEU A 83 -13.57 8.33 -1.48
CA LEU A 83 -13.69 9.52 -0.63
C LEU A 83 -14.36 9.18 0.70
N LYS A 84 -15.22 8.18 0.70
CA LYS A 84 -16.07 7.93 1.86
C LYS A 84 -15.67 6.68 2.63
N ASP A 85 -15.07 5.69 1.96
CA ASP A 85 -14.78 4.43 2.63
C ASP A 85 -13.46 4.50 3.40
N PHE A 86 -12.35 4.30 2.71
CA PHE A 86 -11.05 4.24 3.36
C PHE A 86 -10.36 5.60 3.29
N ARG A 87 -9.55 5.88 4.29
CA ARG A 87 -8.79 7.11 4.36
C ARG A 87 -7.34 6.79 4.70
N LEU A 88 -7.20 5.84 5.62
CA LEU A 88 -5.89 5.31 5.99
C LEU A 88 -5.29 4.52 4.83
N PRO A 89 -3.95 4.32 4.85
CA PRO A 89 -3.23 3.59 3.79
C PRO A 89 -3.89 2.27 3.42
N ALA A 90 -4.10 2.08 2.12
CA ALA A 90 -4.72 0.86 1.60
C ALA A 90 -4.07 0.49 0.27
N ILE A 91 -4.18 -0.79 -0.08
CA ILE A 91 -3.59 -1.30 -1.32
C ILE A 91 -4.58 -1.25 -2.47
N ALA A 92 -4.18 -0.62 -3.55
CA ALA A 92 -4.98 -0.57 -4.76
C ALA A 92 -4.25 -1.26 -5.90
N ASN A 93 -4.99 -2.08 -6.64
CA ASN A 93 -4.43 -2.76 -7.80
C ASN A 93 -4.55 -1.86 -9.02
N VAL A 94 -3.41 -1.39 -9.50
CA VAL A 94 -3.38 -0.49 -10.64
C VAL A 94 -2.67 -1.14 -11.82
N ILE A 95 -3.16 -0.87 -13.01
CA ILE A 95 -2.57 -1.41 -14.23
C ILE A 95 -1.73 -0.34 -14.91
N VAL A 96 -0.44 -0.58 -15.00
CA VAL A 96 0.48 0.38 -15.60
C VAL A 96 0.84 -0.06 -17.01
N ASP A 97 0.94 0.90 -17.92
CA ASP A 97 1.33 0.64 -19.31
C ASP A 97 0.26 -0.19 -20.03
N ASN A 98 -0.94 -0.23 -19.44
CA ASN A 98 -2.08 -0.98 -19.96
C ASN A 98 -1.83 -2.49 -19.90
N ARG A 99 -0.90 -2.93 -19.07
CA ARG A 99 -0.60 -4.35 -18.98
C ARG A 99 0.11 -4.71 -17.68
N LEU A 100 1.15 -3.95 -17.34
CA LEU A 100 1.97 -4.26 -16.18
C LEU A 100 1.22 -4.00 -14.88
N ALA A 101 0.75 -5.09 -14.28
CA ALA A 101 0.01 -5.02 -13.04
C ALA A 101 0.89 -4.56 -11.89
N HIS A 102 0.42 -3.57 -11.16
CA HIS A 102 1.16 -3.01 -10.05
C HIS A 102 0.26 -2.79 -8.84
N PHE A 103 0.86 -2.51 -7.71
CA PHE A 103 0.13 -2.19 -6.50
C PHE A 103 0.65 -0.88 -5.94
N VAL A 104 -0.24 -0.10 -5.36
CA VAL A 104 0.13 1.17 -4.79
C VAL A 104 -0.60 1.39 -3.47
N VAL A 105 0.01 2.18 -2.58
CA VAL A 105 -0.61 2.46 -1.29
C VAL A 105 -1.10 3.90 -1.25
N ILE A 106 -2.37 4.08 -0.96
CA ILE A 106 -2.93 5.42 -0.85
C ILE A 106 -2.66 5.98 0.54
N TYR A 107 -2.04 7.15 0.59
CA TYR A 107 -1.70 7.78 1.87
C TYR A 107 -2.66 8.91 2.20
N SER A 108 -3.22 9.55 1.18
CA SER A 108 -4.11 10.69 1.39
C SER A 108 -4.89 11.01 0.11
N ILE A 109 -6.20 11.14 0.24
CA ILE A 109 -7.06 11.53 -0.88
C ILE A 109 -7.77 12.82 -0.56
N LYS A 110 -7.35 13.92 -1.18
CA LYS A 110 -7.94 15.21 -0.92
C LYS A 110 -7.69 16.19 -2.06
N ASN A 111 -8.71 16.97 -2.40
CA ASN A 111 -8.63 18.02 -3.40
C ASN A 111 -8.26 17.45 -4.76
N ARG A 112 -8.76 16.24 -5.04
CA ARG A 112 -8.52 15.54 -6.31
C ARG A 112 -7.10 15.01 -6.41
N ILE A 113 -6.24 15.44 -5.48
CA ILE A 113 -4.87 15.00 -5.47
C ILE A 113 -4.70 13.79 -4.57
N ILE A 114 -4.51 12.64 -5.19
CA ILE A 114 -4.37 11.39 -4.47
C ILE A 114 -2.89 11.11 -4.21
N THR A 115 -2.51 11.17 -2.94
CA THR A 115 -1.14 10.90 -2.53
C THR A 115 -0.89 9.40 -2.48
N VAL A 116 -0.15 8.90 -3.45
CA VAL A 116 0.09 7.48 -3.58
C VAL A 116 1.56 7.15 -3.33
N ALA A 117 1.80 6.08 -2.59
CA ALA A 117 3.15 5.64 -2.31
C ALA A 117 3.54 4.50 -3.25
N ASP A 118 4.67 4.67 -3.91
CA ASP A 118 5.21 3.64 -4.79
C ASP A 118 6.60 3.23 -4.30
N PRO A 119 6.87 1.92 -4.23
CA PRO A 119 8.14 1.39 -3.68
C PRO A 119 9.36 1.74 -4.54
N GLY A 120 9.10 2.24 -5.74
CA GLY A 120 10.18 2.60 -6.63
C GLY A 120 10.30 4.10 -6.84
N LYS A 121 9.19 4.73 -7.21
CA LYS A 121 9.20 6.14 -7.55
C LYS A 121 9.01 7.01 -6.30
N GLY A 122 8.44 6.42 -5.25
CA GLY A 122 8.24 7.16 -4.02
C GLY A 122 6.84 7.71 -3.89
N ILE A 123 6.72 8.88 -3.29
CA ILE A 123 5.42 9.51 -3.10
C ILE A 123 5.02 10.27 -4.36
N VAL A 124 4.05 9.72 -5.08
CA VAL A 124 3.58 10.32 -6.31
C VAL A 124 2.15 10.81 -6.13
N ARG A 125 1.87 12.00 -6.64
CA ARG A 125 0.53 12.56 -6.53
C ARG A 125 -0.24 12.37 -7.83
N TYR A 126 -1.26 11.54 -7.79
CA TYR A 126 -2.07 11.24 -8.96
C TYR A 126 -3.40 11.96 -8.87
N SER A 127 -3.92 12.35 -10.01
CA SER A 127 -5.23 12.97 -10.06
C SER A 127 -6.30 11.91 -9.86
N MET A 128 -7.43 12.30 -9.29
CA MET A 128 -8.55 11.39 -9.07
C MET A 128 -8.86 10.61 -10.35
N ASP A 129 -8.94 11.31 -11.47
CA ASP A 129 -9.28 10.70 -12.75
C ASP A 129 -8.13 9.85 -13.26
N ASP A 130 -6.90 10.26 -12.96
CA ASP A 130 -5.73 9.50 -13.36
C ASP A 130 -5.64 8.20 -12.60
N PHE A 131 -5.86 8.25 -11.29
CA PHE A 131 -5.86 7.07 -10.46
C PHE A 131 -6.96 6.11 -10.90
N CYS A 132 -8.14 6.67 -11.16
CA CYS A 132 -9.28 5.88 -11.59
C CYS A 132 -9.03 5.25 -12.97
N SER A 133 -8.09 5.82 -13.71
CA SER A 133 -7.76 5.32 -15.04
C SER A 133 -6.85 4.08 -14.96
N ILE A 134 -5.97 4.05 -13.97
CA ILE A 134 -5.06 2.91 -13.80
C ILE A 134 -5.66 1.86 -12.86
N TRP A 135 -6.38 2.33 -11.85
CA TRP A 135 -7.01 1.45 -10.88
C TRP A 135 -8.25 0.77 -11.47
N THR A 136 -8.28 -0.56 -11.42
CA THR A 136 -9.33 -1.33 -12.07
C THR A 136 -10.49 -1.68 -11.14
N GLY A 137 -10.47 -1.16 -9.92
CA GLY A 137 -11.51 -1.48 -8.96
C GLY A 137 -11.00 -2.39 -7.86
N GLY A 138 -9.76 -2.83 -8.00
CA GLY A 138 -9.20 -3.76 -7.05
C GLY A 138 -8.67 -3.07 -5.81
N LEU A 139 -9.45 -3.12 -4.75
CA LEU A 139 -9.07 -2.49 -3.50
C LEU A 139 -9.18 -3.48 -2.35
N VAL A 140 -8.33 -3.30 -1.35
CA VAL A 140 -8.41 -4.09 -0.15
C VAL A 140 -8.56 -3.19 1.08
N LEU A 141 -9.56 -3.48 1.89
CA LEU A 141 -9.82 -2.71 3.09
C LEU A 141 -8.93 -3.20 4.23
N LEU A 142 -8.01 -2.34 4.64
CA LEU A 142 -7.11 -2.68 5.73
C LEU A 142 -7.61 -2.08 7.02
N GLU A 143 -7.75 -2.92 8.03
CA GLU A 143 -8.08 -2.48 9.36
C GLU A 143 -7.01 -2.99 10.31
N PRO A 144 -6.75 -2.29 11.43
CA PRO A 144 -5.59 -2.57 12.31
C PRO A 144 -5.65 -3.92 13.03
N GLY A 145 -6.44 -4.86 12.50
CA GLY A 145 -6.55 -6.20 13.03
C GLY A 145 -6.53 -6.27 14.53
N GLU A 146 -5.41 -6.74 15.07
CA GLU A 146 -5.22 -6.84 16.50
C GLU A 146 -3.76 -6.61 16.88
N ALA A 147 -3.05 -5.90 16.01
CA ALA A 147 -1.64 -5.58 16.26
C ALA A 147 -1.45 -4.09 16.46
N PHE A 148 -2.25 -3.29 15.76
CA PHE A 148 -2.18 -1.85 15.90
C PHE A 148 -3.33 -1.38 16.79
N GLN A 149 -4.25 -2.29 17.04
CA GLN A 149 -5.42 -2.02 17.88
C GLN A 149 -5.79 -3.30 18.61
N LYS A 150 -6.23 -3.17 19.86
CA LYS A 150 -6.63 -4.31 20.69
C LYS A 150 -5.43 -5.18 21.03
N GLY A 151 -5.70 -6.38 21.55
CA GLY A 151 -4.64 -7.29 21.93
C GLY A 151 -5.14 -8.33 22.90
N SER A 1 25.04 23.61 30.89
CA SER A 1 24.22 24.09 29.76
C SER A 1 22.76 24.22 30.19
N ASN A 2 22.12 25.30 29.75
CA ASN A 2 20.72 25.53 30.06
C ASN A 2 19.82 24.94 28.98
N ALA A 3 20.46 24.33 27.97
CA ALA A 3 19.74 23.77 26.85
C ALA A 3 19.02 22.47 27.25
N MET A 4 17.73 22.60 27.51
CA MET A 4 16.90 21.44 27.82
C MET A 4 15.84 21.28 26.74
N LEU A 5 16.18 21.66 25.53
CA LEU A 5 15.24 21.62 24.42
C LEU A 5 15.41 20.33 23.62
N ARG A 6 14.71 19.30 24.04
CA ARG A 6 14.76 18.02 23.35
C ARG A 6 14.03 18.10 22.03
N ARG A 7 14.52 17.38 21.03
CA ARG A 7 13.91 17.37 19.72
C ARG A 7 13.00 16.15 19.58
N LEU A 8 11.70 16.41 19.46
CA LEU A 8 10.72 15.34 19.36
C LEU A 8 10.91 14.56 18.06
N PHE A 9 11.38 13.33 18.20
CA PHE A 9 11.57 12.45 17.05
C PHE A 9 10.23 11.96 16.54
N LYS A 10 9.99 12.13 15.26
CA LYS A 10 8.71 11.76 14.66
C LYS A 10 8.65 10.26 14.42
N LYS A 11 7.65 9.62 15.00
CA LYS A 11 7.45 8.20 14.83
C LYS A 11 6.64 7.93 13.57
N LYS A 12 6.43 6.65 13.25
CA LYS A 12 5.73 6.24 12.04
C LYS A 12 6.43 6.81 10.81
N TYR A 13 7.57 6.23 10.48
CA TYR A 13 8.37 6.70 9.35
C TYR A 13 7.59 6.58 8.06
N VAL A 14 7.27 5.33 7.69
CA VAL A 14 6.49 5.04 6.49
C VAL A 14 7.08 5.75 5.28
N CYS A 15 8.37 5.54 5.07
CA CYS A 15 9.08 6.18 3.98
C CYS A 15 10.00 5.18 3.32
N VAL A 16 9.41 4.27 2.57
CA VAL A 16 10.14 3.21 1.90
C VAL A 16 10.85 3.75 0.66
N ARG A 17 10.06 4.18 -0.33
CA ARG A 17 10.58 4.74 -1.58
C ARG A 17 11.69 3.86 -2.16
N GLN A 18 11.49 2.55 -2.13
CA GLN A 18 12.48 1.62 -2.67
C GLN A 18 12.06 1.16 -4.05
N TYR A 19 13.02 0.83 -4.88
CA TYR A 19 12.76 0.47 -6.26
C TYR A 19 12.85 -1.04 -6.42
N ASP A 20 12.13 -1.76 -5.56
CA ASP A 20 12.21 -3.20 -5.52
C ASP A 20 11.16 -3.84 -6.42
N LEU A 21 11.60 -4.29 -7.59
CA LEU A 21 10.71 -4.93 -8.54
C LEU A 21 10.53 -6.40 -8.21
N THR A 22 9.66 -7.07 -8.95
CA THR A 22 9.37 -8.50 -8.75
C THR A 22 8.48 -8.71 -7.52
N ASP A 23 8.98 -8.29 -6.36
CA ASP A 23 8.23 -8.39 -5.12
C ASP A 23 7.62 -7.04 -4.78
N ALA A 24 7.21 -6.33 -5.83
CA ALA A 24 6.64 -5.00 -5.70
C ALA A 24 5.40 -5.01 -4.80
N GLY A 25 4.61 -6.08 -4.90
CA GLY A 25 3.44 -6.20 -4.06
C GLY A 25 3.79 -6.32 -2.60
N ALA A 26 4.88 -7.02 -2.32
CA ALA A 26 5.37 -7.16 -0.96
C ALA A 26 5.88 -5.83 -0.43
N ALA A 27 6.61 -5.11 -1.28
CA ALA A 27 7.13 -3.80 -0.92
C ALA A 27 6.00 -2.84 -0.55
N CYS A 28 4.87 -2.98 -1.24
CA CYS A 28 3.70 -2.17 -0.96
C CYS A 28 3.18 -2.45 0.44
N LEU A 29 2.89 -3.72 0.71
CA LEU A 29 2.33 -4.12 2.00
C LEU A 29 3.29 -3.80 3.15
N SER A 30 4.59 -3.81 2.85
CA SER A 30 5.61 -3.50 3.85
C SER A 30 5.42 -2.10 4.42
N SER A 31 5.19 -1.12 3.56
CA SER A 31 5.06 0.27 3.99
C SER A 31 3.83 0.44 4.90
N ILE A 32 2.80 -0.34 4.61
CA ILE A 32 1.56 -0.27 5.38
C ILE A 32 1.76 -0.90 6.75
N ALA A 33 2.51 -1.99 6.80
CA ALA A 33 2.83 -2.65 8.05
C ALA A 33 3.58 -1.69 8.98
N GLN A 34 4.36 -0.80 8.39
CA GLN A 34 5.10 0.21 9.14
C GLN A 34 4.12 1.25 9.71
N TYR A 35 3.14 1.63 8.90
CA TYR A 35 2.17 2.64 9.27
C TYR A 35 1.29 2.15 10.43
N TYR A 36 0.94 0.88 10.39
CA TYR A 36 0.07 0.30 11.42
C TYR A 36 0.87 -0.07 12.67
N GLY A 37 2.19 0.07 12.60
CA GLY A 37 3.02 -0.16 13.77
C GLY A 37 3.46 -1.61 13.92
N LEU A 38 3.30 -2.40 12.87
CA LEU A 38 3.72 -3.79 12.89
C LEU A 38 5.22 -3.90 12.59
N LYS A 39 5.76 -2.87 11.93
CA LYS A 39 7.20 -2.78 11.67
C LYS A 39 7.73 -4.06 11.02
N MET A 40 7.35 -4.27 9.77
CA MET A 40 7.78 -5.45 9.02
C MET A 40 8.68 -5.03 7.87
N SER A 41 9.74 -5.79 7.64
CA SER A 41 10.71 -5.46 6.60
C SER A 41 10.33 -6.07 5.25
N LEU A 42 10.87 -5.51 4.16
CA LEU A 42 10.56 -5.97 2.81
C LEU A 42 10.70 -7.48 2.66
N ALA A 43 11.88 -7.98 3.02
CA ALA A 43 12.21 -9.40 2.86
C ALA A 43 11.22 -10.29 3.59
N LYS A 44 10.75 -9.84 4.74
CA LYS A 44 9.80 -10.59 5.53
C LYS A 44 8.46 -10.66 4.81
N ILE A 45 8.04 -9.53 4.26
CA ILE A 45 6.77 -9.46 3.54
C ILE A 45 6.84 -10.29 2.26
N ARG A 46 8.02 -10.36 1.66
CA ARG A 46 8.24 -11.22 0.48
C ARG A 46 7.84 -12.65 0.80
N GLU A 47 8.22 -13.12 1.98
CA GLU A 47 7.91 -14.47 2.41
C GLU A 47 6.43 -14.61 2.76
N MET A 48 5.86 -13.54 3.31
CA MET A 48 4.48 -13.55 3.76
C MET A 48 3.52 -13.59 2.58
N THR A 49 3.78 -12.76 1.58
CA THR A 49 2.89 -12.66 0.44
C THR A 49 3.26 -13.65 -0.65
N GLY A 50 4.55 -13.81 -0.90
CA GLY A 50 5.00 -14.66 -1.98
C GLY A 50 4.60 -14.08 -3.34
N THR A 51 4.52 -12.75 -3.40
CA THR A 51 4.04 -12.06 -4.58
C THR A 51 4.76 -12.51 -5.84
N ASP A 52 3.99 -13.07 -6.73
CA ASP A 52 4.47 -13.47 -8.04
C ASP A 52 4.53 -12.27 -8.96
N THR A 53 5.64 -12.14 -9.69
CA THR A 53 5.86 -10.98 -10.55
C THR A 53 5.07 -11.10 -11.86
N GLN A 54 4.17 -12.06 -11.93
CA GLN A 54 3.36 -12.28 -13.13
C GLN A 54 2.05 -11.50 -13.06
N GLY A 55 1.98 -10.54 -12.15
CA GLY A 55 0.77 -9.75 -12.03
C GLY A 55 -0.16 -10.28 -10.95
N THR A 56 0.42 -10.72 -9.83
CA THR A 56 -0.36 -11.26 -8.73
C THR A 56 -1.42 -10.26 -8.27
N ASN A 57 -2.56 -10.76 -7.80
CA ASN A 57 -3.66 -9.91 -7.40
C ASN A 57 -3.70 -9.71 -5.89
N ALA A 58 -4.75 -9.08 -5.40
CA ALA A 58 -4.85 -8.72 -3.98
C ALA A 58 -4.94 -9.96 -3.09
N TYR A 59 -5.34 -11.09 -3.67
CA TYR A 59 -5.57 -12.32 -2.92
C TYR A 59 -4.36 -12.73 -2.08
N GLY A 60 -3.17 -12.58 -2.66
CA GLY A 60 -1.96 -12.93 -1.93
C GLY A 60 -1.64 -11.94 -0.83
N LEU A 61 -1.89 -10.67 -1.10
CA LEU A 61 -1.59 -9.61 -0.14
C LEU A 61 -2.54 -9.65 1.05
N ILE A 62 -3.83 -9.86 0.77
CA ILE A 62 -4.83 -9.92 1.84
C ILE A 62 -4.58 -11.11 2.74
N HIS A 63 -4.07 -12.19 2.16
CA HIS A 63 -3.75 -13.40 2.91
C HIS A 63 -2.64 -13.13 3.92
N ALA A 64 -1.66 -12.34 3.51
CA ALA A 64 -0.53 -12.02 4.39
C ALA A 64 -0.92 -10.95 5.40
N ALA A 65 -1.70 -9.97 4.95
CA ALA A 65 -2.11 -8.85 5.79
C ALA A 65 -2.85 -9.35 7.03
N LYS A 66 -3.77 -10.29 6.84
CA LYS A 66 -4.53 -10.87 7.94
C LYS A 66 -3.61 -11.45 8.99
N GLN A 67 -2.54 -12.09 8.54
CA GLN A 67 -1.59 -12.75 9.43
C GLN A 67 -0.69 -11.73 10.13
N LEU A 68 -0.59 -10.56 9.53
CA LEU A 68 0.24 -9.50 10.08
C LEU A 68 -0.50 -8.73 11.18
N GLY A 69 -1.81 -8.92 11.26
CA GLY A 69 -2.56 -8.34 12.36
C GLY A 69 -3.65 -7.37 11.93
N PHE A 70 -3.67 -7.02 10.66
CA PHE A 70 -4.68 -6.10 10.17
C PHE A 70 -5.59 -6.78 9.16
N SER A 71 -6.89 -6.58 9.35
CA SER A 71 -7.89 -7.21 8.52
C SER A 71 -7.80 -6.69 7.09
N ALA A 72 -7.92 -7.59 6.13
CA ALA A 72 -7.76 -7.23 4.73
C ALA A 72 -8.88 -7.84 3.89
N LYS A 73 -9.41 -7.05 2.97
CA LYS A 73 -10.45 -7.52 2.08
C LYS A 73 -10.39 -6.75 0.76
N GLY A 74 -10.26 -7.47 -0.34
CA GLY A 74 -10.22 -6.84 -1.64
C GLY A 74 -11.61 -6.68 -2.22
N VAL A 75 -11.96 -5.45 -2.57
CA VAL A 75 -13.28 -5.17 -3.10
C VAL A 75 -13.20 -4.43 -4.44
N LYS A 76 -14.21 -4.66 -5.27
CA LYS A 76 -14.32 -3.96 -6.55
C LYS A 76 -15.13 -2.68 -6.33
N ALA A 77 -14.42 -1.62 -5.99
CA ALA A 77 -15.04 -0.38 -5.60
C ALA A 77 -14.90 0.68 -6.69
N SER A 78 -15.44 1.87 -6.44
CA SER A 78 -15.40 2.94 -7.41
C SER A 78 -14.74 4.18 -6.81
N LYS A 79 -14.59 5.24 -7.60
CA LYS A 79 -13.89 6.45 -7.16
C LYS A 79 -14.43 6.99 -5.83
N GLU A 80 -15.74 6.90 -5.65
CA GLU A 80 -16.41 7.40 -4.46
C GLU A 80 -15.98 6.63 -3.21
N ASP A 81 -15.57 5.38 -3.40
CA ASP A 81 -15.26 4.49 -2.29
C ASP A 81 -13.92 4.81 -1.67
N LEU A 82 -13.06 5.48 -2.42
CA LEU A 82 -11.73 5.84 -1.93
C LEU A 82 -11.83 6.86 -0.81
N LEU A 83 -13.01 7.45 -0.68
CA LEU A 83 -13.22 8.54 0.26
C LEU A 83 -14.07 8.09 1.45
N LYS A 84 -14.41 6.81 1.50
CA LYS A 84 -15.30 6.33 2.56
C LYS A 84 -14.97 4.90 3.01
N ASP A 85 -14.44 4.08 2.13
CA ASP A 85 -14.19 2.68 2.46
C ASP A 85 -12.98 2.55 3.37
N PHE A 86 -11.81 2.97 2.87
CA PHE A 86 -10.59 2.94 3.65
C PHE A 86 -10.22 4.35 4.11
N ARG A 87 -9.60 4.45 5.28
CA ARG A 87 -9.19 5.75 5.82
C ARG A 87 -7.68 5.81 6.02
N LEU A 88 -7.06 4.65 6.04
CA LEU A 88 -5.61 4.55 6.22
C LEU A 88 -5.01 3.92 4.97
N PRO A 89 -3.67 4.01 4.79
CA PRO A 89 -2.97 3.37 3.67
C PRO A 89 -3.52 2.00 3.33
N ALA A 90 -3.81 1.82 2.04
CA ALA A 90 -4.43 0.60 1.57
C ALA A 90 -3.81 0.17 0.24
N ILE A 91 -4.06 -1.08 -0.14
CA ILE A 91 -3.52 -1.63 -1.36
C ILE A 91 -4.50 -1.42 -2.52
N ALA A 92 -4.05 -0.72 -3.55
CA ALA A 92 -4.85 -0.52 -4.74
C ALA A 92 -4.26 -1.27 -5.92
N ASN A 93 -5.09 -2.07 -6.58
CA ASN A 93 -4.67 -2.80 -7.77
C ASN A 93 -4.69 -1.86 -8.95
N VAL A 94 -3.53 -1.62 -9.52
CA VAL A 94 -3.40 -0.65 -10.59
C VAL A 94 -2.74 -1.28 -11.81
N ILE A 95 -3.24 -0.95 -12.98
CA ILE A 95 -2.72 -1.52 -14.21
C ILE A 95 -1.79 -0.51 -14.88
N VAL A 96 -0.50 -0.80 -14.83
CA VAL A 96 0.49 0.11 -15.38
C VAL A 96 0.92 -0.36 -16.76
N ASP A 97 1.20 0.60 -17.63
CA ASP A 97 1.62 0.34 -19.02
C ASP A 97 0.52 -0.41 -19.76
N ASN A 98 -0.70 -0.30 -19.24
CA ASN A 98 -1.88 -0.95 -19.80
C ASN A 98 -1.72 -2.47 -19.87
N ARG A 99 -0.83 -3.03 -19.05
CA ARG A 99 -0.59 -4.47 -19.11
C ARG A 99 -0.29 -5.04 -17.73
N LEU A 100 0.70 -4.48 -17.04
CA LEU A 100 1.18 -5.08 -15.81
C LEU A 100 0.28 -4.76 -14.63
N ALA A 101 -0.05 -5.79 -13.87
CA ALA A 101 -0.84 -5.63 -12.66
C ALA A 101 0.09 -5.25 -11.50
N HIS A 102 0.00 -4.00 -11.09
CA HIS A 102 0.87 -3.48 -10.05
C HIS A 102 0.02 -3.01 -8.88
N PHE A 103 0.66 -2.64 -7.79
CA PHE A 103 -0.04 -2.09 -6.64
C PHE A 103 0.60 -0.79 -6.21
N VAL A 104 -0.21 0.09 -5.63
CA VAL A 104 0.28 1.33 -5.06
C VAL A 104 -0.37 1.56 -3.71
N VAL A 105 0.38 2.13 -2.78
CA VAL A 105 -0.14 2.38 -1.44
C VAL A 105 -0.58 3.83 -1.29
N ILE A 106 -1.85 4.02 -1.03
CA ILE A 106 -2.39 5.36 -0.84
C ILE A 106 -2.00 5.89 0.54
N TYR A 107 -1.30 7.01 0.56
CA TYR A 107 -0.90 7.64 1.82
C TYR A 107 -1.89 8.70 2.24
N SER A 108 -2.48 9.38 1.26
CA SER A 108 -3.43 10.45 1.54
C SER A 108 -4.23 10.83 0.30
N ILE A 109 -5.48 11.21 0.50
CA ILE A 109 -6.33 11.71 -0.58
C ILE A 109 -6.92 13.05 -0.17
N LYS A 110 -6.41 14.12 -0.75
CA LYS A 110 -6.76 15.46 -0.30
C LYS A 110 -6.90 16.41 -1.49
N ASN A 111 -8.05 17.08 -1.56
CA ASN A 111 -8.34 18.05 -2.63
C ASN A 111 -8.34 17.36 -3.99
N ARG A 112 -8.91 16.14 -4.02
CA ARG A 112 -8.92 15.31 -5.23
C ARG A 112 -7.50 14.95 -5.67
N ILE A 113 -6.56 15.03 -4.74
CA ILE A 113 -5.19 14.64 -5.01
C ILE A 113 -4.85 13.38 -4.25
N ILE A 114 -4.46 12.35 -4.98
CA ILE A 114 -4.19 11.04 -4.40
C ILE A 114 -2.69 10.80 -4.32
N THR A 115 -2.18 10.78 -3.10
CA THR A 115 -0.77 10.53 -2.87
C THR A 115 -0.52 9.04 -2.69
N VAL A 116 0.21 8.44 -3.61
CA VAL A 116 0.49 7.02 -3.54
C VAL A 116 1.98 6.75 -3.48
N ALA A 117 2.33 5.61 -2.93
CA ALA A 117 3.70 5.16 -2.87
C ALA A 117 3.89 3.97 -3.81
N ASP A 118 4.70 4.17 -4.83
CA ASP A 118 4.97 3.12 -5.81
C ASP A 118 6.39 2.59 -5.65
N PRO A 119 6.54 1.28 -5.42
CA PRO A 119 7.86 0.65 -5.34
C PRO A 119 8.55 0.63 -6.69
N GLY A 120 9.20 1.73 -7.02
CA GLY A 120 9.88 1.87 -8.29
C GLY A 120 9.99 3.31 -8.71
N LYS A 121 8.90 4.05 -8.54
CA LYS A 121 8.89 5.47 -8.84
C LYS A 121 8.99 6.28 -7.55
N GLY A 122 8.42 5.75 -6.48
CA GLY A 122 8.41 6.46 -5.21
C GLY A 122 7.05 7.08 -4.94
N ILE A 123 7.05 8.24 -4.30
CA ILE A 123 5.82 8.97 -4.04
C ILE A 123 5.32 9.64 -5.32
N VAL A 124 4.13 9.28 -5.74
CA VAL A 124 3.54 9.84 -6.94
C VAL A 124 2.24 10.56 -6.60
N ARG A 125 2.07 11.76 -7.14
CA ARG A 125 0.86 12.53 -6.93
C ARG A 125 -0.09 12.34 -8.11
N TYR A 126 -1.19 11.64 -7.87
CA TYR A 126 -2.18 11.42 -8.91
C TYR A 126 -3.41 12.29 -8.67
N SER A 127 -4.07 12.68 -9.73
CA SER A 127 -5.34 13.37 -9.63
C SER A 127 -6.43 12.33 -9.43
N MET A 128 -7.47 12.67 -8.69
CA MET A 128 -8.57 11.75 -8.37
C MET A 128 -9.00 10.94 -9.60
N ASP A 129 -9.37 11.65 -10.65
CA ASP A 129 -9.87 11.00 -11.86
C ASP A 129 -8.74 10.36 -12.66
N ASP A 130 -7.55 10.95 -12.58
CA ASP A 130 -6.39 10.43 -13.30
C ASP A 130 -5.93 9.10 -12.71
N PHE A 131 -6.00 8.98 -11.39
CA PHE A 131 -5.69 7.74 -10.71
C PHE A 131 -6.65 6.63 -11.14
N CYS A 132 -7.91 7.01 -11.33
CA CYS A 132 -8.95 6.07 -11.73
C CYS A 132 -8.73 5.56 -13.15
N SER A 133 -7.87 6.24 -13.90
CA SER A 133 -7.57 5.84 -15.27
C SER A 133 -6.69 4.60 -15.30
N ILE A 134 -5.97 4.36 -14.20
CA ILE A 134 -5.10 3.19 -14.10
C ILE A 134 -5.61 2.20 -13.07
N TRP A 135 -6.23 2.72 -12.02
CA TRP A 135 -6.85 1.89 -11.01
C TRP A 135 -8.23 1.43 -11.46
N THR A 136 -8.50 0.14 -11.35
CA THR A 136 -9.77 -0.39 -11.82
C THR A 136 -10.34 -1.43 -10.85
N GLY A 137 -11.21 -0.97 -9.95
CA GLY A 137 -11.97 -1.86 -9.07
C GLY A 137 -11.10 -2.78 -8.24
N GLY A 138 -10.06 -2.23 -7.63
CA GLY A 138 -9.18 -3.04 -6.81
C GLY A 138 -8.72 -2.31 -5.58
N LEU A 139 -9.54 -2.34 -4.54
CA LEU A 139 -9.16 -1.73 -3.26
C LEU A 139 -9.17 -2.77 -2.16
N VAL A 140 -8.11 -2.79 -1.38
CA VAL A 140 -8.03 -3.66 -0.22
C VAL A 140 -8.24 -2.86 1.05
N LEU A 141 -9.33 -3.12 1.74
CA LEU A 141 -9.61 -2.43 2.99
C LEU A 141 -8.77 -3.01 4.10
N LEU A 142 -7.84 -2.22 4.60
CA LEU A 142 -7.00 -2.63 5.70
C LEU A 142 -7.43 -1.91 6.96
N GLU A 143 -7.53 -2.65 8.05
CA GLU A 143 -7.99 -2.10 9.31
C GLU A 143 -7.35 -2.85 10.48
N PRO A 144 -7.12 -2.17 11.60
CA PRO A 144 -6.56 -2.79 12.80
C PRO A 144 -7.53 -3.79 13.40
N GLY A 145 -7.30 -5.07 13.11
CA GLY A 145 -8.22 -6.09 13.54
C GLY A 145 -7.64 -7.00 14.60
N GLU A 146 -6.90 -8.01 14.16
CA GLU A 146 -6.37 -9.02 15.06
C GLU A 146 -5.32 -8.42 15.99
N ALA A 147 -4.59 -7.42 15.51
CA ALA A 147 -3.58 -6.75 16.30
C ALA A 147 -4.17 -5.60 17.11
N PHE A 148 -5.49 -5.49 17.09
CA PHE A 148 -6.17 -4.45 17.85
C PHE A 148 -6.77 -5.04 19.12
N GLN A 149 -6.09 -4.84 20.23
CA GLN A 149 -6.54 -5.34 21.52
C GLN A 149 -6.10 -4.39 22.63
N LYS A 150 -4.82 -4.09 22.67
CA LYS A 150 -4.27 -3.18 23.67
C LYS A 150 -3.96 -1.82 23.02
N GLY A 151 -3.74 -1.83 21.72
CA GLY A 151 -3.46 -0.61 21.00
C GLY A 151 -4.00 -0.65 19.59
N SER A 1 8.07 31.95 13.20
CA SER A 1 7.23 30.98 13.94
C SER A 1 6.55 30.00 12.99
N ASN A 2 6.24 30.46 11.77
CA ASN A 2 5.55 29.61 10.80
C ASN A 2 6.50 28.60 10.16
N ALA A 3 7.79 28.90 10.21
CA ALA A 3 8.80 28.01 9.66
C ALA A 3 9.37 27.11 10.73
N MET A 4 8.61 26.89 11.80
CA MET A 4 9.06 26.06 12.91
C MET A 4 8.84 24.58 12.61
N LEU A 5 9.46 24.10 11.55
CA LEU A 5 9.43 22.69 11.21
C LEU A 5 10.48 21.96 12.05
N ARG A 6 10.20 21.87 13.35
CA ARG A 6 11.12 21.28 14.30
C ARG A 6 11.21 19.77 14.12
N ARG A 7 10.06 19.15 13.83
CA ARG A 7 9.99 17.70 13.67
C ARG A 7 10.46 16.99 14.95
N LEU A 8 9.53 16.75 15.86
CA LEU A 8 9.85 16.14 17.14
C LEU A 8 10.14 14.65 16.97
N PHE A 9 9.09 13.88 16.74
CA PHE A 9 9.23 12.43 16.58
C PHE A 9 8.44 11.98 15.36
N LYS A 10 8.77 12.55 14.22
CA LYS A 10 8.08 12.24 12.98
C LYS A 10 8.81 11.13 12.24
N LYS A 11 8.32 9.92 12.40
CA LYS A 11 8.89 8.77 11.71
C LYS A 11 8.31 8.64 10.31
N LYS A 12 9.03 9.21 9.34
CA LYS A 12 8.60 9.12 7.95
C LYS A 12 9.19 7.89 7.28
N TYR A 13 9.76 7.01 8.09
CA TYR A 13 10.39 5.78 7.60
C TYR A 13 9.32 4.73 7.28
N VAL A 14 8.33 5.14 6.51
CA VAL A 14 7.21 4.29 6.16
C VAL A 14 7.20 3.97 4.68
N CYS A 15 7.28 5.02 3.87
CA CYS A 15 7.24 4.88 2.42
C CYS A 15 8.46 4.12 1.92
N VAL A 16 8.22 3.12 1.10
CA VAL A 16 9.30 2.35 0.50
C VAL A 16 9.54 2.81 -0.94
N ARG A 17 10.79 2.76 -1.36
CA ARG A 17 11.18 3.15 -2.70
C ARG A 17 12.57 2.62 -3.02
N GLN A 18 12.71 1.30 -2.93
CA GLN A 18 14.00 0.67 -3.08
C GLN A 18 14.38 0.54 -4.56
N TYR A 19 14.72 1.68 -5.15
CA TYR A 19 15.15 1.77 -6.55
C TYR A 19 14.02 1.49 -7.53
N ASP A 20 13.75 0.22 -7.78
CA ASP A 20 12.72 -0.17 -8.74
C ASP A 20 11.72 -1.11 -8.09
N LEU A 21 12.20 -2.25 -7.61
CA LEU A 21 11.37 -3.30 -7.00
C LEU A 21 10.39 -3.87 -8.03
N THR A 22 10.77 -5.01 -8.60
CA THR A 22 9.94 -5.67 -9.61
C THR A 22 8.63 -6.14 -9.00
N ASP A 23 8.64 -6.40 -7.69
CA ASP A 23 7.44 -6.82 -6.99
C ASP A 23 6.89 -5.69 -6.16
N ALA A 24 5.81 -5.09 -6.62
CA ALA A 24 5.18 -3.98 -5.92
C ALA A 24 4.21 -4.49 -4.87
N GLY A 25 3.71 -5.70 -5.07
CA GLY A 25 2.70 -6.27 -4.19
C GLY A 25 3.16 -6.33 -2.74
N ALA A 26 4.26 -7.01 -2.50
CA ALA A 26 4.76 -7.17 -1.15
C ALA A 26 5.43 -5.89 -0.64
N ALA A 27 6.08 -5.17 -1.55
CA ALA A 27 6.77 -3.94 -1.20
C ALA A 27 5.81 -2.92 -0.61
N CYS A 28 4.68 -2.72 -1.28
CA CYS A 28 3.67 -1.80 -0.82
C CYS A 28 3.05 -2.26 0.49
N LEU A 29 2.83 -3.56 0.61
CA LEU A 29 2.28 -4.14 1.83
C LEU A 29 3.24 -3.89 2.98
N SER A 30 4.53 -4.04 2.71
CA SER A 30 5.57 -3.78 3.71
C SER A 30 5.45 -2.35 4.24
N SER A 31 5.24 -1.41 3.32
CA SER A 31 5.11 0.00 3.67
C SER A 31 3.92 0.20 4.59
N ILE A 32 2.81 -0.45 4.27
CA ILE A 32 1.60 -0.37 5.07
C ILE A 32 1.84 -0.95 6.46
N ALA A 33 2.49 -2.11 6.50
CA ALA A 33 2.83 -2.75 7.77
C ALA A 33 3.68 -1.84 8.63
N GLN A 34 4.54 -1.05 7.99
CA GLN A 34 5.38 -0.11 8.69
C GLN A 34 4.58 1.07 9.22
N TYR A 35 3.57 1.48 8.45
CA TYR A 35 2.71 2.60 8.86
C TYR A 35 1.89 2.24 10.08
N TYR A 36 1.33 1.03 10.07
CA TYR A 36 0.44 0.58 11.14
C TYR A 36 1.22 0.30 12.43
N GLY A 37 2.54 0.21 12.32
CA GLY A 37 3.36 0.04 13.50
C GLY A 37 3.90 -1.37 13.64
N LEU A 38 3.69 -2.19 12.63
CA LEU A 38 4.19 -3.56 12.64
C LEU A 38 5.65 -3.60 12.19
N LYS A 39 5.99 -2.73 11.23
CA LYS A 39 7.37 -2.61 10.74
C LYS A 39 7.89 -3.96 10.26
N MET A 40 7.54 -4.31 9.03
CA MET A 40 7.94 -5.59 8.45
C MET A 40 8.88 -5.35 7.28
N SER A 41 9.89 -6.21 7.17
CA SER A 41 10.89 -6.10 6.12
C SER A 41 10.32 -6.53 4.77
N LEU A 42 10.75 -5.82 3.72
CA LEU A 42 10.22 -6.02 2.36
C LEU A 42 10.52 -7.42 1.83
N ALA A 43 11.67 -7.95 2.20
CA ALA A 43 12.06 -9.29 1.78
C ALA A 43 11.29 -10.35 2.55
N LYS A 44 10.74 -9.95 3.68
CA LYS A 44 9.98 -10.84 4.53
C LYS A 44 8.56 -11.00 4.00
N ILE A 45 7.94 -9.86 3.70
CA ILE A 45 6.55 -9.82 3.26
C ILE A 45 6.36 -10.64 1.98
N ARG A 46 7.31 -10.56 1.06
CA ARG A 46 7.21 -11.28 -0.20
C ARG A 46 7.21 -12.79 0.02
N GLU A 47 7.82 -13.22 1.12
CA GLU A 47 7.85 -14.63 1.47
C GLU A 47 6.52 -15.06 2.08
N MET A 48 5.91 -14.14 2.80
CA MET A 48 4.65 -14.43 3.51
C MET A 48 3.47 -14.37 2.56
N THR A 49 3.59 -13.58 1.51
CA THR A 49 2.51 -13.38 0.55
C THR A 49 2.68 -14.27 -0.68
N GLY A 50 3.93 -14.56 -1.03
CA GLY A 50 4.22 -15.35 -2.21
C GLY A 50 3.93 -14.57 -3.48
N THR A 51 4.05 -13.25 -3.39
CA THR A 51 3.72 -12.36 -4.47
C THR A 51 4.48 -12.70 -5.74
N ASP A 52 3.72 -13.02 -6.75
CA ASP A 52 4.26 -13.21 -8.09
C ASP A 52 4.50 -11.86 -8.76
N THR A 53 5.64 -11.70 -9.40
CA THR A 53 5.96 -10.46 -10.09
C THR A 53 5.30 -10.44 -11.47
N GLN A 54 4.42 -11.41 -11.68
CA GLN A 54 3.76 -11.59 -12.96
C GLN A 54 2.30 -11.18 -12.89
N GLY A 55 1.96 -10.34 -11.92
CA GLY A 55 0.57 -9.95 -11.74
C GLY A 55 -0.11 -10.75 -10.64
N THR A 56 0.62 -10.94 -9.55
CA THR A 56 0.13 -11.72 -8.40
C THR A 56 -1.29 -11.31 -7.98
N ASN A 57 -2.03 -12.26 -7.47
CA ASN A 57 -3.39 -12.03 -7.02
C ASN A 57 -3.41 -11.57 -5.58
N ALA A 58 -4.43 -10.79 -5.24
CA ALA A 58 -4.54 -10.20 -3.91
C ALA A 58 -4.98 -11.24 -2.88
N TYR A 59 -5.47 -12.37 -3.36
CA TYR A 59 -5.95 -13.44 -2.48
C TYR A 59 -4.83 -13.94 -1.57
N GLY A 60 -3.61 -14.02 -2.08
CA GLY A 60 -2.48 -14.41 -1.26
C GLY A 60 -1.90 -13.24 -0.51
N LEU A 61 -2.14 -12.05 -1.02
CA LEU A 61 -1.67 -10.81 -0.40
C LEU A 61 -2.38 -10.60 0.93
N ILE A 62 -3.71 -10.75 0.92
CA ILE A 62 -4.51 -10.57 2.11
C ILE A 62 -4.23 -11.66 3.15
N HIS A 63 -3.77 -12.81 2.67
CA HIS A 63 -3.47 -13.94 3.53
C HIS A 63 -2.43 -13.56 4.59
N ALA A 64 -1.43 -12.80 4.17
CA ALA A 64 -0.39 -12.36 5.09
C ALA A 64 -0.83 -11.13 5.87
N ALA A 65 -1.54 -10.23 5.19
CA ALA A 65 -1.98 -8.98 5.79
C ALA A 65 -2.82 -9.21 7.05
N LYS A 66 -3.75 -10.16 6.97
CA LYS A 66 -4.63 -10.47 8.09
C LYS A 66 -3.82 -10.86 9.32
N GLN A 67 -2.86 -11.75 9.15
CA GLN A 67 -2.08 -12.26 10.27
C GLN A 67 -1.03 -11.26 10.73
N LEU A 68 -0.82 -10.20 9.94
CA LEU A 68 0.13 -9.16 10.30
C LEU A 68 -0.48 -8.15 11.26
N GLY A 69 -1.78 -8.26 11.48
CA GLY A 69 -2.43 -7.44 12.49
C GLY A 69 -3.51 -6.53 11.95
N PHE A 70 -3.59 -6.42 10.64
CA PHE A 70 -4.60 -5.56 10.02
C PHE A 70 -5.56 -6.38 9.19
N SER A 71 -6.83 -6.01 9.24
CA SER A 71 -7.87 -6.73 8.53
C SER A 71 -7.75 -6.48 7.03
N ALA A 72 -7.86 -7.54 6.25
CA ALA A 72 -7.67 -7.46 4.81
C ALA A 72 -8.82 -8.11 4.07
N LYS A 73 -9.33 -7.41 3.05
CA LYS A 73 -10.39 -7.93 2.21
C LYS A 73 -10.29 -7.34 0.82
N GLY A 74 -10.25 -8.20 -0.19
CA GLY A 74 -10.21 -7.73 -1.56
C GLY A 74 -11.58 -7.30 -2.03
N VAL A 75 -11.69 -6.06 -2.47
CA VAL A 75 -12.97 -5.51 -2.89
C VAL A 75 -12.82 -4.68 -4.16
N LYS A 76 -13.95 -4.47 -4.83
CA LYS A 76 -14.00 -3.60 -5.99
C LYS A 76 -14.75 -2.33 -5.61
N ALA A 77 -14.09 -1.20 -5.78
CA ALA A 77 -14.67 0.07 -5.38
C ALA A 77 -14.62 1.07 -6.51
N SER A 78 -15.21 2.22 -6.29
CA SER A 78 -15.17 3.30 -7.26
C SER A 78 -14.47 4.51 -6.65
N LYS A 79 -14.18 5.52 -7.47
CA LYS A 79 -13.42 6.70 -7.01
C LYS A 79 -14.02 7.32 -5.74
N GLU A 80 -15.34 7.36 -5.67
CA GLU A 80 -16.02 8.00 -4.55
C GLU A 80 -15.86 7.21 -3.26
N ASP A 81 -15.60 5.92 -3.39
CA ASP A 81 -15.42 5.05 -2.23
C ASP A 81 -14.10 5.35 -1.54
N LEU A 82 -13.14 5.85 -2.32
CA LEU A 82 -11.81 6.16 -1.81
C LEU A 82 -11.89 7.25 -0.75
N LEU A 83 -12.97 8.01 -0.76
CA LEU A 83 -13.11 9.15 0.12
C LEU A 83 -13.79 8.78 1.44
N LYS A 84 -14.39 7.59 1.49
CA LYS A 84 -15.19 7.22 2.65
C LYS A 84 -14.87 5.82 3.17
N ASP A 85 -14.60 4.88 2.28
CA ASP A 85 -14.42 3.47 2.67
C ASP A 85 -13.16 3.28 3.50
N PHE A 86 -12.01 3.60 2.91
CA PHE A 86 -10.75 3.48 3.63
C PHE A 86 -10.19 4.86 3.96
N ARG A 87 -9.15 4.90 4.76
CA ARG A 87 -8.52 6.15 5.16
C ARG A 87 -7.01 5.97 5.31
N LEU A 88 -6.62 4.91 5.99
CA LEU A 88 -5.20 4.58 6.14
C LEU A 88 -4.73 3.77 4.94
N PRO A 89 -3.40 3.75 4.70
CA PRO A 89 -2.80 3.04 3.55
C PRO A 89 -3.45 1.69 3.24
N ALA A 90 -3.81 1.53 1.96
CA ALA A 90 -4.44 0.32 1.49
C ALA A 90 -3.84 -0.06 0.13
N ILE A 91 -4.05 -1.31 -0.28
CA ILE A 91 -3.45 -1.81 -1.51
C ILE A 91 -4.37 -1.59 -2.70
N ALA A 92 -3.88 -0.84 -3.68
CA ALA A 92 -4.63 -0.60 -4.90
C ALA A 92 -3.90 -1.18 -6.11
N ASN A 93 -4.61 -1.92 -6.94
CA ASN A 93 -4.03 -2.53 -8.13
C ASN A 93 -4.23 -1.61 -9.34
N VAL A 94 -3.14 -1.13 -9.89
CA VAL A 94 -3.18 -0.27 -11.05
C VAL A 94 -2.55 -0.95 -12.26
N ILE A 95 -3.12 -0.73 -13.43
CA ILE A 95 -2.65 -1.37 -14.63
C ILE A 95 -1.55 -0.53 -15.29
N VAL A 96 -0.41 -1.14 -15.54
CA VAL A 96 0.71 -0.47 -16.18
C VAL A 96 1.02 -1.09 -17.53
N ASP A 97 1.02 -0.26 -18.57
CA ASP A 97 1.33 -0.68 -19.94
C ASP A 97 0.29 -1.70 -20.44
N ASN A 98 -0.86 -1.70 -19.77
CA ASN A 98 -1.97 -2.59 -20.10
C ASN A 98 -1.60 -4.07 -19.95
N ARG A 99 -0.45 -4.35 -19.35
CA ARG A 99 -0.04 -5.74 -19.20
C ARG A 99 0.35 -6.07 -17.76
N LEU A 100 0.87 -5.09 -17.04
CA LEU A 100 1.37 -5.32 -15.71
C LEU A 100 0.39 -4.88 -14.65
N ALA A 101 0.21 -5.73 -13.65
CA ALA A 101 -0.61 -5.39 -12.49
C ALA A 101 0.31 -4.88 -11.39
N HIS A 102 0.32 -3.58 -11.22
CA HIS A 102 1.21 -2.92 -10.28
C HIS A 102 0.43 -2.43 -9.07
N PHE A 103 0.97 -2.65 -7.89
CA PHE A 103 0.27 -2.31 -6.67
C PHE A 103 0.84 -1.04 -6.06
N VAL A 104 -0.05 -0.16 -5.60
CA VAL A 104 0.33 1.08 -4.96
C VAL A 104 -0.53 1.30 -3.72
N VAL A 105 -0.16 2.26 -2.88
CA VAL A 105 -0.90 2.53 -1.66
C VAL A 105 -1.24 4.00 -1.53
N ILE A 106 -2.42 4.27 -0.97
CA ILE A 106 -2.88 5.63 -0.75
C ILE A 106 -2.53 6.09 0.66
N TYR A 107 -1.89 7.24 0.76
CA TYR A 107 -1.53 7.81 2.06
C TYR A 107 -2.55 8.86 2.50
N SER A 108 -3.07 9.61 1.54
CA SER A 108 -4.05 10.65 1.83
C SER A 108 -4.75 11.10 0.55
N ILE A 109 -6.00 11.51 0.68
CA ILE A 109 -6.75 12.05 -0.46
C ILE A 109 -7.38 13.37 -0.07
N LYS A 110 -6.93 14.44 -0.70
CA LYS A 110 -7.39 15.78 -0.38
C LYS A 110 -7.26 16.71 -1.58
N ASN A 111 -8.27 17.55 -1.76
CA ASN A 111 -8.31 18.51 -2.87
C ASN A 111 -8.32 17.79 -4.22
N ARG A 112 -8.97 16.62 -4.24
CA ARG A 112 -9.07 15.80 -5.45
C ARG A 112 -7.70 15.21 -5.81
N ILE A 113 -6.74 15.38 -4.90
CA ILE A 113 -5.40 14.87 -5.10
C ILE A 113 -5.18 13.65 -4.21
N ILE A 114 -4.72 12.59 -4.84
CA ILE A 114 -4.49 11.32 -4.17
C ILE A 114 -3.00 11.09 -3.96
N THR A 115 -2.59 11.13 -2.70
CA THR A 115 -1.19 10.90 -2.36
C THR A 115 -0.89 9.40 -2.37
N VAL A 116 -0.18 8.98 -3.39
CA VAL A 116 0.12 7.57 -3.57
C VAL A 116 1.60 7.31 -3.32
N ALA A 117 1.89 6.23 -2.61
CA ALA A 117 3.26 5.82 -2.37
C ALA A 117 3.63 4.68 -3.29
N ASP A 118 4.43 4.97 -4.28
CA ASP A 118 4.88 3.97 -5.23
C ASP A 118 6.24 3.43 -4.78
N PRO A 119 6.39 2.10 -4.73
CA PRO A 119 7.61 1.46 -4.22
C PRO A 119 8.85 1.70 -5.08
N GLY A 120 8.67 2.38 -6.21
CA GLY A 120 9.80 2.70 -7.05
C GLY A 120 9.99 4.20 -7.22
N LYS A 121 8.89 4.93 -7.32
CA LYS A 121 8.94 6.37 -7.55
C LYS A 121 8.82 7.16 -6.24
N GLY A 122 8.20 6.57 -5.23
CA GLY A 122 8.02 7.24 -3.97
C GLY A 122 6.65 7.88 -3.86
N ILE A 123 6.57 8.97 -3.09
CA ILE A 123 5.32 9.69 -2.91
C ILE A 123 5.00 10.51 -4.16
N VAL A 124 3.94 10.12 -4.85
CA VAL A 124 3.51 10.81 -6.05
C VAL A 124 2.10 11.36 -5.86
N ARG A 125 1.89 12.58 -6.32
CA ARG A 125 0.58 13.21 -6.22
C ARG A 125 -0.23 12.90 -7.48
N TYR A 126 -1.29 12.11 -7.32
CA TYR A 126 -2.14 11.76 -8.43
C TYR A 126 -3.46 12.52 -8.35
N SER A 127 -4.07 12.75 -9.49
CA SER A 127 -5.41 13.31 -9.51
C SER A 127 -6.42 12.18 -9.50
N MET A 128 -7.56 12.36 -8.83
CA MET A 128 -8.55 11.29 -8.72
C MET A 128 -8.88 10.68 -10.08
N ASP A 129 -9.14 11.54 -11.06
CA ASP A 129 -9.47 11.11 -12.41
C ASP A 129 -8.34 10.28 -13.02
N ASP A 130 -7.11 10.72 -12.75
CA ASP A 130 -5.94 10.07 -13.31
C ASP A 130 -5.67 8.73 -12.63
N PHE A 131 -5.76 8.71 -11.30
CA PHE A 131 -5.56 7.49 -10.54
C PHE A 131 -6.60 6.45 -10.94
N CYS A 132 -7.83 6.89 -11.16
CA CYS A 132 -8.91 6.00 -11.54
C CYS A 132 -8.72 5.46 -12.96
N SER A 133 -7.82 6.08 -13.72
CA SER A 133 -7.54 5.65 -15.08
C SER A 133 -6.68 4.38 -15.07
N ILE A 134 -5.72 4.32 -14.15
CA ILE A 134 -4.85 3.17 -14.02
C ILE A 134 -5.44 2.14 -13.06
N TRP A 135 -6.02 2.64 -11.97
CA TRP A 135 -6.64 1.77 -10.97
C TRP A 135 -7.93 1.18 -11.52
N THR A 136 -7.97 -0.14 -11.61
CA THR A 136 -9.07 -0.82 -12.30
C THR A 136 -10.13 -1.33 -11.30
N GLY A 137 -10.21 -0.70 -10.14
CA GLY A 137 -11.21 -1.10 -9.17
C GLY A 137 -10.72 -2.19 -8.24
N GLY A 138 -9.41 -2.39 -8.23
CA GLY A 138 -8.82 -3.41 -7.39
C GLY A 138 -8.29 -2.83 -6.10
N LEU A 139 -9.03 -2.99 -5.03
CA LEU A 139 -8.64 -2.47 -3.74
C LEU A 139 -8.65 -3.56 -2.67
N VAL A 140 -7.71 -3.47 -1.76
CA VAL A 140 -7.73 -4.31 -0.57
C VAL A 140 -8.01 -3.42 0.63
N LEU A 141 -9.15 -3.64 1.27
CA LEU A 141 -9.56 -2.81 2.39
C LEU A 141 -8.80 -3.22 3.64
N LEU A 142 -7.91 -2.33 4.09
CA LEU A 142 -7.09 -2.60 5.26
C LEU A 142 -7.48 -1.68 6.39
N GLU A 143 -7.65 -2.26 7.57
CA GLU A 143 -7.94 -1.49 8.77
C GLU A 143 -7.20 -2.08 9.96
N PRO A 144 -6.68 -1.21 10.84
CA PRO A 144 -5.90 -1.63 12.01
C PRO A 144 -6.77 -2.35 13.05
N GLY A 145 -7.01 -3.63 12.81
CA GLY A 145 -7.82 -4.40 13.72
C GLY A 145 -7.04 -4.89 14.91
N GLU A 146 -6.37 -6.02 14.74
CA GLU A 146 -5.66 -6.68 15.84
C GLU A 146 -4.43 -5.89 16.23
N ALA A 147 -3.95 -5.03 15.33
CA ALA A 147 -2.83 -4.15 15.62
C ALA A 147 -3.24 -3.07 16.61
N PHE A 148 -4.49 -2.66 16.54
CA PHE A 148 -5.01 -1.64 17.43
C PHE A 148 -5.59 -2.29 18.68
N GLN A 149 -6.29 -3.39 18.48
CA GLN A 149 -6.86 -4.16 19.57
C GLN A 149 -5.78 -5.01 20.24
N LYS A 150 -5.19 -4.46 21.29
CA LYS A 150 -4.11 -5.16 21.99
C LYS A 150 -4.65 -6.17 22.98
N GLY A 151 -3.75 -6.94 23.58
CA GLY A 151 -4.13 -7.94 24.56
C GLY A 151 -2.98 -8.29 25.45
N SER A 1 34.78 12.05 20.71
CA SER A 1 34.43 12.09 19.28
C SER A 1 34.37 10.68 18.70
N ASN A 2 33.16 10.17 18.49
CA ASN A 2 32.99 8.84 17.93
C ASN A 2 31.82 8.83 16.95
N ALA A 3 31.77 7.79 16.14
CA ALA A 3 30.67 7.60 15.20
C ALA A 3 29.98 6.28 15.49
N MET A 4 30.26 5.71 16.65
CA MET A 4 29.71 4.41 17.03
C MET A 4 28.34 4.57 17.68
N LEU A 5 28.01 5.79 18.10
CA LEU A 5 26.70 6.07 18.65
C LEU A 5 25.68 6.14 17.50
N ARG A 6 25.99 6.95 16.50
CA ARG A 6 25.16 7.06 15.32
C ARG A 6 25.28 5.80 14.48
N ARG A 7 24.30 4.91 14.63
CA ARG A 7 24.32 3.64 13.92
C ARG A 7 23.53 3.73 12.63
N LEU A 8 22.40 4.41 12.68
CA LEU A 8 21.60 4.63 11.50
C LEU A 8 21.88 6.01 10.93
N PHE A 9 21.94 6.11 9.62
CA PHE A 9 22.21 7.38 8.97
C PHE A 9 20.96 7.92 8.29
N LYS A 10 20.15 7.03 7.75
CA LYS A 10 18.90 7.43 7.13
C LYS A 10 17.83 6.36 7.34
N LYS A 11 16.70 6.78 7.88
CA LYS A 11 15.57 5.90 8.06
C LYS A 11 14.59 6.09 6.90
N LYS A 12 14.06 4.99 6.41
CA LYS A 12 13.14 5.03 5.27
C LYS A 12 11.73 5.35 5.74
N TYR A 13 11.57 5.38 7.07
CA TYR A 13 10.33 5.77 7.72
C TYR A 13 9.20 4.80 7.43
N VAL A 14 8.49 5.04 6.33
CA VAL A 14 7.29 4.29 6.02
C VAL A 14 7.21 3.94 4.53
N CYS A 15 7.73 4.81 3.68
CA CYS A 15 7.66 4.61 2.24
C CYS A 15 8.68 3.56 1.78
N VAL A 16 8.23 2.31 1.71
CA VAL A 16 9.11 1.21 1.35
C VAL A 16 9.35 1.16 -0.15
N ARG A 17 10.62 1.21 -0.52
CA ARG A 17 11.02 1.06 -1.91
C ARG A 17 12.43 0.49 -1.95
N GLN A 18 12.65 -0.47 -2.83
CA GLN A 18 13.96 -1.08 -2.98
C GLN A 18 14.38 -1.06 -4.44
N TYR A 19 13.69 -1.88 -5.23
CA TYR A 19 13.92 -1.97 -6.66
C TYR A 19 12.80 -2.82 -7.23
N ASP A 20 11.64 -2.62 -6.65
CA ASP A 20 10.48 -3.47 -6.89
C ASP A 20 9.89 -3.20 -8.26
N LEU A 21 9.76 -4.25 -9.04
CA LEU A 21 9.25 -4.12 -10.40
C LEU A 21 8.13 -5.12 -10.64
N THR A 22 8.39 -6.37 -10.30
CA THR A 22 7.42 -7.44 -10.47
C THR A 22 6.90 -7.88 -9.10
N ASP A 23 7.56 -7.37 -8.08
CA ASP A 23 7.31 -7.74 -6.70
C ASP A 23 6.88 -6.52 -5.90
N ALA A 24 6.28 -5.56 -6.61
CA ALA A 24 5.90 -4.28 -6.00
C ALA A 24 4.87 -4.45 -4.90
N GLY A 25 4.06 -5.50 -4.99
CA GLY A 25 3.01 -5.73 -4.01
C GLY A 25 3.56 -5.87 -2.60
N ALA A 26 4.72 -6.52 -2.48
CA ALA A 26 5.33 -6.75 -1.19
C ALA A 26 5.75 -5.45 -0.53
N ALA A 27 6.43 -4.59 -1.30
CA ALA A 27 6.91 -3.32 -0.78
C ALA A 27 5.75 -2.43 -0.36
N CYS A 28 4.66 -2.49 -1.12
CA CYS A 28 3.47 -1.73 -0.81
C CYS A 28 2.89 -2.16 0.54
N LEU A 29 2.80 -3.48 0.73
CA LEU A 29 2.28 -4.02 1.99
C LEU A 29 3.23 -3.67 3.13
N SER A 30 4.52 -3.76 2.86
CA SER A 30 5.55 -3.44 3.86
C SER A 30 5.40 -2.00 4.35
N SER A 31 5.05 -1.09 3.44
CA SER A 31 4.86 0.31 3.79
C SER A 31 3.76 0.46 4.83
N ILE A 32 2.66 -0.24 4.63
CA ILE A 32 1.53 -0.18 5.54
C ILE A 32 1.88 -0.83 6.88
N ALA A 33 2.61 -1.94 6.81
CA ALA A 33 3.09 -2.61 8.02
C ALA A 33 3.94 -1.68 8.86
N GLN A 34 4.75 -0.85 8.20
CA GLN A 34 5.57 0.12 8.89
C GLN A 34 4.72 1.28 9.42
N TYR A 35 3.73 1.69 8.62
CA TYR A 35 2.84 2.78 9.00
C TYR A 35 2.05 2.43 10.25
N TYR A 36 1.59 1.19 10.33
CA TYR A 36 0.81 0.73 11.47
C TYR A 36 1.68 0.58 12.71
N GLY A 37 2.98 0.49 12.51
CA GLY A 37 3.89 0.41 13.63
C GLY A 37 4.38 -1.01 13.89
N LEU A 38 4.16 -1.88 12.93
CA LEU A 38 4.61 -3.26 13.03
C LEU A 38 6.05 -3.39 12.55
N LYS A 39 6.38 -2.63 11.50
CA LYS A 39 7.72 -2.65 10.91
C LYS A 39 8.11 -4.06 10.48
N MET A 40 7.77 -4.42 9.26
CA MET A 40 8.04 -5.75 8.75
C MET A 40 9.07 -5.69 7.63
N SER A 41 10.00 -6.64 7.64
CA SER A 41 11.04 -6.71 6.63
C SER A 41 10.46 -7.07 5.27
N LEU A 42 10.96 -6.40 4.25
CA LEU A 42 10.49 -6.57 2.87
C LEU A 42 10.66 -8.01 2.41
N ALA A 43 11.80 -8.60 2.74
CA ALA A 43 12.06 -10.00 2.40
C ALA A 43 11.03 -10.91 3.04
N LYS A 44 10.67 -10.59 4.29
CA LYS A 44 9.68 -11.35 5.03
C LYS A 44 8.31 -11.23 4.38
N ILE A 45 7.94 -10.01 4.00
CA ILE A 45 6.65 -9.76 3.36
C ILE A 45 6.53 -10.54 2.06
N ARG A 46 7.60 -10.59 1.29
CA ARG A 46 7.62 -11.35 0.05
C ARG A 46 7.29 -12.82 0.30
N GLU A 47 7.80 -13.35 1.41
CA GLU A 47 7.56 -14.74 1.76
C GLU A 47 6.14 -14.94 2.30
N MET A 48 5.69 -14.00 3.12
CA MET A 48 4.35 -14.07 3.69
C MET A 48 3.29 -13.99 2.61
N THR A 49 3.51 -13.10 1.65
CA THR A 49 2.58 -12.92 0.54
C THR A 49 2.70 -14.06 -0.45
N GLY A 50 3.92 -14.56 -0.61
CA GLY A 50 4.16 -15.56 -1.63
C GLY A 50 4.17 -14.92 -3.00
N THR A 51 4.62 -13.65 -3.05
CA THR A 51 4.54 -12.84 -4.24
C THR A 51 5.03 -13.60 -5.47
N ASP A 52 4.10 -13.80 -6.37
CA ASP A 52 4.38 -14.44 -7.64
C ASP A 52 4.75 -13.41 -8.70
N THR A 53 5.88 -13.64 -9.36
CA THR A 53 6.39 -12.72 -10.36
C THR A 53 5.57 -12.81 -11.67
N GLN A 54 4.67 -13.78 -11.72
CA GLN A 54 3.83 -13.97 -12.90
C GLN A 54 2.60 -13.06 -12.87
N GLY A 55 2.66 -12.01 -12.06
CA GLY A 55 1.56 -11.06 -12.01
C GLY A 55 0.61 -11.33 -10.86
N THR A 56 1.16 -11.66 -9.69
CA THR A 56 0.36 -11.96 -8.50
C THR A 56 -0.71 -10.90 -8.26
N ASN A 57 -1.87 -11.33 -7.77
CA ASN A 57 -3.00 -10.43 -7.58
C ASN A 57 -3.19 -10.08 -6.09
N ALA A 58 -4.21 -9.28 -5.81
CA ALA A 58 -4.42 -8.75 -4.47
C ALA A 58 -4.90 -9.82 -3.49
N TYR A 59 -5.51 -10.89 -4.00
CA TYR A 59 -6.10 -11.90 -3.14
C TYR A 59 -5.03 -12.70 -2.40
N GLY A 60 -3.85 -12.82 -2.99
CA GLY A 60 -2.75 -13.46 -2.30
C GLY A 60 -2.03 -12.48 -1.41
N LEU A 61 -2.12 -11.20 -1.76
CA LEU A 61 -1.51 -10.13 -1.00
C LEU A 61 -2.21 -9.98 0.35
N ILE A 62 -3.54 -9.98 0.33
CA ILE A 62 -4.34 -9.86 1.55
C ILE A 62 -4.13 -11.05 2.46
N HIS A 63 -3.73 -12.17 1.88
CA HIS A 63 -3.50 -13.40 2.62
C HIS A 63 -2.36 -13.22 3.63
N ALA A 64 -1.46 -12.30 3.35
CA ALA A 64 -0.35 -12.02 4.26
C ALA A 64 -0.76 -11.02 5.32
N ALA A 65 -1.60 -10.07 4.93
CA ALA A 65 -2.04 -9.01 5.83
C ALA A 65 -2.73 -9.57 7.07
N LYS A 66 -3.63 -10.53 6.85
CA LYS A 66 -4.36 -11.17 7.94
C LYS A 66 -3.40 -11.82 8.93
N GLN A 67 -2.32 -12.38 8.41
CA GLN A 67 -1.33 -13.05 9.23
C GLN A 67 -0.48 -12.05 10.02
N LEU A 68 -0.38 -10.84 9.48
CA LEU A 68 0.42 -9.80 10.12
C LEU A 68 -0.39 -9.08 11.19
N GLY A 69 -1.70 -9.24 11.14
CA GLY A 69 -2.53 -8.72 12.21
C GLY A 69 -3.56 -7.69 11.76
N PHE A 70 -3.62 -7.41 10.47
CA PHE A 70 -4.62 -6.48 9.96
C PHE A 70 -5.47 -7.12 8.90
N SER A 71 -6.77 -7.18 9.19
CA SER A 71 -7.74 -7.81 8.30
C SER A 71 -7.73 -7.16 6.94
N ALA A 72 -7.80 -7.98 5.89
CA ALA A 72 -7.73 -7.50 4.54
C ALA A 72 -8.78 -8.16 3.67
N LYS A 73 -9.46 -7.35 2.88
CA LYS A 73 -10.48 -7.85 1.96
C LYS A 73 -10.44 -7.06 0.65
N GLY A 74 -10.45 -7.77 -0.46
CA GLY A 74 -10.39 -7.13 -1.76
C GLY A 74 -11.76 -6.71 -2.25
N VAL A 75 -11.90 -5.43 -2.57
CA VAL A 75 -13.17 -4.89 -3.02
C VAL A 75 -12.98 -4.04 -4.27
N LYS A 76 -14.01 -3.99 -5.10
CA LYS A 76 -14.01 -3.11 -6.26
C LYS A 76 -14.82 -1.87 -5.96
N ALA A 77 -14.13 -0.77 -5.73
CA ALA A 77 -14.75 0.46 -5.32
C ALA A 77 -14.73 1.49 -6.46
N SER A 78 -15.36 2.63 -6.23
CA SER A 78 -15.35 3.70 -7.21
C SER A 78 -14.66 4.94 -6.63
N LYS A 79 -14.50 5.98 -7.44
CA LYS A 79 -13.77 7.18 -7.02
C LYS A 79 -14.37 7.80 -5.76
N GLU A 80 -15.70 7.78 -5.66
CA GLU A 80 -16.39 8.39 -4.54
C GLU A 80 -16.18 7.59 -3.25
N ASP A 81 -15.87 6.31 -3.39
CA ASP A 81 -15.66 5.44 -2.23
C ASP A 81 -14.37 5.81 -1.52
N LEU A 82 -13.46 6.42 -2.25
CA LEU A 82 -12.15 6.78 -1.72
C LEU A 82 -12.28 7.83 -0.61
N LEU A 83 -13.42 8.50 -0.56
CA LEU A 83 -13.63 9.59 0.39
C LEU A 83 -14.52 9.18 1.55
N LYS A 84 -14.82 7.88 1.67
CA LYS A 84 -15.70 7.44 2.75
C LYS A 84 -15.44 5.99 3.18
N ASP A 85 -15.06 5.13 2.26
CA ASP A 85 -14.91 3.71 2.58
C ASP A 85 -13.72 3.48 3.50
N PHE A 86 -12.60 4.11 3.20
CA PHE A 86 -11.39 3.94 4.00
C PHE A 86 -10.74 5.29 4.28
N ARG A 87 -9.95 5.33 5.35
CA ARG A 87 -9.23 6.55 5.72
C ARG A 87 -7.78 6.23 6.07
N LEU A 88 -7.43 4.94 6.05
CA LEU A 88 -6.07 4.52 6.33
C LEU A 88 -5.43 3.97 5.08
N PRO A 89 -4.08 3.94 5.01
CA PRO A 89 -3.34 3.42 3.86
C PRO A 89 -3.85 2.07 3.38
N ALA A 90 -4.11 1.99 2.09
CA ALA A 90 -4.63 0.78 1.47
C ALA A 90 -3.89 0.50 0.18
N ILE A 91 -3.96 -0.76 -0.26
CA ILE A 91 -3.29 -1.18 -1.49
C ILE A 91 -4.22 -1.06 -2.67
N ALA A 92 -3.76 -0.40 -3.72
CA ALA A 92 -4.53 -0.27 -4.94
C ALA A 92 -3.83 -0.99 -6.09
N ASN A 93 -4.57 -1.87 -6.75
CA ASN A 93 -4.06 -2.57 -7.92
C ASN A 93 -4.23 -1.70 -9.16
N VAL A 94 -3.12 -1.21 -9.68
CA VAL A 94 -3.14 -0.36 -10.86
C VAL A 94 -2.55 -1.10 -12.05
N ILE A 95 -3.04 -0.79 -13.24
CA ILE A 95 -2.61 -1.46 -14.45
C ILE A 95 -1.63 -0.58 -15.23
N VAL A 96 -0.45 -1.12 -15.47
CA VAL A 96 0.58 -0.38 -16.21
C VAL A 96 0.69 -0.91 -17.63
N ASP A 97 0.77 0.01 -18.59
CA ASP A 97 0.87 -0.32 -20.01
C ASP A 97 -0.34 -1.15 -20.46
N ASN A 98 -1.44 -1.01 -19.72
CA ASN A 98 -2.70 -1.69 -20.02
C ASN A 98 -2.53 -3.21 -20.03
N ARG A 99 -1.61 -3.72 -19.23
CA ARG A 99 -1.39 -5.16 -19.15
C ARG A 99 -0.79 -5.57 -17.82
N LEU A 100 0.30 -4.92 -17.44
CA LEU A 100 1.06 -5.31 -16.25
C LEU A 100 0.36 -4.85 -14.98
N ALA A 101 0.40 -5.67 -13.95
CA ALA A 101 -0.22 -5.36 -12.69
C ALA A 101 0.80 -4.77 -11.72
N HIS A 102 0.49 -3.59 -11.20
CA HIS A 102 1.36 -2.94 -10.23
C HIS A 102 0.52 -2.53 -9.03
N PHE A 103 1.15 -2.34 -7.89
CA PHE A 103 0.44 -1.96 -6.67
C PHE A 103 0.97 -0.64 -6.13
N VAL A 104 0.09 0.15 -5.53
CA VAL A 104 0.48 1.40 -4.90
C VAL A 104 -0.25 1.56 -3.55
N VAL A 105 0.35 2.33 -2.65
CA VAL A 105 -0.25 2.55 -1.34
C VAL A 105 -0.84 3.95 -1.23
N ILE A 106 -2.10 4.03 -0.87
CA ILE A 106 -2.73 5.34 -0.67
C ILE A 106 -2.33 5.91 0.68
N TYR A 107 -1.76 7.11 0.66
CA TYR A 107 -1.35 7.78 1.88
C TYR A 107 -2.35 8.87 2.26
N SER A 108 -2.73 9.69 1.28
CA SER A 108 -3.61 10.82 1.55
C SER A 108 -4.46 11.14 0.32
N ILE A 109 -5.76 11.33 0.55
CA ILE A 109 -6.66 11.74 -0.51
C ILE A 109 -7.39 13.02 -0.10
N LYS A 110 -7.12 14.09 -0.81
CA LYS A 110 -7.67 15.39 -0.48
C LYS A 110 -7.75 16.29 -1.71
N ASN A 111 -8.90 16.92 -1.91
CA ASN A 111 -9.16 17.79 -3.06
C ASN A 111 -8.96 17.04 -4.37
N ARG A 112 -9.41 15.79 -4.39
CA ARG A 112 -9.29 14.91 -5.55
C ARG A 112 -7.83 14.59 -5.87
N ILE A 113 -6.93 14.95 -4.96
CA ILE A 113 -5.53 14.63 -5.12
C ILE A 113 -5.20 13.39 -4.31
N ILE A 114 -4.92 12.31 -5.02
CA ILE A 114 -4.64 11.03 -4.40
C ILE A 114 -3.14 10.80 -4.32
N THR A 115 -2.63 10.83 -3.11
CA THR A 115 -1.21 10.67 -2.87
C THR A 115 -0.88 9.20 -2.63
N VAL A 116 -0.10 8.62 -3.52
CA VAL A 116 0.24 7.22 -3.42
C VAL A 116 1.75 7.03 -3.21
N ALA A 117 2.08 5.99 -2.47
CA ALA A 117 3.46 5.62 -2.26
C ALA A 117 3.83 4.49 -3.20
N ASP A 118 4.75 4.78 -4.11
CA ASP A 118 5.20 3.79 -5.08
C ASP A 118 6.55 3.22 -4.67
N PRO A 119 6.68 1.89 -4.65
CA PRO A 119 7.94 1.21 -4.37
C PRO A 119 8.98 1.45 -5.47
N GLY A 120 9.51 2.65 -5.51
CA GLY A 120 10.50 3.01 -6.48
C GLY A 120 10.45 4.48 -6.82
N LYS A 121 9.28 4.94 -7.24
CA LYS A 121 9.09 6.33 -7.62
C LYS A 121 8.98 7.22 -6.39
N GLY A 122 8.46 6.66 -5.30
CA GLY A 122 8.32 7.42 -4.08
C GLY A 122 6.90 7.92 -3.90
N ILE A 123 6.77 9.12 -3.35
CA ILE A 123 5.46 9.74 -3.18
C ILE A 123 5.01 10.40 -4.48
N VAL A 124 4.00 9.81 -5.10
CA VAL A 124 3.48 10.31 -6.36
C VAL A 124 2.07 10.85 -6.19
N ARG A 125 1.78 11.96 -6.85
CA ARG A 125 0.46 12.57 -6.76
C ARG A 125 -0.36 12.20 -7.99
N TYR A 126 -1.51 11.57 -7.76
CA TYR A 126 -2.42 11.24 -8.84
C TYR A 126 -3.76 11.93 -8.64
N SER A 127 -4.27 12.55 -9.69
CA SER A 127 -5.59 13.13 -9.64
C SER A 127 -6.62 12.00 -9.58
N MET A 128 -7.78 12.26 -9.01
CA MET A 128 -8.81 11.23 -8.88
C MET A 128 -9.10 10.57 -10.22
N ASP A 129 -9.17 11.38 -11.27
CA ASP A 129 -9.45 10.89 -12.61
C ASP A 129 -8.29 10.07 -13.13
N ASP A 130 -7.07 10.52 -12.87
CA ASP A 130 -5.87 9.80 -13.28
C ASP A 130 -5.77 8.47 -12.56
N PHE A 131 -6.05 8.48 -11.27
CA PHE A 131 -6.00 7.29 -10.45
C PHE A 131 -6.99 6.25 -10.95
N CYS A 132 -8.21 6.67 -11.24
CA CYS A 132 -9.25 5.77 -11.70
C CYS A 132 -8.90 5.19 -13.07
N SER A 133 -8.02 5.88 -13.79
CA SER A 133 -7.61 5.44 -15.12
C SER A 133 -6.68 4.23 -15.02
N ILE A 134 -5.88 4.18 -13.97
CA ILE A 134 -4.93 3.08 -13.79
C ILE A 134 -5.45 2.05 -12.79
N TRP A 135 -6.16 2.52 -11.78
CA TRP A 135 -6.70 1.66 -10.75
C TRP A 135 -7.92 0.91 -11.28
N THR A 136 -7.80 -0.41 -11.37
CA THR A 136 -8.80 -1.24 -12.02
C THR A 136 -9.90 -1.68 -11.05
N GLY A 137 -9.98 -1.03 -9.90
CA GLY A 137 -10.98 -1.40 -8.92
C GLY A 137 -10.47 -2.42 -7.93
N GLY A 138 -9.16 -2.43 -7.73
CA GLY A 138 -8.57 -3.38 -6.81
C GLY A 138 -8.11 -2.70 -5.54
N LEU A 139 -9.01 -2.56 -4.58
CA LEU A 139 -8.67 -1.98 -3.29
C LEU A 139 -8.80 -3.01 -2.19
N VAL A 140 -7.96 -2.91 -1.18
CA VAL A 140 -8.04 -3.81 -0.05
C VAL A 140 -8.36 -3.04 1.22
N LEU A 141 -9.39 -3.48 1.92
CA LEU A 141 -9.79 -2.84 3.16
C LEU A 141 -8.97 -3.39 4.32
N LEU A 142 -8.14 -2.53 4.91
CA LEU A 142 -7.24 -2.95 5.97
C LEU A 142 -7.66 -2.38 7.31
N GLU A 143 -7.64 -3.23 8.33
CA GLU A 143 -7.97 -2.82 9.68
C GLU A 143 -7.24 -3.68 10.69
N PRO A 144 -6.59 -3.03 11.67
CA PRO A 144 -5.79 -3.72 12.71
C PRO A 144 -6.64 -4.51 13.70
N GLY A 145 -7.40 -5.47 13.18
CA GLY A 145 -8.30 -6.26 14.02
C GLY A 145 -7.58 -7.16 15.00
N GLU A 146 -6.34 -7.54 14.68
CA GLU A 146 -5.57 -8.41 15.55
C GLU A 146 -4.29 -7.70 16.04
N ALA A 147 -3.75 -6.84 15.19
CA ALA A 147 -2.54 -6.10 15.52
C ALA A 147 -2.76 -5.22 16.74
N PHE A 148 -3.84 -4.44 16.72
CA PHE A 148 -4.16 -3.55 17.82
C PHE A 148 -5.49 -3.93 18.45
N GLN A 149 -6.31 -4.65 17.68
CA GLN A 149 -7.57 -5.23 18.14
C GLN A 149 -8.56 -4.13 18.54
N LYS A 150 -8.42 -2.97 17.92
CA LYS A 150 -9.32 -1.86 18.19
C LYS A 150 -10.32 -1.72 17.05
N GLY A 151 -11.57 -1.41 17.40
CA GLY A 151 -12.61 -1.31 16.40
C GLY A 151 -12.68 0.07 15.78
N SER A 1 23.42 31.52 2.12
CA SER A 1 22.25 30.76 2.58
C SER A 1 22.62 29.89 3.78
N ASN A 2 21.93 30.10 4.89
CA ASN A 2 22.22 29.36 6.12
C ASN A 2 21.14 28.33 6.41
N ALA A 3 21.52 27.30 7.14
CA ALA A 3 20.59 26.25 7.53
C ALA A 3 20.88 25.80 8.95
N MET A 4 20.35 26.54 9.90
CA MET A 4 20.59 26.29 11.30
C MET A 4 19.28 26.32 12.09
N LEU A 5 19.18 25.43 13.08
CA LEU A 5 18.00 25.34 13.92
C LEU A 5 16.75 25.09 13.08
N ARG A 6 16.92 24.29 12.04
CA ARG A 6 15.83 23.97 11.14
C ARG A 6 14.82 23.05 11.82
N ARG A 7 13.55 23.32 11.61
CA ARG A 7 12.49 22.51 12.18
C ARG A 7 11.90 21.61 11.11
N LEU A 8 11.43 20.44 11.51
CA LEU A 8 10.81 19.50 10.60
C LEU A 8 9.66 18.77 11.28
N PHE A 9 8.45 19.02 10.82
CA PHE A 9 7.27 18.32 11.31
C PHE A 9 7.20 16.93 10.68
N LYS A 10 6.96 15.93 11.49
CA LYS A 10 6.94 14.55 11.02
C LYS A 10 5.53 13.96 11.11
N LYS A 11 4.73 14.22 10.07
CA LYS A 11 3.36 13.73 10.03
C LYS A 11 3.28 12.36 9.36
N LYS A 12 4.33 12.02 8.62
CA LYS A 12 4.36 10.75 7.92
C LYS A 12 4.96 9.67 8.81
N TYR A 13 4.09 8.87 9.41
CA TYR A 13 4.49 7.83 10.35
C TYR A 13 5.21 6.69 9.63
N VAL A 14 5.08 6.65 8.32
CA VAL A 14 5.76 5.66 7.51
C VAL A 14 6.17 6.27 6.16
N CYS A 15 7.35 5.91 5.69
CA CYS A 15 7.84 6.41 4.41
C CYS A 15 8.69 5.34 3.73
N VAL A 16 8.06 4.50 2.93
CA VAL A 16 8.79 3.49 2.17
C VAL A 16 8.82 3.88 0.70
N ARG A 17 9.92 4.49 0.30
CA ARG A 17 10.09 4.94 -1.07
C ARG A 17 11.16 4.10 -1.77
N GLN A 18 11.48 2.98 -1.15
CA GLN A 18 12.51 2.09 -1.66
C GLN A 18 12.16 1.55 -3.05
N TYR A 19 13.15 1.44 -3.90
CA TYR A 19 12.94 0.89 -5.23
C TYR A 19 13.21 -0.61 -5.22
N ASP A 20 12.15 -1.38 -5.40
CA ASP A 20 12.26 -2.83 -5.44
C ASP A 20 12.47 -3.29 -6.87
N LEU A 21 12.90 -4.53 -7.03
CA LEU A 21 13.17 -5.08 -8.35
C LEU A 21 11.87 -5.33 -9.12
N THR A 22 10.85 -5.80 -8.40
CA THR A 22 9.58 -6.15 -9.05
C THR A 22 8.51 -6.57 -8.03
N ASP A 23 8.91 -6.76 -6.78
CA ASP A 23 7.98 -7.21 -5.75
C ASP A 23 7.30 -6.01 -5.10
N ALA A 24 6.65 -5.21 -5.94
CA ALA A 24 6.02 -3.96 -5.51
C ALA A 24 4.94 -4.21 -4.46
N GLY A 25 4.17 -5.27 -4.64
CA GLY A 25 3.10 -5.58 -3.71
C GLY A 25 3.60 -5.77 -2.28
N ALA A 26 4.78 -6.34 -2.16
CA ALA A 26 5.37 -6.61 -0.86
C ALA A 26 5.80 -5.32 -0.18
N ALA A 27 6.47 -4.46 -0.93
CA ALA A 27 6.96 -3.20 -0.37
C ALA A 27 5.81 -2.31 0.09
N CYS A 28 4.73 -2.31 -0.66
CA CYS A 28 3.55 -1.52 -0.30
C CYS A 28 2.89 -2.05 0.96
N LEU A 29 2.76 -3.37 1.07
CA LEU A 29 2.17 -3.96 2.26
C LEU A 29 3.08 -3.76 3.46
N SER A 30 4.39 -3.78 3.21
CA SER A 30 5.38 -3.51 4.25
C SER A 30 5.17 -2.12 4.85
N SER A 31 4.84 -1.16 3.99
CA SER A 31 4.59 0.20 4.43
C SER A 31 3.47 0.25 5.47
N ILE A 32 2.44 -0.53 5.22
CA ILE A 32 1.29 -0.57 6.13
C ILE A 32 1.62 -1.38 7.38
N ALA A 33 2.39 -2.45 7.20
CA ALA A 33 2.84 -3.26 8.32
C ALA A 33 3.66 -2.42 9.29
N GLN A 34 4.43 -1.48 8.75
CA GLN A 34 5.20 -0.56 9.57
C GLN A 34 4.29 0.46 10.22
N TYR A 35 3.25 0.89 9.50
CA TYR A 35 2.30 1.86 10.01
C TYR A 35 1.54 1.32 11.22
N TYR A 36 1.20 0.04 11.19
CA TYR A 36 0.50 -0.60 12.31
C TYR A 36 1.46 -0.96 13.44
N GLY A 37 2.72 -0.59 13.28
CA GLY A 37 3.69 -0.74 14.36
C GLY A 37 4.38 -2.10 14.37
N LEU A 38 4.04 -2.95 13.41
CA LEU A 38 4.63 -4.29 13.35
C LEU A 38 6.09 -4.22 12.94
N LYS A 39 6.40 -3.33 12.01
CA LYS A 39 7.76 -3.20 11.49
C LYS A 39 8.22 -4.49 10.83
N MET A 40 7.66 -4.77 9.66
CA MET A 40 8.01 -5.94 8.89
C MET A 40 8.88 -5.55 7.71
N SER A 41 10.07 -6.15 7.61
CA SER A 41 11.01 -5.79 6.57
C SER A 41 10.49 -6.21 5.19
N LEU A 42 10.92 -5.50 4.15
CA LEU A 42 10.48 -5.77 2.79
C LEU A 42 10.65 -7.26 2.45
N ALA A 43 11.83 -7.79 2.74
CA ALA A 43 12.15 -9.18 2.44
C ALA A 43 11.20 -10.15 3.14
N LYS A 44 10.88 -9.87 4.40
CA LYS A 44 9.99 -10.72 5.17
C LYS A 44 8.60 -10.73 4.55
N ILE A 45 8.14 -9.55 4.13
CA ILE A 45 6.83 -9.42 3.52
C ILE A 45 6.79 -10.17 2.19
N ARG A 46 7.89 -10.13 1.43
CA ARG A 46 7.96 -10.86 0.16
C ARG A 46 7.71 -12.35 0.40
N GLU A 47 8.36 -12.89 1.43
CA GLU A 47 8.23 -14.31 1.77
C GLU A 47 6.80 -14.65 2.17
N MET A 48 6.17 -13.76 2.93
CA MET A 48 4.86 -14.02 3.50
C MET A 48 3.74 -13.80 2.48
N THR A 49 3.91 -12.80 1.63
CA THR A 49 2.90 -12.49 0.62
C THR A 49 2.87 -13.53 -0.49
N GLY A 50 4.06 -14.05 -0.82
CA GLY A 50 4.17 -14.97 -1.92
C GLY A 50 3.94 -14.27 -3.24
N THR A 51 4.29 -12.98 -3.27
CA THR A 51 4.09 -12.14 -4.43
C THR A 51 4.70 -12.78 -5.67
N ASP A 52 3.83 -13.08 -6.60
CA ASP A 52 4.22 -13.65 -7.88
C ASP A 52 4.68 -12.57 -8.84
N THR A 53 5.87 -12.74 -9.39
CA THR A 53 6.40 -11.79 -10.35
C THR A 53 5.71 -11.95 -11.69
N GLN A 54 5.00 -13.06 -11.84
CA GLN A 54 4.26 -13.38 -13.05
C GLN A 54 2.88 -12.72 -13.07
N GLY A 55 2.72 -11.64 -12.32
CA GLY A 55 1.42 -10.96 -12.28
C GLY A 55 0.60 -11.31 -11.06
N THR A 56 1.26 -11.33 -9.90
CA THR A 56 0.61 -11.63 -8.62
C THR A 56 -0.69 -10.86 -8.43
N ASN A 57 -1.60 -11.45 -7.69
CA ASN A 57 -2.86 -10.82 -7.35
C ASN A 57 -2.80 -10.30 -5.92
N ALA A 58 -3.77 -9.46 -5.56
CA ALA A 58 -3.83 -8.87 -4.24
C ALA A 58 -4.13 -9.91 -3.17
N TYR A 59 -4.58 -11.08 -3.60
CA TYR A 59 -4.90 -12.17 -2.69
C TYR A 59 -3.68 -12.57 -1.85
N GLY A 60 -2.50 -12.47 -2.45
CA GLY A 60 -1.28 -12.79 -1.72
C GLY A 60 -0.99 -11.78 -0.62
N LEU A 61 -1.38 -10.54 -0.86
CA LEU A 61 -1.17 -9.46 0.09
C LEU A 61 -2.13 -9.58 1.26
N ILE A 62 -3.41 -9.81 0.96
CA ILE A 62 -4.41 -9.95 2.01
C ILE A 62 -4.15 -11.21 2.84
N HIS A 63 -3.57 -12.22 2.19
CA HIS A 63 -3.21 -13.47 2.85
C HIS A 63 -2.18 -13.21 3.94
N ALA A 64 -1.18 -12.40 3.62
CA ALA A 64 -0.15 -12.05 4.58
C ALA A 64 -0.70 -11.09 5.61
N ALA A 65 -1.52 -10.15 5.16
CA ALA A 65 -2.12 -9.15 6.04
C ALA A 65 -2.90 -9.81 7.18
N LYS A 66 -3.70 -10.81 6.84
CA LYS A 66 -4.52 -11.51 7.83
C LYS A 66 -3.66 -12.18 8.90
N GLN A 67 -2.51 -12.70 8.51
CA GLN A 67 -1.63 -13.38 9.46
C GLN A 67 -0.73 -12.38 10.18
N LEU A 68 -0.50 -11.23 9.55
CA LEU A 68 0.26 -10.16 10.16
C LEU A 68 -0.53 -9.52 11.29
N GLY A 69 -1.85 -9.51 11.13
CA GLY A 69 -2.71 -9.01 12.20
C GLY A 69 -3.59 -7.85 11.78
N PHE A 70 -3.80 -7.70 10.49
CA PHE A 70 -4.77 -6.72 10.01
C PHE A 70 -5.64 -7.33 8.94
N SER A 71 -6.94 -7.37 9.21
CA SER A 71 -7.90 -8.01 8.35
C SER A 71 -8.04 -7.24 7.04
N ALA A 72 -7.63 -7.86 5.95
CA ALA A 72 -7.70 -7.22 4.65
C ALA A 72 -8.68 -7.97 3.75
N LYS A 73 -9.58 -7.22 3.16
CA LYS A 73 -10.61 -7.79 2.30
C LYS A 73 -10.58 -7.13 0.93
N GLY A 74 -10.54 -7.96 -0.12
CA GLY A 74 -10.53 -7.42 -1.46
C GLY A 74 -11.92 -7.08 -1.95
N VAL A 75 -12.11 -5.83 -2.33
CA VAL A 75 -13.40 -5.36 -2.80
C VAL A 75 -13.26 -4.59 -4.10
N LYS A 76 -14.35 -4.41 -4.82
CA LYS A 76 -14.35 -3.58 -6.01
C LYS A 76 -15.09 -2.28 -5.71
N ALA A 77 -14.34 -1.19 -5.66
CA ALA A 77 -14.91 0.09 -5.29
C ALA A 77 -15.03 1.01 -6.50
N SER A 78 -15.67 2.15 -6.29
CA SER A 78 -15.79 3.18 -7.31
C SER A 78 -15.11 4.46 -6.82
N LYS A 79 -14.82 5.37 -7.74
CA LYS A 79 -14.05 6.57 -7.42
C LYS A 79 -14.58 7.30 -6.18
N GLU A 80 -15.91 7.41 -6.07
CA GLU A 80 -16.53 8.14 -4.97
C GLU A 80 -16.30 7.47 -3.63
N ASP A 81 -16.05 6.17 -3.64
CA ASP A 81 -15.81 5.43 -2.40
C ASP A 81 -14.50 5.87 -1.77
N LEU A 82 -13.55 6.23 -2.63
CA LEU A 82 -12.24 6.69 -2.20
C LEU A 82 -12.35 8.08 -1.59
N LEU A 83 -13.46 8.75 -1.87
CA LEU A 83 -13.63 10.14 -1.47
C LEU A 83 -14.59 10.26 -0.30
N LYS A 84 -14.82 9.15 0.41
CA LYS A 84 -15.74 9.17 1.54
C LYS A 84 -15.45 8.04 2.53
N ASP A 85 -15.19 6.84 2.02
CA ASP A 85 -15.13 5.66 2.88
C ASP A 85 -13.82 5.60 3.66
N PHE A 86 -12.72 5.36 2.97
CA PHE A 86 -11.44 5.19 3.65
C PHE A 86 -10.53 6.39 3.42
N ARG A 87 -9.75 6.72 4.44
CA ARG A 87 -8.69 7.71 4.33
C ARG A 87 -7.39 7.12 4.85
N LEU A 88 -7.48 5.87 5.28
CA LEU A 88 -6.35 5.15 5.85
C LEU A 88 -5.49 4.54 4.75
N PRO A 89 -4.22 4.21 5.06
CA PRO A 89 -3.33 3.52 4.11
C PRO A 89 -3.90 2.17 3.69
N ALA A 90 -3.96 1.95 2.38
CA ALA A 90 -4.51 0.72 1.83
C ALA A 90 -3.79 0.37 0.53
N ILE A 91 -4.05 -0.83 0.02
CA ILE A 91 -3.41 -1.29 -1.21
C ILE A 91 -4.39 -1.22 -2.37
N ALA A 92 -3.98 -0.57 -3.45
CA ALA A 92 -4.79 -0.47 -4.64
C ALA A 92 -4.09 -1.11 -5.84
N ASN A 93 -4.83 -1.83 -6.65
CA ASN A 93 -4.29 -2.44 -7.85
C ASN A 93 -4.46 -1.50 -9.03
N VAL A 94 -3.34 -0.96 -9.50
CA VAL A 94 -3.36 -0.05 -10.63
C VAL A 94 -2.67 -0.68 -11.83
N ILE A 95 -3.29 -0.54 -12.99
CA ILE A 95 -2.75 -1.09 -14.21
C ILE A 95 -2.16 0.03 -15.06
N VAL A 96 -0.87 -0.06 -15.33
CA VAL A 96 -0.19 0.99 -16.07
C VAL A 96 -0.05 0.59 -17.53
N ASP A 97 -0.48 1.48 -18.42
CA ASP A 97 -0.43 1.25 -19.87
C ASP A 97 -1.29 0.06 -20.26
N ASN A 98 -2.29 -0.25 -19.43
CA ASN A 98 -3.19 -1.38 -19.67
C ASN A 98 -2.44 -2.70 -19.74
N ARG A 99 -1.24 -2.74 -19.17
CA ARG A 99 -0.40 -3.93 -19.24
C ARG A 99 0.31 -4.20 -17.91
N LEU A 100 1.00 -3.20 -17.39
CA LEU A 100 1.80 -3.37 -16.19
C LEU A 100 0.93 -3.42 -14.94
N ALA A 101 1.06 -4.50 -14.20
CA ALA A 101 0.31 -4.70 -12.98
C ALA A 101 1.06 -4.14 -11.78
N HIS A 102 0.63 -2.98 -11.29
CA HIS A 102 1.26 -2.35 -10.16
C HIS A 102 0.33 -2.38 -8.95
N PHE A 103 0.92 -2.51 -7.78
CA PHE A 103 0.18 -2.40 -6.53
C PHE A 103 0.77 -1.28 -5.71
N VAL A 104 -0.06 -0.33 -5.32
CA VAL A 104 0.41 0.85 -4.61
C VAL A 104 -0.31 1.00 -3.29
N VAL A 105 0.40 1.55 -2.31
CA VAL A 105 -0.20 1.84 -1.02
C VAL A 105 -0.55 3.33 -0.93
N ILE A 106 -1.80 3.59 -0.56
CA ILE A 106 -2.28 4.95 -0.44
C ILE A 106 -1.78 5.59 0.85
N TYR A 107 -1.14 6.74 0.71
CA TYR A 107 -0.66 7.49 1.87
C TYR A 107 -1.69 8.54 2.28
N SER A 108 -2.26 9.23 1.29
CA SER A 108 -3.23 10.30 1.56
C SER A 108 -4.08 10.58 0.33
N ILE A 109 -5.38 10.74 0.55
CA ILE A 109 -6.30 11.13 -0.51
C ILE A 109 -7.02 12.41 -0.10
N LYS A 110 -6.70 13.51 -0.77
CA LYS A 110 -7.27 14.80 -0.42
C LYS A 110 -7.30 15.74 -1.62
N ASN A 111 -8.44 16.40 -1.79
CA ASN A 111 -8.64 17.40 -2.85
C ASN A 111 -8.45 16.79 -4.23
N ARG A 112 -8.96 15.56 -4.39
CA ARG A 112 -8.88 14.83 -5.65
C ARG A 112 -7.44 14.52 -6.03
N ILE A 113 -6.55 14.58 -5.06
CA ILE A 113 -5.16 14.22 -5.28
C ILE A 113 -4.85 12.94 -4.52
N ILE A 114 -4.45 11.91 -5.26
CA ILE A 114 -4.18 10.61 -4.69
C ILE A 114 -2.69 10.43 -4.48
N THR A 115 -2.26 10.46 -3.23
CA THR A 115 -0.86 10.25 -2.90
C THR A 115 -0.60 8.79 -2.61
N VAL A 116 0.05 8.10 -3.53
CA VAL A 116 0.36 6.70 -3.35
C VAL A 116 1.86 6.47 -3.42
N ALA A 117 2.29 5.37 -2.82
CA ALA A 117 3.69 5.00 -2.84
C ALA A 117 3.90 3.82 -3.77
N ASP A 118 4.53 4.08 -4.90
CA ASP A 118 4.85 3.03 -5.86
C ASP A 118 6.32 2.65 -5.72
N PRO A 119 6.62 1.41 -5.33
CA PRO A 119 8.00 0.95 -5.10
C PRO A 119 8.89 1.06 -6.34
N GLY A 120 8.30 1.35 -7.49
CA GLY A 120 9.07 1.49 -8.71
C GLY A 120 9.14 2.93 -9.20
N LYS A 121 8.44 3.83 -8.52
CA LYS A 121 8.40 5.24 -8.94
C LYS A 121 8.66 6.19 -7.76
N GLY A 122 8.32 5.76 -6.56
CA GLY A 122 8.41 6.61 -5.39
C GLY A 122 7.06 7.14 -4.99
N ILE A 123 7.05 8.31 -4.35
CA ILE A 123 5.80 8.96 -3.99
C ILE A 123 5.25 9.71 -5.20
N VAL A 124 4.19 9.18 -5.78
CA VAL A 124 3.61 9.78 -6.96
C VAL A 124 2.26 10.38 -6.64
N ARG A 125 2.05 11.62 -7.07
CA ARG A 125 0.78 12.29 -6.88
C ARG A 125 -0.09 12.08 -8.12
N TYR A 126 -1.18 11.36 -7.95
CA TYR A 126 -2.10 11.12 -9.06
C TYR A 126 -3.35 11.97 -8.88
N SER A 127 -4.07 12.20 -9.96
CA SER A 127 -5.36 12.87 -9.88
C SER A 127 -6.44 11.84 -9.65
N MET A 128 -7.54 12.23 -9.03
CA MET A 128 -8.65 11.32 -8.77
C MET A 128 -9.06 10.64 -10.07
N ASP A 129 -9.28 11.46 -11.10
CA ASP A 129 -9.69 10.97 -12.41
C ASP A 129 -8.64 10.03 -13.00
N ASP A 130 -7.38 10.39 -12.84
CA ASP A 130 -6.29 9.64 -13.44
C ASP A 130 -6.03 8.34 -12.68
N PHE A 131 -6.14 8.40 -11.37
CA PHE A 131 -5.95 7.23 -10.53
C PHE A 131 -7.03 6.21 -10.82
N CYS A 132 -8.26 6.69 -10.97
CA CYS A 132 -9.40 5.82 -11.25
C CYS A 132 -9.30 5.24 -12.68
N SER A 133 -8.43 5.84 -13.49
CA SER A 133 -8.20 5.36 -14.84
C SER A 133 -7.30 4.11 -14.81
N ILE A 134 -6.25 4.16 -14.02
CA ILE A 134 -5.32 3.04 -13.91
C ILE A 134 -5.82 1.99 -12.92
N TRP A 135 -6.40 2.45 -11.83
CA TRP A 135 -6.94 1.58 -10.79
C TRP A 135 -8.18 0.84 -11.32
N THR A 136 -8.08 -0.48 -11.41
CA THR A 136 -9.12 -1.29 -12.01
C THR A 136 -10.18 -1.75 -11.01
N GLY A 137 -10.41 -0.95 -9.97
CA GLY A 137 -11.43 -1.29 -9.00
C GLY A 137 -10.92 -2.20 -7.90
N GLY A 138 -9.64 -2.54 -7.96
CA GLY A 138 -9.07 -3.47 -7.02
C GLY A 138 -8.55 -2.78 -5.78
N LEU A 139 -9.34 -2.83 -4.72
CA LEU A 139 -8.96 -2.22 -3.45
C LEU A 139 -9.12 -3.22 -2.32
N VAL A 140 -8.17 -3.22 -1.40
CA VAL A 140 -8.28 -4.03 -0.20
C VAL A 140 -8.36 -3.14 1.02
N LEU A 141 -9.37 -3.36 1.84
CA LEU A 141 -9.58 -2.56 3.03
C LEU A 141 -9.05 -3.30 4.25
N LEU A 142 -8.16 -2.64 4.99
CA LEU A 142 -7.49 -3.26 6.12
C LEU A 142 -8.06 -2.77 7.45
N GLU A 143 -8.37 -3.72 8.32
CA GLU A 143 -8.86 -3.42 9.66
C GLU A 143 -7.80 -3.80 10.69
N PRO A 144 -7.75 -3.10 11.82
CA PRO A 144 -6.92 -3.48 12.96
C PRO A 144 -7.39 -4.79 13.58
N GLY A 145 -6.83 -5.90 13.09
CA GLY A 145 -7.28 -7.20 13.53
C GLY A 145 -6.54 -7.69 14.77
N GLU A 146 -5.80 -8.77 14.61
CA GLU A 146 -5.11 -9.40 15.73
C GLU A 146 -3.96 -8.54 16.24
N ALA A 147 -3.49 -7.62 15.41
CA ALA A 147 -2.38 -6.75 15.78
C ALA A 147 -2.88 -5.51 16.51
N PHE A 148 -4.19 -5.43 16.72
CA PHE A 148 -4.77 -4.34 17.48
C PHE A 148 -4.40 -4.50 18.96
N GLN A 149 -4.47 -5.73 19.43
CA GLN A 149 -4.08 -6.05 20.80
C GLN A 149 -2.60 -6.45 20.83
N LYS A 150 -1.74 -5.44 20.73
CA LYS A 150 -0.28 -5.64 20.67
C LYS A 150 0.14 -6.21 19.32
N GLY A 151 1.22 -5.69 18.78
CA GLY A 151 1.73 -6.15 17.50
C GLY A 151 3.23 -6.17 17.45
N SER A 1 33.89 14.64 -6.72
CA SER A 1 33.26 14.91 -8.03
C SER A 1 31.75 14.67 -7.98
N ASN A 2 31.24 14.28 -6.82
CA ASN A 2 29.82 13.94 -6.69
C ASN A 2 29.12 14.86 -5.71
N ALA A 3 29.75 15.98 -5.38
CA ALA A 3 29.16 16.95 -4.46
C ALA A 3 28.41 18.02 -5.24
N MET A 4 27.85 17.62 -6.38
CA MET A 4 27.10 18.52 -7.24
C MET A 4 25.77 18.88 -6.59
N LEU A 5 25.05 17.87 -6.13
CA LEU A 5 23.77 18.07 -5.49
C LEU A 5 23.63 17.17 -4.27
N ARG A 6 22.79 17.58 -3.34
CA ARG A 6 22.57 16.82 -2.12
C ARG A 6 21.09 16.47 -2.00
N ARG A 7 20.69 15.43 -2.72
CA ARG A 7 19.30 15.00 -2.74
C ARG A 7 18.91 14.42 -1.39
N LEU A 8 17.72 14.77 -0.93
CA LEU A 8 17.23 14.28 0.34
C LEU A 8 16.06 13.33 0.13
N PHE A 9 16.18 12.13 0.67
CA PHE A 9 15.14 11.13 0.57
C PHE A 9 15.03 10.34 1.87
N LYS A 10 15.08 11.08 2.98
CA LYS A 10 14.92 10.50 4.31
C LYS A 10 13.44 10.28 4.62
N LYS A 11 12.60 10.57 3.64
CA LYS A 11 11.15 10.44 3.81
C LYS A 11 10.73 8.97 3.81
N LYS A 12 11.70 8.08 3.66
CA LYS A 12 11.44 6.65 3.74
C LYS A 12 11.31 6.22 5.19
N TYR A 13 10.32 6.79 5.87
CA TYR A 13 10.07 6.46 7.27
C TYR A 13 9.45 5.06 7.36
N VAL A 14 8.22 4.95 6.93
CA VAL A 14 7.53 3.67 6.90
C VAL A 14 7.35 3.20 5.46
N CYS A 15 7.61 4.11 4.52
CA CYS A 15 7.53 3.81 3.11
C CYS A 15 8.87 3.27 2.62
N VAL A 16 8.84 2.12 1.99
CA VAL A 16 10.06 1.50 1.48
C VAL A 16 10.17 1.71 -0.02
N ARG A 17 11.33 1.35 -0.57
CA ARG A 17 11.53 1.40 -2.00
C ARG A 17 12.45 0.25 -2.42
N GLN A 18 11.91 -0.65 -3.23
CA GLN A 18 12.68 -1.79 -3.71
C GLN A 18 12.84 -1.71 -5.21
N TYR A 19 13.44 -0.62 -5.68
CA TYR A 19 13.62 -0.38 -7.11
C TYR A 19 14.66 -1.34 -7.69
N ASP A 20 15.47 -1.92 -6.83
CA ASP A 20 16.51 -2.84 -7.25
C ASP A 20 16.00 -4.28 -7.24
N LEU A 21 14.79 -4.45 -6.72
CA LEU A 21 14.18 -5.77 -6.61
C LEU A 21 12.93 -5.83 -7.46
N THR A 22 12.40 -7.03 -7.64
CA THR A 22 11.15 -7.22 -8.35
C THR A 22 10.02 -7.43 -7.35
N ASP A 23 8.84 -7.79 -7.86
CA ASP A 23 7.72 -8.14 -7.01
C ASP A 23 7.30 -6.92 -6.18
N ALA A 24 6.95 -5.85 -6.88
CA ALA A 24 6.68 -4.56 -6.25
C ALA A 24 5.52 -4.65 -5.25
N GLY A 25 4.55 -5.50 -5.53
CA GLY A 25 3.38 -5.64 -4.68
C GLY A 25 3.73 -5.98 -3.24
N ALA A 26 4.84 -6.67 -3.04
CA ALA A 26 5.29 -7.05 -1.71
C ALA A 26 5.76 -5.84 -0.92
N ALA A 27 6.52 -4.98 -1.58
CA ALA A 27 7.07 -3.79 -0.95
C ALA A 27 5.96 -2.84 -0.54
N CYS A 28 4.87 -2.86 -1.30
CA CYS A 28 3.71 -2.04 -1.00
C CYS A 28 3.11 -2.45 0.35
N LEU A 29 2.91 -3.75 0.54
CA LEU A 29 2.32 -4.25 1.77
C LEU A 29 3.30 -4.07 2.94
N SER A 30 4.59 -4.17 2.64
CA SER A 30 5.63 -4.01 3.66
C SER A 30 5.58 -2.63 4.27
N SER A 31 5.39 -1.61 3.42
CA SER A 31 5.30 -0.23 3.89
C SER A 31 4.13 -0.05 4.86
N ILE A 32 3.03 -0.72 4.56
CA ILE A 32 1.84 -0.67 5.41
C ILE A 32 2.11 -1.35 6.75
N ALA A 33 2.75 -2.50 6.70
CA ALA A 33 3.11 -3.24 7.91
C ALA A 33 3.97 -2.38 8.83
N GLN A 34 4.81 -1.56 8.23
CA GLN A 34 5.67 -0.67 8.99
C GLN A 34 4.89 0.56 9.47
N TYR A 35 3.97 1.03 8.64
CA TYR A 35 3.10 2.15 8.98
C TYR A 35 2.26 1.83 10.22
N TYR A 36 1.73 0.61 10.26
CA TYR A 36 0.87 0.20 11.35
C TYR A 36 1.66 -0.18 12.60
N GLY A 37 2.98 -0.05 12.52
CA GLY A 37 3.82 -0.22 13.70
C GLY A 37 4.35 -1.63 13.88
N LEU A 38 3.97 -2.53 12.98
CA LEU A 38 4.46 -3.91 13.05
C LEU A 38 5.92 -3.96 12.63
N LYS A 39 6.28 -3.13 11.65
CA LYS A 39 7.65 -3.05 11.18
C LYS A 39 8.14 -4.42 10.72
N MET A 40 7.67 -4.84 9.55
CA MET A 40 8.03 -6.13 8.99
C MET A 40 9.11 -5.95 7.94
N SER A 41 9.94 -6.98 7.78
CA SER A 41 11.04 -6.93 6.83
C SER A 41 10.55 -7.21 5.41
N LEU A 42 11.20 -6.60 4.43
CA LEU A 42 10.81 -6.74 3.03
C LEU A 42 10.80 -8.21 2.60
N ALA A 43 11.89 -8.91 2.91
CA ALA A 43 12.04 -10.31 2.54
C ALA A 43 10.94 -11.17 3.16
N LYS A 44 10.56 -10.86 4.38
CA LYS A 44 9.53 -11.61 5.08
C LYS A 44 8.16 -11.42 4.43
N ILE A 45 7.90 -10.20 3.97
CA ILE A 45 6.61 -9.89 3.36
C ILE A 45 6.40 -10.67 2.07
N ARG A 46 7.42 -10.71 1.22
CA ARG A 46 7.27 -11.33 -0.09
C ARG A 46 7.18 -12.86 0.00
N GLU A 47 7.74 -13.44 1.05
CA GLU A 47 7.67 -14.89 1.21
C GLU A 47 6.34 -15.31 1.80
N MET A 48 5.74 -14.44 2.62
CA MET A 48 4.47 -14.73 3.26
C MET A 48 3.31 -14.46 2.30
N THR A 49 3.48 -13.50 1.41
CA THR A 49 2.45 -13.17 0.45
C THR A 49 2.49 -14.11 -0.74
N GLY A 50 3.70 -14.57 -1.08
CA GLY A 50 3.88 -15.41 -2.24
C GLY A 50 3.80 -14.61 -3.51
N THR A 51 4.19 -13.34 -3.43
CA THR A 51 4.07 -12.40 -4.52
C THR A 51 4.84 -12.88 -5.75
N ASP A 52 4.08 -13.12 -6.79
CA ASP A 52 4.63 -13.37 -8.11
C ASP A 52 4.72 -12.05 -8.87
N THR A 53 5.88 -11.76 -9.45
CA THR A 53 6.10 -10.48 -10.10
C THR A 53 5.42 -10.44 -11.48
N GLN A 54 4.75 -11.53 -11.83
CA GLN A 54 4.05 -11.62 -13.11
C GLN A 54 2.61 -11.15 -12.97
N GLY A 55 2.32 -10.37 -11.94
CA GLY A 55 0.98 -9.86 -11.75
C GLY A 55 0.18 -10.66 -10.74
N THR A 56 0.84 -11.05 -9.66
CA THR A 56 0.19 -11.77 -8.56
C THR A 56 -1.12 -11.07 -8.13
N ASN A 57 -2.06 -11.87 -7.65
CA ASN A 57 -3.36 -11.35 -7.23
C ASN A 57 -3.29 -10.79 -5.82
N ALA A 58 -4.08 -9.75 -5.57
CA ALA A 58 -4.14 -9.07 -4.29
C ALA A 58 -4.59 -10.01 -3.17
N TYR A 59 -5.17 -11.14 -3.56
CA TYR A 59 -5.61 -12.15 -2.61
C TYR A 59 -4.42 -12.72 -1.83
N GLY A 60 -3.24 -12.66 -2.44
CA GLY A 60 -2.04 -13.10 -1.75
C GLY A 60 -1.57 -12.08 -0.73
N LEU A 61 -1.89 -10.81 -0.99
CA LEU A 61 -1.52 -9.73 -0.09
C LEU A 61 -2.35 -9.82 1.19
N ILE A 62 -3.65 -9.99 1.04
CA ILE A 62 -4.56 -10.09 2.18
C ILE A 62 -4.24 -11.33 3.02
N HIS A 63 -3.70 -12.34 2.34
CA HIS A 63 -3.30 -13.59 2.99
C HIS A 63 -2.28 -13.33 4.08
N ALA A 64 -1.34 -12.43 3.81
CA ALA A 64 -0.33 -12.08 4.79
C ALA A 64 -0.83 -10.96 5.71
N ALA A 65 -1.53 -10.00 5.13
CA ALA A 65 -1.99 -8.82 5.85
C ALA A 65 -2.74 -9.19 7.14
N LYS A 66 -3.69 -10.12 7.02
CA LYS A 66 -4.53 -10.51 8.16
C LYS A 66 -3.68 -10.97 9.35
N GLN A 67 -2.66 -11.76 9.06
CA GLN A 67 -1.80 -12.31 10.10
C GLN A 67 -0.67 -11.35 10.47
N LEU A 68 -0.48 -10.31 9.67
CA LEU A 68 0.52 -9.30 9.96
C LEU A 68 0.02 -8.35 11.06
N GLY A 69 -1.29 -8.37 11.29
CA GLY A 69 -1.86 -7.59 12.36
C GLY A 69 -2.89 -6.56 11.89
N PHE A 70 -3.27 -6.63 10.63
CA PHE A 70 -4.30 -5.75 10.11
C PHE A 70 -5.22 -6.49 9.14
N SER A 71 -6.51 -6.46 9.46
CA SER A 71 -7.50 -7.17 8.66
C SER A 71 -7.57 -6.61 7.25
N ALA A 72 -7.75 -7.50 6.28
CA ALA A 72 -7.71 -7.11 4.88
C ALA A 72 -8.69 -7.91 4.05
N LYS A 73 -9.50 -7.20 3.29
CA LYS A 73 -10.42 -7.83 2.35
C LYS A 73 -10.37 -7.11 1.02
N GLY A 74 -10.20 -7.87 -0.06
CA GLY A 74 -10.19 -7.28 -1.38
C GLY A 74 -11.58 -7.07 -1.90
N VAL A 75 -11.90 -5.83 -2.26
CA VAL A 75 -13.22 -5.49 -2.74
C VAL A 75 -13.15 -4.65 -4.02
N LYS A 76 -14.23 -4.64 -4.77
CA LYS A 76 -14.33 -3.82 -5.95
C LYS A 76 -15.04 -2.51 -5.62
N ALA A 77 -14.27 -1.44 -5.58
CA ALA A 77 -14.80 -0.14 -5.20
C ALA A 77 -14.89 0.78 -6.40
N SER A 78 -15.40 1.98 -6.20
CA SER A 78 -15.53 2.95 -7.27
C SER A 78 -14.98 4.30 -6.83
N LYS A 79 -14.72 5.19 -7.79
CA LYS A 79 -14.03 6.46 -7.55
C LYS A 79 -14.58 7.24 -6.34
N GLU A 80 -15.89 7.33 -6.21
CA GLU A 80 -16.49 8.14 -5.16
C GLU A 80 -16.34 7.48 -3.78
N ASP A 81 -16.06 6.19 -3.76
CA ASP A 81 -15.88 5.47 -2.51
C ASP A 81 -14.55 5.86 -1.87
N LEU A 82 -13.59 6.17 -2.72
CA LEU A 82 -12.26 6.58 -2.26
C LEU A 82 -12.32 7.89 -1.50
N LEU A 83 -13.41 8.61 -1.70
CA LEU A 83 -13.56 9.93 -1.12
C LEU A 83 -14.39 9.89 0.16
N LYS A 84 -14.74 8.69 0.62
CA LYS A 84 -15.61 8.57 1.78
C LYS A 84 -15.27 7.37 2.68
N ASP A 85 -14.85 6.26 2.09
CA ASP A 85 -14.69 5.03 2.86
C ASP A 85 -13.40 5.03 3.69
N PHE A 86 -12.28 4.72 3.06
CA PHE A 86 -11.04 4.53 3.79
C PHE A 86 -10.31 5.86 4.00
N ARG A 87 -9.82 6.06 5.20
CA ARG A 87 -9.03 7.24 5.55
C ARG A 87 -7.59 6.84 5.83
N LEU A 88 -7.32 5.56 5.69
CA LEU A 88 -6.02 4.99 6.03
C LEU A 88 -5.37 4.37 4.81
N PRO A 89 -4.05 4.10 4.87
CA PRO A 89 -3.31 3.45 3.78
C PRO A 89 -3.93 2.13 3.33
N ALA A 90 -4.11 2.01 2.02
CA ALA A 90 -4.70 0.81 1.44
C ALA A 90 -3.98 0.45 0.15
N ILE A 91 -4.03 -0.83 -0.22
CA ILE A 91 -3.40 -1.30 -1.45
C ILE A 91 -4.41 -1.28 -2.59
N ALA A 92 -4.04 -0.59 -3.65
CA ALA A 92 -4.88 -0.52 -4.84
C ALA A 92 -4.21 -1.22 -6.01
N ASN A 93 -4.98 -2.04 -6.71
CA ASN A 93 -4.50 -2.69 -7.92
C ASN A 93 -4.49 -1.70 -9.06
N VAL A 94 -3.31 -1.42 -9.57
CA VAL A 94 -3.16 -0.41 -10.58
C VAL A 94 -2.37 -0.95 -11.77
N ILE A 95 -2.79 -0.59 -12.97
CA ILE A 95 -2.16 -1.11 -14.18
C ILE A 95 -1.19 -0.08 -14.75
N VAL A 96 0.08 -0.44 -14.80
CA VAL A 96 1.09 0.43 -15.36
C VAL A 96 1.41 0.05 -16.79
N ASP A 97 1.51 1.06 -17.65
CA ASP A 97 1.82 0.87 -19.08
C ASP A 97 0.73 0.06 -19.78
N ASN A 98 -0.44 -0.01 -19.15
CA ASN A 98 -1.56 -0.80 -19.67
C ASN A 98 -1.14 -2.23 -20.00
N ARG A 99 -0.31 -2.80 -19.14
CA ARG A 99 0.21 -4.14 -19.37
C ARG A 99 0.52 -4.85 -18.06
N LEU A 100 1.36 -4.22 -17.24
CA LEU A 100 1.84 -4.84 -16.02
C LEU A 100 0.90 -4.54 -14.85
N ALA A 101 0.70 -5.54 -14.01
CA ALA A 101 -0.12 -5.37 -12.81
C ALA A 101 0.75 -4.89 -11.66
N HIS A 102 0.43 -3.71 -11.17
CA HIS A 102 1.23 -3.06 -10.14
C HIS A 102 0.33 -2.70 -8.96
N PHE A 103 0.93 -2.42 -7.82
CA PHE A 103 0.17 -2.03 -6.64
C PHE A 103 0.77 -0.76 -6.04
N VAL A 104 -0.09 0.08 -5.49
CA VAL A 104 0.35 1.31 -4.84
C VAL A 104 -0.35 1.48 -3.51
N VAL A 105 0.30 2.17 -2.59
CA VAL A 105 -0.25 2.41 -1.26
C VAL A 105 -0.82 3.82 -1.17
N ILE A 106 -2.11 3.93 -0.95
CA ILE A 106 -2.73 5.24 -0.82
C ILE A 106 -2.44 5.82 0.56
N TYR A 107 -1.84 7.00 0.60
CA TYR A 107 -1.55 7.66 1.85
C TYR A 107 -2.59 8.73 2.16
N SER A 108 -3.01 9.47 1.14
CA SER A 108 -3.98 10.54 1.33
C SER A 108 -4.81 10.77 0.07
N ILE A 109 -6.10 10.92 0.24
CA ILE A 109 -6.98 11.29 -0.86
C ILE A 109 -7.79 12.52 -0.47
N LYS A 110 -7.42 13.66 -1.02
CA LYS A 110 -8.02 14.93 -0.64
C LYS A 110 -7.87 15.94 -1.77
N ASN A 111 -8.90 16.77 -1.96
CA ASN A 111 -8.88 17.82 -2.98
C ASN A 111 -8.70 17.22 -4.37
N ARG A 112 -9.24 16.01 -4.55
CA ARG A 112 -9.11 15.26 -5.78
C ARG A 112 -7.66 14.90 -6.09
N ILE A 113 -6.82 14.98 -5.06
CA ILE A 113 -5.42 14.63 -5.19
C ILE A 113 -5.14 13.35 -4.41
N ILE A 114 -4.79 12.30 -5.12
CA ILE A 114 -4.51 11.02 -4.52
C ILE A 114 -3.00 10.82 -4.36
N THR A 115 -2.57 10.81 -3.11
CA THR A 115 -1.17 10.66 -2.79
C THR A 115 -0.84 9.18 -2.55
N VAL A 116 -0.16 8.57 -3.50
CA VAL A 116 0.19 7.16 -3.38
C VAL A 116 1.68 6.98 -3.17
N ALA A 117 2.03 5.90 -2.50
CA ALA A 117 3.42 5.53 -2.31
C ALA A 117 3.76 4.38 -3.24
N ASP A 118 4.63 4.65 -4.19
CA ASP A 118 5.07 3.64 -5.13
C ASP A 118 6.40 3.05 -4.66
N PRO A 119 6.50 1.72 -4.62
CA PRO A 119 7.68 1.03 -4.08
C PRO A 119 8.91 1.15 -4.98
N GLY A 120 8.79 1.86 -6.09
CA GLY A 120 9.91 2.07 -6.97
C GLY A 120 10.14 3.53 -7.29
N LYS A 121 9.05 4.24 -7.55
CA LYS A 121 9.11 5.64 -7.92
C LYS A 121 8.98 6.56 -6.70
N GLY A 122 8.42 6.04 -5.62
CA GLY A 122 8.23 6.83 -4.43
C GLY A 122 6.84 7.44 -4.38
N ILE A 123 6.70 8.53 -3.65
CA ILE A 123 5.42 9.22 -3.55
C ILE A 123 5.04 9.85 -4.88
N VAL A 124 3.85 9.52 -5.37
CA VAL A 124 3.35 10.07 -6.62
C VAL A 124 1.97 10.68 -6.42
N ARG A 125 1.73 11.84 -7.02
CA ARG A 125 0.43 12.48 -6.95
C ARG A 125 -0.40 12.14 -8.18
N TYR A 126 -1.49 11.44 -7.97
CA TYR A 126 -2.42 11.13 -9.03
C TYR A 126 -3.71 11.92 -8.85
N SER A 127 -4.33 12.32 -9.94
CA SER A 127 -5.62 12.96 -9.88
C SER A 127 -6.68 11.92 -9.59
N MET A 128 -7.75 12.33 -8.92
CA MET A 128 -8.82 11.41 -8.51
C MET A 128 -9.23 10.50 -9.67
N ASP A 129 -9.67 11.09 -10.77
CA ASP A 129 -10.18 10.32 -11.89
C ASP A 129 -9.05 9.70 -12.71
N ASP A 130 -7.88 10.33 -12.70
CA ASP A 130 -6.73 9.78 -13.41
C ASP A 130 -6.30 8.47 -12.77
N PHE A 131 -6.32 8.46 -11.44
CA PHE A 131 -6.04 7.25 -10.68
C PHE A 131 -7.13 6.21 -10.95
N CYS A 132 -8.36 6.67 -11.00
CA CYS A 132 -9.51 5.80 -11.22
C CYS A 132 -9.46 5.15 -12.61
N SER A 133 -8.66 5.71 -13.49
CA SER A 133 -8.51 5.17 -14.83
C SER A 133 -7.53 3.98 -14.82
N ILE A 134 -6.40 4.16 -14.12
CA ILE A 134 -5.38 3.12 -14.05
C ILE A 134 -5.73 2.06 -13.01
N TRP A 135 -6.41 2.49 -11.96
CA TRP A 135 -6.87 1.59 -10.90
C TRP A 135 -8.07 0.78 -11.39
N THR A 136 -8.00 -0.53 -11.22
CA THR A 136 -8.99 -1.44 -11.79
C THR A 136 -10.24 -1.56 -10.92
N GLY A 137 -10.20 -1.00 -9.72
CA GLY A 137 -11.32 -1.15 -8.81
C GLY A 137 -11.01 -2.14 -7.71
N GLY A 138 -9.78 -2.63 -7.71
CA GLY A 138 -9.37 -3.58 -6.70
C GLY A 138 -8.71 -2.90 -5.53
N LEU A 139 -9.45 -2.79 -4.44
CA LEU A 139 -8.94 -2.17 -3.23
C LEU A 139 -9.10 -3.11 -2.05
N VAL A 140 -8.08 -3.16 -1.19
CA VAL A 140 -8.16 -3.97 0.01
C VAL A 140 -8.49 -3.08 1.22
N LEU A 141 -9.51 -3.47 1.96
CA LEU A 141 -9.90 -2.73 3.15
C LEU A 141 -9.05 -3.15 4.34
N LEU A 142 -8.22 -2.24 4.81
CA LEU A 142 -7.32 -2.52 5.91
C LEU A 142 -7.82 -1.89 7.20
N GLU A 143 -7.51 -2.51 8.32
CA GLU A 143 -7.85 -1.98 9.63
C GLU A 143 -6.98 -2.60 10.71
N PRO A 144 -6.51 -1.77 11.66
CA PRO A 144 -5.58 -2.20 12.73
C PRO A 144 -6.25 -3.02 13.82
N GLY A 145 -6.78 -4.17 13.44
CA GLY A 145 -7.47 -5.02 14.41
C GLY A 145 -6.52 -5.63 15.42
N GLU A 146 -5.35 -6.05 14.97
CA GLU A 146 -4.37 -6.66 15.86
C GLU A 146 -3.30 -5.65 16.23
N ALA A 147 -2.88 -4.85 15.25
CA ALA A 147 -1.89 -3.79 15.46
C ALA A 147 -2.31 -2.89 16.60
N PHE A 148 -3.56 -2.46 16.57
CA PHE A 148 -4.14 -1.70 17.66
C PHE A 148 -5.23 -2.53 18.30
N GLN A 149 -4.81 -3.68 18.84
CA GLN A 149 -5.72 -4.69 19.37
C GLN A 149 -6.66 -4.11 20.44
N LYS A 150 -7.91 -4.54 20.36
CA LYS A 150 -8.93 -4.14 21.32
C LYS A 150 -9.56 -5.38 21.93
N GLY A 151 -9.91 -6.31 21.08
CA GLY A 151 -10.55 -7.53 21.52
C GLY A 151 -11.87 -7.74 20.83
N SER A 1 7.36 35.53 2.63
CA SER A 1 7.72 36.51 3.68
C SER A 1 7.57 35.89 5.06
N ASN A 2 6.34 35.79 5.55
CA ASN A 2 6.10 35.28 6.90
C ASN A 2 5.25 34.02 6.88
N ALA A 3 4.34 33.94 5.92
CA ALA A 3 3.45 32.80 5.80
C ALA A 3 4.20 31.57 5.29
N MET A 4 4.31 30.56 6.12
CA MET A 4 5.04 29.36 5.78
C MET A 4 4.29 28.12 6.24
N LEU A 5 4.77 26.96 5.85
CA LEU A 5 4.16 25.71 6.25
C LEU A 5 5.21 24.64 6.51
N ARG A 6 5.70 24.61 7.73
CA ARG A 6 6.68 23.60 8.12
C ARG A 6 6.07 22.68 9.16
N ARG A 7 5.85 23.22 10.37
CA ARG A 7 5.27 22.46 11.48
C ARG A 7 6.06 21.18 11.72
N LEU A 8 7.31 21.34 12.15
CA LEU A 8 8.23 20.23 12.34
C LEU A 8 8.60 19.61 11.00
N PHE A 9 9.25 18.46 11.02
CA PHE A 9 9.58 17.77 9.79
C PHE A 9 8.51 16.73 9.45
N LYS A 10 8.28 15.79 10.36
CA LYS A 10 7.30 14.72 10.15
C LYS A 10 7.68 13.91 8.90
N LYS A 11 8.97 13.82 8.64
CA LYS A 11 9.48 13.10 7.48
C LYS A 11 9.58 11.61 7.79
N LYS A 12 8.43 10.97 7.89
CA LYS A 12 8.38 9.55 8.17
C LYS A 12 8.58 8.76 6.89
N TYR A 13 9.77 8.22 6.71
CA TYR A 13 10.10 7.46 5.51
C TYR A 13 9.61 6.03 5.63
N VAL A 14 8.31 5.91 5.88
CA VAL A 14 7.68 4.61 6.05
C VAL A 14 7.54 3.90 4.70
N CYS A 15 7.54 4.67 3.63
CA CYS A 15 7.43 4.12 2.29
C CYS A 15 8.77 3.59 1.81
N VAL A 16 8.79 2.35 1.35
CA VAL A 16 10.02 1.76 0.84
C VAL A 16 10.16 2.03 -0.66
N ARG A 17 11.30 2.57 -1.05
CA ARG A 17 11.54 2.93 -2.44
C ARG A 17 12.15 1.75 -3.20
N GLN A 18 11.41 0.65 -3.24
CA GLN A 18 11.87 -0.54 -3.94
C GLN A 18 11.68 -0.41 -5.45
N TYR A 19 12.57 0.34 -6.09
CA TYR A 19 12.54 0.48 -7.53
C TYR A 19 13.17 -0.75 -8.17
N ASP A 20 12.49 -1.86 -8.04
CA ASP A 20 12.98 -3.13 -8.55
C ASP A 20 11.88 -3.86 -9.31
N LEU A 21 10.63 -3.65 -8.87
CA LEU A 21 9.43 -4.13 -9.55
C LEU A 21 9.20 -5.64 -9.36
N THR A 22 10.27 -6.40 -9.13
CA THR A 22 10.15 -7.85 -8.98
C THR A 22 9.29 -8.21 -7.78
N ASP A 23 9.59 -7.60 -6.64
CA ASP A 23 8.82 -7.82 -5.42
C ASP A 23 8.13 -6.54 -4.98
N ALA A 24 7.76 -5.72 -5.96
CA ALA A 24 7.11 -4.44 -5.68
C ALA A 24 5.79 -4.64 -4.96
N GLY A 25 5.10 -5.72 -5.30
CA GLY A 25 3.84 -6.03 -4.63
C GLY A 25 4.01 -6.22 -3.14
N ALA A 26 5.16 -6.77 -2.75
CA ALA A 26 5.46 -6.97 -1.35
C ALA A 26 5.92 -5.66 -0.71
N ALA A 27 6.51 -4.80 -1.52
CA ALA A 27 6.97 -3.51 -1.05
C ALA A 27 5.80 -2.61 -0.67
N CYS A 28 4.68 -2.79 -1.36
CA CYS A 28 3.46 -2.08 -1.04
C CYS A 28 2.96 -2.46 0.35
N LEU A 29 2.90 -3.76 0.61
CA LEU A 29 2.37 -4.27 1.87
C LEU A 29 3.33 -4.00 3.04
N SER A 30 4.63 -4.09 2.77
CA SER A 30 5.63 -3.86 3.82
C SER A 30 5.55 -2.43 4.34
N SER A 31 5.42 -1.47 3.42
CA SER A 31 5.25 -0.06 3.79
C SER A 31 4.04 0.11 4.71
N ILE A 32 2.95 -0.57 4.37
CA ILE A 32 1.73 -0.50 5.16
C ILE A 32 1.92 -1.13 6.53
N ALA A 33 2.57 -2.29 6.55
CA ALA A 33 2.85 -2.98 7.80
C ALA A 33 3.61 -2.08 8.76
N GLN A 34 4.55 -1.31 8.23
CA GLN A 34 5.30 -0.35 9.02
C GLN A 34 4.41 0.78 9.52
N TYR A 35 3.54 1.28 8.64
CA TYR A 35 2.64 2.37 8.98
C TYR A 35 1.64 1.96 10.06
N TYR A 36 1.17 0.72 9.98
CA TYR A 36 0.20 0.19 10.94
C TYR A 36 0.85 -0.13 12.29
N GLY A 37 2.17 -0.03 12.36
CA GLY A 37 2.86 -0.24 13.62
C GLY A 37 3.39 -1.64 13.78
N LEU A 38 3.15 -2.49 12.78
CA LEU A 38 3.65 -3.86 12.82
C LEU A 38 5.13 -3.90 12.47
N LYS A 39 5.54 -3.00 11.57
CA LYS A 39 6.94 -2.83 11.21
C LYS A 39 7.58 -4.14 10.77
N MET A 40 7.44 -4.45 9.50
CA MET A 40 8.02 -5.65 8.92
C MET A 40 9.03 -5.25 7.85
N SER A 41 9.76 -6.21 7.33
CA SER A 41 10.74 -5.94 6.30
C SER A 41 10.35 -6.57 4.97
N LEU A 42 10.76 -5.96 3.87
CA LEU A 42 10.40 -6.41 2.52
C LEU A 42 10.62 -7.91 2.35
N ALA A 43 11.82 -8.37 2.70
CA ALA A 43 12.21 -9.76 2.52
C ALA A 43 11.19 -10.72 3.15
N LYS A 44 10.79 -10.41 4.38
CA LYS A 44 9.82 -11.22 5.10
C LYS A 44 8.47 -11.20 4.39
N ILE A 45 8.04 -10.00 4.01
CA ILE A 45 6.74 -9.82 3.35
C ILE A 45 6.69 -10.55 2.02
N ARG A 46 7.80 -10.53 1.29
CA ARG A 46 7.88 -11.23 0.01
C ARG A 46 7.65 -12.74 0.18
N GLU A 47 8.12 -13.27 1.30
CA GLU A 47 7.96 -14.70 1.59
C GLU A 47 6.53 -15.01 2.02
N MET A 48 6.03 -14.21 2.95
CA MET A 48 4.70 -14.43 3.51
C MET A 48 3.62 -14.19 2.47
N THR A 49 3.83 -13.21 1.61
CA THR A 49 2.86 -12.87 0.58
C THR A 49 2.92 -13.85 -0.58
N GLY A 50 4.13 -14.27 -0.93
CA GLY A 50 4.30 -15.14 -2.08
C GLY A 50 4.17 -14.36 -3.37
N THR A 51 4.54 -13.08 -3.33
CA THR A 51 4.39 -12.16 -4.42
C THR A 51 4.89 -12.74 -5.74
N ASP A 52 3.97 -12.92 -6.66
CA ASP A 52 4.28 -13.35 -8.00
C ASP A 52 4.67 -12.18 -8.88
N THR A 53 5.87 -12.23 -9.44
CA THR A 53 6.35 -11.18 -10.33
C THR A 53 5.62 -11.27 -11.68
N GLN A 54 4.95 -12.39 -11.88
CA GLN A 54 4.23 -12.66 -13.13
C GLN A 54 2.86 -12.00 -13.14
N GLY A 55 2.64 -11.00 -12.29
CA GLY A 55 1.35 -10.36 -12.22
C GLY A 55 0.50 -10.85 -11.06
N THR A 56 1.15 -11.01 -9.90
CA THR A 56 0.47 -11.46 -8.68
C THR A 56 -0.82 -10.68 -8.42
N ASN A 57 -1.77 -11.33 -7.75
CA ASN A 57 -3.04 -10.69 -7.42
C ASN A 57 -3.05 -10.27 -5.96
N ALA A 58 -3.95 -9.34 -5.63
CA ALA A 58 -4.03 -8.76 -4.29
C ALA A 58 -4.44 -9.80 -3.26
N TYR A 59 -4.97 -10.92 -3.74
CA TYR A 59 -5.41 -12.00 -2.87
C TYR A 59 -4.23 -12.66 -2.16
N GLY A 60 -3.03 -12.48 -2.70
CA GLY A 60 -1.84 -12.95 -2.03
C GLY A 60 -1.43 -12.00 -0.92
N LEU A 61 -1.60 -10.70 -1.17
CA LEU A 61 -1.23 -9.68 -0.20
C LEU A 61 -2.14 -9.73 1.02
N ILE A 62 -3.44 -9.94 0.79
CA ILE A 62 -4.40 -9.98 1.89
C ILE A 62 -4.12 -11.17 2.80
N HIS A 63 -3.55 -12.24 2.25
CA HIS A 63 -3.19 -13.41 3.04
C HIS A 63 -2.12 -13.04 4.06
N ALA A 64 -1.12 -12.29 3.63
CA ALA A 64 -0.06 -11.88 4.52
C ALA A 64 -0.56 -10.81 5.49
N ALA A 65 -1.38 -9.90 4.97
CA ALA A 65 -1.92 -8.80 5.76
C ALA A 65 -2.66 -9.30 7.00
N LYS A 66 -3.54 -10.29 6.80
CA LYS A 66 -4.33 -10.85 7.88
C LYS A 66 -3.46 -11.36 9.02
N GLN A 67 -2.43 -12.11 8.66
CA GLN A 67 -1.54 -12.73 9.64
C GLN A 67 -0.50 -11.72 10.17
N LEU A 68 -0.45 -10.55 9.56
CA LEU A 68 0.40 -9.48 10.05
C LEU A 68 -0.30 -8.71 11.16
N GLY A 69 -1.62 -8.83 11.20
CA GLY A 69 -2.38 -8.20 12.26
C GLY A 69 -3.41 -7.21 11.78
N PHE A 70 -3.65 -7.14 10.48
CA PHE A 70 -4.69 -6.26 9.95
C PHE A 70 -5.57 -7.01 8.94
N SER A 71 -6.87 -6.91 9.14
CA SER A 71 -7.85 -7.56 8.30
C SER A 71 -7.79 -7.00 6.88
N ALA A 72 -7.88 -7.88 5.90
CA ALA A 72 -7.76 -7.48 4.51
C ALA A 72 -8.78 -8.21 3.64
N LYS A 73 -9.50 -7.45 2.84
CA LYS A 73 -10.50 -8.01 1.95
C LYS A 73 -10.54 -7.23 0.64
N GLY A 74 -10.48 -7.95 -0.47
CA GLY A 74 -10.58 -7.30 -1.77
C GLY A 74 -12.00 -6.91 -2.09
N VAL A 75 -12.21 -5.62 -2.36
CA VAL A 75 -13.56 -5.12 -2.60
C VAL A 75 -13.61 -4.27 -3.86
N LYS A 76 -14.79 -4.18 -4.46
CA LYS A 76 -15.00 -3.31 -5.60
C LYS A 76 -15.27 -1.89 -5.10
N ALA A 77 -14.25 -1.07 -5.15
CA ALA A 77 -14.35 0.30 -4.71
C ALA A 77 -14.32 1.24 -5.90
N SER A 78 -14.93 2.40 -5.74
CA SER A 78 -14.93 3.41 -6.78
C SER A 78 -14.26 4.68 -6.27
N LYS A 79 -14.25 5.73 -7.08
CA LYS A 79 -13.56 6.96 -6.71
C LYS A 79 -14.13 7.57 -5.43
N GLU A 80 -15.44 7.49 -5.26
CA GLU A 80 -16.09 8.05 -4.08
C GLU A 80 -15.70 7.28 -2.82
N ASP A 81 -15.45 5.99 -2.98
CA ASP A 81 -15.11 5.12 -1.85
C ASP A 81 -13.73 5.48 -1.31
N LEU A 82 -12.93 6.13 -2.13
CA LEU A 82 -11.58 6.51 -1.75
C LEU A 82 -11.61 7.57 -0.64
N LEU A 83 -12.70 8.31 -0.56
CA LEU A 83 -12.83 9.40 0.40
C LEU A 83 -13.57 8.96 1.66
N LYS A 84 -14.58 8.10 1.50
CA LYS A 84 -15.52 7.85 2.59
C LYS A 84 -15.65 6.37 2.94
N ASP A 85 -14.68 5.57 2.55
CA ASP A 85 -14.72 4.16 2.92
C ASP A 85 -13.55 3.81 3.84
N PHE A 86 -12.34 4.01 3.35
CA PHE A 86 -11.15 3.78 4.18
C PHE A 86 -10.53 5.11 4.58
N ARG A 87 -9.70 5.08 5.62
CA ARG A 87 -9.08 6.30 6.14
C ARG A 87 -7.56 6.17 6.18
N LEU A 88 -7.07 4.94 6.12
CA LEU A 88 -5.63 4.69 6.19
C LEU A 88 -5.13 4.00 4.92
N PRO A 89 -3.80 3.86 4.75
CA PRO A 89 -3.19 3.16 3.62
C PRO A 89 -3.91 1.87 3.23
N ALA A 90 -4.07 1.69 1.92
CA ALA A 90 -4.72 0.52 1.37
C ALA A 90 -4.03 0.11 0.07
N ILE A 91 -4.19 -1.16 -0.30
CA ILE A 91 -3.58 -1.68 -1.52
C ILE A 91 -4.55 -1.53 -2.69
N ALA A 92 -4.16 -0.74 -3.67
CA ALA A 92 -4.96 -0.56 -4.87
C ALA A 92 -4.28 -1.19 -6.07
N ASN A 93 -5.06 -1.87 -6.88
CA ASN A 93 -4.54 -2.56 -8.06
C ASN A 93 -4.59 -1.66 -9.29
N VAL A 94 -3.42 -1.23 -9.74
CA VAL A 94 -3.31 -0.43 -10.93
C VAL A 94 -2.68 -1.24 -12.07
N ILE A 95 -3.20 -1.09 -13.26
CA ILE A 95 -2.70 -1.84 -14.40
C ILE A 95 -1.75 -0.99 -15.21
N VAL A 96 -0.48 -1.38 -15.22
CA VAL A 96 0.54 -0.62 -15.91
C VAL A 96 0.83 -1.23 -17.28
N ASP A 97 0.72 -0.40 -18.31
CA ASP A 97 0.98 -0.81 -19.70
C ASP A 97 -0.01 -1.89 -20.13
N ASN A 98 -1.16 -1.93 -19.45
CA ASN A 98 -2.21 -2.92 -19.71
C ASN A 98 -1.65 -4.34 -19.67
N ARG A 99 -0.72 -4.57 -18.75
CA ARG A 99 -0.12 -5.88 -18.59
C ARG A 99 0.34 -6.10 -17.15
N LEU A 100 1.18 -5.19 -16.67
CA LEU A 100 1.78 -5.35 -15.35
C LEU A 100 0.76 -5.06 -14.26
N ALA A 101 0.44 -6.09 -13.49
CA ALA A 101 -0.41 -5.95 -12.32
C ALA A 101 0.37 -5.34 -11.18
N HIS A 102 0.30 -4.02 -11.07
CA HIS A 102 1.10 -3.29 -10.10
C HIS A 102 0.21 -2.79 -8.98
N PHE A 103 0.76 -2.68 -7.79
CA PHE A 103 -0.03 -2.24 -6.65
C PHE A 103 0.54 -0.95 -6.08
N VAL A 104 -0.36 -0.10 -5.60
CA VAL A 104 0.03 1.16 -5.00
C VAL A 104 -0.70 1.36 -3.68
N VAL A 105 -0.16 2.21 -2.83
CA VAL A 105 -0.75 2.45 -1.52
C VAL A 105 -1.22 3.89 -1.38
N ILE A 106 -2.49 4.06 -1.04
CA ILE A 106 -3.04 5.40 -0.81
C ILE A 106 -2.66 5.88 0.59
N TYR A 107 -2.09 7.08 0.67
CA TYR A 107 -1.71 7.65 1.95
C TYR A 107 -2.60 8.83 2.34
N SER A 108 -2.94 9.66 1.37
CA SER A 108 -3.76 10.83 1.64
C SER A 108 -4.56 11.22 0.40
N ILE A 109 -5.73 11.82 0.59
CA ILE A 109 -6.58 12.26 -0.51
C ILE A 109 -7.25 13.57 -0.15
N LYS A 110 -6.93 14.62 -0.90
CA LYS A 110 -7.48 15.94 -0.63
C LYS A 110 -7.47 16.79 -1.89
N ASN A 111 -8.50 17.60 -2.07
CA ASN A 111 -8.61 18.51 -3.21
C ASN A 111 -8.46 17.79 -4.54
N ARG A 112 -9.04 16.58 -4.63
CA ARG A 112 -8.99 15.76 -5.83
C ARG A 112 -7.59 15.15 -6.04
N ILE A 113 -6.66 15.53 -5.15
CA ILE A 113 -5.30 15.04 -5.24
C ILE A 113 -5.10 13.82 -4.35
N ILE A 114 -4.74 12.71 -4.97
CA ILE A 114 -4.52 11.46 -4.29
C ILE A 114 -3.03 11.23 -4.10
N THR A 115 -2.61 11.15 -2.85
CA THR A 115 -1.22 10.92 -2.50
C THR A 115 -0.96 9.41 -2.45
N VAL A 116 -0.26 8.91 -3.44
CA VAL A 116 -0.03 7.49 -3.57
C VAL A 116 1.43 7.14 -3.36
N ALA A 117 1.68 6.06 -2.63
CA ALA A 117 3.02 5.56 -2.43
C ALA A 117 3.28 4.40 -3.39
N ASP A 118 4.09 4.66 -4.39
CA ASP A 118 4.44 3.66 -5.38
C ASP A 118 5.79 3.03 -5.05
N PRO A 119 5.85 1.69 -5.04
CA PRO A 119 7.10 0.97 -4.81
C PRO A 119 8.07 1.12 -5.99
N GLY A 120 8.72 2.27 -6.06
CA GLY A 120 9.64 2.54 -7.13
C GLY A 120 9.70 4.02 -7.46
N LYS A 121 8.53 4.61 -7.63
CA LYS A 121 8.43 6.04 -7.90
C LYS A 121 8.40 6.83 -6.59
N GLY A 122 7.85 6.21 -5.56
CA GLY A 122 7.75 6.85 -4.26
C GLY A 122 6.41 7.52 -4.09
N ILE A 123 6.40 8.66 -3.41
CA ILE A 123 5.17 9.41 -3.21
C ILE A 123 4.82 10.19 -4.47
N VAL A 124 3.80 9.74 -5.16
CA VAL A 124 3.38 10.35 -6.40
C VAL A 124 2.07 11.09 -6.22
N ARG A 125 1.91 12.21 -6.90
CA ARG A 125 0.69 12.98 -6.82
C ARG A 125 -0.24 12.63 -7.99
N TYR A 126 -1.27 11.85 -7.70
CA TYR A 126 -2.23 11.45 -8.72
C TYR A 126 -3.53 12.19 -8.54
N SER A 127 -4.06 12.73 -9.62
CA SER A 127 -5.39 13.30 -9.58
C SER A 127 -6.41 12.17 -9.58
N MET A 128 -7.58 12.42 -9.01
CA MET A 128 -8.63 11.39 -8.90
C MET A 128 -8.82 10.62 -10.20
N ASP A 129 -9.06 11.34 -11.28
CA ASP A 129 -9.27 10.74 -12.60
C ASP A 129 -8.01 10.03 -13.10
N ASP A 130 -6.86 10.60 -12.77
CA ASP A 130 -5.57 10.04 -13.21
C ASP A 130 -5.33 8.70 -12.53
N PHE A 131 -5.69 8.64 -11.25
CA PHE A 131 -5.59 7.40 -10.49
C PHE A 131 -6.61 6.37 -11.01
N CYS A 132 -7.83 6.83 -11.27
CA CYS A 132 -8.91 5.96 -11.72
C CYS A 132 -8.67 5.43 -13.14
N SER A 133 -7.73 6.04 -13.86
CA SER A 133 -7.40 5.58 -15.20
C SER A 133 -6.58 4.28 -15.16
N ILE A 134 -5.70 4.19 -14.18
CA ILE A 134 -4.86 3.00 -14.04
C ILE A 134 -5.46 2.00 -13.05
N TRP A 135 -6.15 2.52 -12.05
CA TRP A 135 -6.81 1.70 -11.06
C TRP A 135 -8.20 1.31 -11.56
N THR A 136 -8.50 0.02 -11.53
CA THR A 136 -9.74 -0.49 -12.10
C THR A 136 -10.54 -1.33 -11.10
N GLY A 137 -11.17 -0.65 -10.13
CA GLY A 137 -12.07 -1.32 -9.20
C GLY A 137 -11.44 -2.51 -8.52
N GLY A 138 -10.35 -2.27 -7.83
CA GLY A 138 -9.67 -3.34 -7.15
C GLY A 138 -8.77 -2.85 -6.05
N LEU A 139 -9.34 -2.65 -4.87
CA LEU A 139 -8.53 -2.32 -3.71
C LEU A 139 -9.00 -3.12 -2.51
N VAL A 140 -8.09 -3.34 -1.57
CA VAL A 140 -8.41 -4.12 -0.39
C VAL A 140 -8.65 -3.21 0.81
N LEU A 141 -9.67 -3.53 1.58
CA LEU A 141 -9.98 -2.77 2.79
C LEU A 141 -9.13 -3.28 3.95
N LEU A 142 -8.22 -2.44 4.42
CA LEU A 142 -7.35 -2.81 5.52
C LEU A 142 -7.81 -2.18 6.82
N GLU A 143 -7.69 -2.92 7.90
CA GLU A 143 -8.04 -2.43 9.21
C GLU A 143 -7.35 -3.26 10.29
N PRO A 144 -6.87 -2.61 11.36
CA PRO A 144 -6.16 -3.28 12.44
C PRO A 144 -7.05 -4.30 13.14
N GLY A 145 -6.73 -5.57 12.99
CA GLY A 145 -7.50 -6.62 13.63
C GLY A 145 -6.81 -7.10 14.89
N GLU A 146 -5.77 -7.89 14.72
CA GLU A 146 -4.97 -8.37 15.84
C GLU A 146 -4.02 -7.26 16.31
N ALA A 147 -3.67 -6.37 15.40
CA ALA A 147 -2.83 -5.22 15.72
C ALA A 147 -3.60 -4.24 16.60
N PHE A 148 -4.92 -4.31 16.49
CA PHE A 148 -5.80 -3.51 17.33
C PHE A 148 -5.82 -4.09 18.74
N GLN A 149 -5.55 -3.27 19.73
CA GLN A 149 -5.51 -3.73 21.10
C GLN A 149 -6.93 -3.94 21.63
N LYS A 150 -7.50 -5.08 21.27
CA LYS A 150 -8.84 -5.44 21.70
C LYS A 150 -8.79 -6.12 23.07
N GLY A 151 -7.67 -6.76 23.35
CA GLY A 151 -7.50 -7.43 24.62
C GLY A 151 -6.05 -7.45 25.04
N SER A 1 17.26 13.76 20.71
CA SER A 1 17.07 14.42 19.41
C SER A 1 18.30 15.27 19.05
N ASN A 2 19.48 14.84 19.49
CA ASN A 2 20.69 15.61 19.28
C ASN A 2 20.99 15.73 17.79
N ALA A 3 21.32 16.95 17.37
CA ALA A 3 21.65 17.25 15.97
C ALA A 3 20.44 17.05 15.05
N MET A 4 19.28 16.77 15.61
CA MET A 4 18.07 16.57 14.81
C MET A 4 17.05 17.66 15.08
N LEU A 5 17.42 18.64 15.91
CA LEU A 5 16.51 19.73 16.22
C LEU A 5 16.32 20.62 15.01
N ARG A 6 17.37 20.72 14.20
CA ARG A 6 17.30 21.42 12.92
C ARG A 6 17.66 20.46 11.79
N ARG A 7 16.76 19.52 11.50
CA ARG A 7 17.03 18.50 10.50
C ARG A 7 15.83 18.32 9.57
N LEU A 8 15.91 18.95 8.41
CA LEU A 8 14.90 18.78 7.37
C LEU A 8 15.37 17.74 6.36
N PHE A 9 16.64 17.38 6.46
CA PHE A 9 17.25 16.44 5.53
C PHE A 9 17.26 15.03 6.11
N LYS A 10 17.19 14.04 5.22
CA LYS A 10 17.33 12.63 5.59
C LYS A 10 16.36 12.26 6.72
N LYS A 11 15.07 12.43 6.46
CA LYS A 11 14.05 12.09 7.44
C LYS A 11 13.56 10.66 7.21
N LYS A 12 13.32 9.93 8.30
CA LYS A 12 12.81 8.57 8.20
C LYS A 12 11.29 8.56 8.18
N TYR A 13 10.70 8.63 7.00
CA TYR A 13 9.25 8.56 6.86
C TYR A 13 8.84 7.15 6.43
N VAL A 14 7.65 6.75 6.85
CA VAL A 14 7.12 5.44 6.50
C VAL A 14 6.69 5.41 5.04
N CYS A 15 7.63 5.09 4.16
CA CYS A 15 7.37 5.01 2.73
C CYS A 15 8.36 4.03 2.10
N VAL A 16 7.92 2.80 1.88
CA VAL A 16 8.80 1.78 1.33
C VAL A 16 8.83 1.84 -0.19
N ARG A 17 9.96 2.27 -0.73
CA ARG A 17 10.18 2.27 -2.16
C ARG A 17 11.46 1.52 -2.48
N GLN A 18 11.37 0.57 -3.41
CA GLN A 18 12.52 -0.21 -3.81
C GLN A 18 13.15 0.39 -5.05
N TYR A 19 14.15 -0.28 -5.61
CA TYR A 19 14.84 0.24 -6.79
C TYR A 19 14.04 -0.04 -8.05
N ASP A 20 14.12 -1.27 -8.52
CA ASP A 20 13.41 -1.69 -9.72
C ASP A 20 12.77 -3.06 -9.50
N LEU A 21 12.12 -3.20 -8.35
CA LEU A 21 11.50 -4.45 -7.96
C LEU A 21 10.10 -4.57 -8.54
N THR A 22 9.88 -5.64 -9.30
CA THR A 22 8.58 -5.88 -9.92
C THR A 22 7.58 -6.39 -8.89
N ASP A 23 8.09 -6.90 -7.77
CA ASP A 23 7.25 -7.34 -6.66
C ASP A 23 6.70 -6.12 -5.92
N ALA A 24 5.72 -5.48 -6.53
CA ALA A 24 5.10 -4.30 -5.96
C ALA A 24 4.17 -4.68 -4.81
N GLY A 25 3.61 -5.87 -4.90
CA GLY A 25 2.64 -6.31 -3.91
C GLY A 25 3.22 -6.38 -2.52
N ALA A 26 4.34 -7.08 -2.39
CA ALA A 26 4.97 -7.26 -1.10
C ALA A 26 5.60 -5.95 -0.60
N ALA A 27 6.12 -5.18 -1.53
CA ALA A 27 6.77 -3.91 -1.18
C ALA A 27 5.76 -2.92 -0.62
N CYS A 28 4.60 -2.83 -1.25
CA CYS A 28 3.53 -1.96 -0.78
C CYS A 28 3.03 -2.41 0.58
N LEU A 29 2.87 -3.72 0.74
CA LEU A 29 2.38 -4.28 1.99
C LEU A 29 3.35 -3.94 3.14
N SER A 30 4.64 -4.04 2.86
CA SER A 30 5.67 -3.75 3.85
C SER A 30 5.52 -2.32 4.39
N SER A 31 5.16 -1.40 3.51
CA SER A 31 5.02 0.00 3.90
C SER A 31 3.89 0.18 4.92
N ILE A 32 2.77 -0.48 4.67
CA ILE A 32 1.62 -0.39 5.57
C ILE A 32 1.90 -1.13 6.86
N ALA A 33 2.60 -2.25 6.74
CA ALA A 33 3.00 -3.04 7.90
C ALA A 33 3.78 -2.18 8.90
N GLN A 34 4.65 -1.33 8.37
CA GLN A 34 5.41 -0.41 9.21
C GLN A 34 4.51 0.68 9.78
N TYR A 35 3.56 1.13 8.97
CA TYR A 35 2.65 2.21 9.36
C TYR A 35 1.78 1.79 10.54
N TYR A 36 1.36 0.53 10.55
CA TYR A 36 0.55 0.00 11.65
C TYR A 36 1.40 -0.27 12.89
N GLY A 37 2.71 -0.28 12.73
CA GLY A 37 3.60 -0.51 13.85
C GLY A 37 4.18 -1.91 13.84
N LEU A 38 3.64 -2.78 12.99
CA LEU A 38 4.12 -4.15 12.87
C LEU A 38 5.57 -4.17 12.37
N LYS A 39 5.88 -3.27 11.44
CA LYS A 39 7.23 -3.12 10.91
C LYS A 39 7.76 -4.44 10.37
N MET A 40 7.16 -4.92 9.30
CA MET A 40 7.60 -6.14 8.66
C MET A 40 8.37 -5.81 7.40
N SER A 41 9.61 -6.24 7.33
CA SER A 41 10.50 -5.86 6.24
C SER A 41 10.17 -6.63 4.96
N LEU A 42 10.77 -6.22 3.85
CA LEU A 42 10.51 -6.83 2.54
C LEU A 42 10.71 -8.33 2.59
N ALA A 43 11.87 -8.74 3.09
CA ALA A 43 12.24 -10.15 3.15
C ALA A 43 11.24 -10.97 3.95
N LYS A 44 10.63 -10.35 4.95
CA LYS A 44 9.62 -11.05 5.75
C LYS A 44 8.29 -11.11 4.99
N ILE A 45 7.91 -10.00 4.37
CA ILE A 45 6.65 -9.91 3.64
C ILE A 45 6.62 -10.86 2.45
N ARG A 46 7.63 -10.79 1.61
CA ARG A 46 7.66 -11.51 0.34
C ARG A 46 7.51 -13.02 0.53
N GLU A 47 7.99 -13.54 1.65
CA GLU A 47 7.89 -14.97 1.94
C GLU A 47 6.46 -15.36 2.28
N MET A 48 5.75 -14.46 2.94
CA MET A 48 4.41 -14.77 3.43
C MET A 48 3.35 -14.45 2.40
N THR A 49 3.64 -13.49 1.54
CA THR A 49 2.73 -13.11 0.47
C THR A 49 2.77 -14.12 -0.66
N GLY A 50 3.97 -14.60 -0.97
CA GLY A 50 4.16 -15.48 -2.09
C GLY A 50 3.96 -14.74 -3.40
N THR A 51 4.28 -13.45 -3.37
CA THR A 51 4.06 -12.57 -4.48
C THR A 51 4.87 -12.99 -5.70
N ASP A 52 4.13 -13.31 -6.74
CA ASP A 52 4.72 -13.67 -8.02
C ASP A 52 5.16 -12.43 -8.78
N THR A 53 6.36 -12.47 -9.35
CA THR A 53 6.87 -11.37 -10.14
C THR A 53 6.22 -11.37 -11.53
N GLN A 54 5.26 -12.24 -11.71
CA GLN A 54 4.57 -12.42 -12.99
C GLN A 54 3.25 -11.64 -13.02
N GLY A 55 3.11 -10.66 -12.14
CA GLY A 55 1.86 -9.94 -12.05
C GLY A 55 1.00 -10.45 -10.91
N THR A 56 1.64 -10.69 -9.77
CA THR A 56 1.00 -11.20 -8.56
C THR A 56 -0.32 -10.48 -8.26
N ASN A 57 -1.25 -11.24 -7.70
CA ASN A 57 -2.57 -10.71 -7.36
C ASN A 57 -2.62 -10.31 -5.89
N ALA A 58 -3.69 -9.62 -5.52
CA ALA A 58 -3.87 -9.12 -4.16
C ALA A 58 -4.20 -10.24 -3.18
N TYR A 59 -4.58 -11.40 -3.71
CA TYR A 59 -5.00 -12.52 -2.87
C TYR A 59 -3.85 -13.03 -2.02
N GLY A 60 -2.64 -12.97 -2.56
CA GLY A 60 -1.46 -13.33 -1.78
C GLY A 60 -1.16 -12.30 -0.71
N LEU A 61 -1.44 -11.04 -1.02
CA LEU A 61 -1.23 -9.94 -0.09
C LEU A 61 -2.15 -10.08 1.11
N ILE A 62 -3.44 -10.23 0.84
CA ILE A 62 -4.43 -10.34 1.92
C ILE A 62 -4.17 -11.58 2.76
N HIS A 63 -3.59 -12.60 2.13
CA HIS A 63 -3.29 -13.85 2.80
C HIS A 63 -2.19 -13.65 3.83
N ALA A 64 -1.28 -12.74 3.54
CA ALA A 64 -0.19 -12.44 4.47
C ALA A 64 -0.61 -11.37 5.47
N ALA A 65 -1.27 -10.33 4.97
CA ALA A 65 -1.61 -9.15 5.76
C ALA A 65 -2.41 -9.52 7.01
N LYS A 66 -3.41 -10.38 6.86
CA LYS A 66 -4.29 -10.76 7.98
C LYS A 66 -3.49 -11.29 9.15
N GLN A 67 -2.62 -12.27 8.88
CA GLN A 67 -1.84 -12.91 9.92
C GLN A 67 -0.71 -12.00 10.40
N LEU A 68 -0.48 -10.90 9.70
CA LEU A 68 0.52 -9.93 10.10
C LEU A 68 -0.08 -8.93 11.09
N GLY A 69 -1.37 -9.06 11.35
CA GLY A 69 -2.00 -8.27 12.39
C GLY A 69 -3.11 -7.36 11.86
N PHE A 70 -3.17 -7.20 10.56
CA PHE A 70 -4.15 -6.29 9.98
C PHE A 70 -4.99 -6.98 8.91
N SER A 71 -6.29 -7.05 9.19
CA SER A 71 -7.23 -7.69 8.28
C SER A 71 -7.24 -6.98 6.94
N ALA A 72 -7.07 -7.74 5.87
CA ALA A 72 -7.05 -7.19 4.54
C ALA A 72 -8.02 -7.94 3.63
N LYS A 73 -8.82 -7.20 2.89
CA LYS A 73 -9.82 -7.80 2.01
C LYS A 73 -9.93 -7.00 0.73
N GLY A 74 -9.84 -7.68 -0.41
CA GLY A 74 -9.95 -7.02 -1.69
C GLY A 74 -11.38 -6.86 -2.13
N VAL A 75 -11.79 -5.63 -2.38
CA VAL A 75 -13.16 -5.35 -2.78
C VAL A 75 -13.20 -4.49 -4.03
N LYS A 76 -14.25 -4.68 -4.83
CA LYS A 76 -14.46 -3.87 -6.01
C LYS A 76 -15.12 -2.55 -5.62
N ALA A 77 -14.32 -1.55 -5.37
CA ALA A 77 -14.81 -0.25 -4.95
C ALA A 77 -14.68 0.75 -6.10
N SER A 78 -15.24 1.93 -5.92
CA SER A 78 -15.21 2.95 -6.95
C SER A 78 -14.46 4.18 -6.48
N LYS A 79 -14.34 5.19 -7.34
CA LYS A 79 -13.63 6.42 -7.01
C LYS A 79 -14.17 7.05 -5.72
N GLU A 80 -15.48 6.89 -5.50
CA GLU A 80 -16.15 7.48 -4.36
C GLU A 80 -15.67 6.87 -3.04
N ASP A 81 -15.29 5.59 -3.11
CA ASP A 81 -14.86 4.87 -1.93
C ASP A 81 -13.49 5.33 -1.48
N LEU A 82 -12.76 5.97 -2.39
CA LEU A 82 -11.44 6.50 -2.08
C LEU A 82 -11.55 7.68 -1.13
N LEU A 83 -12.70 8.33 -1.17
CA LEU A 83 -12.87 9.60 -0.48
C LEU A 83 -13.45 9.42 0.92
N LYS A 84 -14.29 8.41 1.10
CA LYS A 84 -15.06 8.31 2.35
C LYS A 84 -14.97 6.95 3.03
N ASP A 85 -14.51 5.93 2.32
CA ASP A 85 -14.52 4.58 2.89
C ASP A 85 -13.34 4.37 3.83
N PHE A 86 -12.14 4.36 3.29
CA PHE A 86 -10.95 4.16 4.10
C PHE A 86 -10.26 5.48 4.37
N ARG A 87 -9.66 5.59 5.54
CA ARG A 87 -8.99 6.82 5.97
C ARG A 87 -7.52 6.56 6.26
N LEU A 88 -7.10 5.34 6.00
CA LEU A 88 -5.72 4.93 6.28
C LEU A 88 -5.22 4.09 5.11
N PRO A 89 -3.92 4.28 4.75
CA PRO A 89 -3.23 3.56 3.67
C PRO A 89 -3.77 2.17 3.38
N ALA A 90 -4.05 1.94 2.10
CA ALA A 90 -4.59 0.67 1.63
C ALA A 90 -3.95 0.29 0.31
N ILE A 91 -4.08 -0.98 -0.07
CA ILE A 91 -3.48 -1.48 -1.30
C ILE A 91 -4.46 -1.36 -2.46
N ALA A 92 -4.04 -0.68 -3.51
CA ALA A 92 -4.89 -0.51 -4.68
C ALA A 92 -4.33 -1.28 -5.88
N ASN A 93 -5.20 -2.05 -6.51
CA ASN A 93 -4.85 -2.79 -7.73
C ASN A 93 -4.89 -1.83 -8.90
N VAL A 94 -3.74 -1.50 -9.43
CA VAL A 94 -3.66 -0.48 -10.47
C VAL A 94 -2.99 -1.04 -11.72
N ILE A 95 -3.51 -0.69 -12.88
CA ILE A 95 -2.99 -1.19 -14.13
C ILE A 95 -2.06 -0.15 -14.74
N VAL A 96 -0.79 -0.51 -14.87
CA VAL A 96 0.20 0.43 -15.38
C VAL A 96 0.63 0.02 -16.78
N ASP A 97 0.86 1.04 -17.62
CA ASP A 97 1.29 0.83 -19.01
C ASP A 97 0.26 0.02 -19.78
N ASN A 98 -0.97 0.00 -19.27
CA ASN A 98 -2.07 -0.77 -19.85
C ASN A 98 -1.69 -2.23 -20.04
N ARG A 99 -0.83 -2.74 -19.17
CA ARG A 99 -0.37 -4.13 -19.28
C ARG A 99 -0.16 -4.75 -17.90
N LEU A 100 0.75 -4.18 -17.11
CA LEU A 100 1.17 -4.82 -15.87
C LEU A 100 0.21 -4.55 -14.73
N ALA A 101 -0.04 -5.58 -13.94
CA ALA A 101 -0.82 -5.44 -12.72
C ALA A 101 0.09 -4.95 -11.60
N HIS A 102 -0.09 -3.69 -11.22
CA HIS A 102 0.77 -3.06 -10.25
C HIS A 102 -0.05 -2.69 -9.02
N PHE A 103 0.61 -2.39 -7.92
CA PHE A 103 -0.07 -2.00 -6.70
C PHE A 103 0.53 -0.72 -6.15
N VAL A 104 -0.32 0.12 -5.57
CA VAL A 104 0.13 1.35 -4.91
C VAL A 104 -0.62 1.52 -3.60
N VAL A 105 -0.04 2.28 -2.69
CA VAL A 105 -0.66 2.51 -1.39
C VAL A 105 -1.16 3.95 -1.29
N ILE A 106 -2.45 4.11 -1.04
CA ILE A 106 -3.03 5.45 -0.89
C ILE A 106 -2.61 6.05 0.45
N TYR A 107 -2.07 7.26 0.41
CA TYR A 107 -1.64 7.95 1.62
C TYR A 107 -2.50 9.18 1.91
N SER A 108 -2.85 9.91 0.87
CA SER A 108 -3.63 11.14 1.04
C SER A 108 -4.48 11.40 -0.20
N ILE A 109 -5.69 11.90 0.00
CA ILE A 109 -6.57 12.26 -1.10
C ILE A 109 -7.30 13.55 -0.78
N LYS A 110 -6.96 14.63 -1.49
CA LYS A 110 -7.62 15.90 -1.29
C LYS A 110 -7.45 16.79 -2.53
N ASN A 111 -8.49 17.58 -2.81
CA ASN A 111 -8.49 18.51 -3.95
C ASN A 111 -8.35 17.76 -5.26
N ARG A 112 -8.97 16.57 -5.32
CA ARG A 112 -8.93 15.72 -6.51
C ARG A 112 -7.52 15.20 -6.76
N ILE A 113 -6.65 15.30 -5.76
CA ILE A 113 -5.29 14.82 -5.88
C ILE A 113 -5.07 13.62 -4.98
N ILE A 114 -4.76 12.51 -5.60
CA ILE A 114 -4.58 11.25 -4.91
C ILE A 114 -3.10 10.94 -4.73
N THR A 115 -2.64 11.06 -3.50
CA THR A 115 -1.25 10.82 -3.17
C THR A 115 -1.03 9.36 -2.80
N VAL A 116 -0.28 8.65 -3.62
CA VAL A 116 -0.04 7.24 -3.40
C VAL A 116 1.45 6.95 -3.23
N ALA A 117 1.75 5.86 -2.57
CA ALA A 117 3.12 5.42 -2.40
C ALA A 117 3.43 4.29 -3.37
N ASP A 118 4.26 4.60 -4.35
CA ASP A 118 4.73 3.61 -5.30
C ASP A 118 5.98 2.94 -4.77
N PRO A 119 6.02 1.60 -4.76
CA PRO A 119 7.14 0.82 -4.19
C PRO A 119 8.41 0.90 -5.03
N GLY A 120 8.58 2.00 -5.73
CA GLY A 120 9.79 2.23 -6.49
C GLY A 120 10.03 3.72 -6.71
N LYS A 121 8.98 4.41 -7.14
CA LYS A 121 9.07 5.85 -7.41
C LYS A 121 8.97 6.65 -6.12
N GLY A 122 8.24 6.13 -5.15
CA GLY A 122 8.02 6.84 -3.91
C GLY A 122 6.64 7.49 -3.86
N ILE A 123 6.58 8.71 -3.34
CA ILE A 123 5.32 9.42 -3.23
C ILE A 123 4.89 9.99 -4.58
N VAL A 124 3.86 9.39 -5.16
CA VAL A 124 3.38 9.80 -6.46
C VAL A 124 1.99 10.43 -6.35
N ARG A 125 1.79 11.53 -7.06
CA ARG A 125 0.52 12.22 -7.03
C ARG A 125 -0.25 11.96 -8.32
N TYR A 126 -1.36 11.25 -8.19
CA TYR A 126 -2.22 11.00 -9.33
C TYR A 126 -3.48 11.83 -9.21
N SER A 127 -3.91 12.41 -10.32
CA SER A 127 -5.14 13.18 -10.34
C SER A 127 -6.32 12.23 -10.25
N MET A 128 -7.38 12.66 -9.57
CA MET A 128 -8.55 11.82 -9.30
C MET A 128 -9.00 11.07 -10.57
N ASP A 129 -9.19 11.83 -11.65
CA ASP A 129 -9.66 11.27 -12.91
C ASP A 129 -8.64 10.29 -13.48
N ASP A 130 -7.36 10.59 -13.29
CA ASP A 130 -6.28 9.78 -13.85
C ASP A 130 -6.10 8.51 -13.04
N PHE A 131 -6.17 8.62 -11.72
CA PHE A 131 -6.07 7.46 -10.85
C PHE A 131 -7.24 6.52 -11.08
N CYS A 132 -8.41 7.12 -11.29
CA CYS A 132 -9.63 6.36 -11.57
C CYS A 132 -9.53 5.68 -12.94
N SER A 133 -8.57 6.10 -13.74
CA SER A 133 -8.35 5.53 -15.06
C SER A 133 -7.45 4.30 -14.95
N ILE A 134 -6.37 4.42 -14.18
CA ILE A 134 -5.43 3.31 -14.01
C ILE A 134 -5.94 2.29 -12.99
N TRP A 135 -6.55 2.78 -11.92
CA TRP A 135 -7.14 1.93 -10.90
C TRP A 135 -8.57 1.61 -11.28
N THR A 136 -8.95 0.34 -11.15
CA THR A 136 -10.27 -0.08 -11.55
C THR A 136 -10.81 -1.22 -10.67
N GLY A 137 -11.64 -0.83 -9.69
CA GLY A 137 -12.36 -1.80 -8.87
C GLY A 137 -11.46 -2.79 -8.17
N GLY A 138 -10.46 -2.29 -7.46
CA GLY A 138 -9.56 -3.17 -6.74
C GLY A 138 -8.92 -2.51 -5.55
N LEU A 139 -9.62 -2.50 -4.43
CA LEU A 139 -9.08 -1.97 -3.19
C LEU A 139 -9.01 -3.02 -2.12
N VAL A 140 -7.85 -3.16 -1.51
CA VAL A 140 -7.70 -4.03 -0.36
C VAL A 140 -7.82 -3.20 0.90
N LEU A 141 -8.85 -3.49 1.69
CA LEU A 141 -9.11 -2.74 2.91
C LEU A 141 -8.37 -3.36 4.09
N LEU A 142 -7.43 -2.61 4.64
CA LEU A 142 -6.65 -3.07 5.78
C LEU A 142 -7.13 -2.39 7.05
N GLU A 143 -7.27 -3.16 8.11
CA GLU A 143 -7.75 -2.66 9.39
C GLU A 143 -7.03 -3.37 10.54
N PRO A 144 -6.97 -2.74 11.73
CA PRO A 144 -6.27 -3.30 12.91
C PRO A 144 -7.05 -4.45 13.54
N GLY A 145 -7.23 -5.51 12.78
CA GLY A 145 -7.98 -6.66 13.25
C GLY A 145 -7.37 -7.34 14.45
N GLU A 146 -6.07 -7.61 14.38
CA GLU A 146 -5.37 -8.29 15.46
C GLU A 146 -4.32 -7.37 16.10
N ALA A 147 -3.86 -6.39 15.33
CA ALA A 147 -2.75 -5.53 15.73
C ALA A 147 -3.08 -4.66 16.94
N PHE A 148 -4.35 -4.56 17.30
CA PHE A 148 -4.74 -3.78 18.46
C PHE A 148 -4.33 -4.51 19.74
N GLN A 149 -4.10 -5.80 19.62
CA GLN A 149 -3.74 -6.63 20.75
C GLN A 149 -2.44 -7.38 20.48
N LYS A 150 -1.36 -6.95 21.11
CA LYS A 150 -0.06 -7.57 20.92
C LYS A 150 0.07 -8.79 21.83
N GLY A 151 0.74 -9.82 21.33
CA GLY A 151 0.91 -11.04 22.08
C GLY A 151 1.96 -11.93 21.46
N SER A 1 29.81 8.42 3.14
CA SER A 1 29.65 7.88 1.79
C SER A 1 28.49 6.88 1.73
N ASN A 2 28.62 5.78 2.46
CA ASN A 2 27.59 4.74 2.43
C ASN A 2 26.87 4.65 3.77
N ALA A 3 27.61 4.37 4.83
CA ALA A 3 27.03 4.27 6.16
C ALA A 3 26.93 5.64 6.82
N MET A 4 27.90 6.50 6.52
CA MET A 4 27.92 7.84 7.06
C MET A 4 27.53 8.86 5.99
N LEU A 5 26.98 9.99 6.44
CA LEU A 5 26.53 11.05 5.54
C LEU A 5 25.42 10.54 4.63
N ARG A 6 24.40 9.95 5.23
CA ARG A 6 23.24 9.47 4.48
C ARG A 6 22.15 10.53 4.46
N ARG A 7 22.44 11.66 5.10
CA ARG A 7 21.55 12.81 5.13
C ARG A 7 20.22 12.46 5.78
N LEU A 8 20.28 11.97 7.01
CA LEU A 8 19.07 11.55 7.72
C LEU A 8 18.24 12.76 8.14
N PHE A 9 18.74 13.95 7.83
CA PHE A 9 17.97 15.18 8.05
C PHE A 9 16.72 15.14 7.17
N LYS A 10 16.83 14.50 6.02
CA LYS A 10 15.67 14.27 5.17
C LYS A 10 14.73 13.31 5.88
N LYS A 11 13.69 13.86 6.49
CA LYS A 11 12.77 13.06 7.27
C LYS A 11 11.90 12.20 6.37
N LYS A 12 12.38 11.01 6.08
CA LYS A 12 11.61 10.04 5.34
C LYS A 12 10.63 9.36 6.28
N TYR A 13 9.36 9.39 5.92
CA TYR A 13 8.33 8.79 6.75
C TYR A 13 8.17 7.33 6.40
N VAL A 14 7.05 6.74 6.79
CA VAL A 14 6.76 5.35 6.50
C VAL A 14 6.50 5.17 5.00
N CYS A 15 7.56 5.08 4.23
CA CYS A 15 7.47 4.91 2.79
C CYS A 15 8.70 4.16 2.28
N VAL A 16 8.56 2.85 2.12
CA VAL A 16 9.66 2.04 1.62
C VAL A 16 9.57 1.91 0.10
N ARG A 17 10.71 1.99 -0.57
CA ARG A 17 10.75 1.90 -2.02
C ARG A 17 11.99 1.14 -2.48
N GLN A 18 11.79 0.27 -3.46
CA GLN A 18 12.85 -0.59 -3.97
C GLN A 18 12.74 -0.70 -5.50
N TYR A 19 13.34 -1.74 -6.05
CA TYR A 19 13.23 -1.99 -7.48
C TYR A 19 12.21 -3.08 -7.73
N ASP A 20 11.23 -2.80 -8.59
CA ASP A 20 10.15 -3.73 -8.82
C ASP A 20 10.55 -4.83 -9.80
N LEU A 21 10.71 -6.03 -9.26
CA LEU A 21 10.89 -7.22 -10.07
C LEU A 21 9.60 -8.04 -10.04
N THR A 22 8.49 -7.33 -10.27
CA THR A 22 7.16 -7.88 -10.06
C THR A 22 6.98 -8.22 -8.57
N ASP A 23 7.29 -7.23 -7.74
CA ASP A 23 7.27 -7.41 -6.30
C ASP A 23 6.66 -6.18 -5.63
N ALA A 24 6.14 -5.29 -6.48
CA ALA A 24 5.50 -4.06 -6.02
C ALA A 24 4.46 -4.33 -4.94
N GLY A 25 3.73 -5.43 -5.09
CA GLY A 25 2.71 -5.79 -4.12
C GLY A 25 3.29 -5.98 -2.73
N ALA A 26 4.33 -6.79 -2.64
CA ALA A 26 4.96 -7.06 -1.35
C ALA A 26 5.64 -5.81 -0.81
N ALA A 27 6.32 -5.09 -1.69
CA ALA A 27 7.02 -3.88 -1.30
C ALA A 27 6.07 -2.83 -0.73
N CYS A 28 4.94 -2.62 -1.41
CA CYS A 28 3.96 -1.64 -0.96
C CYS A 28 3.30 -2.10 0.34
N LEU A 29 3.18 -3.41 0.49
CA LEU A 29 2.60 -3.99 1.70
C LEU A 29 3.55 -3.78 2.87
N SER A 30 4.83 -3.89 2.59
CA SER A 30 5.86 -3.71 3.62
C SER A 30 5.76 -2.32 4.23
N SER A 31 5.46 -1.32 3.41
CA SER A 31 5.29 0.04 3.89
C SER A 31 4.13 0.10 4.89
N ILE A 32 3.07 -0.63 4.58
CA ILE A 32 1.91 -0.71 5.45
C ILE A 32 2.25 -1.41 6.75
N ALA A 33 3.04 -2.46 6.65
CA ALA A 33 3.48 -3.20 7.82
C ALA A 33 4.24 -2.29 8.77
N GLN A 34 5.03 -1.37 8.21
CA GLN A 34 5.76 -0.39 8.99
C GLN A 34 4.80 0.66 9.55
N TYR A 35 3.80 1.00 8.74
CA TYR A 35 2.82 2.02 9.11
C TYR A 35 2.01 1.60 10.34
N TYR A 36 1.58 0.34 10.36
CA TYR A 36 0.77 -0.17 11.46
C TYR A 36 1.63 -0.54 12.67
N GLY A 37 2.93 -0.28 12.58
CA GLY A 37 3.80 -0.46 13.73
C GLY A 37 4.49 -1.81 13.76
N LEU A 38 4.08 -2.72 12.88
CA LEU A 38 4.66 -4.05 12.83
C LEU A 38 6.13 -3.98 12.44
N LYS A 39 6.45 -3.15 11.45
CA LYS A 39 7.82 -2.92 11.02
C LYS A 39 8.49 -4.24 10.61
N MET A 40 8.03 -4.78 9.48
CA MET A 40 8.57 -6.04 8.97
C MET A 40 9.52 -5.75 7.81
N SER A 41 10.40 -6.70 7.52
CA SER A 41 11.37 -6.53 6.45
C SER A 41 10.82 -7.07 5.14
N LEU A 42 11.34 -6.58 4.01
CA LEU A 42 10.87 -7.01 2.69
C LEU A 42 10.95 -8.52 2.55
N ALA A 43 12.04 -9.09 3.07
CA ALA A 43 12.24 -10.54 3.04
C ALA A 43 11.03 -11.27 3.61
N LYS A 44 10.63 -10.89 4.81
CA LYS A 44 9.50 -11.51 5.49
C LYS A 44 8.21 -11.29 4.71
N ILE A 45 7.99 -10.06 4.25
CA ILE A 45 6.78 -9.72 3.52
C ILE A 45 6.61 -10.62 2.30
N ARG A 46 7.66 -10.72 1.49
CA ARG A 46 7.62 -11.53 0.28
C ARG A 46 7.37 -12.99 0.61
N GLU A 47 7.96 -13.47 1.70
CA GLU A 47 7.81 -14.86 2.11
C GLU A 47 6.40 -15.13 2.61
N MET A 48 5.85 -14.19 3.37
CA MET A 48 4.51 -14.37 3.93
C MET A 48 3.44 -14.15 2.88
N THR A 49 3.79 -13.43 1.82
CA THR A 49 2.88 -13.20 0.72
C THR A 49 2.94 -14.35 -0.28
N GLY A 50 4.10 -15.00 -0.34
CA GLY A 50 4.32 -16.02 -1.35
C GLY A 50 4.41 -15.40 -2.71
N THR A 51 4.91 -14.16 -2.74
CA THR A 51 4.91 -13.31 -3.91
C THR A 51 5.39 -14.07 -5.14
N ASP A 52 4.47 -14.20 -6.07
CA ASP A 52 4.75 -14.84 -7.35
C ASP A 52 5.23 -13.81 -8.35
N THR A 53 6.30 -14.13 -9.05
CA THR A 53 6.93 -13.21 -9.99
C THR A 53 6.13 -13.10 -11.29
N GLN A 54 5.06 -13.89 -11.41
CA GLN A 54 4.22 -13.85 -12.59
C GLN A 54 3.04 -12.90 -12.44
N GLY A 55 3.13 -11.99 -11.47
CA GLY A 55 2.08 -11.00 -11.33
C GLY A 55 1.06 -11.34 -10.27
N THR A 56 1.51 -11.84 -9.13
CA THR A 56 0.63 -12.16 -8.00
C THR A 56 -0.36 -11.03 -7.75
N ASN A 57 -1.62 -11.38 -7.53
CA ASN A 57 -2.69 -10.40 -7.41
C ASN A 57 -2.96 -10.03 -5.96
N ALA A 58 -3.97 -9.20 -5.73
CA ALA A 58 -4.30 -8.73 -4.40
C ALA A 58 -4.78 -9.87 -3.50
N TYR A 59 -5.30 -10.92 -4.12
CA TYR A 59 -5.90 -12.02 -3.37
C TYR A 59 -4.83 -12.81 -2.61
N GLY A 60 -3.65 -12.93 -3.18
CA GLY A 60 -2.55 -13.52 -2.44
C GLY A 60 -1.87 -12.51 -1.55
N LEU A 61 -1.99 -11.24 -1.94
CA LEU A 61 -1.38 -10.14 -1.21
C LEU A 61 -2.04 -9.95 0.15
N ILE A 62 -3.37 -9.96 0.18
CA ILE A 62 -4.14 -9.80 1.41
C ILE A 62 -3.89 -10.98 2.36
N HIS A 63 -3.48 -12.11 1.79
CA HIS A 63 -3.20 -13.30 2.57
C HIS A 63 -2.04 -13.06 3.53
N ALA A 64 -1.14 -12.16 3.15
CA ALA A 64 -0.02 -11.79 4.01
C ALA A 64 -0.46 -10.74 5.01
N ALA A 65 -1.19 -9.74 4.52
CA ALA A 65 -1.63 -8.63 5.35
C ALA A 65 -2.34 -9.10 6.60
N LYS A 66 -3.29 -10.02 6.43
CA LYS A 66 -4.08 -10.55 7.55
C LYS A 66 -3.18 -11.07 8.67
N GLN A 67 -2.25 -11.95 8.30
CA GLN A 67 -1.37 -12.59 9.26
C GLN A 67 -0.25 -11.66 9.71
N LEU A 68 -0.15 -10.50 9.08
CA LEU A 68 0.84 -9.50 9.46
C LEU A 68 0.34 -8.65 10.61
N GLY A 69 -0.94 -8.79 10.94
CA GLY A 69 -1.50 -8.07 12.07
C GLY A 69 -2.63 -7.14 11.69
N PHE A 70 -2.82 -6.91 10.40
CA PHE A 70 -3.88 -6.03 9.95
C PHE A 70 -4.81 -6.75 8.97
N SER A 71 -6.07 -6.84 9.34
CA SER A 71 -7.07 -7.52 8.54
C SER A 71 -7.21 -6.87 7.17
N ALA A 72 -7.30 -7.69 6.14
CA ALA A 72 -7.36 -7.20 4.77
C ALA A 72 -8.44 -7.91 3.98
N LYS A 73 -9.19 -7.15 3.20
CA LYS A 73 -10.24 -7.69 2.36
C LYS A 73 -10.23 -7.02 1.00
N GLY A 74 -10.23 -7.81 -0.06
CA GLY A 74 -10.30 -7.26 -1.39
C GLY A 74 -11.71 -6.87 -1.77
N VAL A 75 -11.90 -5.62 -2.14
CA VAL A 75 -13.21 -5.13 -2.52
C VAL A 75 -13.14 -4.32 -3.80
N LYS A 76 -14.20 -4.38 -4.59
CA LYS A 76 -14.28 -3.57 -5.80
C LYS A 76 -15.07 -2.30 -5.52
N ALA A 77 -14.35 -1.20 -5.37
CA ALA A 77 -14.95 0.08 -5.08
C ALA A 77 -14.86 0.97 -6.31
N SER A 78 -15.34 2.20 -6.18
CA SER A 78 -15.30 3.15 -7.29
C SER A 78 -14.71 4.49 -6.82
N LYS A 79 -14.62 5.45 -7.72
CA LYS A 79 -13.95 6.72 -7.42
C LYS A 79 -14.57 7.44 -6.23
N GLU A 80 -15.90 7.41 -6.12
CA GLU A 80 -16.58 8.09 -5.01
C GLU A 80 -16.22 7.46 -3.67
N ASP A 81 -15.95 6.16 -3.68
CA ASP A 81 -15.67 5.42 -2.45
C ASP A 81 -14.32 5.81 -1.87
N LEU A 82 -13.45 6.32 -2.73
CA LEU A 82 -12.10 6.69 -2.30
C LEU A 82 -12.13 7.75 -1.21
N LEU A 83 -13.17 8.58 -1.22
CA LEU A 83 -13.28 9.68 -0.26
C LEU A 83 -14.19 9.29 0.91
N LYS A 84 -14.77 8.10 0.87
CA LYS A 84 -15.73 7.70 1.89
C LYS A 84 -15.93 6.18 1.92
N ASP A 85 -14.92 5.48 2.43
CA ASP A 85 -15.03 4.04 2.64
C ASP A 85 -14.01 3.57 3.67
N PHE A 86 -12.74 3.73 3.33
CA PHE A 86 -11.66 3.25 4.19
C PHE A 86 -11.08 4.41 5.02
N ARG A 87 -10.18 4.08 5.93
CA ARG A 87 -9.57 5.09 6.79
C ARG A 87 -8.64 5.98 5.98
N LEU A 88 -7.44 5.47 5.71
CA LEU A 88 -6.47 6.17 4.88
C LEU A 88 -5.60 5.16 4.11
N PRO A 89 -4.84 4.28 4.80
CA PRO A 89 -3.99 3.32 4.10
C PRO A 89 -4.80 2.20 3.46
N ALA A 90 -4.55 1.98 2.18
CA ALA A 90 -5.21 0.93 1.42
C ALA A 90 -4.43 0.64 0.15
N ILE A 91 -4.39 -0.61 -0.26
CA ILE A 91 -3.69 -0.98 -1.47
C ILE A 91 -4.64 -0.93 -2.65
N ALA A 92 -4.15 -0.38 -3.73
CA ALA A 92 -4.94 -0.22 -4.94
C ALA A 92 -4.22 -0.86 -6.12
N ASN A 93 -4.93 -1.71 -6.83
CA ASN A 93 -4.39 -2.32 -8.03
C ASN A 93 -4.61 -1.41 -9.22
N VAL A 94 -3.53 -0.84 -9.71
CA VAL A 94 -3.59 0.05 -10.85
C VAL A 94 -2.97 -0.62 -12.08
N ILE A 95 -3.65 -0.52 -13.20
CA ILE A 95 -3.13 -1.06 -14.44
C ILE A 95 -2.38 0.02 -15.18
N VAL A 96 -1.07 -0.01 -15.09
CA VAL A 96 -0.23 0.98 -15.75
C VAL A 96 0.30 0.41 -17.05
N ASP A 97 0.46 1.29 -18.04
CA ASP A 97 0.94 0.88 -19.35
C ASP A 97 -0.05 -0.11 -19.98
N ASN A 98 -1.30 -0.01 -19.51
CA ASN A 98 -2.42 -0.87 -19.92
C ASN A 98 -2.06 -2.36 -19.95
N ARG A 99 -1.05 -2.74 -19.18
CA ARG A 99 -0.58 -4.13 -19.16
C ARG A 99 -0.06 -4.53 -17.79
N LEU A 100 0.69 -3.63 -17.17
CA LEU A 100 1.38 -3.94 -15.92
C LEU A 100 0.45 -3.75 -14.72
N ALA A 101 0.15 -4.83 -14.03
CA ALA A 101 -0.64 -4.78 -12.82
C ALA A 101 0.22 -4.32 -11.65
N HIS A 102 0.11 -3.05 -11.31
CA HIS A 102 0.96 -2.46 -10.29
C HIS A 102 0.14 -2.17 -9.03
N PHE A 103 0.82 -2.14 -7.88
CA PHE A 103 0.14 -1.92 -6.61
C PHE A 103 0.67 -0.66 -5.93
N VAL A 104 -0.23 0.16 -5.42
CA VAL A 104 0.14 1.37 -4.69
C VAL A 104 -0.72 1.50 -3.43
N VAL A 105 -0.24 2.27 -2.47
CA VAL A 105 -0.97 2.47 -1.20
C VAL A 105 -1.43 3.90 -1.06
N ILE A 106 -2.72 4.10 -0.83
CA ILE A 106 -3.26 5.44 -0.64
C ILE A 106 -2.87 5.96 0.75
N TYR A 107 -2.36 7.18 0.79
CA TYR A 107 -2.00 7.82 2.05
C TYR A 107 -2.91 9.00 2.35
N SER A 108 -3.29 9.74 1.31
CA SER A 108 -4.15 10.91 1.47
C SER A 108 -4.85 11.25 0.15
N ILE A 109 -6.07 11.74 0.23
CA ILE A 109 -6.81 12.14 -0.96
C ILE A 109 -7.41 13.53 -0.76
N LYS A 110 -6.85 14.53 -1.44
CA LYS A 110 -7.27 15.91 -1.26
C LYS A 110 -6.92 16.76 -2.48
N ASN A 111 -7.75 17.77 -2.75
CA ASN A 111 -7.51 18.73 -3.83
C ASN A 111 -7.39 18.05 -5.18
N ARG A 112 -8.19 17.00 -5.38
CA ARG A 112 -8.19 16.22 -6.62
C ARG A 112 -6.87 15.47 -6.79
N ILE A 113 -6.08 15.42 -5.73
CA ILE A 113 -4.81 14.73 -5.75
C ILE A 113 -4.83 13.53 -4.84
N ILE A 114 -4.73 12.36 -5.44
CA ILE A 114 -4.69 11.12 -4.72
C ILE A 114 -3.25 10.72 -4.45
N THR A 115 -2.84 10.87 -3.20
CA THR A 115 -1.48 10.63 -2.80
C THR A 115 -1.26 9.16 -2.51
N VAL A 116 -0.51 8.50 -3.37
CA VAL A 116 -0.24 7.08 -3.22
C VAL A 116 1.24 6.83 -3.05
N ALA A 117 1.56 5.82 -2.27
CA ALA A 117 2.93 5.41 -2.05
C ALA A 117 3.32 4.32 -3.04
N ASP A 118 4.21 4.67 -3.96
CA ASP A 118 4.71 3.71 -4.92
C ASP A 118 5.96 3.05 -4.38
N PRO A 119 6.00 1.71 -4.40
CA PRO A 119 7.11 0.92 -3.83
C PRO A 119 8.41 1.00 -4.62
N GLY A 120 8.54 2.02 -5.46
CA GLY A 120 9.75 2.22 -6.21
C GLY A 120 10.09 3.69 -6.36
N LYS A 121 9.10 4.49 -6.69
CA LYS A 121 9.30 5.92 -6.89
C LYS A 121 9.11 6.68 -5.58
N GLY A 122 8.30 6.14 -4.69
CA GLY A 122 7.99 6.82 -3.45
C GLY A 122 6.63 7.47 -3.49
N ILE A 123 6.50 8.64 -2.89
CA ILE A 123 5.22 9.33 -2.86
C ILE A 123 4.96 10.06 -4.17
N VAL A 124 4.04 9.51 -4.96
CA VAL A 124 3.69 10.10 -6.24
C VAL A 124 2.29 10.69 -6.19
N ARG A 125 2.01 11.63 -7.07
CA ARG A 125 0.74 12.35 -7.04
C ARG A 125 -0.09 12.03 -8.28
N TYR A 126 -1.17 11.29 -8.08
CA TYR A 126 -2.10 11.02 -9.17
C TYR A 126 -3.35 11.86 -9.00
N SER A 127 -3.89 12.33 -10.10
CA SER A 127 -5.12 13.11 -10.05
C SER A 127 -6.33 12.19 -9.93
N MET A 128 -7.40 12.72 -9.37
CA MET A 128 -8.63 11.97 -9.10
C MET A 128 -9.02 11.08 -10.28
N ASP A 129 -9.22 11.70 -11.44
CA ASP A 129 -9.67 10.98 -12.62
C ASP A 129 -8.58 10.05 -13.15
N ASP A 130 -7.35 10.51 -13.11
CA ASP A 130 -6.21 9.72 -13.59
C ASP A 130 -6.07 8.42 -12.81
N PHE A 131 -6.22 8.52 -11.49
CA PHE A 131 -6.09 7.35 -10.63
C PHE A 131 -7.15 6.31 -10.96
N CYS A 132 -8.41 6.73 -11.02
CA CYS A 132 -9.52 5.81 -11.27
C CYS A 132 -9.50 5.29 -12.71
N SER A 133 -8.72 5.94 -13.57
CA SER A 133 -8.54 5.46 -14.94
C SER A 133 -7.71 4.18 -14.96
N ILE A 134 -6.66 4.15 -14.15
CA ILE A 134 -5.76 3.00 -14.10
C ILE A 134 -6.20 1.99 -13.04
N TRP A 135 -6.73 2.49 -11.93
CA TRP A 135 -7.20 1.64 -10.85
C TRP A 135 -8.50 0.94 -11.25
N THR A 136 -8.42 -0.37 -11.47
CA THR A 136 -9.56 -1.13 -11.95
C THR A 136 -10.32 -1.81 -10.81
N GLY A 137 -10.86 -1.01 -9.91
CA GLY A 137 -11.74 -1.52 -8.87
C GLY A 137 -11.06 -2.52 -7.96
N GLY A 138 -9.80 -2.28 -7.63
CA GLY A 138 -9.08 -3.19 -6.77
C GLY A 138 -8.55 -2.51 -5.52
N LEU A 139 -9.37 -2.47 -4.49
CA LEU A 139 -8.96 -1.91 -3.20
C LEU A 139 -9.01 -2.99 -2.13
N VAL A 140 -8.19 -2.82 -1.11
CA VAL A 140 -8.22 -3.73 0.04
C VAL A 140 -8.48 -2.95 1.32
N LEU A 141 -9.40 -3.44 2.13
CA LEU A 141 -9.72 -2.81 3.40
C LEU A 141 -8.74 -3.26 4.46
N LEU A 142 -7.98 -2.33 5.00
CA LEU A 142 -6.97 -2.63 6.00
C LEU A 142 -7.38 -2.07 7.36
N GLU A 143 -7.26 -2.89 8.39
CA GLU A 143 -7.59 -2.48 9.74
C GLU A 143 -6.79 -3.28 10.75
N PRO A 144 -6.49 -2.69 11.92
CA PRO A 144 -5.77 -3.38 12.99
C PRO A 144 -6.56 -4.57 13.53
N GLY A 145 -6.16 -5.77 13.15
CA GLY A 145 -6.87 -6.97 13.57
C GLY A 145 -6.14 -7.70 14.67
N GLU A 146 -5.20 -8.55 14.28
CA GLU A 146 -4.41 -9.29 15.26
C GLU A 146 -3.52 -8.34 16.07
N ALA A 147 -3.00 -7.32 15.38
CA ALA A 147 -2.13 -6.34 16.02
C ALA A 147 -2.90 -5.44 16.99
N PHE A 148 -4.21 -5.51 16.93
CA PHE A 148 -5.06 -4.76 17.83
C PHE A 148 -5.03 -5.37 19.23
N GLN A 149 -4.87 -6.68 19.28
CA GLN A 149 -4.90 -7.41 20.53
C GLN A 149 -3.49 -7.79 20.97
N LYS A 150 -2.73 -6.81 21.41
CA LYS A 150 -1.38 -7.06 21.89
C LYS A 150 -1.43 -7.60 23.32
N GLY A 151 -1.76 -6.71 24.26
CA GLY A 151 -1.82 -7.09 25.64
C GLY A 151 -2.78 -6.21 26.41
N SER A 1 26.09 10.34 3.46
CA SER A 1 25.62 10.43 2.07
C SER A 1 26.81 10.34 1.10
N ASN A 2 27.05 9.14 0.60
CA ASN A 2 28.15 8.91 -0.33
C ASN A 2 27.68 9.03 -1.78
N ALA A 3 26.37 9.06 -1.95
CA ALA A 3 25.79 9.16 -3.28
C ALA A 3 24.91 10.39 -3.40
N MET A 4 23.92 10.50 -2.52
CA MET A 4 23.00 11.63 -2.53
C MET A 4 22.21 11.68 -1.23
N LEU A 5 21.51 12.80 -1.04
CA LEU A 5 20.59 12.96 0.07
C LEU A 5 19.40 13.79 -0.38
N ARG A 6 18.20 13.29 -0.11
CA ARG A 6 16.98 13.93 -0.60
C ARG A 6 16.58 15.12 0.28
N ARG A 7 17.35 15.35 1.34
CA ARG A 7 17.11 16.42 2.31
C ARG A 7 15.88 16.11 3.17
N LEU A 8 14.74 15.94 2.52
CA LEU A 8 13.52 15.56 3.21
C LEU A 8 13.55 14.06 3.50
N PHE A 9 14.21 13.69 4.59
CA PHE A 9 14.37 12.30 4.96
C PHE A 9 13.04 11.69 5.40
N LYS A 10 12.81 10.45 5.01
CA LYS A 10 11.57 9.77 5.37
C LYS A 10 11.65 9.21 6.78
N LYS A 11 11.50 10.10 7.76
CA LYS A 11 11.50 9.70 9.17
C LYS A 11 10.14 9.14 9.55
N LYS A 12 9.10 9.89 9.24
CA LYS A 12 7.74 9.47 9.50
C LYS A 12 6.89 9.59 8.24
N TYR A 13 7.50 9.29 7.10
CA TYR A 13 6.77 9.29 5.84
C TYR A 13 6.34 7.88 5.50
N VAL A 14 6.98 6.90 6.14
CA VAL A 14 6.59 5.49 6.07
C VAL A 14 6.93 4.85 4.71
N CYS A 15 6.64 5.56 3.62
CA CYS A 15 6.86 5.06 2.26
C CYS A 15 8.24 4.43 2.10
N VAL A 16 8.25 3.15 1.77
CA VAL A 16 9.48 2.43 1.49
C VAL A 16 9.88 2.67 0.03
N ARG A 17 11.17 2.57 -0.26
CA ARG A 17 11.65 2.81 -1.62
C ARG A 17 12.38 1.59 -2.17
N GLN A 18 12.18 1.34 -3.46
CA GLN A 18 12.90 0.29 -4.17
C GLN A 18 13.62 0.89 -5.36
N TYR A 19 14.92 0.69 -5.44
CA TYR A 19 15.68 1.09 -6.61
C TYR A 19 15.43 0.07 -7.71
N ASP A 20 15.23 -1.17 -7.31
CA ASP A 20 14.86 -2.24 -8.21
C ASP A 20 13.41 -2.61 -7.98
N LEU A 21 12.58 -2.39 -8.98
CA LEU A 21 11.14 -2.60 -8.85
C LEU A 21 10.78 -4.07 -9.04
N THR A 22 11.28 -4.91 -8.14
CA THR A 22 10.98 -6.33 -8.18
C THR A 22 10.17 -6.72 -6.95
N ASP A 23 9.12 -7.51 -7.17
CA ASP A 23 8.24 -7.95 -6.09
C ASP A 23 7.68 -6.75 -5.34
N ALA A 24 7.20 -5.78 -6.10
CA ALA A 24 6.69 -4.53 -5.55
C ALA A 24 5.58 -4.77 -4.54
N GLY A 25 4.75 -5.79 -4.80
CA GLY A 25 3.65 -6.10 -3.90
C GLY A 25 4.09 -6.33 -2.47
N ALA A 26 5.27 -6.93 -2.32
CA ALA A 26 5.82 -7.17 -1.00
C ALA A 26 6.19 -5.86 -0.31
N ALA A 27 6.81 -4.96 -1.08
CA ALA A 27 7.22 -3.67 -0.56
C ALA A 27 6.03 -2.80 -0.22
N CYS A 28 4.99 -2.87 -1.06
CA CYS A 28 3.76 -2.14 -0.83
C CYS A 28 3.17 -2.51 0.53
N LEU A 29 3.11 -3.81 0.81
CA LEU A 29 2.58 -4.30 2.07
C LEU A 29 3.53 -3.97 3.21
N SER A 30 4.83 -3.99 2.94
CA SER A 30 5.85 -3.63 3.93
C SER A 30 5.68 -2.19 4.36
N SER A 31 5.27 -1.34 3.42
CA SER A 31 5.04 0.06 3.72
C SER A 31 3.85 0.20 4.68
N ILE A 32 2.81 -0.57 4.43
CA ILE A 32 1.64 -0.58 5.30
C ILE A 32 2.01 -1.14 6.67
N ALA A 33 2.84 -2.17 6.67
CA ALA A 33 3.35 -2.75 7.91
C ALA A 33 4.04 -1.69 8.76
N GLN A 34 4.81 -0.82 8.10
CA GLN A 34 5.45 0.31 8.79
C GLN A 34 4.40 1.30 9.30
N TYR A 35 3.39 1.55 8.47
CA TYR A 35 2.34 2.52 8.79
C TYR A 35 1.55 2.09 10.02
N TYR A 36 1.32 0.80 10.16
CA TYR A 36 0.57 0.27 11.30
C TYR A 36 1.49 -0.01 12.49
N GLY A 37 2.79 0.22 12.31
CA GLY A 37 3.72 0.07 13.42
C GLY A 37 4.27 -1.33 13.57
N LEU A 38 3.99 -2.19 12.61
CA LEU A 38 4.48 -3.56 12.65
C LEU A 38 5.96 -3.60 12.33
N LYS A 39 6.38 -2.81 11.34
CA LYS A 39 7.78 -2.76 10.92
C LYS A 39 8.28 -4.16 10.55
N MET A 40 7.96 -4.57 9.33
CA MET A 40 8.27 -5.91 8.86
C MET A 40 9.25 -5.86 7.69
N SER A 41 10.11 -6.86 7.62
CA SER A 41 11.12 -6.95 6.58
C SER A 41 10.50 -7.48 5.29
N LEU A 42 10.90 -6.88 4.17
CA LEU A 42 10.37 -7.20 2.86
C LEU A 42 10.58 -8.67 2.50
N ALA A 43 11.68 -9.24 2.99
CA ALA A 43 11.96 -10.65 2.78
C ALA A 43 10.85 -11.52 3.37
N LYS A 44 10.49 -11.22 4.61
CA LYS A 44 9.42 -11.93 5.30
C LYS A 44 8.09 -11.73 4.58
N ILE A 45 7.84 -10.48 4.18
CA ILE A 45 6.61 -10.15 3.48
C ILE A 45 6.51 -10.90 2.16
N ARG A 46 7.61 -10.95 1.43
CA ARG A 46 7.65 -11.64 0.14
C ARG A 46 7.34 -13.13 0.31
N GLU A 47 7.84 -13.71 1.40
CA GLU A 47 7.61 -15.12 1.68
C GLU A 47 6.13 -15.41 1.93
N MET A 48 5.45 -14.50 2.60
CA MET A 48 4.05 -14.70 2.95
C MET A 48 3.13 -14.33 1.79
N THR A 49 3.53 -13.32 1.03
CA THR A 49 2.73 -12.87 -0.10
C THR A 49 2.85 -13.82 -1.29
N GLY A 50 4.07 -14.33 -1.48
CA GLY A 50 4.32 -15.24 -2.59
C GLY A 50 4.29 -14.53 -3.92
N THR A 51 4.68 -13.26 -3.92
CA THR A 51 4.58 -12.39 -5.07
C THR A 51 5.10 -13.04 -6.34
N ASP A 52 4.20 -13.22 -7.27
CA ASP A 52 4.50 -13.72 -8.60
C ASP A 52 4.82 -12.56 -9.54
N THR A 53 5.87 -12.71 -10.32
CA THR A 53 6.27 -11.69 -11.28
C THR A 53 5.34 -11.70 -12.50
N GLN A 54 4.56 -12.77 -12.64
CA GLN A 54 3.66 -12.93 -13.78
C GLN A 54 2.36 -12.13 -13.59
N GLY A 55 2.34 -11.18 -12.67
CA GLY A 55 1.12 -10.43 -12.43
C GLY A 55 0.34 -10.95 -11.25
N THR A 56 1.05 -11.27 -10.17
CA THR A 56 0.45 -11.83 -8.96
C THR A 56 -0.78 -11.03 -8.51
N ASN A 57 -1.66 -11.71 -7.80
CA ASN A 57 -2.91 -11.12 -7.36
C ASN A 57 -2.81 -10.64 -5.92
N ALA A 58 -3.67 -9.69 -5.58
CA ALA A 58 -3.69 -9.06 -4.25
C ALA A 58 -4.06 -10.04 -3.15
N TYR A 59 -4.60 -11.20 -3.54
CA TYR A 59 -5.05 -12.21 -2.58
C TYR A 59 -3.91 -12.67 -1.68
N GLY A 60 -2.69 -12.68 -2.21
CA GLY A 60 -1.54 -13.02 -1.41
C GLY A 60 -1.21 -11.94 -0.38
N LEU A 61 -1.40 -10.69 -0.79
CA LEU A 61 -1.13 -9.56 0.08
C LEU A 61 -2.13 -9.49 1.23
N ILE A 62 -3.41 -9.64 0.91
CA ILE A 62 -4.46 -9.57 1.93
C ILE A 62 -4.33 -10.70 2.95
N HIS A 63 -3.78 -11.83 2.50
CA HIS A 63 -3.55 -12.97 3.38
C HIS A 63 -2.43 -12.66 4.37
N ALA A 64 -1.34 -12.10 3.85
CA ALA A 64 -0.19 -11.75 4.67
C ALA A 64 -0.52 -10.60 5.61
N ALA A 65 -1.38 -9.68 5.14
CA ALA A 65 -1.81 -8.54 5.94
C ALA A 65 -2.49 -8.99 7.22
N LYS A 66 -3.36 -9.99 7.09
CA LYS A 66 -4.07 -10.54 8.24
C LYS A 66 -3.11 -11.16 9.24
N GLN A 67 -2.03 -11.73 8.73
CA GLN A 67 -1.01 -12.34 9.58
C GLN A 67 -0.24 -11.27 10.34
N LEU A 68 -0.20 -10.07 9.79
CA LEU A 68 0.54 -8.98 10.40
C LEU A 68 -0.31 -8.24 11.43
N GLY A 69 -1.62 -8.43 11.35
CA GLY A 69 -2.49 -7.86 12.36
C GLY A 69 -3.53 -6.88 11.82
N PHE A 70 -3.61 -6.74 10.52
CA PHE A 70 -4.62 -5.87 9.94
C PHE A 70 -5.44 -6.61 8.89
N SER A 71 -6.75 -6.61 9.09
CA SER A 71 -7.68 -7.31 8.23
C SER A 71 -7.71 -6.65 6.85
N ALA A 72 -7.58 -7.46 5.81
CA ALA A 72 -7.59 -6.95 4.46
C ALA A 72 -8.61 -7.70 3.60
N LYS A 73 -9.46 -6.94 2.92
CA LYS A 73 -10.49 -7.51 2.07
C LYS A 73 -10.51 -6.82 0.72
N GLY A 74 -10.42 -7.60 -0.35
CA GLY A 74 -10.43 -7.02 -1.69
C GLY A 74 -11.85 -6.74 -2.18
N VAL A 75 -12.10 -5.51 -2.56
CA VAL A 75 -13.42 -5.09 -3.02
C VAL A 75 -13.29 -4.25 -4.29
N LYS A 76 -14.40 -4.13 -5.02
CA LYS A 76 -14.44 -3.28 -6.20
C LYS A 76 -15.01 -1.92 -5.81
N ALA A 77 -14.15 -0.93 -5.75
CA ALA A 77 -14.54 0.41 -5.34
C ALA A 77 -14.37 1.40 -6.48
N SER A 78 -14.88 2.60 -6.30
CA SER A 78 -14.78 3.63 -7.31
C SER A 78 -14.24 4.93 -6.71
N LYS A 79 -14.11 5.97 -7.53
CA LYS A 79 -13.55 7.25 -7.08
C LYS A 79 -14.27 7.81 -5.86
N GLU A 80 -15.59 7.62 -5.79
CA GLU A 80 -16.39 8.17 -4.70
C GLU A 80 -16.16 7.39 -3.41
N ASP A 81 -15.65 6.18 -3.52
CA ASP A 81 -15.43 5.32 -2.36
C ASP A 81 -14.12 5.67 -1.67
N LEU A 82 -13.27 6.39 -2.38
CA LEU A 82 -11.95 6.75 -1.86
C LEU A 82 -12.07 7.70 -0.68
N LEU A 83 -13.23 8.33 -0.55
CA LEU A 83 -13.43 9.38 0.44
C LEU A 83 -14.27 8.88 1.62
N LYS A 84 -14.63 7.60 1.63
CA LYS A 84 -15.55 7.10 2.64
C LYS A 84 -15.26 5.67 3.08
N ASP A 85 -14.75 4.84 2.18
CA ASP A 85 -14.65 3.41 2.48
C ASP A 85 -13.49 3.09 3.44
N PHE A 86 -12.27 3.11 2.93
CA PHE A 86 -11.12 2.72 3.74
C PHE A 86 -10.66 3.84 4.65
N ARG A 87 -9.78 3.51 5.59
CA ARG A 87 -9.30 4.49 6.56
C ARG A 87 -8.44 5.55 5.89
N LEU A 88 -7.20 5.19 5.61
CA LEU A 88 -6.25 6.09 4.94
C LEU A 88 -5.31 5.28 4.04
N PRO A 89 -4.57 4.27 4.59
CA PRO A 89 -3.74 3.40 3.77
C PRO A 89 -4.57 2.30 3.10
N ALA A 90 -4.22 1.98 1.86
CA ALA A 90 -4.91 0.93 1.13
C ALA A 90 -4.09 0.46 -0.07
N ILE A 91 -4.23 -0.81 -0.40
CA ILE A 91 -3.59 -1.36 -1.59
C ILE A 91 -4.55 -1.26 -2.77
N ALA A 92 -4.11 -0.60 -3.81
CA ALA A 92 -4.92 -0.45 -5.01
C ALA A 92 -4.33 -1.24 -6.17
N ASN A 93 -5.16 -2.07 -6.78
CA ASN A 93 -4.77 -2.83 -7.96
C ASN A 93 -4.74 -1.90 -9.15
N VAL A 94 -3.56 -1.64 -9.65
CA VAL A 94 -3.40 -0.70 -10.73
C VAL A 94 -2.66 -1.34 -11.90
N ILE A 95 -3.17 -1.11 -13.10
CA ILE A 95 -2.65 -1.79 -14.27
C ILE A 95 -1.69 -0.89 -15.05
N VAL A 96 -0.41 -1.16 -14.90
CA VAL A 96 0.62 -0.38 -15.59
C VAL A 96 1.07 -1.13 -16.83
N ASP A 97 1.42 -0.37 -17.86
CA ASP A 97 1.82 -0.93 -19.16
C ASP A 97 0.70 -1.74 -19.76
N ASN A 98 -0.51 -1.53 -19.23
CA ASN A 98 -1.72 -2.23 -19.69
C ASN A 98 -1.52 -3.74 -19.66
N ARG A 99 -0.77 -4.22 -18.67
CA ARG A 99 -0.47 -5.63 -18.55
C ARG A 99 -0.04 -5.99 -17.13
N LEU A 100 0.90 -5.22 -16.61
CA LEU A 100 1.54 -5.56 -15.34
C LEU A 100 0.62 -5.25 -14.17
N ALA A 101 0.36 -6.25 -13.35
CA ALA A 101 -0.40 -6.09 -12.14
C ALA A 101 0.44 -5.38 -11.09
N HIS A 102 0.25 -4.08 -10.98
CA HIS A 102 1.02 -3.25 -10.09
C HIS A 102 0.14 -2.83 -8.92
N PHE A 103 0.74 -2.57 -7.77
CA PHE A 103 -0.03 -2.14 -6.62
C PHE A 103 0.54 -0.86 -6.06
N VAL A 104 -0.34 0.01 -5.59
CA VAL A 104 0.08 1.26 -4.97
C VAL A 104 -0.61 1.42 -3.62
N VAL A 105 0.03 2.15 -2.72
CA VAL A 105 -0.53 2.37 -1.39
C VAL A 105 -1.03 3.81 -1.26
N ILE A 106 -2.32 3.95 -1.02
CA ILE A 106 -2.90 5.27 -0.80
C ILE A 106 -2.55 5.74 0.62
N TYR A 107 -2.13 7.00 0.74
CA TYR A 107 -1.79 7.56 2.05
C TYR A 107 -2.81 8.62 2.46
N SER A 108 -3.18 9.48 1.52
CA SER A 108 -4.11 10.56 1.81
C SER A 108 -4.79 11.02 0.53
N ILE A 109 -6.06 11.42 0.66
CA ILE A 109 -6.83 11.90 -0.47
C ILE A 109 -7.59 13.15 -0.08
N LYS A 110 -7.23 14.28 -0.67
CA LYS A 110 -7.88 15.54 -0.36
C LYS A 110 -7.86 16.47 -1.55
N ASN A 111 -8.97 17.16 -1.78
CA ASN A 111 -9.06 18.17 -2.84
C ASN A 111 -8.84 17.54 -4.21
N ARG A 112 -9.29 16.29 -4.33
CA ARG A 112 -9.13 15.50 -5.56
C ARG A 112 -7.67 15.16 -5.81
N ILE A 113 -6.83 15.44 -4.84
CA ILE A 113 -5.41 15.13 -4.92
C ILE A 113 -5.14 13.84 -4.16
N ILE A 114 -4.80 12.80 -4.90
CA ILE A 114 -4.60 11.49 -4.32
C ILE A 114 -3.11 11.26 -4.08
N THR A 115 -2.74 11.27 -2.81
CA THR A 115 -1.36 11.06 -2.42
C THR A 115 -1.06 9.57 -2.31
N VAL A 116 -0.34 9.06 -3.30
CA VAL A 116 -0.07 7.64 -3.38
C VAL A 116 1.41 7.36 -3.13
N ALA A 117 1.68 6.26 -2.46
CA ALA A 117 3.04 5.84 -2.21
C ALA A 117 3.34 4.54 -2.95
N ASP A 118 4.25 4.62 -3.89
CA ASP A 118 4.69 3.47 -4.65
C ASP A 118 6.17 3.25 -4.40
N PRO A 119 6.56 2.01 -4.06
CA PRO A 119 7.96 1.69 -3.76
C PRO A 119 8.90 1.99 -4.93
N GLY A 120 8.37 2.00 -6.14
CA GLY A 120 9.20 2.21 -7.31
C GLY A 120 9.42 3.69 -7.61
N LYS A 121 8.32 4.43 -7.74
CA LYS A 121 8.41 5.84 -8.11
C LYS A 121 8.51 6.73 -6.88
N GLY A 122 8.01 6.25 -5.75
CA GLY A 122 8.01 7.04 -4.53
C GLY A 122 6.63 7.62 -4.25
N ILE A 123 6.60 8.81 -3.67
CA ILE A 123 5.34 9.50 -3.44
C ILE A 123 4.84 10.10 -4.74
N VAL A 124 3.79 9.51 -5.28
CA VAL A 124 3.27 9.92 -6.57
C VAL A 124 2.01 10.77 -6.38
N ARG A 125 1.95 11.86 -7.13
CA ARG A 125 0.80 12.75 -7.07
C ARG A 125 -0.19 12.37 -8.16
N TYR A 126 -1.29 11.73 -7.78
CA TYR A 126 -2.31 11.35 -8.73
C TYR A 126 -3.55 12.22 -8.57
N SER A 127 -4.13 12.62 -9.68
CA SER A 127 -5.41 13.30 -9.68
C SER A 127 -6.49 12.23 -9.56
N MET A 128 -7.63 12.58 -8.96
CA MET A 128 -8.69 11.60 -8.77
C MET A 128 -9.06 10.92 -10.09
N ASP A 129 -9.31 11.74 -11.11
CA ASP A 129 -9.70 11.22 -12.41
C ASP A 129 -8.56 10.43 -13.06
N ASP A 130 -7.32 10.89 -12.85
CA ASP A 130 -6.16 10.25 -13.45
C ASP A 130 -5.86 8.91 -12.78
N PHE A 131 -6.08 8.85 -11.47
CA PHE A 131 -5.87 7.63 -10.70
C PHE A 131 -6.83 6.54 -11.17
N CYS A 132 -8.08 6.93 -11.42
CA CYS A 132 -9.12 5.98 -11.82
C CYS A 132 -8.88 5.44 -13.23
N SER A 133 -8.01 6.10 -13.98
CA SER A 133 -7.69 5.67 -15.35
C SER A 133 -6.86 4.38 -15.34
N ILE A 134 -6.03 4.23 -14.32
CA ILE A 134 -5.16 3.06 -14.21
C ILE A 134 -5.63 2.10 -13.12
N TRP A 135 -6.27 2.65 -12.10
CA TRP A 135 -6.80 1.86 -11.01
C TRP A 135 -8.13 1.23 -11.41
N THR A 136 -8.13 -0.10 -11.51
CA THR A 136 -9.27 -0.82 -12.04
C THR A 136 -10.33 -1.09 -10.96
N GLY A 137 -10.33 -0.27 -9.91
CA GLY A 137 -11.34 -0.39 -8.88
C GLY A 137 -11.01 -1.44 -7.85
N GLY A 138 -9.80 -1.97 -7.93
CA GLY A 138 -9.39 -3.00 -7.01
C GLY A 138 -8.79 -2.42 -5.77
N LEU A 139 -9.56 -2.37 -4.70
CA LEU A 139 -9.09 -1.82 -3.45
C LEU A 139 -9.24 -2.83 -2.33
N VAL A 140 -8.37 -2.75 -1.34
CA VAL A 140 -8.47 -3.60 -0.18
C VAL A 140 -8.78 -2.78 1.06
N LEU A 141 -9.72 -3.25 1.86
CA LEU A 141 -10.06 -2.61 3.11
C LEU A 141 -9.11 -3.05 4.21
N LEU A 142 -8.51 -2.10 4.90
CA LEU A 142 -7.56 -2.39 5.96
C LEU A 142 -8.08 -1.88 7.30
N GLU A 143 -7.99 -2.72 8.32
CA GLU A 143 -8.39 -2.34 9.68
C GLU A 143 -7.56 -3.09 10.71
N PRO A 144 -7.26 -2.43 11.84
CA PRO A 144 -6.43 -3.00 12.91
C PRO A 144 -7.13 -4.13 13.66
N GLY A 145 -7.04 -5.34 13.11
CA GLY A 145 -7.64 -6.50 13.75
C GLY A 145 -6.88 -6.89 15.00
N GLU A 146 -5.59 -7.15 14.84
CA GLU A 146 -4.73 -7.49 15.98
C GLU A 146 -3.57 -6.51 16.08
N ALA A 147 -3.62 -5.47 15.24
CA ALA A 147 -2.61 -4.43 15.27
C ALA A 147 -3.15 -3.18 15.95
N PHE A 148 -3.92 -3.41 17.01
CA PHE A 148 -4.50 -2.31 17.78
C PHE A 148 -3.93 -2.32 19.19
N GLN A 149 -2.69 -1.86 19.30
CA GLN A 149 -1.96 -1.78 20.56
C GLN A 149 -1.69 -3.17 21.15
N LYS A 150 -2.62 -3.67 21.96
CA LYS A 150 -2.43 -4.95 22.63
C LYS A 150 -3.55 -5.91 22.27
N GLY A 151 -3.41 -7.16 22.70
CA GLY A 151 -4.40 -8.16 22.40
C GLY A 151 -4.29 -9.35 23.33
N SER A 1 22.90 19.85 21.36
CA SER A 1 23.35 18.91 20.32
C SER A 1 22.37 18.89 19.16
N ASN A 2 21.16 18.38 19.42
CA ASN A 2 20.12 18.29 18.39
C ASN A 2 20.61 17.51 17.18
N ALA A 3 20.98 16.25 17.41
CA ALA A 3 21.51 15.41 16.35
C ALA A 3 21.22 13.95 16.63
N MET A 4 21.11 13.17 15.55
CA MET A 4 20.92 11.72 15.64
C MET A 4 19.61 11.37 16.33
N LEU A 5 18.54 12.08 15.99
CA LEU A 5 17.23 11.79 16.54
C LEU A 5 16.60 10.60 15.82
N ARG A 6 16.98 9.41 16.24
CA ARG A 6 16.49 8.19 15.64
C ARG A 6 15.16 7.79 16.24
N ARG A 7 14.88 8.29 17.43
CA ARG A 7 13.61 8.03 18.09
C ARG A 7 12.56 9.06 17.69
N LEU A 8 12.45 9.31 16.40
CA LEU A 8 11.43 10.21 15.89
C LEU A 8 10.08 9.52 15.96
N PHE A 9 9.07 10.25 16.39
CA PHE A 9 7.74 9.69 16.57
C PHE A 9 7.02 9.62 15.24
N LYS A 10 5.75 9.20 15.29
CA LYS A 10 4.92 9.03 14.10
C LYS A 10 5.32 7.79 13.31
N LYS A 11 6.54 7.80 12.78
CA LYS A 11 7.03 6.71 11.93
C LYS A 11 6.06 6.47 10.76
N LYS A 12 5.53 7.56 10.23
CA LYS A 12 4.58 7.48 9.13
C LYS A 12 5.20 8.03 7.86
N TYR A 13 6.49 8.35 7.93
CA TYR A 13 7.23 8.85 6.78
C TYR A 13 7.70 7.67 5.93
N VAL A 14 6.86 6.66 5.82
CA VAL A 14 7.19 5.44 5.09
C VAL A 14 7.27 5.73 3.61
N CYS A 15 8.40 5.39 3.01
CA CYS A 15 8.61 5.59 1.58
C CYS A 15 9.45 4.44 1.03
N VAL A 16 8.78 3.47 0.40
CA VAL A 16 9.47 2.35 -0.19
C VAL A 16 10.09 2.76 -1.54
N ARG A 17 11.21 3.46 -1.45
CA ARG A 17 11.90 3.94 -2.63
C ARG A 17 12.96 2.95 -3.07
N GLN A 18 12.78 2.41 -4.26
CA GLN A 18 13.71 1.42 -4.81
C GLN A 18 13.92 1.68 -6.29
N TYR A 19 15.16 1.60 -6.73
CA TYR A 19 15.52 1.84 -8.12
C TYR A 19 15.24 0.57 -8.92
N ASP A 20 15.17 -0.55 -8.22
CA ASP A 20 14.87 -1.83 -8.83
C ASP A 20 13.39 -2.12 -8.74
N LEU A 21 12.71 -2.12 -9.88
CA LEU A 21 11.28 -2.40 -9.92
C LEU A 21 11.04 -3.90 -9.78
N THR A 22 10.97 -4.37 -8.56
CA THR A 22 10.70 -5.76 -8.28
C THR A 22 9.84 -5.90 -7.03
N ASP A 23 9.09 -7.00 -6.97
CA ASP A 23 8.26 -7.34 -5.80
C ASP A 23 7.31 -6.20 -5.45
N ALA A 24 6.55 -5.76 -6.44
CA ALA A 24 5.63 -4.64 -6.29
C ALA A 24 4.58 -4.92 -5.22
N GLY A 25 4.07 -6.15 -5.20
CA GLY A 25 3.06 -6.52 -4.24
C GLY A 25 3.61 -6.57 -2.83
N ALA A 26 4.78 -7.16 -2.68
CA ALA A 26 5.42 -7.28 -1.37
C ALA A 26 5.82 -5.92 -0.83
N ALA A 27 6.36 -5.08 -1.70
CA ALA A 27 6.78 -3.74 -1.32
C ALA A 27 5.59 -2.88 -0.92
N CYS A 28 4.48 -3.06 -1.63
CA CYS A 28 3.27 -2.31 -1.34
C CYS A 28 2.73 -2.67 0.05
N LEU A 29 2.74 -3.96 0.37
CA LEU A 29 2.28 -4.42 1.68
C LEU A 29 3.28 -4.01 2.76
N SER A 30 4.57 -4.05 2.42
CA SER A 30 5.62 -3.65 3.33
C SER A 30 5.40 -2.22 3.82
N SER A 31 4.98 -1.35 2.91
CA SER A 31 4.70 0.05 3.23
C SER A 31 3.63 0.15 4.32
N ILE A 32 2.63 -0.72 4.22
CA ILE A 32 1.54 -0.77 5.20
C ILE A 32 2.06 -1.25 6.54
N ALA A 33 2.84 -2.32 6.50
CA ALA A 33 3.39 -2.90 7.71
C ALA A 33 4.24 -1.89 8.46
N GLN A 34 5.00 -1.10 7.72
CA GLN A 34 5.85 -0.07 8.33
C GLN A 34 5.03 1.10 8.83
N TYR A 35 3.83 1.26 8.28
CA TYR A 35 2.95 2.36 8.67
C TYR A 35 2.17 2.00 9.94
N TYR A 36 1.74 0.76 10.03
CA TYR A 36 0.96 0.29 11.19
C TYR A 36 1.85 -0.03 12.39
N GLY A 37 3.16 0.14 12.23
CA GLY A 37 4.07 -0.05 13.34
C GLY A 37 4.80 -1.38 13.29
N LEU A 38 4.30 -2.30 12.49
CA LEU A 38 4.90 -3.62 12.35
C LEU A 38 6.34 -3.53 11.88
N LYS A 39 6.57 -2.67 10.89
CA LYS A 39 7.90 -2.44 10.34
C LYS A 39 8.51 -3.75 9.85
N MET A 40 8.03 -4.21 8.70
CA MET A 40 8.49 -5.47 8.12
C MET A 40 9.21 -5.19 6.81
N SER A 41 10.36 -5.82 6.63
CA SER A 41 11.16 -5.62 5.43
C SER A 41 10.49 -6.24 4.21
N LEU A 42 10.87 -5.77 3.02
CA LEU A 42 10.27 -6.28 1.78
C LEU A 42 10.41 -7.79 1.68
N ALA A 43 11.61 -8.28 1.98
CA ALA A 43 11.89 -9.72 1.94
C ALA A 43 10.93 -10.50 2.82
N LYS A 44 10.69 -9.99 4.03
CA LYS A 44 9.77 -10.63 4.97
C LYS A 44 8.39 -10.77 4.36
N ILE A 45 7.89 -9.68 3.81
CA ILE A 45 6.57 -9.68 3.19
C ILE A 45 6.55 -10.63 2.00
N ARG A 46 7.63 -10.64 1.24
CA ARG A 46 7.75 -11.52 0.07
C ARG A 46 7.69 -12.98 0.49
N GLU A 47 8.22 -13.30 1.67
CA GLU A 47 8.19 -14.65 2.18
C GLU A 47 6.77 -15.01 2.64
N MET A 48 6.14 -14.09 3.35
CA MET A 48 4.80 -14.32 3.88
C MET A 48 3.77 -14.42 2.77
N THR A 49 3.91 -13.59 1.75
CA THR A 49 3.01 -13.64 0.61
C THR A 49 3.36 -14.80 -0.31
N GLY A 50 4.66 -15.04 -0.45
CA GLY A 50 5.15 -16.07 -1.34
C GLY A 50 4.85 -15.75 -2.79
N THR A 51 4.58 -14.48 -3.06
CA THR A 51 4.16 -14.05 -4.36
C THR A 51 5.34 -13.61 -5.21
N ASP A 52 5.51 -14.31 -6.29
CA ASP A 52 6.47 -13.96 -7.32
C ASP A 52 5.88 -12.88 -8.23
N THR A 53 6.72 -12.02 -8.79
CA THR A 53 6.29 -10.89 -9.63
C THR A 53 5.63 -11.35 -10.95
N GLN A 54 5.29 -12.63 -10.99
CA GLN A 54 4.70 -13.30 -12.15
C GLN A 54 3.26 -12.84 -12.43
N GLY A 55 2.90 -11.63 -11.98
CA GLY A 55 1.53 -11.21 -12.08
C GLY A 55 0.80 -11.30 -10.75
N THR A 56 1.50 -10.88 -9.70
CA THR A 56 0.95 -10.84 -8.35
C THR A 56 -0.45 -10.24 -8.31
N ASN A 57 -1.38 -10.98 -7.71
CA ASN A 57 -2.72 -10.48 -7.47
C ASN A 57 -2.90 -10.17 -5.98
N ALA A 58 -3.84 -9.28 -5.69
CA ALA A 58 -4.05 -8.75 -4.34
C ALA A 58 -4.52 -9.83 -3.36
N TYR A 59 -4.97 -10.95 -3.90
CA TYR A 59 -5.48 -12.04 -3.08
C TYR A 59 -4.40 -12.61 -2.17
N GLY A 60 -3.15 -12.56 -2.63
CA GLY A 60 -2.04 -13.02 -1.81
C GLY A 60 -1.67 -12.01 -0.75
N LEU A 61 -1.88 -10.74 -1.07
CA LEU A 61 -1.54 -9.65 -0.16
C LEU A 61 -2.50 -9.62 1.02
N ILE A 62 -3.79 -9.74 0.74
CA ILE A 62 -4.80 -9.71 1.78
C ILE A 62 -4.65 -10.92 2.72
N HIS A 63 -4.12 -12.01 2.19
CA HIS A 63 -3.88 -13.22 2.98
C HIS A 63 -2.70 -12.99 3.93
N ALA A 64 -1.69 -12.28 3.46
CA ALA A 64 -0.52 -12.00 4.27
C ALA A 64 -0.83 -10.94 5.31
N ALA A 65 -1.58 -9.92 4.91
CA ALA A 65 -1.92 -8.80 5.80
C ALA A 65 -2.54 -9.28 7.10
N LYS A 66 -3.40 -10.30 7.01
CA LYS A 66 -4.05 -10.87 8.18
C LYS A 66 -3.02 -11.47 9.14
N GLN A 67 -1.87 -11.85 8.60
CA GLN A 67 -0.81 -12.43 9.40
C GLN A 67 0.08 -11.34 10.00
N LEU A 68 0.20 -10.22 9.30
CA LEU A 68 0.94 -9.07 9.83
C LEU A 68 0.18 -8.42 10.98
N GLY A 69 -1.14 -8.50 10.92
CA GLY A 69 -1.96 -8.03 12.02
C GLY A 69 -2.94 -6.93 11.64
N PHE A 70 -3.31 -6.87 10.38
CA PHE A 70 -4.37 -5.97 9.93
C PHE A 70 -5.29 -6.68 8.95
N SER A 71 -6.59 -6.48 9.12
CA SER A 71 -7.57 -7.18 8.30
C SER A 71 -7.62 -6.57 6.91
N ALA A 72 -7.54 -7.42 5.90
CA ALA A 72 -7.55 -6.96 4.52
C ALA A 72 -8.49 -7.77 3.66
N LYS A 73 -9.35 -7.08 2.92
CA LYS A 73 -10.29 -7.72 2.01
C LYS A 73 -10.34 -6.97 0.69
N GLY A 74 -10.25 -7.69 -0.42
CA GLY A 74 -10.32 -7.07 -1.71
C GLY A 74 -11.75 -6.82 -2.14
N VAL A 75 -12.06 -5.58 -2.45
CA VAL A 75 -13.40 -5.20 -2.86
C VAL A 75 -13.34 -4.24 -4.05
N LYS A 76 -14.50 -4.03 -4.67
CA LYS A 76 -14.62 -3.08 -5.76
C LYS A 76 -15.24 -1.80 -5.24
N ALA A 77 -14.73 -0.67 -5.71
CA ALA A 77 -15.18 0.64 -5.21
C ALA A 77 -15.30 1.63 -6.35
N SER A 78 -15.84 2.80 -6.06
CA SER A 78 -16.00 3.85 -7.05
C SER A 78 -15.24 5.10 -6.61
N LYS A 79 -15.01 6.04 -7.51
CA LYS A 79 -14.18 7.22 -7.21
C LYS A 79 -14.69 7.98 -5.97
N GLU A 80 -16.00 8.06 -5.81
CA GLU A 80 -16.60 8.78 -4.69
C GLU A 80 -16.47 7.98 -3.40
N ASP A 81 -16.24 6.68 -3.54
CA ASP A 81 -16.13 5.80 -2.40
C ASP A 81 -14.80 6.01 -1.68
N LEU A 82 -13.81 6.45 -2.45
CA LEU A 82 -12.46 6.70 -1.93
C LEU A 82 -12.47 7.86 -0.94
N LEU A 83 -13.58 8.59 -0.90
CA LEU A 83 -13.67 9.79 -0.10
C LEU A 83 -14.49 9.59 1.17
N LYS A 84 -14.89 8.34 1.45
CA LYS A 84 -15.74 8.09 2.61
C LYS A 84 -15.58 6.68 3.18
N ASP A 85 -15.28 5.70 2.33
CA ASP A 85 -15.28 4.31 2.76
C ASP A 85 -14.12 4.01 3.71
N PHE A 86 -12.92 3.91 3.17
CA PHE A 86 -11.75 3.61 3.98
C PHE A 86 -11.19 4.88 4.59
N ARG A 87 -10.26 4.73 5.53
CA ARG A 87 -9.69 5.88 6.22
C ARG A 87 -8.65 6.56 5.33
N LEU A 88 -7.46 5.99 5.31
CA LEU A 88 -6.37 6.52 4.50
C LEU A 88 -5.61 5.39 3.80
N PRO A 89 -4.99 4.44 4.55
CA PRO A 89 -4.23 3.34 3.93
C PRO A 89 -5.14 2.31 3.24
N ALA A 90 -4.80 2.02 1.99
CA ALA A 90 -5.50 1.00 1.21
C ALA A 90 -4.66 0.61 0.01
N ILE A 91 -4.69 -0.65 -0.38
CA ILE A 91 -3.97 -1.09 -1.57
C ILE A 91 -4.87 -1.01 -2.78
N ALA A 92 -4.31 -0.52 -3.86
CA ALA A 92 -5.04 -0.36 -5.10
C ALA A 92 -4.37 -1.12 -6.23
N ASN A 93 -5.13 -1.96 -6.90
CA ASN A 93 -4.65 -2.67 -8.06
C ASN A 93 -4.74 -1.77 -9.29
N VAL A 94 -3.59 -1.33 -9.76
CA VAL A 94 -3.53 -0.45 -10.90
C VAL A 94 -2.85 -1.14 -12.08
N ILE A 95 -3.42 -1.00 -13.25
CA ILE A 95 -2.88 -1.62 -14.44
C ILE A 95 -1.81 -0.72 -15.05
N VAL A 96 -0.57 -1.10 -14.90
CA VAL A 96 0.54 -0.30 -15.40
C VAL A 96 1.01 -0.84 -16.74
N ASP A 97 1.38 0.06 -17.64
CA ASP A 97 1.80 -0.29 -19.00
C ASP A 97 0.66 -0.99 -19.73
N ASN A 98 -0.55 -0.79 -19.22
CA ASN A 98 -1.76 -1.41 -19.76
C ASN A 98 -1.61 -2.93 -19.91
N ARG A 99 -0.89 -3.54 -18.98
CA ARG A 99 -0.63 -4.98 -19.05
C ARG A 99 -0.26 -5.56 -17.69
N LEU A 100 0.64 -4.90 -16.98
CA LEU A 100 1.17 -5.43 -15.74
C LEU A 100 0.32 -4.99 -14.54
N ALA A 101 0.02 -5.94 -13.67
CA ALA A 101 -0.72 -5.65 -12.46
C ALA A 101 0.21 -5.05 -11.41
N HIS A 102 0.06 -3.75 -11.19
CA HIS A 102 0.88 -3.04 -10.23
C HIS A 102 0.04 -2.66 -9.02
N PHE A 103 0.68 -2.52 -7.87
CA PHE A 103 -0.02 -2.14 -6.66
C PHE A 103 0.55 -0.88 -6.07
N VAL A 104 -0.34 -0.01 -5.62
CA VAL A 104 0.04 1.20 -4.90
C VAL A 104 -0.83 1.35 -3.66
N VAL A 105 -0.25 1.78 -2.57
CA VAL A 105 -1.01 1.95 -1.34
C VAL A 105 -1.28 3.42 -1.08
N ILE A 106 -2.54 3.74 -0.86
CA ILE A 106 -2.96 5.11 -0.62
C ILE A 106 -2.57 5.54 0.79
N TYR A 107 -2.05 6.75 0.91
CA TYR A 107 -1.69 7.31 2.20
C TYR A 107 -2.62 8.46 2.57
N SER A 108 -3.07 9.22 1.57
CA SER A 108 -3.96 10.36 1.81
C SER A 108 -4.69 10.76 0.54
N ILE A 109 -6.00 10.96 0.64
CA ILE A 109 -6.78 11.47 -0.48
C ILE A 109 -7.48 12.77 -0.08
N LYS A 110 -7.10 13.86 -0.72
CA LYS A 110 -7.65 15.17 -0.40
C LYS A 110 -7.44 16.15 -1.55
N ASN A 111 -8.43 17.00 -1.79
CA ASN A 111 -8.40 18.00 -2.87
C ASN A 111 -8.27 17.32 -4.23
N ARG A 112 -8.91 16.16 -4.35
CA ARG A 112 -8.88 15.35 -5.58
C ARG A 112 -7.48 14.78 -5.82
N ILE A 113 -6.62 14.95 -4.84
CA ILE A 113 -5.25 14.45 -4.91
C ILE A 113 -5.12 13.14 -4.14
N ILE A 114 -4.79 12.09 -4.86
CA ILE A 114 -4.62 10.77 -4.27
C ILE A 114 -3.15 10.47 -4.07
N THR A 115 -2.71 10.57 -2.83
CA THR A 115 -1.31 10.35 -2.50
C THR A 115 -1.05 8.88 -2.22
N VAL A 116 -0.26 8.25 -3.08
CA VAL A 116 0.02 6.83 -2.94
C VAL A 116 1.51 6.59 -2.74
N ALA A 117 1.84 5.44 -2.19
CA ALA A 117 3.22 5.02 -2.06
C ALA A 117 3.55 4.01 -3.15
N ASP A 118 4.31 4.46 -4.13
CA ASP A 118 4.72 3.61 -5.24
C ASP A 118 5.95 2.79 -4.85
N PRO A 119 5.87 1.46 -4.98
CA PRO A 119 7.02 0.56 -4.73
C PRO A 119 8.17 0.81 -5.70
N GLY A 120 8.86 1.92 -5.50
CA GLY A 120 9.92 2.29 -6.39
C GLY A 120 10.12 3.79 -6.41
N LYS A 121 9.08 4.50 -6.79
CA LYS A 121 9.17 5.95 -6.93
C LYS A 121 8.98 6.64 -5.58
N GLY A 122 8.26 5.99 -4.67
CA GLY A 122 8.05 6.56 -3.36
C GLY A 122 6.68 7.20 -3.23
N ILE A 123 6.59 8.27 -2.45
CA ILE A 123 5.32 8.96 -2.25
C ILE A 123 5.01 9.84 -3.46
N VAL A 124 4.03 9.42 -4.24
CA VAL A 124 3.65 10.13 -5.45
C VAL A 124 2.20 10.58 -5.36
N ARG A 125 1.93 11.80 -5.78
CA ARG A 125 0.58 12.33 -5.78
C ARG A 125 -0.08 12.11 -7.13
N TYR A 126 -1.22 11.44 -7.12
CA TYR A 126 -1.97 11.17 -8.34
C TYR A 126 -3.26 11.98 -8.37
N SER A 127 -3.67 12.39 -9.56
CA SER A 127 -4.98 12.99 -9.72
C SER A 127 -6.02 11.89 -9.67
N MET A 128 -7.19 12.15 -9.09
CA MET A 128 -8.22 11.10 -8.99
C MET A 128 -8.51 10.51 -10.38
N ASP A 129 -8.64 11.37 -11.37
CA ASP A 129 -8.93 10.93 -12.74
C ASP A 129 -7.76 10.11 -13.28
N ASP A 130 -6.55 10.55 -12.98
CA ASP A 130 -5.34 9.87 -13.43
C ASP A 130 -5.19 8.52 -12.74
N PHE A 131 -5.51 8.49 -11.46
CA PHE A 131 -5.49 7.28 -10.66
C PHE A 131 -6.55 6.30 -11.13
N CYS A 132 -7.78 6.78 -11.30
CA CYS A 132 -8.88 5.95 -11.75
C CYS A 132 -8.64 5.39 -13.16
N SER A 133 -7.74 6.03 -13.90
CA SER A 133 -7.41 5.58 -15.26
C SER A 133 -6.63 4.27 -15.21
N ILE A 134 -5.88 4.05 -14.14
CA ILE A 134 -5.08 2.84 -14.00
C ILE A 134 -5.71 1.88 -12.99
N TRP A 135 -6.28 2.44 -11.94
CA TRP A 135 -6.95 1.66 -10.91
C TRP A 135 -8.21 1.02 -11.46
N THR A 136 -8.24 -0.30 -11.51
CA THR A 136 -9.32 -1.04 -12.15
C THR A 136 -10.36 -1.53 -11.13
N GLY A 137 -10.72 -0.65 -10.19
CA GLY A 137 -11.75 -0.98 -9.22
C GLY A 137 -11.31 -2.03 -8.23
N GLY A 138 -10.03 -2.04 -7.91
CA GLY A 138 -9.49 -3.02 -7.00
C GLY A 138 -8.86 -2.39 -5.78
N LEU A 139 -9.67 -2.24 -4.73
CA LEU A 139 -9.19 -1.70 -3.47
C LEU A 139 -9.34 -2.73 -2.36
N VAL A 140 -8.37 -2.79 -1.47
CA VAL A 140 -8.48 -3.67 -0.32
C VAL A 140 -8.72 -2.85 0.94
N LEU A 141 -9.67 -3.28 1.74
CA LEU A 141 -9.99 -2.62 2.99
C LEU A 141 -9.01 -3.07 4.07
N LEU A 142 -8.28 -2.12 4.63
CA LEU A 142 -7.32 -2.43 5.68
C LEU A 142 -7.83 -1.93 7.02
N GLU A 143 -8.07 -2.87 7.93
CA GLU A 143 -8.54 -2.52 9.26
C GLU A 143 -7.46 -2.80 10.28
N PRO A 144 -7.35 -1.94 11.29
CA PRO A 144 -6.45 -2.14 12.41
C PRO A 144 -6.84 -3.37 13.22
N GLY A 145 -6.10 -4.46 13.03
CA GLY A 145 -6.45 -5.70 13.67
C GLY A 145 -5.74 -5.90 15.00
N GLU A 146 -5.22 -7.10 15.21
CA GLU A 146 -4.66 -7.49 16.50
C GLU A 146 -3.30 -6.85 16.76
N ALA A 147 -2.67 -6.33 15.70
CA ALA A 147 -1.32 -5.79 15.83
C ALA A 147 -1.32 -4.26 15.91
N PHE A 148 -2.50 -3.66 15.78
CA PHE A 148 -2.59 -2.21 15.83
C PHE A 148 -3.96 -1.80 16.39
N GLN A 149 -4.09 -1.89 17.70
CA GLN A 149 -5.34 -1.54 18.35
C GLN A 149 -5.09 -0.94 19.72
N LYS A 150 -5.90 0.05 20.08
CA LYS A 150 -5.84 0.66 21.40
C LYS A 150 -7.21 0.57 22.05
N GLY A 151 -7.24 0.11 23.29
CA GLY A 151 -8.50 -0.07 23.98
C GLY A 151 -8.36 0.17 25.47
N SER A 1 28.49 -5.20 29.99
CA SER A 1 28.87 -4.99 28.58
C SER A 1 27.80 -4.18 27.85
N ASN A 2 26.66 -3.96 28.51
CA ASN A 2 25.54 -3.21 27.92
C ASN A 2 24.98 -3.96 26.72
N ALA A 3 25.48 -3.64 25.53
CA ALA A 3 25.08 -4.31 24.29
C ALA A 3 23.57 -4.25 24.07
N MET A 4 22.93 -3.22 24.62
CA MET A 4 21.49 -3.07 24.48
C MET A 4 21.14 -2.26 23.24
N LEU A 5 21.64 -2.72 22.10
CA LEU A 5 21.36 -2.06 20.83
C LEU A 5 20.81 -3.08 19.84
N ARG A 6 19.59 -3.53 20.11
CA ARG A 6 18.94 -4.52 19.27
C ARG A 6 17.54 -4.04 18.88
N ARG A 7 16.84 -3.47 19.86
CA ARG A 7 15.50 -2.97 19.64
C ARG A 7 15.55 -1.52 19.18
N LEU A 8 15.97 -1.33 17.93
CA LEU A 8 16.06 -0.01 17.35
C LEU A 8 14.93 0.22 16.35
N PHE A 9 13.88 -0.56 16.49
CA PHE A 9 12.74 -0.51 15.59
C PHE A 9 11.76 0.57 16.03
N LYS A 10 12.30 1.68 16.48
CA LYS A 10 11.49 2.79 16.94
C LYS A 10 11.34 3.81 15.81
N LYS A 11 12.14 3.63 14.78
CA LYS A 11 12.10 4.51 13.61
C LYS A 11 11.13 3.98 12.57
N LYS A 12 9.88 4.38 12.66
CA LYS A 12 8.89 3.98 11.68
C LYS A 12 8.98 4.88 10.45
N TYR A 13 9.76 4.44 9.46
CA TYR A 13 9.97 5.21 8.24
C TYR A 13 8.66 5.41 7.49
N VAL A 14 7.86 4.34 7.45
CA VAL A 14 6.53 4.35 6.84
C VAL A 14 6.61 4.39 5.31
N CYS A 15 7.41 5.30 4.79
CA CYS A 15 7.57 5.44 3.35
C CYS A 15 8.63 4.48 2.82
N VAL A 16 8.32 3.84 1.70
CA VAL A 16 9.28 2.99 1.01
C VAL A 16 9.55 3.54 -0.38
N ARG A 17 10.57 3.01 -1.03
CA ARG A 17 10.88 3.37 -2.42
C ARG A 17 11.05 2.12 -3.24
N GLN A 18 12.08 1.34 -2.89
CA GLN A 18 12.40 0.08 -3.56
C GLN A 18 12.76 0.30 -5.02
N TYR A 19 14.04 0.47 -5.28
CA TYR A 19 14.53 0.69 -6.63
C TYR A 19 14.63 -0.64 -7.37
N ASP A 20 13.50 -1.34 -7.43
CA ASP A 20 13.43 -2.66 -8.05
C ASP A 20 11.97 -2.99 -8.36
N LEU A 21 11.72 -3.43 -9.59
CA LEU A 21 10.34 -3.66 -10.03
C LEU A 21 9.98 -5.15 -10.04
N THR A 22 10.62 -5.93 -9.19
CA THR A 22 10.34 -7.36 -9.13
C THR A 22 9.15 -7.64 -8.19
N ASP A 23 9.13 -6.94 -7.07
CA ASP A 23 8.06 -7.11 -6.10
C ASP A 23 7.25 -5.82 -5.97
N ALA A 24 6.12 -5.81 -6.65
CA ALA A 24 5.21 -4.68 -6.57
C ALA A 24 4.23 -4.84 -5.41
N GLY A 25 4.05 -6.07 -4.97
CA GLY A 25 3.04 -6.38 -3.98
C GLY A 25 3.49 -6.14 -2.55
N ALA A 26 4.56 -6.78 -2.14
CA ALA A 26 4.98 -6.77 -0.74
C ALA A 26 5.60 -5.42 -0.36
N ALA A 27 6.23 -4.78 -1.34
CA ALA A 27 6.87 -3.50 -1.11
C ALA A 27 5.88 -2.44 -0.63
N CYS A 28 4.71 -2.41 -1.25
CA CYS A 28 3.68 -1.43 -0.88
C CYS A 28 2.96 -1.87 0.40
N LEU A 29 2.97 -3.18 0.65
CA LEU A 29 2.37 -3.73 1.86
C LEU A 29 3.21 -3.35 3.09
N SER A 30 4.52 -3.33 2.90
CA SER A 30 5.46 -3.00 3.98
C SER A 30 5.21 -1.60 4.54
N SER A 31 4.75 -0.69 3.68
CA SER A 31 4.39 0.66 4.10
C SER A 31 3.28 0.61 5.15
N ILE A 32 2.28 -0.22 4.89
CA ILE A 32 1.13 -0.36 5.76
C ILE A 32 1.56 -0.90 7.12
N ALA A 33 2.44 -1.89 7.09
CA ALA A 33 2.95 -2.51 8.31
C ALA A 33 3.64 -1.48 9.20
N GLN A 34 4.45 -0.62 8.58
CA GLN A 34 5.16 0.43 9.32
C GLN A 34 4.19 1.46 9.88
N TYR A 35 3.20 1.83 9.07
CA TYR A 35 2.23 2.85 9.44
C TYR A 35 1.42 2.42 10.66
N TYR A 36 0.92 1.19 10.63
CA TYR A 36 0.07 0.69 11.71
C TYR A 36 0.87 0.40 12.98
N GLY A 37 2.18 0.23 12.84
CA GLY A 37 3.01 -0.03 13.99
C GLY A 37 3.49 -1.46 14.07
N LEU A 38 3.12 -2.26 13.07
CA LEU A 38 3.56 -3.64 12.99
C LEU A 38 5.05 -3.70 12.68
N LYS A 39 5.52 -2.73 11.89
CA LYS A 39 6.94 -2.57 11.59
C LYS A 39 7.55 -3.84 11.01
N MET A 40 7.40 -4.01 9.71
CA MET A 40 7.89 -5.20 9.02
C MET A 40 8.82 -4.80 7.89
N SER A 41 9.87 -5.58 7.68
CA SER A 41 10.84 -5.28 6.65
C SER A 41 10.44 -5.89 5.31
N LEU A 42 10.88 -5.28 4.23
CA LEU A 42 10.53 -5.73 2.86
C LEU A 42 10.72 -7.23 2.71
N ALA A 43 11.92 -7.70 3.03
CA ALA A 43 12.27 -9.11 2.86
C ALA A 43 11.36 -10.04 3.64
N LYS A 44 10.92 -9.60 4.82
CA LYS A 44 10.11 -10.46 5.68
C LYS A 44 8.64 -10.46 5.23
N ILE A 45 8.26 -9.46 4.45
CA ILE A 45 6.91 -9.42 3.88
C ILE A 45 6.82 -10.32 2.66
N ARG A 46 7.89 -10.32 1.86
CA ARG A 46 7.90 -11.05 0.59
C ARG A 46 7.85 -12.56 0.78
N GLU A 47 8.33 -13.03 1.92
CA GLU A 47 8.26 -14.45 2.21
C GLU A 47 6.84 -14.83 2.66
N MET A 48 6.11 -13.84 3.12
CA MET A 48 4.74 -14.02 3.56
C MET A 48 3.78 -13.91 2.37
N THR A 49 4.03 -12.96 1.50
CA THR A 49 3.21 -12.75 0.33
C THR A 49 3.49 -13.79 -0.74
N GLY A 50 4.77 -14.12 -0.90
CA GLY A 50 5.17 -15.03 -1.94
C GLY A 50 5.07 -14.40 -3.31
N THR A 51 5.26 -13.07 -3.34
CA THR A 51 5.07 -12.27 -4.52
C THR A 51 5.74 -12.86 -5.75
N ASP A 52 4.91 -13.19 -6.70
CA ASP A 52 5.36 -13.59 -8.02
C ASP A 52 5.43 -12.36 -8.92
N THR A 53 6.36 -12.38 -9.86
CA THR A 53 6.47 -11.29 -10.83
C THR A 53 5.56 -11.58 -12.02
N GLN A 54 4.88 -12.72 -11.95
CA GLN A 54 4.05 -13.18 -13.04
C GLN A 54 2.60 -12.69 -12.92
N GLY A 55 2.39 -11.63 -12.15
CA GLY A 55 1.05 -11.05 -12.08
C GLY A 55 0.26 -11.51 -10.87
N THR A 56 0.91 -11.57 -9.71
CA THR A 56 0.24 -11.88 -8.44
C THR A 56 -1.00 -11.00 -8.25
N ASN A 57 -2.07 -11.60 -7.75
CA ASN A 57 -3.32 -10.88 -7.54
C ASN A 57 -3.47 -10.47 -6.09
N ALA A 58 -4.47 -9.66 -5.79
CA ALA A 58 -4.73 -9.21 -4.42
C ALA A 58 -4.92 -10.39 -3.47
N TYR A 59 -5.38 -11.51 -4.02
CA TYR A 59 -5.67 -12.70 -3.23
C TYR A 59 -4.44 -13.22 -2.48
N GLY A 60 -3.28 -13.13 -3.12
CA GLY A 60 -2.06 -13.58 -2.49
C GLY A 60 -1.47 -12.51 -1.58
N LEU A 61 -1.83 -11.26 -1.86
CA LEU A 61 -1.32 -10.14 -1.08
C LEU A 61 -2.04 -10.05 0.27
N ILE A 62 -3.36 -10.18 0.22
CA ILE A 62 -4.17 -10.13 1.43
C ILE A 62 -3.89 -11.34 2.31
N HIS A 63 -3.43 -12.42 1.68
CA HIS A 63 -3.10 -13.66 2.37
C HIS A 63 -2.02 -13.42 3.43
N ALA A 64 -1.13 -12.48 3.15
CA ALA A 64 -0.11 -12.11 4.10
C ALA A 64 -0.62 -11.06 5.08
N ALA A 65 -1.24 -10.03 4.53
CA ALA A 65 -1.69 -8.86 5.31
C ALA A 65 -2.58 -9.27 6.48
N LYS A 66 -3.53 -10.16 6.23
CA LYS A 66 -4.48 -10.57 7.26
C LYS A 66 -3.77 -11.09 8.50
N GLN A 67 -2.81 -11.99 8.30
CA GLN A 67 -2.12 -12.62 9.43
C GLN A 67 -1.00 -11.75 9.97
N LEU A 68 -0.71 -10.65 9.29
CA LEU A 68 0.30 -9.70 9.76
C LEU A 68 -0.28 -8.81 10.86
N GLY A 69 -1.58 -8.91 11.08
CA GLY A 69 -2.21 -8.23 12.19
C GLY A 69 -3.29 -7.25 11.76
N PHE A 70 -3.35 -6.94 10.47
CA PHE A 70 -4.35 -6.02 9.97
C PHE A 70 -5.29 -6.70 9.00
N SER A 71 -6.58 -6.56 9.25
CA SER A 71 -7.59 -7.20 8.44
C SER A 71 -7.66 -6.58 7.06
N ALA A 72 -7.38 -7.39 6.04
CA ALA A 72 -7.38 -6.91 4.66
C ALA A 72 -8.46 -7.61 3.86
N LYS A 73 -9.09 -6.87 2.96
CA LYS A 73 -10.15 -7.41 2.12
C LYS A 73 -10.25 -6.64 0.81
N GLY A 74 -10.14 -7.37 -0.30
CA GLY A 74 -10.21 -6.73 -1.61
C GLY A 74 -11.64 -6.62 -2.10
N VAL A 75 -12.05 -5.40 -2.43
CA VAL A 75 -13.40 -5.13 -2.90
C VAL A 75 -13.36 -4.19 -4.10
N LYS A 76 -14.27 -4.40 -5.05
CA LYS A 76 -14.37 -3.52 -6.19
C LYS A 76 -15.29 -2.35 -5.86
N ALA A 77 -14.73 -1.15 -5.86
CA ALA A 77 -15.46 0.04 -5.46
C ALA A 77 -15.43 1.08 -6.57
N SER A 78 -15.95 2.27 -6.27
CA SER A 78 -15.96 3.36 -7.23
C SER A 78 -15.22 4.57 -6.68
N LYS A 79 -15.01 5.60 -7.50
CA LYS A 79 -14.23 6.76 -7.10
C LYS A 79 -14.75 7.39 -5.79
N GLU A 80 -16.06 7.40 -5.64
CA GLU A 80 -16.70 7.98 -4.45
C GLU A 80 -16.28 7.25 -3.18
N ASP A 81 -16.02 5.96 -3.30
CA ASP A 81 -15.67 5.12 -2.15
C ASP A 81 -14.32 5.53 -1.56
N LEU A 82 -13.47 6.07 -2.42
CA LEU A 82 -12.13 6.50 -2.00
C LEU A 82 -12.22 7.75 -1.14
N LEU A 83 -13.38 8.39 -1.15
CA LEU A 83 -13.56 9.67 -0.49
C LEU A 83 -14.43 9.54 0.75
N LYS A 84 -14.81 8.32 1.11
CA LYS A 84 -15.70 8.11 2.25
C LYS A 84 -15.31 6.91 3.10
N ASP A 85 -14.74 5.89 2.47
CA ASP A 85 -14.45 4.65 3.18
C ASP A 85 -13.11 4.67 3.88
N PHE A 86 -12.02 4.50 3.14
CA PHE A 86 -10.71 4.37 3.75
C PHE A 86 -10.01 5.73 3.86
N ARG A 87 -9.35 5.94 4.98
CA ARG A 87 -8.55 7.13 5.20
C ARG A 87 -7.16 6.73 5.66
N LEU A 88 -6.95 5.43 5.79
CA LEU A 88 -5.67 4.88 6.17
C LEU A 88 -5.08 4.13 4.99
N PRO A 89 -3.78 3.74 5.05
CA PRO A 89 -3.13 2.99 3.98
C PRO A 89 -3.96 1.83 3.45
N ALA A 90 -4.10 1.78 2.14
CA ALA A 90 -4.85 0.73 1.47
C ALA A 90 -4.16 0.39 0.15
N ILE A 91 -4.32 -0.86 -0.29
CA ILE A 91 -3.69 -1.30 -1.52
C ILE A 91 -4.65 -1.15 -2.69
N ALA A 92 -4.20 -0.46 -3.73
CA ALA A 92 -4.98 -0.30 -4.94
C ALA A 92 -4.30 -0.97 -6.11
N ASN A 93 -5.04 -1.83 -6.80
CA ASN A 93 -4.52 -2.52 -7.97
C ASN A 93 -4.74 -1.67 -9.21
N VAL A 94 -3.64 -1.29 -9.84
CA VAL A 94 -3.69 -0.47 -11.04
C VAL A 94 -3.06 -1.22 -12.21
N ILE A 95 -3.52 -0.92 -13.41
CA ILE A 95 -2.95 -1.54 -14.60
C ILE A 95 -2.03 -0.53 -15.28
N VAL A 96 -0.79 -0.92 -15.48
CA VAL A 96 0.20 -0.04 -16.08
C VAL A 96 0.61 -0.55 -17.46
N ASP A 97 0.84 0.38 -18.38
CA ASP A 97 1.19 0.05 -19.77
C ASP A 97 0.05 -0.71 -20.46
N ASN A 98 -1.13 -0.68 -19.84
CA ASN A 98 -2.31 -1.39 -20.33
C ASN A 98 -2.03 -2.88 -20.51
N ARG A 99 -1.17 -3.43 -19.66
CA ARG A 99 -0.84 -4.85 -19.73
C ARG A 99 -0.44 -5.39 -18.35
N LEU A 100 0.53 -4.74 -17.73
CA LEU A 100 1.06 -5.22 -16.46
C LEU A 100 0.22 -4.72 -15.29
N ALA A 101 0.16 -5.52 -14.24
CA ALA A 101 -0.54 -5.14 -13.03
C ALA A 101 0.45 -4.62 -11.99
N HIS A 102 0.07 -3.56 -11.30
CA HIS A 102 0.94 -2.94 -10.32
C HIS A 102 0.15 -2.54 -9.09
N PHE A 103 0.70 -2.80 -7.92
CA PHE A 103 0.01 -2.47 -6.68
C PHE A 103 0.63 -1.23 -6.05
N VAL A 104 -0.23 -0.31 -5.64
CA VAL A 104 0.21 0.90 -4.96
C VAL A 104 -0.55 1.06 -3.65
N VAL A 105 0.13 1.61 -2.65
CA VAL A 105 -0.50 1.83 -1.35
C VAL A 105 -0.79 3.30 -1.14
N ILE A 106 -2.02 3.59 -0.77
CA ILE A 106 -2.44 4.97 -0.55
C ILE A 106 -2.01 5.44 0.84
N TYR A 107 -1.37 6.60 0.89
CA TYR A 107 -1.00 7.21 2.15
C TYR A 107 -2.05 8.23 2.57
N SER A 108 -2.54 9.00 1.61
CA SER A 108 -3.51 10.05 1.87
C SER A 108 -4.33 10.37 0.61
N ILE A 109 -5.58 10.74 0.82
CA ILE A 109 -6.45 11.19 -0.27
C ILE A 109 -7.22 12.42 0.19
N LYS A 110 -6.86 13.58 -0.32
CA LYS A 110 -7.51 14.82 0.04
C LYS A 110 -7.32 15.85 -1.06
N ASN A 111 -8.37 16.65 -1.31
CA ASN A 111 -8.38 17.65 -2.36
C ASN A 111 -8.25 17.00 -3.74
N ARG A 112 -8.76 15.77 -3.84
CA ARG A 112 -8.71 15.00 -5.08
C ARG A 112 -7.27 14.69 -5.49
N ILE A 113 -6.37 14.73 -4.53
CA ILE A 113 -4.99 14.35 -4.75
C ILE A 113 -4.73 13.00 -4.11
N ILE A 114 -4.31 12.04 -4.91
CA ILE A 114 -4.07 10.69 -4.42
C ILE A 114 -2.59 10.51 -4.11
N THR A 115 -2.24 10.57 -2.84
CA THR A 115 -0.87 10.39 -2.41
C THR A 115 -0.59 8.91 -2.17
N VAL A 116 0.16 8.29 -3.08
CA VAL A 116 0.43 6.87 -2.98
C VAL A 116 1.92 6.59 -2.94
N ALA A 117 2.26 5.41 -2.48
CA ALA A 117 3.62 4.92 -2.54
C ALA A 117 3.73 3.88 -3.63
N ASP A 118 4.52 4.18 -4.64
CA ASP A 118 4.67 3.33 -5.80
C ASP A 118 5.99 2.59 -5.74
N PRO A 119 5.98 1.27 -5.43
CA PRO A 119 7.19 0.45 -5.44
C PRO A 119 7.93 0.54 -6.76
N GLY A 120 9.09 1.20 -6.73
CA GLY A 120 9.86 1.42 -7.93
C GLY A 120 10.15 2.88 -8.15
N LYS A 121 9.29 3.74 -7.63
CA LYS A 121 9.44 5.18 -7.79
C LYS A 121 9.42 5.90 -6.44
N GLY A 122 8.62 5.38 -5.52
CA GLY A 122 8.46 6.01 -4.23
C GLY A 122 7.15 6.78 -4.13
N ILE A 123 7.19 7.95 -3.52
CA ILE A 123 5.98 8.75 -3.35
C ILE A 123 5.54 9.38 -4.67
N VAL A 124 4.37 8.98 -5.13
CA VAL A 124 3.82 9.51 -6.37
C VAL A 124 2.48 10.19 -6.11
N ARG A 125 2.28 11.32 -6.77
CA ARG A 125 1.04 12.07 -6.63
C ARG A 125 0.17 11.86 -7.86
N TYR A 126 -0.97 11.20 -7.68
CA TYR A 126 -1.91 11.00 -8.77
C TYR A 126 -3.12 11.91 -8.60
N SER A 127 -3.72 12.29 -9.72
CA SER A 127 -4.94 13.06 -9.68
C SER A 127 -6.12 12.11 -9.56
N MET A 128 -7.19 12.55 -8.90
CA MET A 128 -8.35 11.71 -8.62
C MET A 128 -8.79 10.92 -9.85
N ASP A 129 -9.11 11.63 -10.93
CA ASP A 129 -9.63 10.99 -12.14
C ASP A 129 -8.56 10.14 -12.82
N ASP A 130 -7.30 10.54 -12.69
CA ASP A 130 -6.20 9.82 -13.33
C ASP A 130 -5.93 8.52 -12.60
N PHE A 131 -5.92 8.59 -11.28
CA PHE A 131 -5.76 7.42 -10.45
C PHE A 131 -6.92 6.46 -10.65
N CYS A 132 -8.13 7.03 -10.72
CA CYS A 132 -9.34 6.25 -10.90
C CYS A 132 -9.36 5.59 -12.29
N SER A 133 -8.49 6.05 -13.18
CA SER A 133 -8.41 5.48 -14.52
C SER A 133 -7.54 4.22 -14.51
N ILE A 134 -6.38 4.31 -13.89
CA ILE A 134 -5.47 3.16 -13.82
C ILE A 134 -5.95 2.13 -12.80
N TRP A 135 -6.48 2.62 -11.68
CA TRP A 135 -7.04 1.76 -10.65
C TRP A 135 -8.21 0.97 -11.22
N THR A 136 -8.04 -0.35 -11.27
CA THR A 136 -8.97 -1.21 -11.96
C THR A 136 -9.97 -1.83 -10.98
N GLY A 137 -10.57 -0.98 -10.15
CA GLY A 137 -11.58 -1.44 -9.20
C GLY A 137 -11.04 -2.45 -8.21
N GLY A 138 -9.77 -2.32 -7.86
CA GLY A 138 -9.15 -3.24 -6.93
C GLY A 138 -8.70 -2.54 -5.68
N LEU A 139 -9.59 -2.42 -4.71
CA LEU A 139 -9.26 -1.77 -3.45
C LEU A 139 -9.22 -2.77 -2.31
N VAL A 140 -8.07 -2.89 -1.68
CA VAL A 140 -7.93 -3.71 -0.51
C VAL A 140 -8.05 -2.85 0.73
N LEU A 141 -9.12 -3.04 1.48
CA LEU A 141 -9.35 -2.26 2.69
C LEU A 141 -8.72 -2.95 3.88
N LEU A 142 -7.69 -2.33 4.43
CA LEU A 142 -7.01 -2.85 5.59
C LEU A 142 -7.38 -2.04 6.81
N GLU A 143 -7.45 -2.69 7.95
CA GLU A 143 -7.89 -2.05 9.18
C GLU A 143 -7.22 -2.70 10.38
N PRO A 144 -7.10 -1.96 11.50
CA PRO A 144 -6.48 -2.48 12.72
C PRO A 144 -7.30 -3.61 13.34
N GLY A 145 -6.91 -4.84 13.03
CA GLY A 145 -7.63 -5.99 13.54
C GLY A 145 -7.01 -6.53 14.80
N GLU A 146 -6.43 -7.73 14.71
CA GLU A 146 -5.84 -8.39 15.87
C GLU A 146 -4.62 -7.62 16.38
N ALA A 147 -4.06 -6.77 15.54
CA ALA A 147 -2.92 -5.95 15.93
C ALA A 147 -3.33 -4.87 16.94
N PHE A 148 -4.62 -4.56 16.97
CA PHE A 148 -5.12 -3.52 17.88
C PHE A 148 -6.32 -4.01 18.68
N GLN A 149 -6.48 -5.33 18.76
CA GLN A 149 -7.58 -5.90 19.55
C GLN A 149 -7.23 -5.85 21.03
N LYS A 150 -5.95 -5.63 21.32
CA LYS A 150 -5.48 -5.50 22.68
C LYS A 150 -5.08 -4.05 22.93
N GLY A 151 -4.23 -3.53 22.08
CA GLY A 151 -3.82 -2.15 22.18
C GLY A 151 -2.83 -1.95 23.31
N SER A 1 0.66 3.19 19.79
CA SER A 1 1.49 4.07 18.93
C SER A 1 2.49 4.84 19.78
N ASN A 2 3.73 4.37 19.79
CA ASN A 2 4.79 5.02 20.56
C ASN A 2 5.26 6.28 19.84
N ALA A 3 4.50 7.35 20.00
CA ALA A 3 4.90 8.65 19.50
C ALA A 3 5.44 9.49 20.65
N MET A 4 5.96 8.79 21.65
CA MET A 4 6.51 9.42 22.83
C MET A 4 8.03 9.48 22.74
N LEU A 5 8.64 8.31 22.58
CA LEU A 5 10.08 8.20 22.50
C LEU A 5 10.58 8.55 21.09
N ARG A 6 10.77 9.82 20.85
CA ARG A 6 11.25 10.29 19.56
C ARG A 6 12.77 10.32 19.56
N ARG A 7 13.34 10.80 20.67
CA ARG A 7 14.79 10.89 20.83
C ARG A 7 15.40 11.76 19.74
N LEU A 8 15.21 13.06 19.86
CA LEU A 8 15.68 14.05 18.89
C LEU A 8 15.02 13.86 17.53
N PHE A 9 15.58 13.00 16.70
CA PHE A 9 15.08 12.79 15.36
C PHE A 9 14.90 11.30 15.09
N LYS A 10 13.81 10.96 14.41
CA LYS A 10 13.54 9.58 14.07
C LYS A 10 13.05 9.49 12.63
N LYS A 11 11.81 9.96 12.41
CA LYS A 11 11.17 9.93 11.10
C LYS A 11 11.12 8.51 10.53
N LYS A 12 10.03 7.83 10.82
CA LYS A 12 9.83 6.45 10.36
C LYS A 12 10.06 6.32 8.86
N TYR A 13 10.86 5.36 8.46
CA TYR A 13 11.08 5.07 7.05
C TYR A 13 9.93 4.22 6.53
N VAL A 14 8.74 4.81 6.54
CA VAL A 14 7.53 4.09 6.22
C VAL A 14 7.37 3.92 4.70
N CYS A 15 7.92 4.84 3.93
CA CYS A 15 7.77 4.80 2.48
C CYS A 15 8.89 3.98 1.86
N VAL A 16 8.63 2.71 1.63
CA VAL A 16 9.63 1.81 1.06
C VAL A 16 9.67 1.95 -0.45
N ARG A 17 10.83 2.30 -0.98
CA ARG A 17 11.02 2.40 -2.41
C ARG A 17 12.42 1.95 -2.80
N GLN A 18 12.52 1.33 -3.96
CA GLN A 18 13.79 0.90 -4.51
C GLN A 18 13.64 0.68 -6.01
N TYR A 19 14.59 1.20 -6.78
CA TYR A 19 14.57 1.08 -8.23
C TYR A 19 15.09 -0.29 -8.66
N ASP A 20 14.69 -1.33 -7.94
CA ASP A 20 15.12 -2.69 -8.22
C ASP A 20 14.21 -3.67 -7.49
N LEU A 21 12.91 -3.53 -7.72
CA LEU A 21 11.92 -4.41 -7.12
C LEU A 21 10.81 -4.73 -8.12
N THR A 22 10.49 -6.01 -8.25
CA THR A 22 9.36 -6.42 -9.07
C THR A 22 8.19 -6.83 -8.18
N ASP A 23 8.45 -6.90 -6.88
CA ASP A 23 7.45 -7.29 -5.91
C ASP A 23 6.71 -6.06 -5.40
N ALA A 24 6.05 -5.36 -6.32
CA ALA A 24 5.41 -4.08 -6.02
C ALA A 24 4.37 -4.22 -4.90
N GLY A 25 3.55 -5.26 -4.99
CA GLY A 25 2.53 -5.48 -3.99
C GLY A 25 3.12 -5.70 -2.60
N ALA A 26 4.16 -6.52 -2.54
CA ALA A 26 4.82 -6.82 -1.27
C ALA A 26 5.55 -5.60 -0.73
N ALA A 27 6.18 -4.84 -1.61
CA ALA A 27 6.91 -3.65 -1.22
C ALA A 27 5.98 -2.61 -0.61
N CYS A 28 4.82 -2.44 -1.23
CA CYS A 28 3.82 -1.52 -0.72
C CYS A 28 3.27 -2.02 0.61
N LEU A 29 3.06 -3.33 0.70
CA LEU A 29 2.54 -3.95 1.91
C LEU A 29 3.53 -3.79 3.06
N SER A 30 4.82 -3.78 2.73
CA SER A 30 5.86 -3.56 3.71
C SER A 30 5.72 -2.17 4.33
N SER A 31 5.40 -1.20 3.49
CA SER A 31 5.19 0.17 3.95
C SER A 31 4.02 0.24 4.92
N ILE A 32 2.96 -0.49 4.59
CA ILE A 32 1.76 -0.52 5.40
C ILE A 32 2.03 -1.19 6.75
N ALA A 33 2.79 -2.29 6.71
CA ALA A 33 3.15 -3.01 7.92
C ALA A 33 3.89 -2.09 8.90
N GLN A 34 4.78 -1.26 8.37
CA GLN A 34 5.52 -0.31 9.19
C GLN A 34 4.59 0.80 9.70
N TYR A 35 3.73 1.29 8.82
CA TYR A 35 2.80 2.36 9.19
C TYR A 35 1.89 1.95 10.33
N TYR A 36 1.39 0.72 10.26
CA TYR A 36 0.45 0.21 11.26
C TYR A 36 1.16 -0.21 12.56
N GLY A 37 2.49 -0.12 12.55
CA GLY A 37 3.24 -0.36 13.76
C GLY A 37 3.71 -1.79 13.91
N LEU A 38 3.70 -2.55 12.82
CA LEU A 38 4.17 -3.93 12.84
C LEU A 38 5.66 -4.00 12.57
N LYS A 39 6.18 -3.00 11.84
CA LYS A 39 7.61 -2.89 11.57
C LYS A 39 8.16 -4.17 10.95
N MET A 40 8.06 -4.28 9.63
CA MET A 40 8.47 -5.48 8.93
C MET A 40 9.46 -5.14 7.82
N SER A 41 10.12 -6.17 7.30
CA SER A 41 11.11 -6.00 6.26
C SER A 41 10.62 -6.58 4.93
N LEU A 42 11.10 -6.05 3.81
CA LEU A 42 10.71 -6.53 2.49
C LEU A 42 10.84 -8.05 2.39
N ALA A 43 12.01 -8.55 2.80
CA ALA A 43 12.31 -9.98 2.75
C ALA A 43 11.19 -10.81 3.36
N LYS A 44 10.78 -10.46 4.58
CA LYS A 44 9.76 -11.21 5.28
C LYS A 44 8.40 -11.06 4.60
N ILE A 45 8.06 -9.85 4.20
CA ILE A 45 6.77 -9.57 3.59
C ILE A 45 6.58 -10.38 2.31
N ARG A 46 7.63 -10.48 1.51
CA ARG A 46 7.56 -11.23 0.26
C ARG A 46 7.27 -12.70 0.53
N GLU A 47 7.88 -13.25 1.58
CA GLU A 47 7.67 -14.64 1.95
C GLU A 47 6.26 -14.83 2.53
N MET A 48 5.85 -13.89 3.37
CA MET A 48 4.52 -13.95 3.99
C MET A 48 3.42 -13.86 2.94
N THR A 49 3.70 -13.11 1.88
CA THR A 49 2.74 -12.94 0.80
C THR A 49 2.80 -14.09 -0.20
N GLY A 50 4.01 -14.59 -0.44
CA GLY A 50 4.20 -15.55 -1.49
C GLY A 50 3.99 -14.92 -2.84
N THR A 51 4.29 -13.62 -2.91
CA THR A 51 4.01 -12.80 -4.06
C THR A 51 4.57 -13.39 -5.34
N ASP A 52 3.66 -13.71 -6.22
CA ASP A 52 3.98 -14.29 -7.51
C ASP A 52 4.44 -13.21 -8.49
N THR A 53 5.66 -13.36 -8.99
CA THR A 53 6.24 -12.41 -9.93
C THR A 53 5.47 -12.43 -11.26
N GLN A 54 4.70 -13.49 -11.49
CA GLN A 54 3.94 -13.65 -12.73
C GLN A 54 2.68 -12.78 -12.75
N GLY A 55 2.62 -11.75 -11.92
CA GLY A 55 1.44 -10.91 -11.88
C GLY A 55 0.50 -11.24 -10.75
N THR A 56 1.08 -11.50 -9.57
CA THR A 56 0.31 -11.82 -8.36
C THR A 56 -0.90 -10.90 -8.20
N ASN A 57 -1.96 -11.44 -7.62
CA ASN A 57 -3.18 -10.66 -7.39
C ASN A 57 -3.22 -10.17 -5.96
N ALA A 58 -4.22 -9.35 -5.66
CA ALA A 58 -4.37 -8.76 -4.33
C ALA A 58 -4.80 -9.80 -3.30
N TYR A 59 -5.28 -10.94 -3.79
CA TYR A 59 -5.77 -12.00 -2.91
C TYR A 59 -4.62 -12.60 -2.10
N GLY A 60 -3.41 -12.56 -2.66
CA GLY A 60 -2.25 -13.01 -1.93
C GLY A 60 -1.81 -11.99 -0.90
N LEU A 61 -2.05 -10.72 -1.20
CA LEU A 61 -1.69 -9.63 -0.30
C LEU A 61 -2.53 -9.67 0.97
N ILE A 62 -3.84 -9.86 0.81
CA ILE A 62 -4.74 -9.92 1.95
C ILE A 62 -4.45 -11.15 2.80
N HIS A 63 -3.89 -12.18 2.16
CA HIS A 63 -3.49 -13.40 2.85
C HIS A 63 -2.36 -13.11 3.84
N ALA A 64 -1.46 -12.24 3.43
CA ALA A 64 -0.33 -11.87 4.27
C ALA A 64 -0.74 -10.87 5.34
N ALA A 65 -1.56 -9.91 4.94
CA ALA A 65 -2.00 -8.83 5.83
C ALA A 65 -2.64 -9.38 7.10
N LYS A 66 -3.51 -10.38 6.95
CA LYS A 66 -4.19 -11.00 8.08
C LYS A 66 -3.19 -11.62 9.05
N GLN A 67 -2.08 -12.09 8.51
CA GLN A 67 -1.05 -12.75 9.29
C GLN A 67 -0.08 -11.72 9.88
N LEU A 68 -0.10 -10.52 9.31
CA LEU A 68 0.78 -9.45 9.75
C LEU A 68 0.16 -8.68 10.92
N GLY A 69 -1.15 -8.70 11.01
CA GLY A 69 -1.83 -8.07 12.13
C GLY A 69 -2.80 -6.96 11.73
N PHE A 70 -3.22 -6.94 10.47
CA PHE A 70 -4.25 -6.01 10.04
C PHE A 70 -5.20 -6.69 9.08
N SER A 71 -6.48 -6.67 9.43
CA SER A 71 -7.51 -7.35 8.68
C SER A 71 -7.62 -6.78 7.27
N ALA A 72 -7.66 -7.67 6.28
CA ALA A 72 -7.68 -7.27 4.89
C ALA A 72 -8.78 -7.97 4.11
N LYS A 73 -9.46 -7.23 3.26
CA LYS A 73 -10.49 -7.77 2.40
C LYS A 73 -10.48 -7.06 1.06
N GLY A 74 -10.42 -7.83 -0.02
CA GLY A 74 -10.41 -7.24 -1.35
C GLY A 74 -11.81 -7.07 -1.90
N VAL A 75 -12.15 -5.84 -2.25
CA VAL A 75 -13.50 -5.52 -2.69
C VAL A 75 -13.51 -4.77 -4.01
N LYS A 76 -14.66 -4.79 -4.67
CA LYS A 76 -14.89 -4.00 -5.86
C LYS A 76 -15.53 -2.68 -5.47
N ALA A 77 -14.86 -1.59 -5.75
CA ALA A 77 -15.31 -0.28 -5.33
C ALA A 77 -15.40 0.68 -6.51
N SER A 78 -15.97 1.84 -6.27
CA SER A 78 -16.05 2.88 -7.27
C SER A 78 -15.11 4.02 -6.93
N LYS A 79 -14.84 4.89 -7.87
CA LYS A 79 -13.87 5.97 -7.66
C LYS A 79 -14.24 6.82 -6.44
N GLU A 80 -15.52 7.09 -6.27
CA GLU A 80 -15.99 7.93 -5.17
C GLU A 80 -15.94 7.20 -3.84
N ASP A 81 -15.87 5.87 -3.89
CA ASP A 81 -15.82 5.04 -2.70
C ASP A 81 -14.51 5.26 -1.96
N LEU A 82 -13.50 5.73 -2.70
CA LEU A 82 -12.19 6.04 -2.11
C LEU A 82 -12.31 7.18 -1.11
N LEU A 83 -13.40 7.93 -1.21
CA LEU A 83 -13.63 9.06 -0.32
C LEU A 83 -14.64 8.68 0.76
N LYS A 84 -15.07 7.42 0.74
CA LYS A 84 -16.10 6.96 1.65
C LYS A 84 -15.54 5.93 2.63
N ASP A 85 -15.08 4.80 2.10
CA ASP A 85 -14.72 3.67 2.94
C ASP A 85 -13.44 3.92 3.72
N PHE A 86 -12.30 3.83 3.06
CA PHE A 86 -11.02 3.88 3.76
C PHE A 86 -10.47 5.30 3.81
N ARG A 87 -9.68 5.56 4.85
CA ARG A 87 -8.96 6.82 4.97
C ARG A 87 -7.52 6.56 5.44
N LEU A 88 -7.20 5.29 5.62
CA LEU A 88 -5.87 4.87 6.03
C LEU A 88 -5.21 4.10 4.89
N PRO A 89 -3.86 3.95 4.92
CA PRO A 89 -3.12 3.23 3.88
C PRO A 89 -3.75 1.91 3.46
N ALA A 90 -3.91 1.74 2.15
CA ALA A 90 -4.52 0.55 1.58
C ALA A 90 -3.90 0.28 0.22
N ILE A 91 -4.03 -0.96 -0.26
CA ILE A 91 -3.45 -1.35 -1.54
C ILE A 91 -4.46 -1.20 -2.66
N ALA A 92 -4.04 -0.53 -3.73
CA ALA A 92 -4.85 -0.37 -4.92
C ALA A 92 -4.17 -1.00 -6.12
N ASN A 93 -4.94 -1.71 -6.92
CA ASN A 93 -4.42 -2.32 -8.13
C ASN A 93 -4.61 -1.37 -9.31
N VAL A 94 -3.50 -0.85 -9.81
CA VAL A 94 -3.54 0.08 -10.93
C VAL A 94 -3.01 -0.59 -12.19
N ILE A 95 -3.71 -0.41 -13.29
CA ILE A 95 -3.28 -0.98 -14.55
C ILE A 95 -2.50 0.04 -15.34
N VAL A 96 -1.18 -0.08 -15.28
CA VAL A 96 -0.30 0.78 -16.03
C VAL A 96 0.28 0.00 -17.19
N ASP A 97 0.43 0.66 -18.34
CA ASP A 97 0.98 0.05 -19.56
C ASP A 97 0.01 -1.00 -20.12
N ASN A 98 -1.18 -1.08 -19.51
CA ASN A 98 -2.24 -1.99 -19.94
C ASN A 98 -1.80 -3.45 -19.88
N ARG A 99 -0.74 -3.74 -19.13
CA ARG A 99 -0.24 -5.11 -19.01
C ARG A 99 0.67 -5.30 -17.80
N LEU A 100 1.25 -4.21 -17.30
CA LEU A 100 2.13 -4.30 -16.12
C LEU A 100 1.36 -4.77 -14.90
N ALA A 101 0.22 -4.14 -14.63
CA ALA A 101 -0.59 -4.45 -13.45
C ALA A 101 0.22 -4.21 -12.17
N HIS A 102 0.17 -2.98 -11.69
CA HIS A 102 1.02 -2.56 -10.58
C HIS A 102 0.17 -2.37 -9.32
N PHE A 103 0.78 -2.55 -8.17
CA PHE A 103 0.11 -2.28 -6.90
C PHE A 103 0.74 -1.09 -6.21
N VAL A 104 -0.09 -0.21 -5.67
CA VAL A 104 0.40 0.95 -4.94
C VAL A 104 -0.38 1.12 -3.63
N VAL A 105 0.26 1.73 -2.65
CA VAL A 105 -0.38 1.98 -1.37
C VAL A 105 -0.77 3.45 -1.24
N ILE A 106 -2.04 3.69 -0.92
CA ILE A 106 -2.55 5.04 -0.75
C ILE A 106 -2.18 5.56 0.63
N TYR A 107 -1.67 6.78 0.69
CA TYR A 107 -1.34 7.40 1.97
C TYR A 107 -2.35 8.44 2.36
N SER A 108 -2.75 9.29 1.41
CA SER A 108 -3.68 10.36 1.69
C SER A 108 -4.44 10.78 0.43
N ILE A 109 -5.76 10.91 0.56
CA ILE A 109 -6.60 11.38 -0.55
C ILE A 109 -7.40 12.59 -0.11
N LYS A 110 -7.18 13.71 -0.76
CA LYS A 110 -7.85 14.95 -0.40
C LYS A 110 -7.67 16.01 -1.47
N ASN A 111 -8.67 16.86 -1.64
CA ASN A 111 -8.62 17.99 -2.58
C ASN A 111 -8.29 17.52 -3.99
N ARG A 112 -8.94 16.43 -4.41
CA ARG A 112 -8.79 15.86 -5.76
C ARG A 112 -7.38 15.30 -5.96
N ILE A 113 -6.63 15.20 -4.88
CA ILE A 113 -5.27 14.69 -4.95
C ILE A 113 -5.17 13.34 -4.26
N ILE A 114 -4.66 12.36 -4.97
CA ILE A 114 -4.47 11.03 -4.43
C ILE A 114 -2.97 10.75 -4.28
N THR A 115 -2.51 10.77 -3.05
CA THR A 115 -1.10 10.57 -2.75
C THR A 115 -0.82 9.09 -2.46
N VAL A 116 -0.05 8.47 -3.33
CA VAL A 116 0.29 7.06 -3.18
C VAL A 116 1.80 6.88 -3.10
N ALA A 117 2.22 5.83 -2.41
CA ALA A 117 3.63 5.52 -2.32
C ALA A 117 3.99 4.42 -3.29
N ASP A 118 4.70 4.79 -4.34
CA ASP A 118 5.14 3.83 -5.34
C ASP A 118 6.50 3.28 -4.94
N PRO A 119 6.61 1.94 -4.85
CA PRO A 119 7.85 1.27 -4.42
C PRO A 119 9.01 1.47 -5.41
N GLY A 120 8.77 2.17 -6.50
CA GLY A 120 9.83 2.43 -7.46
C GLY A 120 10.23 3.89 -7.46
N LYS A 121 9.29 4.76 -7.79
CA LYS A 121 9.56 6.18 -7.91
C LYS A 121 9.47 6.89 -6.55
N GLY A 122 8.71 6.30 -5.64
CA GLY A 122 8.51 6.90 -4.34
C GLY A 122 7.15 7.56 -4.20
N ILE A 123 7.07 8.59 -3.38
CA ILE A 123 5.82 9.30 -3.17
C ILE A 123 5.42 10.06 -4.43
N VAL A 124 4.39 9.57 -5.09
CA VAL A 124 3.93 10.18 -6.33
C VAL A 124 2.54 10.78 -6.15
N ARG A 125 2.25 11.79 -6.93
CA ARG A 125 1.00 12.52 -6.81
C ARG A 125 0.11 12.25 -8.02
N TYR A 126 -1.00 11.57 -7.79
CA TYR A 126 -1.97 11.32 -8.83
C TYR A 126 -3.20 12.19 -8.63
N SER A 127 -3.77 12.66 -9.72
CA SER A 127 -5.04 13.37 -9.65
C SER A 127 -6.15 12.37 -9.46
N MET A 128 -7.23 12.80 -8.82
CA MET A 128 -8.38 11.94 -8.57
C MET A 128 -8.78 11.20 -9.86
N ASP A 129 -9.05 11.96 -10.91
CA ASP A 129 -9.49 11.39 -12.18
C ASP A 129 -8.38 10.59 -12.85
N ASP A 130 -7.14 11.06 -12.71
CA ASP A 130 -6.01 10.42 -13.37
C ASP A 130 -5.69 9.07 -12.73
N PHE A 131 -5.83 8.99 -11.41
CA PHE A 131 -5.61 7.74 -10.69
C PHE A 131 -6.66 6.73 -11.08
N CYS A 132 -7.90 7.18 -11.18
CA CYS A 132 -9.02 6.32 -11.56
C CYS A 132 -8.88 5.83 -13.00
N SER A 133 -8.00 6.47 -13.76
CA SER A 133 -7.74 6.06 -15.14
C SER A 133 -6.95 4.76 -15.16
N ILE A 134 -6.06 4.58 -14.20
CA ILE A 134 -5.26 3.37 -14.11
C ILE A 134 -5.86 2.36 -13.14
N TRP A 135 -6.35 2.85 -12.01
CA TRP A 135 -7.00 1.99 -11.03
C TRP A 135 -8.35 1.50 -11.56
N THR A 136 -8.66 0.24 -11.31
CA THR A 136 -9.93 -0.31 -11.74
C THR A 136 -10.34 -1.53 -10.90
N GLY A 137 -11.29 -1.30 -9.99
CA GLY A 137 -11.90 -2.38 -9.23
C GLY A 137 -10.90 -3.21 -8.44
N GLY A 138 -9.98 -2.54 -7.78
CA GLY A 138 -8.97 -3.26 -7.01
C GLY A 138 -8.59 -2.53 -5.74
N LEU A 139 -9.36 -2.73 -4.69
CA LEU A 139 -9.06 -2.14 -3.39
C LEU A 139 -9.16 -3.19 -2.30
N VAL A 140 -8.19 -3.19 -1.40
CA VAL A 140 -8.26 -4.04 -0.22
C VAL A 140 -8.36 -3.17 1.02
N LEU A 141 -9.38 -3.40 1.81
CA LEU A 141 -9.58 -2.62 3.02
C LEU A 141 -8.71 -3.17 4.14
N LEU A 142 -7.74 -2.37 4.55
CA LEU A 142 -6.83 -2.76 5.62
C LEU A 142 -7.20 -2.01 6.89
N GLU A 143 -7.52 -2.75 7.93
CA GLU A 143 -7.85 -2.14 9.20
C GLU A 143 -7.01 -2.75 10.33
N PRO A 144 -6.59 -1.94 11.30
CA PRO A 144 -5.75 -2.39 12.41
C PRO A 144 -6.52 -3.25 13.41
N GLY A 145 -7.04 -4.37 12.95
CA GLY A 145 -7.81 -5.24 13.81
C GLY A 145 -6.94 -5.94 14.83
N GLU A 146 -6.12 -6.85 14.34
CA GLU A 146 -5.27 -7.66 15.19
C GLU A 146 -4.23 -6.81 15.92
N ALA A 147 -3.67 -5.83 15.21
CA ALA A 147 -2.62 -4.96 15.78
C ALA A 147 -3.14 -4.14 16.94
N PHE A 148 -4.37 -3.66 16.83
CA PHE A 148 -4.98 -2.88 17.91
C PHE A 148 -5.48 -3.83 19.00
N GLN A 149 -6.00 -4.97 18.57
CA GLN A 149 -6.45 -6.03 19.47
C GLN A 149 -7.61 -5.56 20.34
N LYS A 150 -8.82 -5.89 19.92
CA LYS A 150 -10.03 -5.54 20.65
C LYS A 150 -10.08 -6.27 21.98
N GLY A 151 -9.64 -7.53 21.98
CA GLY A 151 -9.60 -8.31 23.19
C GLY A 151 -9.14 -9.72 22.94
N SER A 1 15.08 28.58 26.28
CA SER A 1 15.35 27.25 26.87
C SER A 1 14.31 26.23 26.40
N ASN A 2 14.79 25.21 25.67
CA ASN A 2 13.92 24.15 25.14
C ASN A 2 12.88 24.75 24.20
N ALA A 3 13.33 25.38 23.14
CA ALA A 3 12.45 25.97 22.15
C ALA A 3 13.10 25.95 20.77
N MET A 4 12.36 25.41 19.79
CA MET A 4 12.80 25.38 18.40
C MET A 4 14.09 24.58 18.23
N LEU A 5 14.35 23.70 19.18
CA LEU A 5 15.58 22.92 19.18
C LEU A 5 15.28 21.44 19.24
N ARG A 6 15.13 20.83 18.07
CA ARG A 6 14.93 19.40 17.97
C ARG A 6 16.26 18.69 18.07
N ARG A 7 16.50 18.04 19.20
CA ARG A 7 17.74 17.33 19.43
C ARG A 7 17.82 16.12 18.52
N LEU A 8 16.73 15.36 18.47
CA LEU A 8 16.66 14.19 17.61
C LEU A 8 16.14 14.57 16.24
N PHE A 9 16.32 13.68 15.29
CA PHE A 9 15.92 13.92 13.92
C PHE A 9 14.94 12.86 13.46
N LYS A 10 13.78 13.31 12.99
CA LYS A 10 12.79 12.40 12.44
C LYS A 10 13.19 11.99 11.03
N LYS A 11 13.96 10.93 10.93
CA LYS A 11 14.37 10.41 9.65
C LYS A 11 13.48 9.23 9.26
N LYS A 12 12.71 8.75 10.23
CA LYS A 12 11.81 7.65 10.00
C LYS A 12 10.59 8.10 9.20
N TYR A 13 10.53 7.63 7.95
CA TYR A 13 9.38 7.88 7.10
C TYR A 13 8.83 6.55 6.61
N VAL A 14 7.58 6.25 6.97
CA VAL A 14 6.95 5.02 6.53
C VAL A 14 6.73 5.06 5.02
N CYS A 15 7.37 4.13 4.33
CA CYS A 15 7.33 4.08 2.87
C CYS A 15 8.10 2.87 2.38
N VAL A 16 8.24 2.74 1.07
CA VAL A 16 8.99 1.64 0.50
C VAL A 16 9.48 2.01 -0.89
N ARG A 17 10.69 1.58 -1.21
CA ARG A 17 11.26 1.80 -2.52
C ARG A 17 12.06 0.58 -2.94
N GLN A 18 12.19 0.39 -4.25
CA GLN A 18 12.86 -0.78 -4.78
C GLN A 18 14.04 -0.39 -5.65
N TYR A 19 15.19 -0.23 -5.04
CA TYR A 19 16.41 0.03 -5.79
C TYR A 19 16.80 -1.22 -6.57
N ASP A 20 17.02 -2.31 -5.85
CA ASP A 20 17.34 -3.59 -6.46
C ASP A 20 16.28 -4.63 -6.11
N LEU A 21 15.27 -4.20 -5.34
CA LEU A 21 14.21 -5.09 -4.89
C LEU A 21 13.17 -5.30 -5.99
N THR A 22 12.27 -6.24 -5.77
CA THR A 22 11.23 -6.56 -6.72
C THR A 22 9.91 -6.82 -6.02
N ASP A 23 8.86 -7.00 -6.84
CA ASP A 23 7.51 -7.28 -6.35
C ASP A 23 6.91 -6.05 -5.67
N ALA A 24 6.10 -5.32 -6.41
CA ALA A 24 5.49 -4.11 -5.91
C ALA A 24 4.44 -4.40 -4.84
N GLY A 25 3.87 -5.59 -4.89
CA GLY A 25 2.84 -5.97 -3.94
C GLY A 25 3.38 -6.10 -2.53
N ALA A 26 4.39 -6.95 -2.37
CA ALA A 26 5.02 -7.17 -1.09
C ALA A 26 5.67 -5.90 -0.56
N ALA A 27 6.20 -5.11 -1.48
CA ALA A 27 6.86 -3.87 -1.13
C ALA A 27 5.90 -2.92 -0.40
N CYS A 28 4.75 -2.65 -1.00
CA CYS A 28 3.77 -1.77 -0.40
C CYS A 28 3.25 -2.33 0.91
N LEU A 29 3.09 -3.65 0.96
CA LEU A 29 2.64 -4.31 2.18
C LEU A 29 3.65 -4.08 3.30
N SER A 30 4.92 -4.06 2.95
CA SER A 30 5.99 -3.79 3.91
C SER A 30 5.82 -2.39 4.51
N SER A 31 5.45 -1.44 3.67
CA SER A 31 5.22 -0.06 4.10
C SER A 31 4.04 0.00 5.06
N ILE A 32 3.02 -0.80 4.79
CA ILE A 32 1.86 -0.90 5.67
C ILE A 32 2.27 -1.49 7.02
N ALA A 33 3.14 -2.49 6.97
CA ALA A 33 3.66 -3.11 8.17
C ALA A 33 4.39 -2.08 9.04
N GLN A 34 5.12 -1.18 8.39
CA GLN A 34 5.80 -0.10 9.11
C GLN A 34 4.77 0.85 9.71
N TYR A 35 3.73 1.14 8.94
CA TYR A 35 2.67 2.05 9.36
C TYR A 35 1.97 1.53 10.62
N TYR A 36 1.62 0.25 10.62
CA TYR A 36 0.92 -0.35 11.76
C TYR A 36 1.88 -0.69 12.90
N GLY A 37 3.16 -0.41 12.71
CA GLY A 37 4.12 -0.57 13.78
C GLY A 37 4.72 -1.97 13.87
N LEU A 38 4.37 -2.83 12.93
CA LEU A 38 4.91 -4.19 12.89
C LEU A 38 6.34 -4.17 12.38
N LYS A 39 6.57 -3.37 11.34
CA LYS A 39 7.90 -3.23 10.74
C LYS A 39 8.41 -4.58 10.23
N MET A 40 8.06 -4.89 8.99
CA MET A 40 8.44 -6.15 8.36
C MET A 40 9.19 -5.85 7.06
N SER A 41 10.20 -6.65 6.75
CA SER A 41 11.03 -6.42 5.58
C SER A 41 10.40 -6.97 4.30
N LEU A 42 10.76 -6.41 3.15
CA LEU A 42 10.17 -6.82 1.88
C LEU A 42 10.33 -8.31 1.64
N ALA A 43 11.54 -8.82 1.88
CA ALA A 43 11.83 -10.24 1.68
C ALA A 43 10.92 -11.11 2.54
N LYS A 44 10.73 -10.71 3.79
CA LYS A 44 9.87 -11.44 4.71
C LYS A 44 8.43 -11.41 4.21
N ILE A 45 7.99 -10.23 3.78
CA ILE A 45 6.63 -10.05 3.29
C ILE A 45 6.35 -10.92 2.09
N ARG A 46 7.23 -10.86 1.07
CA ARG A 46 7.00 -11.58 -0.17
C ARG A 46 6.93 -13.09 0.06
N GLU A 47 7.64 -13.57 1.08
CA GLU A 47 7.59 -14.98 1.43
C GLU A 47 6.24 -15.33 2.04
N MET A 48 5.83 -14.56 3.04
CA MET A 48 4.56 -14.80 3.73
C MET A 48 3.39 -14.57 2.78
N THR A 49 3.56 -13.64 1.86
CA THR A 49 2.54 -13.35 0.87
C THR A 49 2.45 -14.47 -0.16
N GLY A 50 3.60 -15.05 -0.49
CA GLY A 50 3.65 -16.07 -1.51
C GLY A 50 3.50 -15.47 -2.89
N THR A 51 3.94 -14.22 -3.02
CA THR A 51 3.73 -13.45 -4.21
C THR A 51 4.82 -13.72 -5.23
N ASP A 52 4.39 -14.22 -6.35
CA ASP A 52 5.25 -14.45 -7.50
C ASP A 52 5.25 -13.20 -8.39
N THR A 53 6.39 -12.91 -9.02
CA THR A 53 6.55 -11.70 -9.81
C THR A 53 5.78 -11.77 -11.14
N GLN A 54 4.92 -12.77 -11.26
CA GLN A 54 4.09 -12.93 -12.44
C GLN A 54 2.95 -11.90 -12.47
N GLY A 55 2.81 -11.14 -11.37
CA GLY A 55 1.72 -10.18 -11.30
C GLY A 55 0.54 -10.74 -10.55
N THR A 56 0.82 -11.45 -9.45
CA THR A 56 -0.22 -12.10 -8.66
C THR A 56 -1.33 -11.14 -8.25
N ASN A 57 -2.47 -11.70 -7.87
CA ASN A 57 -3.63 -10.90 -7.49
C ASN A 57 -3.52 -10.45 -6.04
N ALA A 58 -4.46 -9.60 -5.63
CA ALA A 58 -4.47 -9.01 -4.29
C ALA A 58 -4.68 -10.07 -3.19
N TYR A 59 -5.13 -11.25 -3.60
CA TYR A 59 -5.45 -12.32 -2.66
C TYR A 59 -4.26 -12.68 -1.78
N GLY A 60 -3.06 -12.64 -2.36
CA GLY A 60 -1.86 -12.90 -1.58
C GLY A 60 -1.59 -11.81 -0.57
N LEU A 61 -1.72 -10.55 -1.01
CA LEU A 61 -1.48 -9.40 -0.16
C LEU A 61 -2.44 -9.37 1.02
N ILE A 62 -3.73 -9.60 0.75
CA ILE A 62 -4.74 -9.58 1.80
C ILE A 62 -4.54 -10.73 2.78
N HIS A 63 -3.87 -11.78 2.32
CA HIS A 63 -3.57 -12.93 3.17
C HIS A 63 -2.48 -12.60 4.18
N ALA A 64 -1.32 -12.17 3.66
CA ALA A 64 -0.17 -11.87 4.52
C ALA A 64 -0.48 -10.77 5.51
N ALA A 65 -1.28 -9.80 5.08
CA ALA A 65 -1.67 -8.68 5.92
C ALA A 65 -2.33 -9.17 7.21
N LYS A 66 -3.27 -10.10 7.07
CA LYS A 66 -4.05 -10.58 8.21
C LYS A 66 -3.16 -11.21 9.27
N GLN A 67 -2.20 -12.02 8.84
CA GLN A 67 -1.30 -12.71 9.76
C GLN A 67 -0.23 -11.77 10.30
N LEU A 68 -0.17 -10.56 9.76
CA LEU A 68 0.79 -9.56 10.22
C LEU A 68 0.18 -8.64 11.26
N GLY A 69 -1.13 -8.72 11.42
CA GLY A 69 -1.78 -7.97 12.47
C GLY A 69 -2.82 -6.98 11.96
N PHE A 70 -2.99 -6.88 10.65
CA PHE A 70 -3.98 -5.98 10.08
C PHE A 70 -4.82 -6.69 9.02
N SER A 71 -6.11 -6.76 9.26
CA SER A 71 -7.02 -7.47 8.37
C SER A 71 -7.16 -6.72 7.06
N ALA A 72 -7.17 -7.47 5.96
CA ALA A 72 -7.28 -6.88 4.64
C ALA A 72 -8.43 -7.52 3.88
N LYS A 73 -9.30 -6.69 3.33
CA LYS A 73 -10.45 -7.19 2.59
C LYS A 73 -10.46 -6.62 1.18
N GLY A 74 -10.44 -7.51 0.18
CA GLY A 74 -10.44 -7.06 -1.19
C GLY A 74 -11.85 -6.86 -1.73
N VAL A 75 -12.13 -5.66 -2.20
CA VAL A 75 -13.45 -5.33 -2.71
C VAL A 75 -13.33 -4.56 -4.02
N LYS A 76 -14.20 -4.89 -4.97
CA LYS A 76 -14.32 -4.10 -6.19
C LYS A 76 -14.99 -2.77 -5.86
N ALA A 77 -14.20 -1.72 -5.83
CA ALA A 77 -14.70 -0.41 -5.41
C ALA A 77 -14.76 0.55 -6.58
N SER A 78 -15.41 1.69 -6.38
CA SER A 78 -15.51 2.71 -7.40
C SER A 78 -14.93 4.02 -6.88
N LYS A 79 -14.82 5.02 -7.74
CA LYS A 79 -14.21 6.31 -7.35
C LYS A 79 -14.88 6.91 -6.12
N GLU A 80 -16.20 6.72 -6.02
CA GLU A 80 -16.97 7.26 -4.90
C GLU A 80 -16.52 6.66 -3.56
N ASP A 81 -16.02 5.43 -3.60
CA ASP A 81 -15.60 4.73 -2.39
C ASP A 81 -14.37 5.38 -1.78
N LEU A 82 -13.54 5.97 -2.64
CA LEU A 82 -12.29 6.60 -2.20
C LEU A 82 -12.56 7.84 -1.36
N LEU A 83 -13.78 8.35 -1.47
CA LEU A 83 -14.10 9.62 -0.84
C LEU A 83 -14.89 9.41 0.46
N LYS A 84 -15.34 8.19 0.70
CA LYS A 84 -16.25 7.94 1.82
C LYS A 84 -15.78 6.81 2.73
N ASP A 85 -15.31 5.71 2.14
CA ASP A 85 -15.11 4.48 2.91
C ASP A 85 -13.81 4.50 3.70
N PHE A 86 -12.69 4.42 3.00
CA PHE A 86 -11.40 4.35 3.68
C PHE A 86 -10.73 5.71 3.73
N ARG A 87 -9.87 5.89 4.71
CA ARG A 87 -9.15 7.15 4.90
C ARG A 87 -7.66 6.86 5.06
N LEU A 88 -7.36 5.89 5.90
CA LEU A 88 -5.98 5.50 6.16
C LEU A 88 -5.47 4.60 5.02
N PRO A 89 -4.13 4.43 4.91
CA PRO A 89 -3.48 3.63 3.86
C PRO A 89 -4.26 2.38 3.42
N ALA A 90 -4.32 2.17 2.11
CA ALA A 90 -4.98 1.02 1.52
C ALA A 90 -4.29 0.64 0.21
N ILE A 91 -4.37 -0.64 -0.15
CA ILE A 91 -3.74 -1.12 -1.37
C ILE A 91 -4.71 -1.07 -2.54
N ALA A 92 -4.29 -0.42 -3.61
CA ALA A 92 -5.06 -0.35 -4.83
C ALA A 92 -4.30 -1.00 -5.97
N ASN A 93 -5.02 -1.71 -6.82
CA ASN A 93 -4.41 -2.35 -7.98
C ASN A 93 -4.47 -1.41 -9.19
N VAL A 94 -3.31 -0.90 -9.57
CA VAL A 94 -3.21 -0.01 -10.70
C VAL A 94 -2.37 -0.66 -11.80
N ILE A 95 -2.79 -0.47 -13.04
CA ILE A 95 -2.08 -1.06 -14.16
C ILE A 95 -1.36 0.03 -14.95
N VAL A 96 -0.04 -0.09 -15.05
CA VAL A 96 0.76 0.91 -15.74
C VAL A 96 1.05 0.44 -17.15
N ASP A 97 0.71 1.31 -18.11
CA ASP A 97 0.93 1.03 -19.54
C ASP A 97 0.11 -0.18 -19.99
N ASN A 98 -0.95 -0.47 -19.25
CA ASN A 98 -1.81 -1.63 -19.52
C ASN A 98 -1.02 -2.92 -19.60
N ARG A 99 0.05 -3.02 -18.80
CA ARG A 99 0.87 -4.22 -18.77
C ARG A 99 1.40 -4.46 -17.37
N LEU A 100 2.12 -3.48 -16.83
CA LEU A 100 2.77 -3.63 -15.54
C LEU A 100 1.75 -3.50 -14.41
N ALA A 101 1.47 -4.61 -13.75
CA ALA A 101 0.52 -4.63 -12.64
C ALA A 101 1.18 -4.13 -11.37
N HIS A 102 0.78 -2.95 -10.92
CA HIS A 102 1.34 -2.37 -9.71
C HIS A 102 0.30 -2.35 -8.60
N PHE A 103 0.72 -2.76 -7.42
CA PHE A 103 -0.10 -2.59 -6.25
C PHE A 103 0.49 -1.45 -5.43
N VAL A 104 -0.33 -0.46 -5.14
CA VAL A 104 0.15 0.74 -4.48
C VAL A 104 -0.66 1.04 -3.23
N VAL A 105 -0.06 1.75 -2.31
CA VAL A 105 -0.74 2.10 -1.08
C VAL A 105 -1.04 3.61 -1.04
N ILE A 106 -2.32 3.92 -0.88
CA ILE A 106 -2.76 5.31 -0.80
C ILE A 106 -2.52 5.86 0.60
N TYR A 107 -1.92 7.03 0.67
CA TYR A 107 -1.61 7.65 1.96
C TYR A 107 -2.57 8.78 2.30
N SER A 108 -3.08 9.46 1.29
CA SER A 108 -3.99 10.59 1.53
C SER A 108 -4.84 10.87 0.28
N ILE A 109 -6.11 11.22 0.51
CA ILE A 109 -7.01 11.60 -0.57
C ILE A 109 -7.77 12.86 -0.19
N LYS A 110 -7.41 13.98 -0.81
CA LYS A 110 -8.08 15.24 -0.56
C LYS A 110 -7.90 16.19 -1.74
N ASN A 111 -8.95 16.93 -2.08
CA ASN A 111 -8.88 17.98 -3.10
C ASN A 111 -8.47 17.40 -4.46
N ARG A 112 -8.99 16.20 -4.74
CA ARG A 112 -8.68 15.48 -5.97
C ARG A 112 -7.22 15.00 -6.00
N ILE A 113 -6.49 15.25 -4.93
CA ILE A 113 -5.11 14.84 -4.83
C ILE A 113 -5.03 13.48 -4.12
N ILE A 114 -4.76 12.46 -4.90
CA ILE A 114 -4.60 11.12 -4.37
C ILE A 114 -3.13 10.82 -4.18
N THR A 115 -2.68 10.85 -2.94
CA THR A 115 -1.30 10.62 -2.61
C THR A 115 -1.01 9.12 -2.60
N VAL A 116 -0.33 8.67 -3.64
CA VAL A 116 -0.07 7.25 -3.82
C VAL A 116 1.40 6.94 -3.59
N ALA A 117 1.66 5.92 -2.79
CA ALA A 117 3.02 5.46 -2.60
C ALA A 117 3.29 4.26 -3.48
N ASP A 118 4.06 4.48 -4.54
CA ASP A 118 4.46 3.40 -5.43
C ASP A 118 5.87 2.97 -5.07
N PRO A 119 6.10 1.67 -4.90
CA PRO A 119 7.39 1.16 -4.44
C PRO A 119 8.49 1.29 -5.49
N GLY A 120 8.12 1.73 -6.68
CA GLY A 120 9.10 1.94 -7.72
C GLY A 120 9.34 3.42 -7.96
N LYS A 121 8.26 4.15 -8.17
CA LYS A 121 8.34 5.59 -8.46
C LYS A 121 8.50 6.42 -7.20
N GLY A 122 7.99 5.91 -6.09
CA GLY A 122 8.01 6.66 -4.85
C GLY A 122 6.66 7.28 -4.55
N ILE A 123 6.67 8.39 -3.81
CA ILE A 123 5.43 9.09 -3.49
C ILE A 123 4.99 9.92 -4.68
N VAL A 124 3.92 9.48 -5.34
CA VAL A 124 3.40 10.18 -6.50
C VAL A 124 1.98 10.68 -6.24
N ARG A 125 1.74 11.93 -6.56
CA ARG A 125 0.42 12.51 -6.40
C ARG A 125 -0.37 12.36 -7.69
N TYR A 126 -1.42 11.58 -7.65
CA TYR A 126 -2.27 11.37 -8.81
C TYR A 126 -3.58 12.13 -8.65
N SER A 127 -4.08 12.66 -9.74
CA SER A 127 -5.38 13.31 -9.70
C SER A 127 -6.48 12.27 -9.72
N MET A 128 -7.66 12.62 -9.22
CA MET A 128 -8.77 11.68 -9.12
C MET A 128 -9.00 10.96 -10.45
N ASP A 129 -9.01 11.74 -11.53
CA ASP A 129 -9.28 11.19 -12.85
C ASP A 129 -8.12 10.32 -13.33
N ASP A 130 -6.91 10.81 -13.11
CA ASP A 130 -5.70 10.11 -13.52
C ASP A 130 -5.58 8.76 -12.82
N PHE A 131 -5.87 8.74 -11.52
CA PHE A 131 -5.78 7.52 -10.74
C PHE A 131 -6.86 6.54 -11.17
N CYS A 132 -8.05 7.06 -11.43
CA CYS A 132 -9.19 6.23 -11.83
C CYS A 132 -8.91 5.53 -13.16
N SER A 133 -8.04 6.11 -13.98
CA SER A 133 -7.70 5.55 -15.27
C SER A 133 -6.80 4.32 -15.12
N ILE A 134 -5.88 4.36 -14.16
CA ILE A 134 -4.93 3.26 -13.97
C ILE A 134 -5.47 2.24 -12.98
N TRP A 135 -6.25 2.71 -12.02
CA TRP A 135 -6.83 1.85 -11.00
C TRP A 135 -8.04 1.09 -11.56
N THR A 136 -8.03 -0.22 -11.40
CA THR A 136 -9.04 -1.07 -12.03
C THR A 136 -10.12 -1.54 -11.04
N GLY A 137 -10.39 -0.73 -10.03
CA GLY A 137 -11.47 -1.05 -9.11
C GLY A 137 -11.04 -1.97 -8.00
N GLY A 138 -9.76 -2.32 -7.98
CA GLY A 138 -9.25 -3.23 -6.98
C GLY A 138 -8.73 -2.50 -5.77
N LEU A 139 -9.52 -2.49 -4.70
CA LEU A 139 -9.14 -1.85 -3.46
C LEU A 139 -9.29 -2.79 -2.28
N VAL A 140 -8.34 -2.76 -1.36
CA VAL A 140 -8.43 -3.57 -0.16
C VAL A 140 -8.62 -2.67 1.06
N LEU A 141 -9.45 -3.10 1.98
CA LEU A 141 -9.69 -2.36 3.20
C LEU A 141 -8.81 -2.90 4.32
N LEU A 142 -8.01 -2.02 4.91
CA LEU A 142 -7.11 -2.41 5.97
C LEU A 142 -7.63 -1.94 7.32
N GLU A 143 -7.61 -2.84 8.30
CA GLU A 143 -8.02 -2.51 9.65
C GLU A 143 -7.25 -3.36 10.65
N PRO A 144 -6.85 -2.76 11.78
CA PRO A 144 -6.06 -3.45 12.79
C PRO A 144 -6.77 -4.68 13.35
N GLY A 145 -6.07 -5.80 13.39
CA GLY A 145 -6.66 -7.00 13.94
C GLY A 145 -6.19 -7.26 15.36
N GLU A 146 -5.01 -7.84 15.49
CA GLU A 146 -4.45 -8.11 16.81
C GLU A 146 -3.22 -7.24 17.07
N ALA A 147 -2.80 -6.47 16.06
CA ALA A 147 -1.71 -5.52 16.23
C ALA A 147 -2.13 -4.43 17.20
N PHE A 148 -3.32 -3.90 16.97
CA PHE A 148 -3.96 -2.99 17.90
C PHE A 148 -5.20 -3.65 18.43
N GLN A 149 -5.23 -3.93 19.71
CA GLN A 149 -6.34 -4.68 20.31
C GLN A 149 -7.58 -3.81 20.45
N LYS A 150 -8.70 -4.31 19.96
CA LYS A 150 -9.97 -3.61 20.11
C LYS A 150 -10.74 -4.17 21.28
N GLY A 151 -10.31 -5.33 21.76
CA GLY A 151 -10.99 -5.98 22.86
C GLY A 151 -10.06 -6.93 23.58
#